data_9MJG
#
_entry.id   9MJG
#
_cell.length_a   78.889
_cell.length_b   87.838
_cell.length_c   118.029
_cell.angle_alpha   84.376
_cell.angle_beta   80.069
_cell.angle_gamma   76.763
#
_symmetry.space_group_name_H-M   'P 1'
#
loop_
_entity.id
_entity.type
_entity.pdbx_description
1 polymer 'Histone acetyltransferase type B catalytic subunit'
2 non-polymer (4S,7R)-4-(3-ethoxy-4-hydroxy-5-nitrophenyl)-7-(4-fluorophenyl)-4,6,7,8-tetrahydroquinoline-2,5(1H,3H)-dione
3 water water
#
_entity_poly.entity_id   1
_entity_poly.type   'polypeptide(L)'
_entity_poly.pdbx_seq_one_letter_code
;KKLAEYKCNTNTAIELKLVRFPEDLENDIRTFFPEYTHQLFGDDETAFGYKGLKILLYYIAGSLSTMFRVEYASKVDENF
DCVEADDVEGKIRQIIPPGFCTNTNDFLSLLEKEVDFKPFGTLLHTYSVLSPTGGENFTFQIYKADMTCRGFREYHERLQ
TFLMWFIETASFIDVDDERWHYFLVFEKYNKDGATLFATVGYMTVYNYYVYPDKTRPRVSQMLILTPFQGQGHGAQLLET
VHRYYTEFPTVLDITAEDPSKSYVKLRDFVLVKLCQDLPCFSREKLMQGFNEDMAIEAQQKFKINKQHARRVYEILRLLV
TD
;
_entity_poly.pdbx_strand_id   A,B,C,D,E,F,G,H
#
loop_
_chem_comp.id
_chem_comp.type
_chem_comp.name
_chem_comp.formula
A1BLX non-polymer (4S,7R)-4-(3-ethoxy-4-hydroxy-5-nitrophenyl)-7-(4-fluorophenyl)-4,6,7,8-tetrahydroquinoline-2,5(1H,3H)-dione 'C23 H21 F N2 O6'
#
# COMPACT_ATOMS: atom_id res chain seq x y z
N LEU A 3 24.92 7.00 12.79
CA LEU A 3 25.18 5.59 12.41
C LEU A 3 24.00 4.72 12.83
N ALA A 4 23.27 5.10 13.89
CA ALA A 4 22.05 4.38 14.28
C ALA A 4 20.86 4.76 13.39
N GLU A 5 20.98 5.87 12.66
CA GLU A 5 19.94 6.28 11.74
C GLU A 5 19.91 5.36 10.51
N TYR A 6 20.85 4.42 10.43
CA TYR A 6 20.89 3.46 9.34
C TYR A 6 20.53 2.05 9.84
N LYS A 7 19.53 1.97 10.73
CA LYS A 7 18.99 0.69 11.17
C LYS A 7 17.56 0.57 10.64
N CYS A 8 17.27 -0.54 9.93
CA CYS A 8 15.94 -0.79 9.39
C CYS A 8 15.48 -2.19 9.80
N ASN A 9 14.28 -2.28 10.37
CA ASN A 9 13.66 -3.55 10.70
C ASN A 9 13.40 -4.31 9.40
N THR A 10 13.83 -5.57 9.34
CA THR A 10 13.85 -6.31 8.09
C THR A 10 12.51 -7.00 7.85
N ASN A 11 11.77 -7.33 8.91
CA ASN A 11 10.45 -7.91 8.76
C ASN A 11 9.57 -7.00 7.91
N THR A 12 9.63 -5.69 8.13
CA THR A 12 8.77 -4.76 7.43
C THR A 12 9.42 -4.29 6.12
N ALA A 13 10.71 -4.57 5.95
CA ALA A 13 11.44 -4.14 4.77
C ALA A 13 11.33 -5.16 3.64
N ILE A 14 10.98 -6.41 3.96
CA ILE A 14 10.93 -7.46 2.95
C ILE A 14 9.49 -7.60 2.46
N GLU A 15 9.22 -7.08 1.25
CA GLU A 15 7.91 -7.14 0.64
C GLU A 15 7.81 -8.38 -0.24
N LEU A 16 6.90 -9.29 0.16
CA LEU A 16 6.60 -10.49 -0.60
C LEU A 16 5.34 -10.26 -1.43
N LYS A 17 5.30 -10.82 -2.66
CA LYS A 17 4.09 -10.79 -3.47
C LYS A 17 3.93 -12.08 -4.27
N LEU A 18 2.66 -12.50 -4.44
CA LEU A 18 2.25 -13.55 -5.36
C LEU A 18 1.46 -12.88 -6.48
N VAL A 19 2.02 -12.90 -7.70
CA VAL A 19 1.53 -12.06 -8.78
C VAL A 19 0.81 -12.91 -9.82
N ARG A 20 -0.49 -12.64 -10.03
CA ARG A 20 -1.30 -13.28 -11.05
C ARG A 20 -1.48 -12.35 -12.25
N PHE A 21 -1.73 -11.07 -11.97
CA PHE A 21 -1.97 -10.07 -13.00
C PHE A 21 -0.98 -8.90 -12.84
N PRO A 22 -0.65 -8.18 -13.95
CA PRO A 22 0.28 -7.05 -13.88
C PRO A 22 -0.03 -6.02 -12.79
N GLU A 23 -1.32 -5.80 -12.53
CA GLU A 23 -1.79 -4.80 -11.59
C GLU A 23 -1.37 -5.15 -10.16
N ASP A 24 -1.09 -6.45 -9.91
CA ASP A 24 -0.74 -6.92 -8.59
C ASP A 24 0.56 -6.25 -8.11
N LEU A 25 1.43 -5.85 -9.05
CA LEU A 25 2.66 -5.16 -8.72
C LEU A 25 2.38 -3.83 -8.01
N GLU A 26 1.29 -3.15 -8.40
CA GLU A 26 0.99 -1.82 -7.89
C GLU A 26 0.02 -1.87 -6.71
N ASN A 27 -0.45 -3.06 -6.34
CA ASN A 27 -1.53 -3.19 -5.36
C ASN A 27 -0.96 -3.67 -4.03
N ASP A 28 -0.90 -2.74 -3.05
CA ASP A 28 -0.29 -3.00 -1.75
C ASP A 28 -1.05 -4.07 -0.98
N ILE A 29 -2.33 -4.30 -1.30
CA ILE A 29 -3.09 -5.35 -0.63
C ILE A 29 -2.46 -6.72 -0.92
N ARG A 30 -1.80 -6.88 -2.07
CA ARG A 30 -1.23 -8.18 -2.43
C ARG A 30 0.09 -8.45 -1.72
N THR A 31 0.69 -7.41 -1.11
CA THR A 31 1.96 -7.55 -0.42
C THR A 31 1.73 -8.16 0.96
N PHE A 32 2.58 -9.11 1.35
CA PHE A 32 2.65 -9.58 2.73
C PHE A 32 4.10 -9.62 3.17
N PHE A 33 4.31 -9.88 4.47
CA PHE A 33 5.59 -9.62 5.12
C PHE A 33 6.01 -10.79 5.98
N PRO A 34 7.34 -11.06 6.09
CA PRO A 34 7.86 -12.10 6.96
C PRO A 34 7.39 -11.95 8.40
N GLU A 35 7.09 -13.09 9.04
CA GLU A 35 6.94 -13.13 10.48
C GLU A 35 8.30 -13.28 11.15
N TYR A 36 9.31 -13.78 10.43
CA TYR A 36 10.63 -14.00 11.00
C TYR A 36 11.70 -13.69 9.97
N THR A 37 12.78 -13.02 10.39
CA THR A 37 13.95 -12.79 9.56
C THR A 37 15.22 -12.95 10.38
N HIS A 38 15.13 -13.66 11.51
CA HIS A 38 16.20 -13.69 12.50
C HIS A 38 17.37 -14.55 12.03
N GLN A 39 17.09 -15.54 11.17
CA GLN A 39 18.12 -16.41 10.66
C GLN A 39 19.07 -15.65 9.72
N LEU A 40 18.64 -14.49 9.20
CA LEU A 40 19.52 -13.68 8.37
C LEU A 40 20.04 -12.46 9.14
N PHE A 41 19.26 -11.93 10.08
CA PHE A 41 19.53 -10.60 10.61
C PHE A 41 19.61 -10.56 12.13
N GLY A 42 19.57 -11.73 12.79
CA GLY A 42 19.71 -11.81 14.23
C GLY A 42 18.38 -11.61 14.96
N ASP A 43 18.43 -11.82 16.27
CA ASP A 43 17.25 -11.73 17.13
C ASP A 43 16.58 -10.37 16.98
N ASP A 44 17.39 -9.32 16.79
CA ASP A 44 16.93 -7.95 16.65
C ASP A 44 16.16 -7.75 15.35
N GLU A 45 16.39 -8.60 14.33
CA GLU A 45 15.68 -8.51 13.07
C GLU A 45 15.83 -7.09 12.50
N THR A 46 17.08 -6.63 12.45
CA THR A 46 17.45 -5.32 11.94
C THR A 46 18.62 -5.49 10.97
N ALA A 47 18.75 -4.55 10.05
CA ALA A 47 19.87 -4.51 9.12
C ALA A 47 20.50 -3.14 9.17
N PHE A 48 21.83 -3.11 9.30
CA PHE A 48 22.58 -1.86 9.39
C PHE A 48 23.09 -1.48 8.00
N GLY A 49 23.06 -0.18 7.69
CA GLY A 49 23.77 0.35 6.55
C GLY A 49 22.89 1.12 5.56
N TYR A 50 21.56 0.99 5.70
CA TYR A 50 20.65 1.54 4.72
C TYR A 50 19.63 2.48 5.38
N LYS A 51 19.25 3.53 4.63
CA LYS A 51 18.09 4.35 4.95
C LYS A 51 17.02 4.04 3.90
N GLY A 52 15.81 3.68 4.37
CA GLY A 52 14.71 3.39 3.47
C GLY A 52 14.90 2.08 2.72
N LEU A 53 15.28 1.03 3.44
CA LEU A 53 15.59 -0.27 2.86
C LEU A 53 14.30 -0.91 2.39
N LYS A 54 14.29 -1.41 1.14
CA LYS A 54 13.18 -2.14 0.57
C LYS A 54 13.76 -3.36 -0.13
N ILE A 55 13.36 -4.55 0.34
CA ILE A 55 13.76 -5.81 -0.28
C ILE A 55 12.54 -6.42 -0.98
N LEU A 56 12.62 -6.54 -2.31
CA LEU A 56 11.50 -7.02 -3.10
C LEU A 56 11.73 -8.49 -3.48
N LEU A 57 10.84 -9.37 -3.02
CA LEU A 57 10.78 -10.74 -3.47
C LEU A 57 9.40 -11.00 -4.08
N TYR A 58 9.26 -10.72 -5.38
CA TYR A 58 8.01 -10.97 -6.07
C TYR A 58 8.08 -12.36 -6.73
N TYR A 59 6.99 -13.12 -6.58
CA TYR A 59 6.88 -14.45 -7.16
C TYR A 59 5.66 -14.48 -8.07
N ILE A 60 5.80 -15.05 -9.27
CA ILE A 60 4.66 -15.32 -10.12
C ILE A 60 3.86 -16.46 -9.49
N ALA A 61 2.53 -16.31 -9.46
CA ALA A 61 1.69 -16.96 -8.47
C ALA A 61 1.82 -18.48 -8.47
N GLY A 62 2.00 -19.07 -9.67
CA GLY A 62 2.01 -20.53 -9.80
C GLY A 62 3.43 -21.08 -9.76
N SER A 63 4.22 -20.73 -10.79
CA SER A 63 5.55 -21.26 -11.01
C SER A 63 6.54 -20.77 -9.95
N LEU A 64 6.25 -19.63 -9.33
CA LEU A 64 7.11 -18.99 -8.35
C LEU A 64 8.37 -18.42 -8.98
N SER A 65 8.38 -18.20 -10.30
CA SER A 65 9.50 -17.48 -10.91
C SER A 65 9.66 -16.14 -10.21
N THR A 66 10.91 -15.77 -9.91
CA THR A 66 11.20 -14.81 -8.84
C THR A 66 11.82 -13.53 -9.41
N MET A 67 11.36 -12.39 -8.88
CA MET A 67 12.11 -11.15 -8.97
C MET A 67 12.68 -10.83 -7.59
N PHE A 68 13.98 -10.50 -7.57
CA PHE A 68 14.67 -10.10 -6.36
C PHE A 68 15.42 -8.80 -6.61
N ARG A 69 15.05 -7.76 -5.84
CA ARG A 69 15.68 -6.45 -5.91
C ARG A 69 15.88 -5.92 -4.50
N VAL A 70 17.03 -5.27 -4.28
CA VAL A 70 17.26 -4.47 -3.10
C VAL A 70 17.21 -3.01 -3.52
N GLU A 71 16.41 -2.20 -2.82
CA GLU A 71 16.31 -0.77 -3.07
C GLU A 71 16.58 -0.02 -1.77
N TYR A 72 17.06 1.24 -1.88
CA TYR A 72 17.28 2.07 -0.71
C TYR A 72 17.39 3.54 -1.09
N ALA A 73 17.10 4.42 -0.13
CA ALA A 73 17.30 5.85 -0.28
C ALA A 73 18.79 6.17 -0.28
N SER A 74 19.50 5.64 0.72
CA SER A 74 20.95 5.75 0.77
C SER A 74 21.55 4.55 1.50
N LYS A 75 22.84 4.32 1.31
CA LYS A 75 23.59 3.37 2.11
C LYS A 75 24.89 4.04 2.59
N VAL A 76 25.59 3.38 3.51
CA VAL A 76 26.72 3.99 4.20
C VAL A 76 27.94 3.98 3.29
N ASP A 77 28.11 2.90 2.52
CA ASP A 77 29.12 2.81 1.47
C ASP A 77 28.88 3.91 0.44
N CYS A 82 34.75 4.31 5.84
CA CYS A 82 35.18 2.94 6.24
C CYS A 82 34.10 2.26 7.08
N VAL A 83 32.81 2.46 6.75
CA VAL A 83 31.72 1.70 7.37
C VAL A 83 31.09 0.81 6.30
N GLU A 84 30.68 -0.40 6.70
CA GLU A 84 30.24 -1.42 5.75
C GLU A 84 28.83 -1.87 6.09
N ALA A 85 27.92 -1.72 5.12
CA ALA A 85 26.54 -2.14 5.28
C ALA A 85 26.48 -3.65 5.36
N ASP A 86 25.45 -4.17 6.04
CA ASP A 86 25.18 -5.59 6.05
C ASP A 86 24.95 -6.04 4.61
N ASP A 87 25.41 -7.26 4.29
CA ASP A 87 25.33 -7.80 2.95
C ASP A 87 23.95 -8.41 2.74
N VAL A 88 22.93 -7.55 2.61
CA VAL A 88 21.53 -7.97 2.49
C VAL A 88 21.39 -8.89 1.28
N GLU A 89 21.94 -8.45 0.17
CA GLU A 89 21.88 -9.19 -1.08
C GLU A 89 22.45 -10.59 -0.87
N GLY A 90 23.64 -10.67 -0.28
CA GLY A 90 24.34 -11.92 -0.07
C GLY A 90 23.52 -12.88 0.80
N LYS A 91 22.92 -12.36 1.87
CA LYS A 91 22.16 -13.16 2.80
C LYS A 91 20.90 -13.74 2.13
N ILE A 92 20.22 -12.93 1.30
CA ILE A 92 19.02 -13.38 0.62
C ILE A 92 19.41 -14.42 -0.43
N ARG A 93 20.54 -14.22 -1.10
CA ARG A 93 20.99 -15.14 -2.12
C ARG A 93 21.34 -16.52 -1.56
N GLN A 94 21.62 -16.61 -0.26
CA GLN A 94 21.88 -17.90 0.37
C GLN A 94 20.63 -18.78 0.31
N ILE A 95 19.43 -18.18 0.34
CA ILE A 95 18.22 -18.93 0.60
C ILE A 95 17.28 -18.96 -0.60
N ILE A 96 17.65 -18.32 -1.71
CA ILE A 96 16.88 -18.40 -2.94
C ILE A 96 17.78 -18.94 -4.05
N PRO A 97 17.23 -19.72 -5.01
CA PRO A 97 18.03 -20.24 -6.10
C PRO A 97 18.54 -19.12 -7.01
N PRO A 98 19.57 -19.39 -7.86
CA PRO A 98 19.95 -18.44 -8.90
C PRO A 98 18.90 -18.42 -10.01
N GLY A 99 18.96 -17.38 -10.85
CA GLY A 99 18.13 -17.30 -12.03
C GLY A 99 16.99 -16.30 -11.89
N PHE A 100 16.88 -15.66 -10.71
CA PHE A 100 15.91 -14.61 -10.49
C PHE A 100 16.18 -13.45 -11.45
N CYS A 101 15.12 -12.73 -11.85
CA CYS A 101 15.28 -11.49 -12.59
C CYS A 101 15.29 -10.34 -11.58
N THR A 102 15.63 -9.13 -12.05
CA THR A 102 15.98 -8.04 -11.13
C THR A 102 15.23 -6.75 -11.46
N ASN A 103 14.21 -6.81 -12.32
CA ASN A 103 13.40 -5.64 -12.64
C ASN A 103 11.99 -6.10 -13.01
N THR A 104 11.03 -5.17 -12.94
CA THR A 104 9.63 -5.52 -13.08
C THR A 104 9.30 -5.88 -14.53
N ASN A 105 10.03 -5.29 -15.51
CA ASN A 105 9.78 -5.58 -16.91
C ASN A 105 10.04 -7.05 -17.20
N ASP A 106 11.22 -7.55 -16.80
CA ASP A 106 11.58 -8.95 -17.03
C ASP A 106 10.61 -9.87 -16.28
N PHE A 107 10.13 -9.42 -15.12
CA PHE A 107 9.20 -10.20 -14.31
C PHE A 107 7.87 -10.34 -15.04
N LEU A 108 7.38 -9.23 -15.60
CA LEU A 108 6.13 -9.22 -16.35
C LEU A 108 6.23 -10.08 -17.61
N SER A 109 7.45 -10.20 -18.18
CA SER A 109 7.66 -11.08 -19.32
C SER A 109 7.33 -12.52 -18.94
N LEU A 110 7.75 -12.92 -17.74
CA LEU A 110 7.54 -14.28 -17.27
C LEU A 110 6.05 -14.54 -17.09
N LEU A 111 5.29 -13.47 -16.79
CA LEU A 111 3.87 -13.55 -16.55
C LEU A 111 3.12 -14.08 -17.77
N GLU A 112 3.61 -13.75 -18.97
CA GLU A 112 2.96 -14.15 -20.21
C GLU A 112 3.05 -15.66 -20.39
N LYS A 113 4.15 -16.28 -19.93
CA LYS A 113 4.41 -17.70 -20.13
C LYS A 113 3.75 -18.54 -19.05
N GLU A 114 3.15 -17.89 -18.04
CA GLU A 114 2.62 -18.57 -16.87
C GLU A 114 1.42 -19.45 -17.22
N VAL A 115 0.75 -19.14 -18.34
CA VAL A 115 -0.38 -19.94 -18.82
C VAL A 115 0.00 -21.41 -18.90
N ASP A 116 1.28 -21.69 -19.18
CA ASP A 116 1.75 -23.05 -19.41
C ASP A 116 2.14 -23.74 -18.11
N PHE A 117 2.20 -23.02 -16.99
CA PHE A 117 2.58 -23.61 -15.73
C PHE A 117 1.52 -24.63 -15.31
N LYS A 118 1.96 -25.85 -14.99
CA LYS A 118 1.07 -26.93 -14.59
C LYS A 118 1.56 -27.50 -13.26
N PRO A 119 0.65 -27.93 -12.35
CA PRO A 119 1.04 -28.52 -11.08
C PRO A 119 1.81 -29.81 -11.31
N PHE A 120 2.64 -30.17 -10.32
CA PHE A 120 3.50 -31.34 -10.39
C PHE A 120 2.80 -32.51 -9.70
N GLY A 121 2.89 -33.67 -10.32
CA GLY A 121 2.58 -34.93 -9.63
C GLY A 121 1.15 -35.40 -9.89
N THR A 122 0.58 -36.04 -8.87
CA THR A 122 -0.66 -36.79 -8.97
C THR A 122 -1.73 -35.99 -8.26
N LEU A 123 -2.86 -35.74 -8.95
CA LEU A 123 -4.01 -35.11 -8.34
C LEU A 123 -4.65 -36.11 -7.37
N LEU A 124 -4.89 -35.65 -6.13
CA LEU A 124 -5.44 -36.51 -5.09
C LEU A 124 -6.83 -36.04 -4.66
N HIS A 125 -7.11 -34.74 -4.76
CA HIS A 125 -8.32 -34.17 -4.19
C HIS A 125 -8.58 -32.79 -4.77
N THR A 126 -9.87 -32.49 -4.97
CA THR A 126 -10.34 -31.20 -5.44
C THR A 126 -11.42 -30.75 -4.47
N TYR A 127 -11.40 -29.47 -4.09
CA TYR A 127 -12.37 -28.97 -3.15
C TYR A 127 -12.66 -27.50 -3.45
N SER A 128 -13.76 -27.01 -2.84
CA SER A 128 -14.15 -25.63 -2.98
C SER A 128 -14.10 -24.98 -1.61
N VAL A 129 -13.72 -23.70 -1.58
CA VAL A 129 -13.89 -22.88 -0.40
C VAL A 129 -14.77 -21.70 -0.78
N LEU A 130 -15.74 -21.41 0.10
CA LEU A 130 -16.67 -20.32 -0.11
C LEU A 130 -15.94 -19.00 0.12
N SER A 131 -16.27 -17.98 -0.68
CA SER A 131 -15.64 -16.68 -0.56
C SER A 131 -16.14 -16.01 0.71
N PRO A 132 -15.37 -15.06 1.31
CA PRO A 132 -15.87 -14.24 2.41
C PRO A 132 -17.17 -13.50 2.10
N THR A 133 -17.26 -12.93 0.88
CA THR A 133 -18.44 -12.21 0.43
C THR A 133 -19.62 -13.17 0.36
N GLY A 134 -19.34 -14.41 -0.02
CA GLY A 134 -20.35 -15.46 -0.04
C GLY A 134 -20.94 -15.68 -1.43
N GLY A 135 -21.07 -16.95 -1.82
CA GLY A 135 -21.72 -17.36 -3.05
C GLY A 135 -20.72 -17.95 -4.04
N GLU A 136 -19.70 -17.15 -4.35
CA GLU A 136 -18.57 -17.58 -5.17
C GLU A 136 -17.79 -18.68 -4.43
N ASN A 137 -17.47 -19.75 -5.17
CA ASN A 137 -16.56 -20.78 -4.71
C ASN A 137 -15.22 -20.62 -5.42
N PHE A 138 -14.15 -20.66 -4.63
CA PHE A 138 -12.80 -20.86 -5.17
C PHE A 138 -12.55 -22.35 -5.28
N THR A 139 -11.72 -22.77 -6.25
CA THR A 139 -11.46 -24.17 -6.49
C THR A 139 -9.99 -24.47 -6.18
N PHE A 140 -9.75 -25.53 -5.40
CA PHE A 140 -8.39 -25.87 -5.00
C PHE A 140 -8.12 -27.34 -5.31
N GLN A 141 -6.83 -27.67 -5.44
CA GLN A 141 -6.40 -29.04 -5.68
C GLN A 141 -5.14 -29.37 -4.87
N ILE A 142 -5.08 -30.62 -4.39
CA ILE A 142 -3.92 -31.14 -3.70
C ILE A 142 -3.27 -32.19 -4.60
N TYR A 143 -1.94 -32.03 -4.80
CA TYR A 143 -1.16 -32.94 -5.60
C TYR A 143 -0.08 -33.56 -4.73
N LYS A 144 0.31 -34.80 -5.06
CA LYS A 144 1.49 -35.43 -4.48
C LYS A 144 2.60 -35.45 -5.52
N ALA A 145 3.73 -34.80 -5.20
CA ALA A 145 4.84 -34.71 -6.13
C ALA A 145 6.11 -35.32 -5.51
N ASP A 146 7.15 -35.43 -6.33
CA ASP A 146 8.45 -35.93 -5.94
C ASP A 146 9.46 -35.41 -6.96
N MET A 147 10.75 -35.69 -6.71
CA MET A 147 11.82 -35.09 -7.48
C MET A 147 11.94 -35.72 -8.88
N THR A 148 11.19 -36.81 -9.14
CA THR A 148 11.19 -37.39 -10.47
C THR A 148 10.32 -36.56 -11.41
N CYS A 149 9.34 -35.80 -10.87
CA CYS A 149 8.51 -34.91 -11.66
C CYS A 149 9.37 -33.79 -12.23
N ARG A 150 9.40 -33.66 -13.56
CA ARG A 150 10.22 -32.64 -14.23
C ARG A 150 9.85 -31.25 -13.71
N GLY A 151 10.88 -30.49 -13.31
CA GLY A 151 10.73 -29.10 -12.93
C GLY A 151 10.48 -28.89 -11.44
N PHE A 152 10.13 -29.96 -10.71
CA PHE A 152 9.68 -29.83 -9.34
C PHE A 152 10.83 -29.38 -8.43
N ARG A 153 12.04 -29.90 -8.69
CA ARG A 153 13.20 -29.64 -7.85
C ARG A 153 13.51 -28.14 -7.84
N GLU A 154 13.46 -27.52 -9.02
CA GLU A 154 13.69 -26.09 -9.15
C GLU A 154 12.57 -25.33 -8.45
N TYR A 155 11.34 -25.83 -8.62
CA TYR A 155 10.16 -25.20 -8.04
C TYR A 155 10.23 -25.26 -6.51
N HIS A 156 10.68 -26.39 -5.98
CA HIS A 156 10.78 -26.58 -4.54
C HIS A 156 11.84 -25.66 -3.93
N GLU A 157 12.90 -25.37 -4.69
CA GLU A 157 13.92 -24.45 -4.23
C GLU A 157 13.35 -23.04 -4.14
N ARG A 158 12.47 -22.69 -5.09
CA ARG A 158 11.85 -21.38 -5.10
C ARG A 158 10.86 -21.29 -3.96
N LEU A 159 10.17 -22.40 -3.67
CA LEU A 159 9.09 -22.39 -2.69
C LEU A 159 9.63 -22.35 -1.27
N GLN A 160 10.73 -23.08 -1.00
CA GLN A 160 11.11 -23.38 0.38
C GLN A 160 11.61 -22.14 1.13
N THR A 161 12.11 -21.14 0.40
CA THR A 161 12.50 -19.88 1.01
C THR A 161 11.43 -19.41 2.00
N PHE A 162 10.15 -19.58 1.65
CA PHE A 162 9.04 -19.11 2.48
C PHE A 162 9.11 -19.70 3.89
N LEU A 163 9.68 -20.90 4.04
CA LEU A 163 9.84 -21.51 5.35
C LEU A 163 10.62 -20.55 6.27
N MET A 164 11.63 -19.89 5.70
CA MET A 164 12.49 -18.99 6.46
C MET A 164 11.67 -17.81 7.00
N TRP A 165 10.72 -17.30 6.21
CA TRP A 165 10.00 -16.09 6.57
C TRP A 165 8.84 -16.39 7.54
N PHE A 166 8.33 -17.64 7.56
CA PHE A 166 7.07 -17.88 8.25
C PHE A 166 7.12 -19.03 9.24
N ILE A 167 8.23 -19.76 9.31
CA ILE A 167 8.38 -20.80 10.32
C ILE A 167 9.66 -20.54 11.12
N GLU A 168 9.50 -20.46 12.44
CA GLU A 168 10.51 -19.85 13.29
C GLU A 168 11.78 -20.70 13.24
N THR A 169 11.64 -22.03 13.36
CA THR A 169 12.79 -22.91 13.48
C THR A 169 13.08 -23.61 12.16
N ALA A 170 12.72 -22.93 11.04
CA ALA A 170 12.71 -23.57 9.74
C ALA A 170 14.12 -23.90 9.27
N SER A 171 14.27 -25.05 8.61
CA SER A 171 15.51 -25.34 7.90
C SER A 171 15.24 -26.24 6.71
N PHE A 172 16.06 -26.08 5.66
CA PHE A 172 15.86 -26.76 4.40
C PHE A 172 16.14 -28.24 4.55
N ILE A 173 15.42 -29.05 3.76
CA ILE A 173 15.52 -30.49 3.80
C ILE A 173 16.49 -30.92 2.72
N ASP A 174 16.96 -32.17 2.84
CA ASP A 174 17.82 -32.80 1.85
C ASP A 174 16.93 -33.49 0.81
N VAL A 175 16.82 -32.88 -0.39
CA VAL A 175 15.83 -33.33 -1.36
C VAL A 175 16.28 -34.63 -2.02
N ASP A 176 17.55 -35.00 -1.85
CA ASP A 176 18.08 -36.24 -2.42
C ASP A 176 17.62 -37.46 -1.63
N ASP A 177 17.05 -37.26 -0.44
CA ASP A 177 16.48 -38.34 0.35
C ASP A 177 15.09 -38.63 -0.20
N GLU A 178 14.94 -39.85 -0.73
CA GLU A 178 13.73 -40.24 -1.43
C GLU A 178 12.58 -40.51 -0.46
N ARG A 179 12.87 -40.54 0.84
CA ARG A 179 11.82 -40.78 1.82
C ARG A 179 10.97 -39.53 2.03
N TRP A 180 11.36 -38.40 1.42
CA TRP A 180 10.52 -37.22 1.46
C TRP A 180 9.35 -37.36 0.51
N HIS A 181 8.14 -37.10 1.00
CA HIS A 181 6.96 -36.96 0.18
C HIS A 181 6.50 -35.51 0.22
N TYR A 182 6.03 -35.00 -0.91
CA TYR A 182 5.61 -33.62 -1.05
C TYR A 182 4.12 -33.57 -1.42
N PHE A 183 3.36 -32.74 -0.71
CA PHE A 183 1.95 -32.55 -0.99
C PHE A 183 1.73 -31.06 -1.22
N LEU A 184 1.24 -30.72 -2.41
CA LEU A 184 1.12 -29.33 -2.83
C LEU A 184 -0.35 -28.96 -2.93
N VAL A 185 -0.65 -27.71 -2.55
CA VAL A 185 -1.97 -27.14 -2.74
C VAL A 185 -1.88 -26.06 -3.82
N PHE A 186 -2.85 -26.09 -4.74
CA PHE A 186 -2.95 -25.09 -5.79
C PHE A 186 -4.37 -24.56 -5.86
N GLU A 187 -4.53 -23.28 -6.23
CA GLU A 187 -5.83 -22.71 -6.56
C GLU A 187 -5.92 -22.54 -8.07
N LYS A 188 -7.08 -22.90 -8.63
CA LYS A 188 -7.35 -22.67 -10.04
C LYS A 188 -7.99 -21.30 -10.16
N TYR A 189 -7.53 -20.52 -11.14
CA TYR A 189 -8.08 -19.19 -11.34
C TYR A 189 -8.14 -18.90 -12.84
N ASN A 190 -9.06 -18.00 -13.18
CA ASN A 190 -9.30 -17.66 -14.57
C ASN A 190 -8.44 -16.47 -14.96
N LYS A 191 -7.91 -16.50 -16.19
CA LYS A 191 -7.26 -15.34 -16.77
C LYS A 191 -7.47 -15.38 -18.27
N ASP A 192 -8.30 -14.45 -18.74
CA ASP A 192 -8.57 -14.28 -20.16
C ASP A 192 -9.02 -15.62 -20.75
N GLY A 193 -9.93 -16.33 -20.07
CA GLY A 193 -10.55 -17.52 -20.62
C GLY A 193 -9.79 -18.82 -20.34
N ALA A 194 -8.55 -18.72 -19.85
CA ALA A 194 -7.76 -19.91 -19.52
C ALA A 194 -7.75 -20.16 -18.02
N THR A 195 -7.56 -21.43 -17.64
CA THR A 195 -7.49 -21.83 -16.24
C THR A 195 -6.02 -21.94 -15.87
N LEU A 196 -5.59 -21.16 -14.87
CA LEU A 196 -4.21 -21.19 -14.42
C LEU A 196 -4.18 -21.72 -12.99
N PHE A 197 -2.99 -22.02 -12.50
CA PHE A 197 -2.79 -22.56 -11.15
C PHE A 197 -1.94 -21.59 -10.35
N ALA A 198 -2.34 -21.37 -9.10
CA ALA A 198 -1.61 -20.53 -8.15
C ALA A 198 -1.14 -21.37 -6.98
N THR A 199 0.10 -21.15 -6.53
CA THR A 199 0.63 -21.88 -5.38
C THR A 199 0.00 -21.31 -4.12
N VAL A 200 -0.52 -22.21 -3.29
CA VAL A 200 -1.20 -21.89 -2.05
C VAL A 200 -0.37 -22.34 -0.83
N GLY A 201 0.20 -23.54 -0.91
CA GLY A 201 0.91 -24.09 0.22
C GLY A 201 1.44 -25.49 -0.07
N TYR A 202 2.10 -26.08 0.92
CA TYR A 202 2.62 -27.44 0.77
C TYR A 202 2.95 -28.02 2.14
N MET A 203 3.20 -29.34 2.12
CA MET A 203 3.50 -30.10 3.32
C MET A 203 4.55 -31.14 2.93
N THR A 204 5.62 -31.25 3.72
CA THR A 204 6.58 -32.33 3.53
C THR A 204 6.32 -33.41 4.59
N VAL A 205 6.40 -34.67 4.15
CA VAL A 205 6.11 -35.81 5.00
C VAL A 205 7.25 -36.79 4.84
N TYR A 206 7.84 -37.20 5.97
CA TYR A 206 8.99 -38.09 5.95
C TYR A 206 8.51 -39.51 6.22
N ASN A 207 8.93 -40.43 5.35
CA ASN A 207 8.43 -41.80 5.34
C ASN A 207 9.41 -42.66 6.13
N TYR A 208 9.34 -42.55 7.46
CA TYR A 208 10.27 -43.22 8.35
C TYR A 208 10.11 -44.71 8.17
N TYR A 209 11.28 -45.38 8.10
CA TYR A 209 11.33 -46.83 8.04
C TYR A 209 11.00 -47.41 9.40
N VAL A 210 10.22 -48.48 9.40
CA VAL A 210 9.92 -49.24 10.60
C VAL A 210 10.20 -50.72 10.31
N TYR A 211 10.98 -51.32 11.22
CA TYR A 211 11.51 -52.65 10.98
C TYR A 211 10.37 -53.65 10.97
N PRO A 212 10.34 -54.61 10.01
CA PRO A 212 11.17 -54.58 8.81
C PRO A 212 10.57 -54.17 7.46
N ASP A 213 9.23 -54.09 7.34
CA ASP A 213 8.61 -53.94 6.04
C ASP A 213 7.59 -52.80 5.99
N LYS A 214 7.64 -51.88 6.96
CA LYS A 214 6.56 -50.94 7.23
C LYS A 214 7.13 -49.54 7.21
N THR A 215 6.27 -48.53 7.09
CA THR A 215 6.69 -47.14 7.22
C THR A 215 5.75 -46.43 8.17
N ARG A 216 6.22 -45.30 8.70
CA ARG A 216 5.45 -44.44 9.59
C ARG A 216 5.66 -43.00 9.11
N PRO A 217 4.81 -42.51 8.18
CA PRO A 217 4.90 -41.12 7.73
C PRO A 217 4.77 -40.13 8.88
N ARG A 218 5.64 -39.12 8.88
CA ARG A 218 5.61 -38.06 9.87
C ARG A 218 5.62 -36.70 9.16
N VAL A 219 4.65 -35.85 9.50
CA VAL A 219 4.57 -34.51 8.94
C VAL A 219 5.72 -33.69 9.51
N SER A 220 6.50 -33.06 8.63
CA SER A 220 7.72 -32.35 8.98
C SER A 220 7.44 -30.86 8.98
N GLN A 221 7.06 -30.33 7.81
CA GLN A 221 6.69 -28.93 7.63
C GLN A 221 5.28 -28.89 7.02
N MET A 222 4.52 -27.84 7.33
CA MET A 222 3.36 -27.47 6.55
C MET A 222 3.31 -25.95 6.46
N LEU A 223 3.26 -25.42 5.23
CA LEU A 223 3.17 -23.99 5.02
C LEU A 223 1.94 -23.67 4.18
N ILE A 224 1.06 -22.85 4.72
CA ILE A 224 0.00 -22.19 3.95
C ILE A 224 0.39 -20.72 3.81
N LEU A 225 0.51 -20.24 2.58
CA LEU A 225 0.98 -18.89 2.36
C LEU A 225 -0.06 -17.89 2.89
N THR A 226 0.43 -16.75 3.37
CA THR A 226 -0.36 -15.82 4.17
C THR A 226 -1.71 -15.52 3.49
N PRO A 227 -1.78 -15.12 2.20
CA PRO A 227 -3.05 -14.75 1.60
C PRO A 227 -4.15 -15.82 1.63
N PHE A 228 -3.77 -17.09 1.89
CA PHE A 228 -4.74 -18.18 1.85
C PHE A 228 -5.04 -18.73 3.24
N GLN A 229 -4.63 -18.00 4.29
CA GLN A 229 -4.85 -18.49 5.64
C GLN A 229 -6.28 -18.19 6.06
N GLY A 230 -6.85 -19.12 6.84
CA GLY A 230 -8.19 -18.96 7.40
C GLY A 230 -9.25 -19.42 6.42
N GLN A 231 -8.92 -20.41 5.59
CA GLN A 231 -9.81 -20.94 4.56
C GLN A 231 -10.00 -22.44 4.70
N GLY A 232 -9.19 -23.09 5.55
CA GLY A 232 -9.32 -24.51 5.87
C GLY A 232 -8.37 -25.38 5.06
N HIS A 233 -7.30 -24.82 4.50
CA HIS A 233 -6.42 -25.57 3.63
C HIS A 233 -5.65 -26.64 4.39
N GLY A 234 -5.21 -26.34 5.61
CA GLY A 234 -4.48 -27.31 6.41
C GLY A 234 -5.33 -28.53 6.73
N ALA A 235 -6.62 -28.30 7.02
CA ALA A 235 -7.55 -29.39 7.31
C ALA A 235 -7.72 -30.31 6.10
N GLN A 236 -7.80 -29.71 4.90
CA GLN A 236 -7.93 -30.49 3.68
C GLN A 236 -6.65 -31.26 3.41
N LEU A 237 -5.52 -30.58 3.61
CA LEU A 237 -4.22 -31.14 3.31
C LEU A 237 -3.97 -32.39 4.17
N LEU A 238 -4.26 -32.28 5.47
CA LEU A 238 -4.03 -33.39 6.39
C LEU A 238 -5.03 -34.51 6.13
N GLU A 239 -6.30 -34.17 5.90
CA GLU A 239 -7.29 -35.17 5.57
C GLU A 239 -6.86 -35.95 4.32
N THR A 240 -6.39 -35.23 3.30
CA THR A 240 -6.00 -35.83 2.03
C THR A 240 -4.84 -36.78 2.23
N VAL A 241 -3.87 -36.39 3.07
CA VAL A 241 -2.68 -37.20 3.34
C VAL A 241 -3.08 -38.49 4.06
N HIS A 242 -3.95 -38.40 5.07
CA HIS A 242 -4.47 -39.58 5.74
C HIS A 242 -5.14 -40.52 4.75
N ARG A 243 -6.01 -39.97 3.89
CA ARG A 243 -6.76 -40.77 2.93
C ARG A 243 -5.83 -41.40 1.90
N TYR A 244 -4.72 -40.70 1.58
CA TYR A 244 -3.77 -41.19 0.60
C TYR A 244 -3.05 -42.43 1.15
N TYR A 245 -2.49 -42.31 2.36
CA TYR A 245 -1.65 -43.37 2.92
C TYR A 245 -2.49 -44.55 3.39
N THR A 246 -3.83 -44.38 3.49
CA THR A 246 -4.72 -45.47 3.87
C THR A 246 -4.63 -46.60 2.85
N GLU A 247 -4.36 -46.26 1.58
CA GLU A 247 -4.35 -47.23 0.50
C GLU A 247 -3.14 -48.15 0.58
N PHE A 248 -2.17 -47.85 1.47
CA PHE A 248 -0.97 -48.67 1.62
C PHE A 248 -1.07 -49.50 2.90
N PRO A 249 -1.20 -50.85 2.82
CA PRO A 249 -1.23 -51.69 4.03
C PRO A 249 0.04 -51.60 4.87
N THR A 250 1.13 -51.20 4.21
CA THR A 250 2.47 -51.21 4.76
C THR A 250 2.73 -49.96 5.61
N VAL A 251 1.75 -49.04 5.67
CA VAL A 251 1.86 -47.84 6.49
C VAL A 251 1.20 -48.11 7.85
N LEU A 252 1.92 -47.83 8.94
CA LEU A 252 1.37 -48.03 10.28
C LEU A 252 0.42 -46.89 10.64
N ASP A 253 0.96 -45.66 10.73
CA ASP A 253 0.16 -44.53 11.19
C ASP A 253 0.77 -43.21 10.71
N ILE A 254 0.07 -42.10 10.94
CA ILE A 254 0.55 -40.78 10.57
C ILE A 254 0.57 -39.89 11.82
N THR A 255 1.70 -39.20 11.99
CA THR A 255 2.01 -38.38 13.15
C THR A 255 2.73 -37.10 12.68
N ALA A 256 3.04 -36.20 13.61
CA ALA A 256 3.82 -35.02 13.33
C ALA A 256 5.14 -35.07 14.08
N GLU A 257 6.22 -34.62 13.45
CA GLU A 257 7.50 -34.46 14.11
C GLU A 257 7.36 -33.48 15.27
N ASP A 258 6.61 -32.39 15.05
CA ASP A 258 6.61 -31.23 15.92
C ASP A 258 5.18 -30.88 16.32
N PRO A 259 4.59 -31.60 17.30
CA PRO A 259 3.21 -31.38 17.68
C PRO A 259 2.96 -30.09 18.47
N SER A 260 2.91 -28.99 17.71
CA SER A 260 2.58 -27.68 18.24
C SER A 260 1.13 -27.64 18.73
N LYS A 261 0.78 -26.55 19.43
CA LYS A 261 -0.60 -26.28 19.81
C LYS A 261 -1.48 -26.28 18.55
N SER A 262 -0.99 -25.64 17.49
CA SER A 262 -1.81 -25.45 16.31
C SER A 262 -1.97 -26.77 15.54
N TYR A 263 -0.91 -27.59 15.50
CA TYR A 263 -0.99 -28.93 14.95
C TYR A 263 -2.05 -29.76 15.67
N VAL A 264 -2.00 -29.73 17.01
CA VAL A 264 -2.91 -30.55 17.80
C VAL A 264 -4.35 -30.13 17.53
N LYS A 265 -4.59 -28.82 17.42
CA LYS A 265 -5.91 -28.29 17.11
C LYS A 265 -6.35 -28.79 15.74
N LEU A 266 -5.45 -28.69 14.76
CA LEU A 266 -5.74 -29.13 13.42
C LEU A 266 -6.00 -30.63 13.40
N ARG A 267 -5.14 -31.39 14.08
CA ARG A 267 -5.26 -32.84 14.13
C ARG A 267 -6.59 -33.24 14.73
N ASP A 268 -6.94 -32.65 15.87
CA ASP A 268 -8.15 -33.02 16.58
C ASP A 268 -9.36 -32.75 15.70
N PHE A 269 -9.27 -31.70 14.88
CA PHE A 269 -10.37 -31.34 13.98
C PHE A 269 -10.56 -32.44 12.94
N VAL A 270 -9.46 -32.84 12.31
CA VAL A 270 -9.48 -33.75 11.18
C VAL A 270 -9.85 -35.16 11.63
N LEU A 271 -9.27 -35.61 12.74
CA LEU A 271 -9.50 -36.98 13.19
C LEU A 271 -10.93 -37.15 13.67
N VAL A 272 -11.52 -36.09 14.23
CA VAL A 272 -12.93 -36.10 14.61
C VAL A 272 -13.80 -36.18 13.35
N LYS A 273 -13.42 -35.41 12.32
CA LYS A 273 -14.14 -35.41 11.06
C LYS A 273 -14.14 -36.82 10.47
N LEU A 274 -12.99 -37.49 10.53
CA LEU A 274 -12.80 -38.79 9.90
C LEU A 274 -13.46 -39.90 10.69
N CYS A 275 -13.64 -39.73 12.01
CA CYS A 275 -13.94 -40.84 12.88
C CYS A 275 -15.38 -40.82 13.36
N GLN A 276 -16.09 -39.68 13.27
CA GLN A 276 -17.38 -39.57 13.93
C GLN A 276 -18.40 -40.51 13.30
N ASP A 277 -18.28 -40.78 12.00
CA ASP A 277 -19.24 -41.59 11.28
C ASP A 277 -18.81 -43.05 11.22
N LEU A 278 -17.78 -43.44 11.97
CA LEU A 278 -17.33 -44.83 12.01
C LEU A 278 -18.20 -45.62 12.98
N PRO A 279 -18.48 -46.90 12.68
CA PRO A 279 -19.28 -47.76 13.58
C PRO A 279 -18.74 -47.83 15.00
N CYS A 280 -17.41 -47.96 15.14
CA CYS A 280 -16.77 -48.19 16.42
C CYS A 280 -16.88 -46.97 17.34
N PHE A 281 -17.24 -45.81 16.77
CA PHE A 281 -17.37 -44.56 17.52
C PHE A 281 -18.81 -44.07 17.55
N SER A 282 -19.78 -45.00 17.53
CA SER A 282 -21.19 -44.64 17.58
C SER A 282 -21.59 -44.29 19.02
N ARG A 283 -22.71 -43.57 19.17
CA ARG A 283 -23.21 -43.18 20.47
C ARG A 283 -23.16 -44.37 21.42
N GLU A 284 -23.66 -45.54 20.97
CA GLU A 284 -23.82 -46.71 21.84
C GLU A 284 -22.45 -47.30 22.20
N LYS A 285 -21.50 -47.29 21.25
CA LYS A 285 -20.19 -47.90 21.47
C LYS A 285 -19.31 -46.98 22.32
N LEU A 286 -19.54 -45.65 22.24
CA LEU A 286 -18.78 -44.68 23.01
C LEU A 286 -19.10 -44.80 24.50
N MET A 287 -20.37 -45.08 24.81
CA MET A 287 -20.86 -45.05 26.19
C MET A 287 -20.38 -46.31 26.94
N GLN A 288 -19.95 -47.35 26.23
CA GLN A 288 -19.47 -48.56 26.86
C GLN A 288 -18.03 -48.39 27.32
N GLY A 289 -17.38 -47.27 26.93
CA GLY A 289 -16.01 -46.98 27.32
C GLY A 289 -15.07 -47.08 26.12
N PHE A 290 -13.80 -46.71 26.32
CA PHE A 290 -12.80 -46.84 25.29
C PHE A 290 -12.47 -48.33 25.09
N ASN A 291 -12.38 -48.75 23.83
CA ASN A 291 -12.11 -50.14 23.48
C ASN A 291 -10.95 -50.16 22.48
N GLU A 292 -10.13 -51.21 22.54
CA GLU A 292 -9.02 -51.39 21.61
C GLU A 292 -9.56 -51.42 20.18
N ASP A 293 -10.77 -51.97 19.99
CA ASP A 293 -11.46 -52.02 18.71
C ASP A 293 -11.40 -50.67 17.99
N MET A 294 -11.50 -49.56 18.75
CA MET A 294 -11.54 -48.23 18.18
C MET A 294 -10.21 -47.87 17.53
N ALA A 295 -9.10 -48.22 18.20
CA ALA A 295 -7.78 -47.94 17.68
C ALA A 295 -7.51 -48.80 16.44
N ILE A 296 -8.00 -50.05 16.46
CA ILE A 296 -7.85 -50.96 15.34
C ILE A 296 -8.52 -50.36 14.10
N GLU A 297 -9.80 -50.01 14.24
CA GLU A 297 -10.59 -49.54 13.11
C GLU A 297 -10.03 -48.21 12.60
N ALA A 298 -9.61 -47.34 13.51
CA ALA A 298 -9.06 -46.03 13.15
C ALA A 298 -7.75 -46.20 12.38
N GLN A 299 -6.94 -47.19 12.75
CA GLN A 299 -5.69 -47.49 12.07
C GLN A 299 -5.99 -48.06 10.68
N GLN A 300 -6.92 -49.01 10.60
CA GLN A 300 -7.24 -49.65 9.32
C GLN A 300 -7.83 -48.66 8.33
N LYS A 301 -8.79 -47.85 8.79
CA LYS A 301 -9.57 -47.00 7.91
C LYS A 301 -8.78 -45.73 7.55
N PHE A 302 -7.99 -45.14 8.46
CA PHE A 302 -7.35 -43.87 8.18
C PHE A 302 -5.93 -43.74 8.75
N LYS A 303 -5.30 -44.85 9.15
CA LYS A 303 -3.91 -44.85 9.61
C LYS A 303 -3.74 -43.88 10.78
N ILE A 304 -4.68 -43.94 11.74
CA ILE A 304 -4.66 -43.09 12.89
C ILE A 304 -3.94 -43.81 14.02
N ASN A 305 -2.92 -43.12 14.54
CA ASN A 305 -2.07 -43.55 15.65
C ASN A 305 -2.93 -44.00 16.83
N LYS A 306 -2.46 -45.04 17.53
CA LYS A 306 -3.15 -45.62 18.67
C LYS A 306 -3.49 -44.53 19.69
N GLN A 307 -2.51 -43.68 20.00
CA GLN A 307 -2.65 -42.67 21.04
C GLN A 307 -3.61 -41.56 20.57
N HIS A 308 -3.57 -41.24 19.28
CA HIS A 308 -4.46 -40.25 18.69
C HIS A 308 -5.91 -40.70 18.77
N ALA A 309 -6.15 -42.01 18.64
CA ALA A 309 -7.51 -42.54 18.69
C ALA A 309 -8.11 -42.40 20.09
N ARG A 310 -7.25 -42.43 21.12
CA ARG A 310 -7.66 -42.14 22.48
C ARG A 310 -8.12 -40.69 22.61
N ARG A 311 -7.43 -39.77 21.92
CA ARG A 311 -7.81 -38.35 21.94
C ARG A 311 -9.17 -38.17 21.27
N VAL A 312 -9.36 -38.77 20.09
CA VAL A 312 -10.62 -38.71 19.37
C VAL A 312 -11.76 -39.22 20.26
N TYR A 313 -11.51 -40.32 20.98
CA TYR A 313 -12.54 -40.93 21.79
C TYR A 313 -13.09 -39.92 22.80
N GLU A 314 -12.19 -39.23 23.51
CA GLU A 314 -12.60 -38.29 24.54
C GLU A 314 -13.51 -37.20 23.96
N ILE A 315 -13.10 -36.66 22.80
CA ILE A 315 -13.79 -35.54 22.18
C ILE A 315 -15.19 -35.98 21.75
N LEU A 316 -15.27 -37.14 21.09
CA LEU A 316 -16.53 -37.67 20.60
C LEU A 316 -17.44 -38.03 21.77
N ARG A 317 -16.87 -38.53 22.86
CA ARG A 317 -17.68 -38.97 23.99
C ARG A 317 -18.21 -37.76 24.75
N LEU A 318 -17.50 -36.62 24.67
CA LEU A 318 -17.98 -35.39 25.28
C LEU A 318 -19.16 -34.87 24.46
N LEU A 319 -19.05 -34.95 23.12
CA LEU A 319 -20.09 -34.47 22.21
C LEU A 319 -21.42 -35.17 22.49
N VAL A 320 -21.36 -36.45 22.89
CA VAL A 320 -22.56 -37.19 23.25
C VAL A 320 -22.91 -36.88 24.72
N LYS B 2 27.10 0.70 -18.03
CA LYS B 2 25.93 0.25 -17.24
C LYS B 2 24.91 1.39 -17.20
N LEU B 3 25.32 2.52 -16.61
CA LEU B 3 24.55 3.75 -16.64
C LEU B 3 24.47 4.29 -18.07
N ALA B 4 25.40 3.90 -18.95
CA ALA B 4 25.43 4.39 -20.31
C ALA B 4 24.41 3.67 -21.19
N GLU B 5 23.89 2.53 -20.73
CA GLU B 5 22.86 1.82 -21.47
C GLU B 5 21.53 2.58 -21.44
N TYR B 6 21.46 3.65 -20.61
CA TYR B 6 20.25 4.45 -20.48
C TYR B 6 20.50 5.84 -21.06
N LYS B 7 21.19 5.92 -22.20
CA LYS B 7 21.40 7.18 -22.90
C LYS B 7 20.70 7.06 -24.26
N CYS B 8 19.80 8.01 -24.55
CA CYS B 8 19.04 8.01 -25.79
C CYS B 8 19.17 9.38 -26.45
N ASN B 9 19.55 9.41 -27.73
CA ASN B 9 19.62 10.63 -28.51
C ASN B 9 18.19 11.17 -28.64
N THR B 10 18.01 12.45 -28.33
CA THR B 10 16.67 13.02 -28.20
C THR B 10 16.15 13.49 -29.55
N ASN B 11 17.04 13.88 -30.47
CA ASN B 11 16.62 14.27 -31.80
C ASN B 11 15.79 13.15 -32.44
N THR B 12 16.22 11.89 -32.28
CA THR B 12 15.54 10.78 -32.93
C THR B 12 14.42 10.24 -32.05
N ALA B 13 14.40 10.64 -30.77
CA ALA B 13 13.42 10.13 -29.81
C ALA B 13 12.15 10.97 -29.81
N ILE B 14 12.24 12.20 -30.33
CA ILE B 14 11.09 13.10 -30.34
C ILE B 14 10.41 12.98 -31.70
N GLU B 15 9.26 12.28 -31.70
CA GLU B 15 8.47 12.10 -32.90
C GLU B 15 7.43 13.22 -32.98
N LEU B 16 7.55 14.05 -34.02
CA LEU B 16 6.58 15.09 -34.33
C LEU B 16 5.63 14.58 -35.40
N LYS B 17 4.34 14.94 -35.30
CA LYS B 17 3.38 14.66 -36.35
C LYS B 17 2.40 15.82 -36.53
N LEU B 18 2.03 16.04 -37.81
CA LEU B 18 0.91 16.88 -38.19
C LEU B 18 -0.20 15.98 -38.70
N VAL B 19 -1.32 15.92 -37.98
CA VAL B 19 -2.33 14.89 -38.21
C VAL B 19 -3.57 15.53 -38.84
N ARG B 20 -3.89 15.09 -40.06
CA ARG B 20 -5.10 15.49 -40.77
C ARG B 20 -6.16 14.39 -40.68
N PHE B 21 -5.74 13.13 -40.83
CA PHE B 21 -6.61 11.98 -40.80
C PHE B 21 -6.16 10.97 -39.74
N PRO B 22 -7.09 10.16 -39.19
CA PRO B 22 -6.74 9.16 -38.16
C PRO B 22 -5.55 8.26 -38.53
N GLU B 23 -5.45 7.94 -39.84
CA GLU B 23 -4.43 7.02 -40.33
C GLU B 23 -3.04 7.62 -40.16
N ASP B 24 -2.94 8.94 -40.04
CA ASP B 24 -1.67 9.63 -39.94
C ASP B 24 -0.92 9.18 -38.67
N LEU B 25 -1.66 8.75 -37.65
CA LEU B 25 -1.07 8.23 -36.42
C LEU B 25 -0.21 6.99 -36.71
N GLU B 26 -0.63 6.16 -37.66
CA GLU B 26 0.01 4.89 -37.95
C GLU B 26 1.01 5.00 -39.10
N ASN B 27 1.12 6.19 -39.71
CA ASN B 27 1.90 6.35 -40.95
C ASN B 27 3.22 7.05 -40.63
N ASP B 28 4.31 6.28 -40.68
CA ASP B 28 5.64 6.75 -40.30
C ASP B 28 6.13 7.85 -41.25
N ILE B 29 5.58 7.91 -42.48
CA ILE B 29 5.97 8.96 -43.41
C ILE B 29 5.59 10.33 -42.85
N ARG B 30 4.53 10.39 -42.04
CA ARG B 30 4.05 11.68 -41.51
C ARG B 30 4.89 12.17 -40.34
N THR B 31 5.73 11.30 -39.77
CA THR B 31 6.56 11.66 -38.63
C THR B 31 7.79 12.42 -39.13
N PHE B 32 8.14 13.51 -38.44
CA PHE B 32 9.42 14.18 -38.65
C PHE B 32 10.06 14.46 -37.29
N PHE B 33 11.31 14.91 -37.31
CA PHE B 33 12.17 14.89 -36.14
C PHE B 33 12.87 16.23 -35.97
N PRO B 34 13.12 16.65 -34.71
CA PRO B 34 13.90 17.86 -34.46
C PRO B 34 15.26 17.85 -35.13
N GLU B 35 15.68 19.01 -35.63
CA GLU B 35 17.06 19.22 -36.04
C GLU B 35 17.90 19.62 -34.82
N TYR B 36 17.26 20.13 -33.76
CA TYR B 36 17.98 20.59 -32.58
C TYR B 36 17.15 20.27 -31.34
N THR B 37 17.82 19.81 -30.28
CA THR B 37 17.20 19.63 -28.97
C THR B 37 18.16 20.03 -27.87
N HIS B 38 19.14 20.87 -28.22
CA HIS B 38 20.25 21.17 -27.33
C HIS B 38 19.82 22.08 -26.18
N GLN B 39 18.81 22.90 -26.41
CA GLN B 39 18.31 23.83 -25.42
C GLN B 39 17.62 23.09 -24.28
N LEU B 40 17.22 21.82 -24.50
CA LEU B 40 16.67 21.03 -23.40
C LEU B 40 17.65 19.98 -22.90
N PHE B 41 18.55 19.48 -23.76
CA PHE B 41 19.28 18.27 -23.43
C PHE B 41 20.79 18.42 -23.63
N GLY B 42 21.28 19.64 -23.87
CA GLY B 42 22.69 19.93 -23.97
C GLY B 42 23.24 19.67 -25.38
N ASP B 43 24.50 20.07 -25.58
CA ASP B 43 25.17 19.95 -26.87
C ASP B 43 25.15 18.50 -27.34
N ASP B 44 25.26 17.56 -26.39
CA ASP B 44 25.25 16.13 -26.68
C ASP B 44 23.89 15.67 -27.22
N GLU B 45 22.81 16.38 -26.91
CA GLU B 45 21.49 16.03 -27.40
C GLU B 45 21.16 14.59 -27.03
N THR B 46 21.35 14.28 -25.73
CA THR B 46 21.06 12.98 -25.16
C THR B 46 20.25 13.16 -23.88
N ALA B 47 19.49 12.15 -23.51
CA ALA B 47 18.73 12.14 -22.28
C ALA B 47 19.05 10.86 -21.51
N PHE B 48 19.40 11.01 -20.23
CA PHE B 48 19.77 9.89 -19.39
C PHE B 48 18.55 9.41 -18.62
N GLY B 49 18.44 8.09 -18.47
CA GLY B 49 17.52 7.50 -17.50
C GLY B 49 16.54 6.51 -18.12
N TYR B 50 16.43 6.49 -19.46
CA TYR B 50 15.41 5.70 -20.15
C TYR B 50 16.05 4.75 -21.16
N LYS B 51 15.44 3.57 -21.31
CA LYS B 51 15.72 2.65 -22.40
C LYS B 51 14.51 2.67 -23.33
N GLY B 52 14.75 2.93 -24.63
CA GLY B 52 13.68 2.95 -25.61
C GLY B 52 12.77 4.16 -25.45
N LEU B 53 13.39 5.35 -25.31
CA LEU B 53 12.67 6.58 -25.03
C LEU B 53 11.95 7.00 -26.29
N LYS B 54 10.66 7.32 -26.14
CA LYS B 54 9.83 7.80 -27.23
C LYS B 54 9.03 8.99 -26.69
N ILE B 55 9.29 10.18 -27.26
CA ILE B 55 8.58 11.39 -26.87
C ILE B 55 7.64 11.77 -28.02
N LEU B 56 6.32 11.73 -27.74
CA LEU B 56 5.32 11.94 -28.78
C LEU B 56 4.76 13.35 -28.62
N LEU B 57 4.96 14.18 -29.66
CA LEU B 57 4.30 15.46 -29.78
C LEU B 57 3.48 15.45 -31.07
N TYR B 58 2.24 14.99 -30.98
CA TYR B 58 1.34 14.98 -32.12
C TYR B 58 0.51 16.26 -32.09
N TYR B 59 0.39 16.89 -33.26
CA TYR B 59 -0.39 18.10 -33.41
C TYR B 59 -1.44 17.87 -34.49
N ILE B 60 -2.68 18.29 -34.23
CA ILE B 60 -3.70 18.31 -35.26
C ILE B 60 -3.35 19.42 -36.25
N ALA B 61 -3.48 19.12 -37.54
CA ALA B 61 -2.70 19.79 -38.59
C ALA B 61 -2.93 21.30 -38.62
N GLY B 62 -4.18 21.73 -38.33
CA GLY B 62 -4.54 23.14 -38.44
C GLY B 62 -4.38 23.87 -37.10
N SER B 63 -5.23 23.47 -36.14
CA SER B 63 -5.35 24.12 -34.84
C SER B 63 -4.11 23.92 -33.98
N LEU B 64 -3.36 22.84 -34.25
CA LEU B 64 -2.18 22.44 -33.49
C LEU B 64 -2.54 21.94 -32.09
N SER B 65 -3.81 21.56 -31.86
CA SER B 65 -4.16 20.91 -30.60
C SER B 65 -3.26 19.71 -30.40
N THR B 66 -2.74 19.53 -29.18
CA THR B 66 -1.52 18.77 -28.95
C THR B 66 -1.81 17.51 -28.14
N MET B 67 -1.17 16.41 -28.54
CA MET B 67 -0.95 15.29 -27.65
C MET B 67 0.52 15.25 -27.26
N PHE B 68 0.77 15.10 -25.96
CA PHE B 68 2.11 14.94 -25.45
C PHE B 68 2.17 13.72 -24.53
N ARG B 69 3.01 12.75 -24.92
CA ARG B 69 3.24 11.54 -24.16
C ARG B 69 4.72 11.22 -24.13
N VAL B 70 5.18 10.75 -22.96
CA VAL B 70 6.50 10.14 -22.84
C VAL B 70 6.28 8.63 -22.67
N GLU B 71 6.96 7.85 -23.51
CA GLU B 71 6.90 6.40 -23.44
C GLU B 71 8.31 5.84 -23.30
N TYR B 72 8.44 4.66 -22.68
CA TYR B 72 9.75 4.03 -22.54
C TYR B 72 9.60 2.55 -22.22
N ALA B 73 10.62 1.77 -22.58
CA ALA B 73 10.72 0.37 -22.20
C ALA B 73 10.98 0.26 -20.71
N SER B 74 11.99 1.01 -20.23
CA SER B 74 12.28 1.07 -18.80
C SER B 74 12.88 2.43 -18.46
N LYS B 75 12.85 2.77 -17.16
CA LYS B 75 13.61 3.91 -16.65
C LYS B 75 14.37 3.46 -15.40
N VAL B 76 15.28 4.32 -14.92
CA VAL B 76 16.25 3.91 -13.89
C VAL B 76 15.58 3.87 -12.51
N CYS B 82 20.42 4.22 -7.14
CA CYS B 82 20.32 5.60 -6.60
C CYS B 82 20.68 6.63 -7.67
N VAL B 83 20.13 6.46 -8.89
CA VAL B 83 20.28 7.40 -9.99
C VAL B 83 18.91 7.98 -10.30
N GLU B 84 18.88 9.20 -10.86
CA GLU B 84 17.65 9.91 -11.20
C GLU B 84 17.62 10.24 -12.70
N ALA B 85 16.55 9.84 -13.38
CA ALA B 85 16.39 10.11 -14.80
C ALA B 85 16.21 11.60 -15.03
N ASP B 86 16.63 12.07 -16.21
CA ASP B 86 16.38 13.44 -16.63
C ASP B 86 14.87 13.65 -16.64
N ASP B 87 14.44 14.85 -16.24
CA ASP B 87 13.03 15.19 -16.19
C ASP B 87 12.55 15.60 -17.59
N VAL B 88 12.42 14.61 -18.48
CA VAL B 88 12.04 14.83 -19.87
C VAL B 88 10.71 15.57 -19.92
N GLU B 89 9.76 15.04 -19.16
CA GLU B 89 8.41 15.59 -19.10
C GLU B 89 8.47 17.07 -18.73
N GLY B 90 9.20 17.36 -17.65
CA GLY B 90 9.30 18.72 -17.13
C GLY B 90 9.90 19.67 -18.15
N LYS B 91 10.95 19.24 -18.85
CA LYS B 91 11.64 20.06 -19.83
C LYS B 91 10.72 20.41 -21.01
N ILE B 92 9.95 19.41 -21.47
CA ILE B 92 9.05 19.62 -22.60
C ILE B 92 7.91 20.54 -22.17
N ARG B 93 7.45 20.38 -20.93
CA ARG B 93 6.34 21.19 -20.43
C ARG B 93 6.72 22.66 -20.30
N GLN B 94 8.01 22.98 -20.22
CA GLN B 94 8.46 24.36 -20.19
C GLN B 94 8.13 25.08 -21.50
N ILE B 95 8.09 24.34 -22.61
CA ILE B 95 8.08 24.97 -23.92
C ILE B 95 6.77 24.74 -24.68
N ILE B 96 5.83 24.00 -24.08
CA ILE B 96 4.51 23.83 -24.68
C ILE B 96 3.47 24.33 -23.68
N PRO B 97 2.34 24.92 -24.14
CA PRO B 97 1.29 25.37 -23.23
C PRO B 97 0.63 24.20 -22.49
N PRO B 98 -0.07 24.45 -21.37
CA PRO B 98 -0.90 23.43 -20.75
C PRO B 98 -2.13 23.15 -21.60
N GLY B 99 -2.80 22.03 -21.31
CA GLY B 99 -4.07 21.72 -21.95
C GLY B 99 -3.94 20.59 -22.97
N PHE B 100 -2.71 20.12 -23.21
CA PHE B 100 -2.48 18.98 -24.08
C PHE B 100 -3.19 17.75 -23.52
N CYS B 101 -3.61 16.85 -24.42
CA CYS B 101 -4.12 15.55 -24.01
C CYS B 101 -2.96 14.56 -24.04
N THR B 102 -3.18 13.36 -23.48
CA THR B 102 -2.07 12.45 -23.16
C THR B 102 -2.29 11.04 -23.69
N ASN B 103 -3.26 10.85 -24.59
CA ASN B 103 -3.49 9.55 -25.21
C ASN B 103 -4.12 9.76 -26.59
N THR B 104 -4.03 8.73 -27.43
CA THR B 104 -4.40 8.86 -28.84
C THR B 104 -5.92 8.97 -28.98
N ASN B 105 -6.68 8.36 -28.07
CA ASN B 105 -8.14 8.41 -28.14
C ASN B 105 -8.62 9.84 -28.00
N ASP B 106 -8.15 10.55 -26.96
CA ASP B 106 -8.55 11.94 -26.73
C ASP B 106 -8.09 12.81 -27.90
N PHE B 107 -6.94 12.47 -28.49
CA PHE B 107 -6.38 13.22 -29.60
C PHE B 107 -7.29 13.09 -30.83
N LEU B 108 -7.74 11.86 -31.10
CA LEU B 108 -8.63 11.60 -32.23
C LEU B 108 -9.98 12.29 -32.01
N SER B 109 -10.39 12.47 -30.76
CA SER B 109 -11.62 13.20 -30.48
C SER B 109 -11.52 14.63 -30.99
N LEU B 110 -10.36 15.24 -30.78
CA LEU B 110 -10.13 16.62 -31.20
C LEU B 110 -10.19 16.72 -32.72
N LEU B 111 -9.83 15.62 -33.40
CA LEU B 111 -9.80 15.58 -34.85
C LEU B 111 -11.19 15.81 -35.45
N GLU B 112 -12.25 15.37 -34.75
CA GLU B 112 -13.61 15.52 -35.23
C GLU B 112 -14.01 17.00 -35.26
N LYS B 113 -13.49 17.81 -34.33
CA LYS B 113 -13.87 19.21 -34.18
C LYS B 113 -13.02 20.09 -35.11
N GLU B 114 -12.03 19.52 -35.77
CA GLU B 114 -11.05 20.27 -36.56
C GLU B 114 -11.71 20.94 -37.77
N VAL B 115 -12.84 20.38 -38.23
CA VAL B 115 -13.60 20.95 -39.34
C VAL B 115 -13.87 22.44 -39.10
N ASP B 116 -14.00 22.84 -37.83
CA ASP B 116 -14.37 24.19 -37.48
C ASP B 116 -13.16 25.13 -37.38
N PHE B 117 -11.94 24.57 -37.43
CA PHE B 117 -10.75 25.39 -37.31
C PHE B 117 -10.64 26.30 -38.54
N LYS B 118 -10.46 27.60 -38.27
CA LYS B 118 -10.33 28.60 -39.33
C LYS B 118 -9.06 29.42 -39.10
N PRO B 119 -8.35 29.86 -40.16
CA PRO B 119 -7.13 30.66 -40.00
C PRO B 119 -7.44 31.97 -39.31
N PHE B 120 -6.41 32.55 -38.68
CA PHE B 120 -6.53 33.81 -37.94
C PHE B 120 -6.12 34.95 -38.85
N GLY B 121 -6.88 36.05 -38.79
CA GLY B 121 -6.43 37.32 -39.33
C GLY B 121 -6.97 37.56 -40.73
N THR B 122 -6.16 38.31 -41.51
CA THR B 122 -6.57 38.86 -42.79
C THR B 122 -5.86 38.08 -43.88
N LEU B 123 -6.63 37.60 -44.86
CA LEU B 123 -6.07 36.94 -46.02
C LEU B 123 -5.36 37.99 -46.89
N LEU B 124 -4.11 37.71 -47.25
CA LEU B 124 -3.29 38.63 -48.02
C LEU B 124 -2.97 38.08 -49.42
N HIS B 125 -2.89 36.74 -49.55
CA HIS B 125 -2.40 36.14 -50.77
C HIS B 125 -2.79 34.66 -50.83
N THR B 126 -3.10 34.18 -52.04
CA THR B 126 -3.41 32.78 -52.30
C THR B 126 -2.53 32.35 -53.47
N TYR B 127 -1.97 31.14 -53.38
CA TYR B 127 -1.10 30.66 -54.43
C TYR B 127 -1.20 29.15 -54.52
N SER B 128 -0.69 28.61 -55.64
CA SER B 128 -0.66 27.18 -55.87
C SER B 128 0.79 26.74 -55.98
N VAL B 129 1.07 25.53 -55.48
CA VAL B 129 2.33 24.89 -55.73
C VAL B 129 2.03 23.57 -56.45
N LEU B 130 2.80 23.33 -57.53
CA LEU B 130 2.65 22.09 -58.27
C LEU B 130 3.35 20.99 -57.50
N SER B 131 2.84 19.76 -57.60
CA SER B 131 3.48 18.57 -57.07
C SER B 131 4.78 18.28 -57.82
N PRO B 132 5.79 17.65 -57.16
CA PRO B 132 7.19 17.83 -57.56
C PRO B 132 7.53 17.46 -59.00
N THR B 133 6.96 16.33 -59.45
CA THR B 133 6.98 15.97 -60.86
C THR B 133 5.60 15.48 -61.31
N GLY B 134 4.55 15.81 -60.54
CA GLY B 134 3.26 15.16 -60.74
C GLY B 134 2.30 16.05 -61.53
N GLY B 135 1.01 15.94 -61.18
CA GLY B 135 -0.01 16.85 -61.68
C GLY B 135 -0.52 17.81 -60.60
N GLU B 136 -0.85 17.24 -59.44
CA GLU B 136 -1.67 17.86 -58.41
C GLU B 136 -1.19 19.26 -58.05
N ASN B 137 -2.10 20.22 -57.94
CA ASN B 137 -1.79 21.56 -57.44
C ASN B 137 -2.35 21.73 -56.04
N PHE B 138 -1.46 22.08 -55.09
CA PHE B 138 -1.87 22.36 -53.73
C PHE B 138 -2.19 23.84 -53.63
N THR B 139 -3.11 24.22 -52.73
CA THR B 139 -3.52 25.60 -52.57
C THR B 139 -3.06 26.10 -51.19
N PHE B 140 -2.43 27.29 -51.16
CA PHE B 140 -1.91 27.85 -49.93
C PHE B 140 -2.37 29.28 -49.77
N GLN B 141 -2.37 29.76 -48.52
CA GLN B 141 -2.78 31.12 -48.19
C GLN B 141 -1.88 31.70 -47.09
N ILE B 142 -1.61 32.99 -47.23
CA ILE B 142 -0.87 33.76 -46.24
C ILE B 142 -1.84 34.72 -45.57
N TYR B 143 -1.85 34.70 -44.23
CA TYR B 143 -2.68 35.57 -43.42
C TYR B 143 -1.79 36.44 -42.54
N LYS B 144 -2.26 37.67 -42.24
CA LYS B 144 -1.63 38.53 -41.25
C LYS B 144 -2.51 38.55 -40.02
N ALA B 145 -1.94 38.10 -38.89
CA ALA B 145 -2.69 37.96 -37.65
C ALA B 145 -2.06 38.79 -36.53
N ASP B 146 -2.82 38.91 -35.42
CA ASP B 146 -2.33 39.61 -34.25
C ASP B 146 -3.12 39.07 -33.04
N MET B 147 -2.75 39.54 -31.85
CA MET B 147 -3.24 38.96 -30.62
C MET B 147 -4.69 39.39 -30.34
N THR B 148 -5.24 40.31 -31.13
CA THR B 148 -6.64 40.68 -30.99
C THR B 148 -7.54 39.61 -31.61
N CYS B 149 -7.02 38.83 -32.58
CA CYS B 149 -7.77 37.73 -33.17
C CYS B 149 -7.99 36.65 -32.12
N ARG B 150 -9.27 36.32 -31.85
CA ARG B 150 -9.63 35.35 -30.83
C ARG B 150 -8.94 34.01 -31.12
N GLY B 151 -8.25 33.46 -30.11
CA GLY B 151 -7.67 32.12 -30.18
C GLY B 151 -6.22 32.13 -30.65
N PHE B 152 -5.74 33.24 -31.22
CA PHE B 152 -4.45 33.27 -31.89
C PHE B 152 -3.33 33.10 -30.85
N ARG B 153 -3.49 33.73 -29.67
CA ARG B 153 -2.46 33.73 -28.64
C ARG B 153 -2.16 32.30 -28.19
N GLU B 154 -3.23 31.51 -27.98
CA GLU B 154 -3.09 30.11 -27.59
C GLU B 154 -2.45 29.33 -28.74
N TYR B 155 -2.87 29.64 -29.96
CA TYR B 155 -2.37 28.96 -31.14
C TYR B 155 -0.89 29.25 -31.33
N HIS B 156 -0.48 30.50 -31.09
CA HIS B 156 0.92 30.89 -31.25
C HIS B 156 1.80 30.20 -30.21
N GLU B 157 1.26 29.94 -29.01
CA GLU B 157 1.99 29.21 -27.99
C GLU B 157 2.21 27.77 -28.43
N ARG B 158 1.22 27.20 -29.09
CA ARG B 158 1.32 25.82 -29.58
C ARG B 158 2.30 25.77 -30.73
N LEU B 159 2.32 26.82 -31.56
CA LEU B 159 3.12 26.83 -32.77
C LEU B 159 4.61 27.05 -32.44
N GLN B 160 4.90 27.93 -31.49
CA GLN B 160 6.26 28.45 -31.33
C GLN B 160 7.24 27.39 -30.83
N THR B 161 6.75 26.36 -30.13
CA THR B 161 7.59 25.25 -29.72
C THR B 161 8.48 24.78 -30.87
N PHE B 162 7.93 24.76 -32.09
CA PHE B 162 8.64 24.27 -33.26
C PHE B 162 9.94 25.06 -33.48
N LEU B 163 9.99 26.32 -33.05
CA LEU B 163 11.21 27.12 -33.16
C LEU B 163 12.36 26.40 -32.47
N MET B 164 12.06 25.78 -31.32
CA MET B 164 13.05 25.10 -30.51
C MET B 164 13.64 23.91 -31.28
N TRP B 165 12.81 23.19 -32.04
CA TRP B 165 13.24 21.98 -32.70
C TRP B 165 13.99 22.27 -34.00
N PHE B 166 13.74 23.43 -34.64
CA PHE B 166 14.19 23.62 -36.01
C PHE B 166 14.99 24.89 -36.23
N ILE B 167 15.10 25.76 -35.23
CA ILE B 167 15.95 26.93 -35.35
C ILE B 167 16.95 26.94 -34.19
N GLU B 168 18.23 27.01 -34.54
CA GLU B 168 19.29 26.66 -33.63
C GLU B 168 19.29 27.64 -32.46
N THR B 169 19.21 28.94 -32.74
CA THR B 169 19.36 29.96 -31.71
C THR B 169 18.00 30.52 -31.31
N ALA B 170 16.96 29.68 -31.42
CA ALA B 170 15.58 30.12 -31.29
C ALA B 170 15.28 30.56 -29.87
N SER B 171 14.49 31.62 -29.69
CA SER B 171 13.92 31.95 -28.39
C SER B 171 12.58 32.64 -28.55
N PHE B 172 11.70 32.43 -27.58
CA PHE B 172 10.33 32.89 -27.64
C PHE B 172 10.29 34.41 -27.52
N ILE B 173 9.28 35.00 -28.18
CA ILE B 173 9.12 36.44 -28.24
C ILE B 173 8.13 36.86 -27.17
N ASP B 174 8.13 38.16 -26.86
CA ASP B 174 7.18 38.76 -25.95
C ASP B 174 5.94 39.19 -26.74
N VAL B 175 4.84 38.43 -26.61
CA VAL B 175 3.68 38.62 -27.46
C VAL B 175 2.92 39.89 -27.07
N ASP B 176 3.22 40.45 -25.89
CA ASP B 176 2.55 41.65 -25.41
C ASP B 176 3.10 42.89 -26.12
N ASP B 177 4.22 42.77 -26.83
CA ASP B 177 4.78 43.87 -27.59
C ASP B 177 4.04 43.97 -28.91
N GLU B 178 3.37 45.10 -29.09
CA GLU B 178 2.48 45.34 -30.22
C GLU B 178 3.26 45.53 -31.52
N ARG B 179 4.58 45.70 -31.44
CA ARG B 179 5.37 45.92 -32.64
C ARG B 179 5.56 44.60 -33.40
N TRP B 180 5.15 43.47 -32.80
CA TRP B 180 5.23 42.20 -33.50
C TRP B 180 4.09 42.10 -34.51
N HIS B 181 4.44 41.73 -35.76
CA HIS B 181 3.48 41.33 -36.75
C HIS B 181 3.66 39.84 -37.01
N TYR B 182 2.54 39.16 -37.27
CA TYR B 182 2.54 37.72 -37.53
C TYR B 182 2.00 37.47 -38.93
N PHE B 183 2.71 36.62 -39.69
CA PHE B 183 2.28 36.21 -41.01
C PHE B 183 2.23 34.69 -41.00
N LEU B 184 1.05 34.12 -41.27
CA LEU B 184 0.84 32.69 -41.21
C LEU B 184 0.62 32.12 -42.61
N VAL B 185 1.13 30.90 -42.84
CA VAL B 185 0.89 30.16 -44.05
C VAL B 185 0.00 28.97 -43.72
N PHE B 186 -1.04 28.74 -44.54
CA PHE B 186 -1.93 27.60 -44.39
C PHE B 186 -2.09 26.90 -45.73
N GLU B 187 -2.30 25.57 -45.69
CA GLU B 187 -2.68 24.82 -46.87
C GLU B 187 -4.14 24.41 -46.73
N LYS B 188 -4.89 24.52 -47.85
CA LYS B 188 -6.26 24.05 -47.90
C LYS B 188 -6.25 22.59 -48.33
N TYR B 189 -7.06 21.76 -47.66
CA TYR B 189 -7.15 20.36 -48.03
C TYR B 189 -8.59 19.87 -47.82
N ASN B 190 -8.96 18.80 -48.53
CA ASN B 190 -10.31 18.23 -48.48
C ASN B 190 -10.37 17.19 -47.38
N LYS B 191 -11.51 17.12 -46.68
CA LYS B 191 -11.72 16.10 -45.66
C LYS B 191 -13.22 15.99 -45.37
N ASP B 192 -13.78 14.83 -45.72
CA ASP B 192 -15.17 14.52 -45.46
C ASP B 192 -16.05 15.62 -46.03
N GLY B 193 -15.77 16.02 -47.28
CA GLY B 193 -16.65 16.93 -48.02
C GLY B 193 -16.28 18.40 -47.83
N ALA B 194 -15.51 18.73 -46.78
CA ALA B 194 -15.27 20.11 -46.40
C ALA B 194 -13.85 20.50 -46.80
N THR B 195 -13.60 21.82 -46.84
CA THR B 195 -12.27 22.36 -47.04
C THR B 195 -11.71 22.74 -45.68
N LEU B 196 -10.58 22.16 -45.29
CA LEU B 196 -9.95 22.45 -44.01
C LEU B 196 -8.62 23.15 -44.24
N PHE B 197 -8.04 23.67 -43.16
CA PHE B 197 -6.78 24.39 -43.22
C PHE B 197 -5.74 23.68 -42.38
N ALA B 198 -4.53 23.58 -42.93
CA ALA B 198 -3.39 22.96 -42.25
C ALA B 198 -2.29 23.98 -42.06
N THR B 199 -1.66 23.98 -40.88
CA THR B 199 -0.59 24.92 -40.60
C THR B 199 0.65 24.45 -41.35
N VAL B 200 1.26 25.40 -42.08
CA VAL B 200 2.45 25.18 -42.88
C VAL B 200 3.67 25.88 -42.28
N GLY B 201 3.48 27.12 -41.82
CA GLY B 201 4.61 27.91 -41.37
C GLY B 201 4.17 29.30 -40.94
N TYR B 202 5.14 30.11 -40.51
CA TYR B 202 4.86 31.48 -40.13
C TYR B 202 6.15 32.28 -40.06
N MET B 203 5.98 33.60 -39.94
CA MET B 203 7.07 34.54 -39.91
C MET B 203 6.68 35.64 -38.91
N THR B 204 7.60 35.98 -38.00
CA THR B 204 7.39 37.13 -37.13
C THR B 204 8.23 38.30 -37.66
N VAL B 205 7.62 39.49 -37.65
CA VAL B 205 8.26 40.68 -38.19
C VAL B 205 8.15 41.79 -37.15
N TYR B 206 9.30 42.38 -36.78
CA TYR B 206 9.33 43.39 -35.74
C TYR B 206 9.38 44.77 -36.38
N ASN B 207 8.49 45.65 -35.91
CA ASN B 207 8.26 46.95 -36.53
C ASN B 207 9.10 48.00 -35.81
N TYR B 208 10.40 47.99 -36.08
CA TYR B 208 11.34 48.86 -35.37
C TYR B 208 11.02 50.32 -35.67
N TYR B 209 11.05 51.14 -34.62
CA TYR B 209 10.95 52.58 -34.74
C TYR B 209 12.25 53.13 -35.32
N VAL B 210 12.11 54.09 -36.25
CA VAL B 210 13.26 54.80 -36.81
C VAL B 210 12.99 56.31 -36.71
N TYR B 211 13.99 57.01 -36.18
CA TYR B 211 13.84 58.41 -35.87
C TYR B 211 13.63 59.23 -37.15
N PRO B 212 12.66 60.17 -37.19
CA PRO B 212 11.60 60.29 -36.18
C PRO B 212 10.20 59.79 -36.50
N ASP B 213 9.87 59.52 -37.77
CA ASP B 213 8.50 59.31 -38.18
C ASP B 213 8.32 58.02 -38.98
N LYS B 214 9.29 57.11 -38.94
CA LYS B 214 9.37 56.00 -39.87
C LYS B 214 9.46 54.71 -39.08
N THR B 215 9.21 53.58 -39.75
CA THR B 215 9.48 52.28 -39.17
C THR B 215 10.31 51.47 -40.16
N ARG B 216 10.99 50.45 -39.64
CA ARG B 216 11.81 49.57 -40.43
C ARG B 216 11.48 48.14 -40.00
N PRO B 217 10.49 47.48 -40.64
CA PRO B 217 10.16 46.09 -40.33
C PRO B 217 11.38 45.20 -40.56
N ARG B 218 11.62 44.29 -39.60
CA ARG B 218 12.75 43.37 -39.66
C ARG B 218 12.21 41.97 -39.41
N VAL B 219 12.53 41.04 -40.33
CA VAL B 219 12.15 39.65 -40.18
C VAL B 219 12.97 39.06 -39.05
N SER B 220 12.28 38.45 -38.07
CA SER B 220 12.88 37.94 -36.86
C SER B 220 13.06 36.43 -36.97
N GLN B 221 11.94 35.73 -37.12
CA GLN B 221 11.90 34.29 -37.31
C GLN B 221 11.12 34.02 -38.60
N MET B 222 11.50 32.94 -39.30
CA MET B 222 10.61 32.35 -40.29
C MET B 222 10.75 30.84 -40.20
N LEU B 223 9.61 30.17 -40.02
CA LEU B 223 9.59 28.72 -39.90
C LEU B 223 8.65 28.13 -40.94
N ILE B 224 9.22 27.27 -41.80
CA ILE B 224 8.46 26.41 -42.67
C ILE B 224 8.58 25.00 -42.11
N LEU B 225 7.44 24.37 -41.77
CA LEU B 225 7.49 23.06 -41.14
C LEU B 225 8.02 22.03 -42.14
N THR B 226 8.73 21.02 -41.63
CA THR B 226 9.55 20.13 -42.44
C THR B 226 8.76 19.58 -43.63
N PRO B 227 7.54 19.03 -43.47
CA PRO B 227 6.83 18.43 -44.60
C PRO B 227 6.59 19.36 -45.79
N PHE B 228 6.70 20.68 -45.60
CA PHE B 228 6.37 21.66 -46.63
C PHE B 228 7.63 22.34 -47.17
N GLN B 229 8.80 21.83 -46.84
CA GLN B 229 10.04 22.46 -47.29
C GLN B 229 10.31 22.04 -48.73
N GLY B 230 10.87 22.99 -49.50
CA GLY B 230 11.27 22.77 -50.88
C GLY B 230 10.10 22.94 -51.83
N GLN B 231 9.19 23.85 -51.50
CA GLN B 231 7.99 24.12 -52.28
C GLN B 231 7.88 25.59 -52.65
N GLY B 232 8.72 26.45 -52.04
CA GLY B 232 8.81 27.87 -52.35
C GLY B 232 7.98 28.73 -51.40
N HIS B 233 7.65 28.23 -50.22
CA HIS B 233 6.83 28.96 -49.27
C HIS B 233 7.55 30.21 -48.75
N GLY B 234 8.85 30.11 -48.48
CA GLY B 234 9.57 31.27 -47.99
C GLY B 234 9.58 32.41 -49.00
N ALA B 235 9.73 32.07 -50.28
CA ALA B 235 9.72 33.06 -51.34
C ALA B 235 8.37 33.78 -51.42
N GLN B 236 7.28 33.04 -51.25
CA GLN B 236 5.95 33.63 -51.28
C GLN B 236 5.74 34.50 -50.05
N LEU B 237 6.20 34.00 -48.90
CA LEU B 237 5.99 34.68 -47.64
C LEU B 237 6.69 36.04 -47.66
N LEU B 238 7.94 36.06 -48.13
CA LEU B 238 8.73 37.28 -48.16
C LEU B 238 8.17 38.24 -49.20
N GLU B 239 7.83 37.73 -50.38
CA GLU B 239 7.22 38.56 -51.42
C GLU B 239 5.94 39.21 -50.88
N THR B 240 5.10 38.43 -50.20
CA THR B 240 3.83 38.92 -49.68
C THR B 240 4.06 40.03 -48.66
N VAL B 241 5.07 39.86 -47.81
CA VAL B 241 5.38 40.82 -46.75
C VAL B 241 5.87 42.13 -47.36
N HIS B 242 6.77 42.05 -48.35
CA HIS B 242 7.22 43.22 -49.09
C HIS B 242 6.03 43.97 -49.70
N ARG B 243 5.14 43.24 -50.38
CA ARG B 243 4.01 43.85 -51.06
C ARG B 243 3.05 44.48 -50.05
N TYR B 244 2.96 43.87 -48.86
CA TYR B 244 2.07 44.37 -47.82
C TYR B 244 2.57 45.73 -47.31
N TYR B 245 3.85 45.80 -46.93
CA TYR B 245 4.40 46.98 -46.27
C TYR B 245 4.64 48.10 -47.29
N THR B 246 4.58 47.80 -48.59
CA THR B 246 4.70 48.82 -49.63
C THR B 246 3.59 49.86 -49.51
N GLU B 247 2.43 49.43 -49.01
CA GLU B 247 1.25 50.29 -48.95
C GLU B 247 1.39 51.35 -47.85
N PHE B 248 2.43 51.25 -47.00
CA PHE B 248 2.64 52.20 -45.93
C PHE B 248 3.79 53.14 -46.27
N PRO B 249 3.52 54.46 -46.50
CA PRO B 249 4.58 55.42 -46.86
C PRO B 249 5.63 55.58 -45.75
N THR B 250 5.22 55.27 -44.53
CA THR B 250 6.03 55.55 -43.34
C THR B 250 7.03 54.42 -43.08
N VAL B 251 7.01 53.37 -43.92
CA VAL B 251 7.97 52.28 -43.84
C VAL B 251 9.16 52.58 -44.74
N LEU B 252 10.38 52.48 -44.19
CA LEU B 252 11.59 52.73 -44.96
C LEU B 252 11.91 51.53 -45.84
N ASP B 253 12.19 50.39 -45.20
CA ASP B 253 12.66 49.21 -45.91
C ASP B 253 12.40 47.95 -45.09
N ILE B 254 12.66 46.80 -45.72
CA ILE B 254 12.51 45.52 -45.06
C ILE B 254 13.84 44.77 -45.11
N THR B 255 14.23 44.27 -43.93
CA THR B 255 15.51 43.63 -43.68
C THR B 255 15.28 42.42 -42.78
N ALA B 256 16.36 41.67 -42.51
CA ALA B 256 16.34 40.57 -41.59
C ALA B 256 17.23 40.90 -40.40
N GLU B 257 16.80 40.51 -39.19
CA GLU B 257 17.65 40.61 -38.02
C GLU B 257 18.91 39.78 -38.21
N ASP B 258 18.77 38.59 -38.80
CA ASP B 258 19.80 37.57 -38.80
C ASP B 258 20.08 37.11 -40.23
N PRO B 259 20.88 37.87 -40.99
CA PRO B 259 21.11 37.56 -42.41
C PRO B 259 22.03 36.37 -42.65
N SER B 260 21.44 35.17 -42.48
CA SER B 260 22.12 33.91 -42.76
C SER B 260 22.41 33.76 -44.25
N LYS B 261 23.21 32.73 -44.58
CA LYS B 261 23.43 32.35 -45.96
C LYS B 261 22.10 32.07 -46.64
N SER B 262 21.21 31.36 -45.94
CA SER B 262 19.98 30.92 -46.55
C SER B 262 19.01 32.10 -46.73
N TYR B 263 18.99 33.04 -45.78
CA TYR B 263 18.25 34.28 -45.93
C TYR B 263 18.71 35.04 -47.16
N VAL B 264 20.02 35.20 -47.31
CA VAL B 264 20.57 35.98 -48.40
C VAL B 264 20.18 35.36 -49.73
N LYS B 265 20.22 34.03 -49.81
CA LYS B 265 19.81 33.31 -51.00
C LYS B 265 18.33 33.57 -51.29
N LEU B 266 17.51 33.46 -50.25
CA LEU B 266 16.08 33.68 -50.38
C LEU B 266 15.82 35.12 -50.78
N ARG B 267 16.49 36.07 -50.12
CA ARG B 267 16.32 37.49 -50.39
C ARG B 267 16.69 37.79 -51.84
N ASP B 268 17.85 37.30 -52.30
CA ASP B 268 18.33 37.60 -53.63
C ASP B 268 17.33 37.07 -54.66
N PHE B 269 16.68 35.95 -54.34
CA PHE B 269 15.71 35.35 -55.24
C PHE B 269 14.52 36.29 -55.40
N VAL B 270 13.98 36.75 -54.26
CA VAL B 270 12.75 37.49 -54.22
C VAL B 270 12.95 38.89 -54.81
N LEU B 271 14.05 39.54 -54.45
CA LEU B 271 14.29 40.91 -54.88
C LEU B 271 14.54 40.95 -56.39
N VAL B 272 15.15 39.90 -56.93
CA VAL B 272 15.34 39.79 -58.37
C VAL B 272 13.99 39.60 -59.05
N LYS B 273 13.12 38.77 -58.45
CA LYS B 273 11.79 38.53 -58.98
C LYS B 273 11.02 39.86 -59.03
N LEU B 274 11.15 40.67 -57.97
CA LEU B 274 10.38 41.90 -57.85
C LEU B 274 10.94 43.02 -58.73
N CYS B 275 12.23 42.96 -59.07
CA CYS B 275 12.90 44.12 -59.63
C CYS B 275 13.18 43.97 -61.12
N GLN B 276 13.15 42.76 -61.67
CA GLN B 276 13.64 42.55 -63.02
C GLN B 276 12.75 43.27 -64.04
N ASP B 277 11.46 43.41 -63.74
CA ASP B 277 10.50 43.99 -64.67
C ASP B 277 10.32 45.49 -64.40
N LEU B 278 11.15 46.08 -63.54
CA LEU B 278 11.06 47.51 -63.27
C LEU B 278 11.81 48.29 -64.35
N PRO B 279 11.31 49.48 -64.74
CA PRO B 279 11.97 50.30 -65.76
C PRO B 279 13.44 50.60 -65.46
N CYS B 280 13.73 50.93 -64.20
CA CYS B 280 15.05 51.39 -63.80
C CYS B 280 16.09 50.26 -63.89
N PHE B 281 15.64 49.01 -64.01
CA PHE B 281 16.52 47.85 -64.11
C PHE B 281 16.41 47.18 -65.48
N SER B 282 16.15 47.97 -66.54
CA SER B 282 16.05 47.43 -67.89
C SER B 282 17.45 47.18 -68.45
N ARG B 283 17.55 46.34 -69.49
CA ARG B 283 18.82 46.03 -70.14
C ARG B 283 19.60 47.34 -70.38
N GLU B 284 18.94 48.35 -70.93
CA GLU B 284 19.61 49.58 -71.35
C GLU B 284 20.08 50.39 -70.12
N LYS B 285 19.27 50.40 -69.05
CA LYS B 285 19.58 51.19 -67.87
C LYS B 285 20.65 50.51 -67.01
N LEU B 286 20.72 49.17 -67.08
CA LEU B 286 21.71 48.39 -66.34
C LEU B 286 23.11 48.63 -66.89
N MET B 287 23.22 48.77 -68.22
CA MET B 287 24.50 48.85 -68.90
C MET B 287 25.16 50.22 -68.68
N GLN B 288 24.36 51.23 -68.26
CA GLN B 288 24.90 52.56 -68.03
C GLN B 288 25.56 52.63 -66.65
N GLY B 289 25.40 51.57 -65.83
CA GLY B 289 26.00 51.51 -64.51
C GLY B 289 24.92 51.59 -63.42
N PHE B 290 25.33 51.42 -62.16
CA PHE B 290 24.43 51.57 -61.03
C PHE B 290 24.09 53.04 -60.85
N ASN B 291 22.80 53.34 -60.63
CA ASN B 291 22.31 54.70 -60.49
C ASN B 291 21.48 54.77 -59.21
N GLU B 292 21.51 55.94 -58.55
CA GLU B 292 20.76 56.15 -57.32
C GLU B 292 19.26 55.92 -57.60
N ASP B 293 18.83 56.28 -58.82
CA ASP B 293 17.45 56.12 -59.27
C ASP B 293 16.94 54.70 -58.98
N MET B 294 17.82 53.70 -59.08
CA MET B 294 17.44 52.30 -58.91
C MET B 294 17.04 52.03 -57.45
N ALA B 295 17.80 52.59 -56.51
CA ALA B 295 17.52 52.42 -55.09
C ALA B 295 16.22 53.15 -54.72
N ILE B 296 16.00 54.33 -55.35
CA ILE B 296 14.81 55.11 -55.11
C ILE B 296 13.59 54.29 -55.52
N GLU B 297 13.58 53.82 -56.77
CA GLU B 297 12.43 53.11 -57.33
C GLU B 297 12.18 51.81 -56.55
N ALA B 298 13.25 51.11 -56.16
CA ALA B 298 13.14 49.86 -55.44
C ALA B 298 12.53 50.09 -54.05
N GLN B 299 12.89 51.22 -53.42
CA GLN B 299 12.36 51.60 -52.11
C GLN B 299 10.88 51.97 -52.25
N GLN B 300 10.55 52.78 -53.25
CA GLN B 300 9.17 53.23 -53.44
C GLN B 300 8.24 52.07 -53.76
N LYS B 301 8.66 51.20 -54.70
CA LYS B 301 7.79 50.16 -55.22
C LYS B 301 7.69 48.98 -54.27
N PHE B 302 8.78 48.60 -53.58
CA PHE B 302 8.76 47.39 -52.77
C PHE B 302 9.53 47.49 -51.45
N LYS B 303 9.87 48.71 -51.00
CA LYS B 303 10.52 48.92 -49.70
C LYS B 303 11.82 48.12 -49.62
N ILE B 304 12.61 48.18 -50.70
CA ILE B 304 13.88 47.46 -50.76
C ILE B 304 14.98 48.40 -50.30
N ASN B 305 15.72 47.90 -49.30
CA ASN B 305 16.86 48.56 -48.68
C ASN B 305 17.85 49.05 -49.76
N LYS B 306 18.45 50.21 -49.50
CA LYS B 306 19.36 50.83 -50.46
C LYS B 306 20.49 49.87 -50.82
N GLN B 307 21.06 49.19 -49.81
CA GLN B 307 22.20 48.31 -50.01
C GLN B 307 21.77 47.04 -50.74
N HIS B 308 20.55 46.57 -50.45
CA HIS B 308 19.99 45.40 -51.13
C HIS B 308 19.81 45.67 -52.62
N ALA B 309 19.47 46.91 -52.99
CA ALA B 309 19.25 47.26 -54.39
C ALA B 309 20.57 47.20 -55.17
N ARG B 310 21.69 47.47 -54.49
CA ARG B 310 23.01 47.31 -55.08
C ARG B 310 23.27 45.83 -55.37
N ARG B 311 22.81 44.92 -54.49
CA ARG B 311 22.98 43.49 -54.70
C ARG B 311 22.16 43.04 -55.92
N VAL B 312 20.89 43.47 -55.99
CA VAL B 312 20.03 43.15 -57.12
C VAL B 312 20.68 43.60 -58.42
N TYR B 313 21.26 44.81 -58.41
CA TYR B 313 21.83 45.37 -59.61
C TYR B 313 22.90 44.44 -60.18
N GLU B 314 23.81 43.95 -59.32
CA GLU B 314 24.89 43.10 -59.78
C GLU B 314 24.36 41.83 -60.46
N ILE B 315 23.35 41.21 -59.83
CA ILE B 315 22.79 39.95 -60.30
C ILE B 315 22.15 40.17 -61.66
N LEU B 316 21.32 41.22 -61.78
CA LEU B 316 20.61 41.53 -63.01
C LEU B 316 21.59 41.90 -64.11
N ARG B 317 22.68 42.60 -63.76
CA ARG B 317 23.63 43.06 -64.77
C ARG B 317 24.47 41.88 -65.26
N LEU B 318 24.62 40.85 -64.43
CA LEU B 318 25.32 39.64 -64.84
C LEU B 318 24.43 38.88 -65.84
N LEU B 319 23.11 38.82 -65.54
CA LEU B 319 22.15 38.11 -66.37
C LEU B 319 22.18 38.65 -67.81
N VAL B 320 22.39 39.96 -67.94
CA VAL B 320 22.48 40.60 -69.25
C VAL B 320 23.89 40.38 -69.83
N THR B 321 24.94 40.68 -69.05
CA THR B 321 26.32 40.35 -69.40
C THR B 321 26.44 38.84 -69.60
N ALA C 4 -20.18 -28.35 31.61
CA ALA C 4 -19.09 -27.37 31.33
C ALA C 4 -18.57 -26.77 32.64
N GLU C 5 -19.32 -26.89 33.73
CA GLU C 5 -18.86 -26.44 35.03
C GLU C 5 -17.74 -27.36 35.56
N TYR C 6 -17.45 -28.45 34.84
CA TYR C 6 -16.38 -29.37 35.21
C TYR C 6 -15.24 -29.27 34.20
N LYS C 7 -14.88 -28.05 33.80
CA LYS C 7 -13.72 -27.80 32.95
C LYS C 7 -12.67 -27.05 33.78
N CYS C 8 -11.45 -27.61 33.84
CA CYS C 8 -10.35 -26.99 34.56
C CYS C 8 -9.14 -26.87 33.64
N ASN C 9 -8.57 -25.65 33.57
CA ASN C 9 -7.37 -25.39 32.80
C ASN C 9 -6.23 -26.18 33.43
N THR C 10 -5.49 -26.95 32.61
CA THR C 10 -4.54 -27.91 33.15
C THR C 10 -3.18 -27.26 33.40
N ASN C 11 -2.85 -26.21 32.64
CA ASN C 11 -1.61 -25.49 32.87
C ASN C 11 -1.53 -25.02 34.33
N THR C 12 -2.64 -24.50 34.86
CA THR C 12 -2.63 -23.94 36.21
C THR C 12 -2.94 -25.01 37.25
N ALA C 13 -3.42 -26.18 36.80
CA ALA C 13 -3.79 -27.26 37.70
C ALA C 13 -2.58 -28.15 38.03
N ILE C 14 -1.55 -28.10 37.21
CA ILE C 14 -0.37 -28.95 37.39
C ILE C 14 0.68 -28.16 38.15
N GLU C 15 0.83 -28.48 39.44
CA GLU C 15 1.81 -27.83 40.31
C GLU C 15 3.11 -28.64 40.30
N LEU C 16 4.17 -28.02 39.78
CA LEU C 16 5.50 -28.59 39.76
C LEU C 16 6.29 -28.01 40.94
N LYS C 17 7.15 -28.83 41.56
CA LYS C 17 8.07 -28.35 42.58
C LYS C 17 9.41 -29.06 42.49
N LEU C 18 10.48 -28.31 42.77
CA LEU C 18 11.82 -28.84 43.02
C LEU C 18 12.12 -28.67 44.50
N VAL C 19 12.23 -29.79 45.24
CA VAL C 19 12.23 -29.74 46.70
C VAL C 19 13.63 -30.05 47.22
N ARG C 20 14.20 -29.08 47.94
CA ARG C 20 15.48 -29.26 48.62
C ARG C 20 15.28 -29.46 50.11
N PHE C 21 14.34 -28.70 50.71
CA PHE C 21 14.05 -28.78 52.12
C PHE C 21 12.57 -29.07 52.34
N PRO C 22 12.20 -29.72 53.48
CA PRO C 22 10.80 -30.03 53.75
C PRO C 22 9.84 -28.85 53.63
N GLU C 23 10.32 -27.64 53.96
CA GLU C 23 9.51 -26.42 53.96
C GLU C 23 9.07 -26.07 52.53
N ASP C 24 9.80 -26.57 51.52
CA ASP C 24 9.52 -26.26 50.14
C ASP C 24 8.13 -26.77 49.74
N LEU C 25 7.65 -27.83 50.41
CA LEU C 25 6.32 -28.37 50.16
C LEU C 25 5.25 -27.34 50.48
N GLU C 26 5.46 -26.52 51.51
CA GLU C 26 4.46 -25.58 51.99
C GLU C 26 4.62 -24.19 51.36
N ASN C 27 5.67 -23.99 50.55
CA ASN C 27 6.02 -22.66 50.08
C ASN C 27 5.61 -22.50 48.61
N ASP C 28 4.55 -21.72 48.38
CA ASP C 28 3.97 -21.52 47.05
C ASP C 28 4.95 -20.84 46.10
N ILE C 29 5.95 -20.12 46.63
CA ILE C 29 6.95 -19.49 45.76
C ILE C 29 7.75 -20.57 45.01
N ARG C 30 7.89 -21.77 45.59
CA ARG C 30 8.67 -22.83 44.96
C ARG C 30 7.90 -23.54 43.86
N THR C 31 6.57 -23.32 43.78
CA THR C 31 5.75 -23.96 42.78
C THR C 31 5.87 -23.22 41.45
N PHE C 32 6.02 -23.97 40.35
CA PHE C 32 5.92 -23.41 39.02
C PHE C 32 4.99 -24.30 38.19
N PHE C 33 4.66 -23.82 36.98
CA PHE C 33 3.53 -24.35 36.22
C PHE C 33 3.96 -24.59 34.78
N PRO C 34 3.39 -25.62 34.12
CA PRO C 34 3.62 -25.84 32.70
C PRO C 34 3.29 -24.61 31.84
N GLU C 35 4.11 -24.38 30.82
CA GLU C 35 3.77 -23.45 29.76
C GLU C 35 2.90 -24.15 28.71
N TYR C 36 2.97 -25.49 28.64
CA TYR C 36 2.21 -26.24 27.65
C TYR C 36 1.70 -27.54 28.26
N THR C 37 0.45 -27.89 27.95
CA THR C 37 -0.10 -29.19 28.32
C THR C 37 -0.96 -29.73 27.18
N HIS C 38 -0.72 -29.23 25.97
CA HIS C 38 -1.61 -29.48 24.84
C HIS C 38 -1.49 -30.91 24.32
N GLN C 39 -0.31 -31.50 24.49
CA GLN C 39 -0.05 -32.85 24.04
C GLN C 39 -0.83 -33.86 24.87
N LEU C 40 -1.31 -33.47 26.05
CA LEU C 40 -2.17 -34.36 26.85
C LEU C 40 -3.63 -33.92 26.79
N PHE C 41 -3.91 -32.62 26.64
CA PHE C 41 -5.24 -32.10 26.91
C PHE C 41 -5.81 -31.26 25.77
N GLY C 42 -5.12 -31.22 24.62
CA GLY C 42 -5.60 -30.51 23.45
C GLY C 42 -5.21 -29.03 23.45
N ASP C 43 -5.42 -28.36 22.32
CA ASP C 43 -5.09 -26.95 22.17
C ASP C 43 -5.75 -26.11 23.25
N ASP C 44 -6.95 -26.50 23.65
CA ASP C 44 -7.74 -25.87 24.70
C ASP C 44 -7.05 -25.95 26.06
N GLU C 45 -6.21 -26.96 26.29
CA GLU C 45 -5.50 -27.12 27.54
C GLU C 45 -6.48 -27.11 28.70
N THR C 46 -7.53 -27.93 28.58
CA THR C 46 -8.54 -28.12 29.61
C THR C 46 -8.76 -29.59 29.83
N ALA C 47 -9.24 -29.94 31.03
CA ALA C 47 -9.59 -31.30 31.37
C ALA C 47 -11.02 -31.31 31.89
N PHE C 48 -11.84 -32.21 31.32
CA PHE C 48 -13.24 -32.32 31.67
C PHE C 48 -13.41 -33.39 32.75
N GLY C 49 -14.29 -33.13 33.72
CA GLY C 49 -14.74 -34.16 34.63
C GLY C 49 -14.53 -33.81 36.11
N TYR C 50 -13.74 -32.78 36.40
CA TYR C 50 -13.33 -32.49 37.77
C TYR C 50 -13.70 -31.06 38.16
N LYS C 51 -14.05 -30.89 39.44
CA LYS C 51 -14.12 -29.60 40.09
C LYS C 51 -12.94 -29.48 41.06
N GLY C 52 -12.16 -28.41 40.93
CA GLY C 52 -11.03 -28.18 41.82
C GLY C 52 -9.87 -29.15 41.57
N LEU C 53 -9.50 -29.32 40.29
CA LEU C 53 -8.50 -30.29 39.91
C LEU C 53 -7.13 -29.78 40.34
N LYS C 54 -6.35 -30.65 40.99
CA LYS C 54 -5.00 -30.32 41.43
C LYS C 54 -4.11 -31.52 41.13
N ILE C 55 -3.11 -31.32 40.26
CA ILE C 55 -2.19 -32.37 39.86
C ILE C 55 -0.81 -32.03 40.44
N LEU C 56 -0.32 -32.89 41.34
CA LEU C 56 0.95 -32.65 42.02
C LEU C 56 2.05 -33.50 41.40
N LEU C 57 3.07 -32.83 40.85
CA LEU C 57 4.30 -33.46 40.42
C LEU C 57 5.48 -32.83 41.18
N TYR C 58 5.76 -33.37 42.37
CA TYR C 58 6.88 -32.88 43.16
C TYR C 58 8.11 -33.73 42.86
N TYR C 59 9.25 -33.05 42.67
CA TYR C 59 10.51 -33.71 42.39
C TYR C 59 11.52 -33.29 43.45
N ILE C 60 12.28 -34.25 43.98
CA ILE C 60 13.41 -33.92 44.85
C ILE C 60 14.50 -33.32 43.96
N ALA C 61 15.11 -32.24 44.46
CA ALA C 61 15.75 -31.24 43.59
C ALA C 61 16.85 -31.83 42.72
N GLY C 62 17.59 -32.82 43.24
CA GLY C 62 18.73 -33.37 42.53
C GLY C 62 18.35 -34.60 41.71
N SER C 63 18.00 -35.67 42.44
CA SER C 63 17.74 -36.99 41.88
C SER C 63 16.48 -37.01 41.03
N LEU C 64 15.55 -36.08 41.30
CA LEU C 64 14.26 -35.99 40.64
C LEU C 64 13.34 -37.14 41.03
N SER C 65 13.60 -37.82 42.15
CA SER C 65 12.64 -38.77 42.68
C SER C 65 11.29 -38.08 42.85
N THR C 66 10.21 -38.77 42.43
CA THR C 66 8.97 -38.09 42.08
C THR C 66 7.83 -38.47 43.02
N MET C 67 7.03 -37.47 43.40
CA MET C 67 5.69 -37.70 43.91
C MET C 67 4.68 -37.28 42.85
N PHE C 68 3.70 -38.15 42.59
CA PHE C 68 2.61 -37.86 41.67
C PHE C 68 1.27 -38.17 42.35
N ARG C 69 0.43 -37.14 42.46
CA ARG C 69 -0.91 -37.25 43.04
C ARG C 69 -1.89 -36.44 42.21
N VAL C 70 -3.09 -37.00 42.01
CA VAL C 70 -4.22 -36.24 41.49
C VAL C 70 -5.19 -36.02 42.65
N GLU C 71 -5.58 -34.75 42.86
CA GLU C 71 -6.59 -34.41 43.86
C GLU C 71 -7.73 -33.65 43.20
N TYR C 72 -8.93 -33.72 43.79
CA TYR C 72 -10.08 -32.96 43.30
C TYR C 72 -11.15 -32.84 44.37
N ALA C 73 -11.97 -31.79 44.25
CA ALA C 73 -13.14 -31.62 45.11
C ALA C 73 -14.20 -32.65 44.76
N SER C 74 -14.51 -32.76 43.46
CA SER C 74 -15.42 -33.79 42.98
C SER C 74 -15.06 -34.17 41.55
N LYS C 75 -15.56 -35.32 41.10
CA LYS C 75 -15.53 -35.71 39.70
C LYS C 75 -16.92 -36.18 39.29
N VAL C 76 -17.12 -36.37 37.98
CA VAL C 76 -18.45 -36.57 37.42
C VAL C 76 -18.95 -38.00 37.67
N CYS C 82 -24.03 -41.06 33.28
CA CYS C 82 -23.21 -41.89 32.34
C CYS C 82 -22.19 -41.01 31.60
N VAL C 83 -21.52 -40.10 32.33
CA VAL C 83 -20.50 -39.22 31.77
C VAL C 83 -19.15 -39.59 32.38
N GLU C 84 -18.07 -39.41 31.61
CA GLU C 84 -16.77 -39.98 31.94
C GLU C 84 -15.71 -38.88 31.97
N ALA C 85 -15.02 -38.75 33.10
CA ALA C 85 -13.97 -37.76 33.24
C ALA C 85 -12.77 -38.15 32.37
N ASP C 86 -12.03 -37.14 31.92
CA ASP C 86 -10.76 -37.38 31.22
C ASP C 86 -9.84 -38.15 32.15
N ASP C 87 -9.05 -39.07 31.58
CA ASP C 87 -8.16 -39.94 32.34
C ASP C 87 -6.86 -39.20 32.63
N VAL C 88 -6.92 -38.22 33.54
CA VAL C 88 -5.79 -37.37 33.86
C VAL C 88 -4.60 -38.23 34.31
N GLU C 89 -4.89 -39.13 35.24
CA GLU C 89 -3.88 -40.02 35.80
C GLU C 89 -3.19 -40.78 34.68
N GLY C 90 -4.00 -41.40 33.80
CA GLY C 90 -3.49 -42.21 32.72
C GLY C 90 -2.57 -41.43 31.79
N LYS C 91 -2.98 -40.20 31.44
CA LYS C 91 -2.23 -39.36 30.53
C LYS C 91 -0.87 -38.97 31.12
N ILE C 92 -0.84 -38.65 32.42
CA ILE C 92 0.40 -38.25 33.08
C ILE C 92 1.32 -39.47 33.18
N ARG C 93 0.73 -40.65 33.43
CA ARG C 93 1.52 -41.85 33.59
C ARG C 93 2.21 -42.26 32.29
N GLN C 94 1.71 -41.79 31.14
CA GLN C 94 2.34 -42.06 29.86
C GLN C 94 3.73 -41.42 29.79
N ILE C 95 3.93 -40.30 30.50
CA ILE C 95 5.10 -39.46 30.25
C ILE C 95 6.05 -39.42 31.45
N ILE C 96 5.71 -40.12 32.54
CA ILE C 96 6.62 -40.24 33.67
C ILE C 96 6.90 -41.72 33.91
N PRO C 97 8.13 -42.07 34.35
CA PRO C 97 8.45 -43.47 34.66
C PRO C 97 7.62 -44.02 35.82
N PRO C 98 7.51 -45.35 35.99
CA PRO C 98 6.91 -45.91 37.19
C PRO C 98 7.86 -45.72 38.39
N GLY C 99 7.31 -45.93 39.59
CA GLY C 99 8.11 -45.93 40.80
C GLY C 99 7.91 -44.68 41.65
N PHE C 100 7.12 -43.72 41.14
CA PHE C 100 6.77 -42.54 41.91
C PHE C 100 6.03 -42.95 43.18
N CYS C 101 6.19 -42.13 44.24
CA CYS C 101 5.38 -42.28 45.43
C CYS C 101 4.17 -41.36 45.32
N THR C 102 3.20 -41.50 46.23
CA THR C 102 1.88 -40.91 46.04
C THR C 102 1.41 -40.12 47.26
N ASN C 103 2.32 -39.83 48.22
CA ASN C 103 1.96 -39.02 49.37
C ASN C 103 3.21 -38.27 49.85
N THR C 104 3.01 -37.22 50.64
CA THR C 104 4.10 -36.32 51.00
C THR C 104 5.03 -36.98 52.01
N ASN C 105 4.51 -37.89 52.84
CA ASN C 105 5.33 -38.58 53.84
C ASN C 105 6.41 -39.41 53.15
N ASP C 106 6.01 -40.24 52.18
CA ASP C 106 6.95 -41.08 51.46
C ASP C 106 7.95 -40.21 50.69
N PHE C 107 7.49 -39.05 50.19
CA PHE C 107 8.33 -38.15 49.43
C PHE C 107 9.41 -37.55 50.34
N LEU C 108 9.03 -37.15 51.55
CA LEU C 108 9.96 -36.60 52.53
C LEU C 108 10.98 -37.66 52.96
N SER C 109 10.58 -38.94 52.94
CA SER C 109 11.52 -40.02 53.25
C SER C 109 12.66 -40.01 52.25
N LEU C 110 12.33 -39.80 50.96
CA LEU C 110 13.33 -39.81 49.92
C LEU C 110 14.30 -38.65 50.11
N LEU C 111 13.81 -37.57 50.73
CA LEU C 111 14.60 -36.36 50.95
C LEU C 111 15.81 -36.66 51.84
N GLU C 112 15.68 -37.60 52.78
CA GLU C 112 16.76 -37.95 53.70
C GLU C 112 17.93 -38.61 52.95
N LYS C 113 17.62 -39.38 51.88
CA LYS C 113 18.62 -40.15 51.15
C LYS C 113 19.29 -39.28 50.07
N GLU C 114 18.80 -38.06 49.88
CA GLU C 114 19.23 -37.19 48.79
C GLU C 114 20.69 -36.76 48.95
N VAL C 115 21.19 -36.79 50.20
CA VAL C 115 22.58 -36.46 50.50
C VAL C 115 23.52 -37.25 49.59
N ASP C 116 23.11 -38.47 49.22
CA ASP C 116 23.98 -39.37 48.47
C ASP C 116 23.88 -39.14 46.97
N PHE C 117 22.91 -38.32 46.51
CA PHE C 117 22.75 -38.10 45.09
C PHE C 117 23.96 -37.35 44.54
N LYS C 118 24.56 -37.87 43.47
CA LYS C 118 25.75 -37.30 42.85
C LYS C 118 25.48 -37.06 41.37
N PRO C 119 26.11 -36.04 40.74
CA PRO C 119 25.92 -35.80 39.31
C PRO C 119 26.51 -36.95 38.51
N PHE C 120 26.00 -37.11 37.28
CA PHE C 120 26.44 -38.15 36.38
C PHE C 120 27.50 -37.56 35.45
N GLY C 121 28.56 -38.34 35.21
CA GLY C 121 29.48 -38.08 34.12
C GLY C 121 30.70 -37.26 34.54
N THR C 122 31.20 -36.47 33.57
CA THR C 122 32.49 -35.81 33.68
C THR C 122 32.23 -34.33 33.89
N LEU C 123 32.88 -33.76 34.90
CA LEU C 123 32.83 -32.32 35.16
C LEU C 123 33.61 -31.60 34.06
N LEU C 124 32.98 -30.58 33.46
CA LEU C 124 33.58 -29.83 32.36
C LEU C 124 33.83 -28.38 32.75
N HIS C 125 33.00 -27.81 33.65
CA HIS C 125 33.05 -26.37 33.93
C HIS C 125 32.33 -26.07 35.24
N THR C 126 32.87 -25.09 35.98
CA THR C 126 32.29 -24.61 37.22
C THR C 126 32.19 -23.09 37.12
N TYR C 127 31.08 -22.51 37.55
CA TYR C 127 30.89 -21.07 37.47
C TYR C 127 30.03 -20.59 38.63
N SER C 128 30.06 -19.28 38.86
CA SER C 128 29.28 -18.65 39.93
C SER C 128 28.30 -17.66 39.32
N VAL C 129 27.11 -17.58 39.90
CA VAL C 129 26.15 -16.55 39.56
C VAL C 129 25.84 -15.78 40.84
N LEU C 130 25.74 -14.46 40.73
CA LEU C 130 25.42 -13.59 41.85
C LEU C 130 23.93 -13.72 42.18
N SER C 131 23.59 -13.65 43.47
CA SER C 131 22.21 -13.72 43.91
C SER C 131 21.50 -12.43 43.52
N PRO C 132 20.15 -12.45 43.41
CA PRO C 132 19.37 -11.21 43.27
C PRO C 132 19.64 -10.15 44.34
N THR C 133 19.75 -10.57 45.61
CA THR C 133 20.04 -9.68 46.72
C THR C 133 21.43 -9.06 46.52
N GLY C 134 22.35 -9.87 45.97
CA GLY C 134 23.70 -9.44 45.71
C GLY C 134 24.67 -9.80 46.84
N GLY C 135 24.19 -10.56 47.84
CA GLY C 135 24.97 -10.87 49.01
C GLY C 135 25.37 -12.34 49.09
N GLU C 136 25.73 -12.95 47.96
CA GLU C 136 25.87 -14.40 47.89
C GLU C 136 26.10 -14.86 46.45
N ASN C 137 27.05 -15.80 46.28
CA ASN C 137 27.31 -16.44 45.00
C ASN C 137 26.80 -17.87 45.04
N PHE C 138 26.01 -18.23 44.04
CA PHE C 138 25.60 -19.62 43.83
C PHE C 138 26.66 -20.29 42.94
N THR C 139 26.86 -21.59 43.12
CA THR C 139 27.86 -22.33 42.37
C THR C 139 27.16 -23.34 41.46
N PHE C 140 27.59 -23.39 40.20
CA PHE C 140 26.98 -24.30 39.24
C PHE C 140 28.07 -25.10 38.54
N GLN C 141 27.66 -26.26 38.01
CA GLN C 141 28.56 -27.15 37.29
C GLN C 141 27.85 -27.76 36.07
N ILE C 142 28.63 -27.92 35.00
CA ILE C 142 28.18 -28.59 33.79
C ILE C 142 28.93 -29.92 33.70
N TYR C 143 28.17 -30.99 33.50
CA TYR C 143 28.71 -32.34 33.34
C TYR C 143 28.32 -32.88 31.97
N LYS C 144 29.18 -33.75 31.40
CA LYS C 144 28.83 -34.53 30.22
C LYS C 144 28.58 -35.97 30.66
N ALA C 145 27.36 -36.46 30.40
CA ALA C 145 26.97 -37.80 30.80
C ALA C 145 26.56 -38.65 29.59
N ASP C 146 26.38 -39.94 29.84
CA ASP C 146 25.90 -40.88 28.83
C ASP C 146 25.28 -42.07 29.55
N MET C 147 24.70 -43.00 28.78
CA MET C 147 23.89 -44.07 29.35
C MET C 147 24.77 -45.14 30.01
N THR C 148 26.09 -45.06 29.86
CA THR C 148 26.98 -45.99 30.55
C THR C 148 27.12 -45.58 32.02
N CYS C 149 26.89 -44.29 32.36
CA CYS C 149 26.91 -43.84 33.73
C CYS C 149 25.74 -44.46 34.50
N ARG C 150 26.06 -45.19 35.58
CA ARG C 150 25.07 -45.86 36.40
C ARG C 150 24.01 -44.86 36.87
N GLY C 151 22.74 -45.20 36.66
CA GLY C 151 21.61 -44.45 37.19
C GLY C 151 21.09 -43.37 36.25
N PHE C 152 21.86 -43.04 35.21
CA PHE C 152 21.56 -41.87 34.38
C PHE C 152 20.29 -42.10 33.58
N ARG C 153 20.10 -43.33 33.08
CA ARG C 153 18.99 -43.66 32.22
C ARG C 153 17.67 -43.44 32.96
N GLU C 154 17.61 -43.89 34.22
CA GLU C 154 16.44 -43.71 35.05
C GLU C 154 16.23 -42.21 35.32
N TYR C 155 17.34 -41.51 35.56
CA TYR C 155 17.29 -40.09 35.87
C TYR C 155 16.80 -39.30 34.66
N HIS C 156 17.25 -39.70 33.46
CA HIS C 156 16.86 -39.01 32.25
C HIS C 156 15.37 -39.20 31.95
N GLU C 157 14.82 -40.36 32.34
CA GLU C 157 13.39 -40.61 32.19
C GLU C 157 12.59 -39.68 33.10
N ARG C 158 13.13 -39.44 34.31
CA ARG C 158 12.47 -38.56 35.26
C ARG C 158 12.56 -37.12 34.78
N LEU C 159 13.69 -36.78 34.15
CA LEU C 159 13.97 -35.41 33.76
C LEU C 159 13.16 -35.01 32.53
N GLN C 160 13.02 -35.92 31.56
CA GLN C 160 12.57 -35.54 30.23
C GLN C 160 11.11 -35.12 30.20
N THR C 161 10.30 -35.59 31.16
CA THR C 161 8.92 -35.16 31.28
C THR C 161 8.81 -33.64 31.14
N PHE C 162 9.78 -32.91 31.72
CA PHE C 162 9.76 -31.45 31.73
C PHE C 162 9.72 -30.90 30.30
N LEU C 163 10.26 -31.64 29.31
CA LEU C 163 10.20 -31.22 27.92
C LEU C 163 8.73 -30.99 27.51
N MET C 164 7.85 -31.86 27.99
CA MET C 164 6.43 -31.80 27.66
C MET C 164 5.81 -30.51 28.18
N TRP C 165 6.22 -30.07 29.39
CA TRP C 165 5.60 -28.92 30.02
C TRP C 165 6.15 -27.59 29.49
N PHE C 166 7.37 -27.59 28.94
CA PHE C 166 8.06 -26.31 28.71
C PHE C 166 8.58 -26.16 27.28
N ILE C 167 8.49 -27.20 26.45
CA ILE C 167 8.87 -27.06 25.06
C ILE C 167 7.70 -27.49 24.18
N GLU C 168 7.30 -26.59 23.27
CA GLU C 168 6.00 -26.69 22.64
C GLU C 168 5.95 -27.95 21.78
N THR C 169 7.00 -28.17 20.98
CA THR C 169 7.03 -29.26 20.01
C THR C 169 7.84 -30.43 20.53
N ALA C 170 7.86 -30.60 21.86
CA ALA C 170 8.78 -31.53 22.50
C ALA C 170 8.39 -32.97 22.19
N SER C 171 9.38 -33.85 21.98
CA SER C 171 9.16 -35.28 21.99
C SER C 171 10.41 -36.01 22.47
N PHE C 172 10.19 -37.17 23.11
CA PHE C 172 11.24 -37.92 23.76
C PHE C 172 12.19 -38.50 22.71
N ILE C 173 13.46 -38.65 23.10
CA ILE C 173 14.49 -39.17 22.21
C ILE C 173 14.66 -40.66 22.47
N ASP C 174 15.31 -41.33 21.51
CA ASP C 174 15.67 -42.74 21.65
C ASP C 174 17.04 -42.85 22.32
N VAL C 175 17.06 -43.22 23.60
CA VAL C 175 18.28 -43.15 24.40
C VAL C 175 19.25 -44.27 24.00
N ASP C 176 18.78 -45.28 23.26
CA ASP C 176 19.62 -46.38 22.80
C ASP C 176 20.53 -45.94 21.66
N ASP C 177 20.27 -44.78 21.05
CA ASP C 177 21.13 -44.24 20.02
C ASP C 177 22.33 -43.57 20.69
N GLU C 178 23.51 -44.12 20.43
CA GLU C 178 24.73 -43.70 21.09
C GLU C 178 25.21 -42.34 20.57
N ARG C 179 24.62 -41.84 19.49
CA ARG C 179 25.02 -40.55 18.95
C ARG C 179 24.51 -39.41 19.82
N TRP C 180 23.66 -39.71 20.80
CA TRP C 180 23.20 -38.69 21.73
C TRP C 180 24.28 -38.38 22.75
N HIS C 181 24.58 -37.08 22.93
CA HIS C 181 25.41 -36.60 24.02
C HIS C 181 24.53 -35.81 24.96
N TYR C 182 24.80 -35.92 26.26
CA TYR C 182 24.03 -35.25 27.30
C TYR C 182 24.94 -34.29 28.06
N PHE C 183 24.46 -33.06 28.26
CA PHE C 183 25.16 -32.06 29.05
C PHE C 183 24.21 -31.61 30.15
N LEU C 184 24.63 -31.79 31.40
CA LEU C 184 23.79 -31.52 32.55
C LEU C 184 24.32 -30.30 33.31
N VAL C 185 23.38 -29.49 33.82
CA VAL C 185 23.72 -28.38 34.71
C VAL C 185 23.22 -28.73 36.11
N PHE C 186 24.07 -28.51 37.12
CA PHE C 186 23.71 -28.73 38.51
C PHE C 186 24.10 -27.51 39.33
N GLU C 187 23.32 -27.24 40.38
CA GLU C 187 23.70 -26.25 41.37
C GLU C 187 24.14 -26.98 42.64
N LYS C 188 25.24 -26.51 43.24
CA LYS C 188 25.70 -27.02 44.52
C LYS C 188 25.04 -26.19 45.61
N TYR C 189 24.53 -26.86 46.65
CA TYR C 189 23.90 -26.14 47.75
C TYR C 189 24.20 -26.87 49.06
N ASN C 190 24.15 -26.11 50.15
CA ASN C 190 24.48 -26.65 51.46
C ASN C 190 23.21 -27.16 52.13
N LYS C 191 23.32 -28.28 52.86
CA LYS C 191 22.25 -28.74 53.73
C LYS C 191 22.82 -29.58 54.85
N ASP C 192 22.70 -29.06 56.07
CA ASP C 192 23.12 -29.76 57.28
C ASP C 192 24.57 -30.21 57.13
N GLY C 193 25.44 -29.30 56.67
CA GLY C 193 26.87 -29.53 56.65
C GLY C 193 27.38 -30.18 55.37
N ALA C 194 26.48 -30.74 54.55
CA ALA C 194 26.87 -31.46 53.35
C ALA C 194 26.62 -30.61 52.12
N THR C 195 27.36 -30.90 51.04
CA THR C 195 27.16 -30.25 49.76
C THR C 195 26.31 -31.17 48.89
N LEU C 196 25.14 -30.68 48.45
CA LEU C 196 24.25 -31.47 47.63
C LEU C 196 24.18 -30.83 46.23
N PHE C 197 23.59 -31.58 45.30
CA PHE C 197 23.44 -31.14 43.92
C PHE C 197 21.96 -31.03 43.59
N ALA C 198 21.60 -29.94 42.90
CA ALA C 198 20.24 -29.70 42.44
C ALA C 198 20.23 -29.64 40.92
N THR C 199 19.23 -30.28 40.29
CA THR C 199 19.12 -30.28 38.85
C THR C 199 18.61 -28.91 38.42
N VAL C 200 19.32 -28.33 37.44
CA VAL C 200 19.03 -27.01 36.90
C VAL C 200 18.53 -27.11 35.46
N GLY C 201 19.16 -27.98 34.66
CA GLY C 201 18.84 -28.04 33.26
C GLY C 201 19.71 -29.04 32.52
N TYR C 202 19.46 -29.19 31.22
CA TYR C 202 20.26 -30.06 30.39
C TYR C 202 20.07 -29.73 28.92
N MET C 203 20.96 -30.33 28.11
CA MET C 203 21.00 -30.11 26.68
C MET C 203 21.33 -31.46 26.05
N THR C 204 20.57 -31.87 25.03
CA THR C 204 20.92 -33.04 24.24
C THR C 204 21.53 -32.59 22.92
N VAL C 205 22.60 -33.28 22.49
CA VAL C 205 23.32 -32.91 21.30
C VAL C 205 23.51 -34.18 20.47
N TYR C 206 23.11 -34.13 19.19
CA TYR C 206 23.15 -35.29 18.32
C TYR C 206 24.40 -35.20 17.44
N ASN C 207 25.16 -36.30 17.40
CA ASN C 207 26.47 -36.35 16.79
C ASN C 207 26.34 -36.90 15.38
N TYR C 208 25.85 -36.07 14.47
CA TYR C 208 25.56 -36.50 13.10
C TYR C 208 26.86 -36.88 12.42
N TYR C 209 26.85 -38.02 11.70
CA TYR C 209 27.96 -38.41 10.84
C TYR C 209 27.92 -37.53 9.59
N VAL C 210 29.10 -37.06 9.14
CA VAL C 210 29.20 -36.30 7.91
C VAL C 210 30.33 -36.89 7.08
N TYR C 211 30.07 -37.18 5.80
CA TYR C 211 31.11 -37.71 4.95
C TYR C 211 32.11 -36.57 4.67
N PRO C 212 33.44 -36.82 4.70
CA PRO C 212 34.03 -38.05 5.23
C PRO C 212 34.70 -37.98 6.60
N ASP C 213 34.35 -38.96 7.44
CA ASP C 213 34.98 -39.22 8.73
C ASP C 213 35.09 -37.96 9.58
N LYS C 214 34.03 -37.16 9.49
CA LYS C 214 33.81 -36.01 10.35
C LYS C 214 32.45 -36.19 11.05
N THR C 215 32.22 -35.42 12.10
CA THR C 215 30.89 -35.35 12.71
C THR C 215 30.49 -33.89 12.82
N ARG C 216 29.17 -33.68 12.94
CA ARG C 216 28.62 -32.34 13.08
C ARG C 216 27.61 -32.40 14.21
N PRO C 217 28.03 -32.12 15.48
CA PRO C 217 27.09 -32.04 16.59
C PRO C 217 26.01 -30.99 16.33
N ARG C 218 24.75 -31.36 16.63
CA ARG C 218 23.63 -30.45 16.50
C ARG C 218 22.84 -30.46 17.81
N VAL C 219 22.62 -29.26 18.36
CA VAL C 219 21.85 -29.10 19.59
C VAL C 219 20.40 -29.39 19.27
N SER C 220 19.80 -30.31 20.03
CA SER C 220 18.46 -30.83 19.77
C SER C 220 17.46 -30.19 20.72
N GLN C 221 17.67 -30.38 22.03
CA GLN C 221 16.88 -29.78 23.10
C GLN C 221 17.84 -29.03 24.02
N MET C 222 17.36 -27.96 24.63
CA MET C 222 17.99 -27.35 25.80
C MET C 222 16.89 -26.88 26.73
N LEU C 223 16.94 -27.35 27.97
CA LEU C 223 15.95 -26.99 28.97
C LEU C 223 16.64 -26.43 30.20
N ILE C 224 16.30 -25.19 30.55
CA ILE C 224 16.63 -24.61 31.83
C ILE C 224 15.34 -24.54 32.63
N LEU C 225 15.32 -25.18 33.80
CA LEU C 225 14.10 -25.25 34.58
C LEU C 225 13.72 -23.87 35.09
N THR C 226 12.41 -23.62 35.22
CA THR C 226 11.86 -22.28 35.39
C THR C 226 12.58 -21.52 36.52
N PRO C 227 12.75 -22.09 37.74
CA PRO C 227 13.38 -21.33 38.83
C PRO C 227 14.78 -20.80 38.54
N PHE C 228 15.47 -21.32 37.51
CA PHE C 228 16.85 -20.94 37.23
C PHE C 228 16.95 -20.08 35.97
N GLN C 229 15.82 -19.59 35.46
CA GLN C 229 15.85 -18.79 34.25
C GLN C 229 16.25 -17.36 34.60
N GLY C 230 17.00 -16.73 33.70
CA GLY C 230 17.45 -15.36 33.84
C GLY C 230 18.72 -15.26 34.67
N GLN C 231 19.58 -16.28 34.59
CA GLN C 231 20.80 -16.35 35.38
C GLN C 231 22.03 -16.60 34.50
N GLY C 232 21.81 -16.89 33.20
CA GLY C 232 22.87 -16.99 32.21
C GLY C 232 23.32 -18.42 31.94
N HIS C 233 22.49 -19.41 32.32
CA HIS C 233 22.88 -20.81 32.24
C HIS C 233 23.06 -21.26 30.80
N GLY C 234 22.18 -20.82 29.90
CA GLY C 234 22.26 -21.22 28.51
C GLY C 234 23.57 -20.75 27.87
N ALA C 235 24.00 -19.54 28.20
CA ALA C 235 25.25 -18.99 27.66
C ALA C 235 26.45 -19.82 28.14
N GLN C 236 26.43 -20.25 29.40
CA GLN C 236 27.49 -21.08 29.94
C GLN C 236 27.49 -22.46 29.27
N LEU C 237 26.28 -22.99 29.13
CA LEU C 237 26.09 -24.34 28.61
C LEU C 237 26.61 -24.41 27.18
N LEU C 238 26.26 -23.42 26.35
CA LEU C 238 26.64 -23.44 24.95
C LEU C 238 28.14 -23.17 24.82
N GLU C 239 28.66 -22.21 25.60
CA GLU C 239 30.10 -21.97 25.60
C GLU C 239 30.86 -23.24 25.95
N THR C 240 30.40 -23.94 26.99
CA THR C 240 31.07 -25.14 27.48
C THR C 240 31.08 -26.23 26.40
N VAL C 241 29.96 -26.37 25.67
CA VAL C 241 29.82 -27.39 24.65
C VAL C 241 30.76 -27.09 23.47
N HIS C 242 30.82 -25.82 23.04
CA HIS C 242 31.77 -25.41 22.01
C HIS C 242 33.21 -25.75 22.43
N ARG C 243 33.57 -25.40 23.67
CA ARG C 243 34.92 -25.60 24.16
C ARG C 243 35.23 -27.09 24.27
N TYR C 244 34.20 -27.89 24.56
CA TYR C 244 34.37 -29.34 24.70
C TYR C 244 34.72 -29.96 23.35
N TYR C 245 33.91 -29.66 22.31
CA TYR C 245 34.03 -30.31 21.02
C TYR C 245 35.23 -29.76 20.25
N THR C 246 35.82 -28.64 20.71
CA THR C 246 37.01 -28.08 20.08
C THR C 246 38.17 -29.07 20.16
N GLU C 247 38.18 -29.89 21.21
CA GLU C 247 39.27 -30.83 21.45
C GLU C 247 39.28 -31.98 20.46
N PHE C 248 38.22 -32.11 19.65
CA PHE C 248 38.12 -33.19 18.68
C PHE C 248 38.37 -32.65 17.26
N PRO C 249 39.49 -33.02 16.59
CA PRO C 249 39.76 -32.54 15.23
C PRO C 249 38.72 -33.01 14.21
N THR C 250 38.02 -34.10 14.56
CA THR C 250 37.12 -34.76 13.62
C THR C 250 35.74 -34.10 13.63
N VAL C 251 35.55 -33.07 14.47
CA VAL C 251 34.30 -32.31 14.51
C VAL C 251 34.40 -31.11 13.58
N LEU C 252 33.42 -30.95 12.68
CA LEU C 252 33.38 -29.82 11.77
C LEU C 252 32.91 -28.57 12.51
N ASP C 253 31.66 -28.58 12.99
CA ASP C 253 31.06 -27.39 13.55
C ASP C 253 29.90 -27.76 14.48
N ILE C 254 29.38 -26.74 15.18
CA ILE C 254 28.24 -26.91 16.07
C ILE C 254 27.12 -25.98 15.63
N THR C 255 25.92 -26.56 15.52
CA THR C 255 24.72 -25.91 15.03
C THR C 255 23.54 -26.34 15.88
N ALA C 256 22.37 -25.76 15.62
CA ALA C 256 21.13 -26.15 16.27
C ALA C 256 20.18 -26.75 15.24
N GLU C 257 19.44 -27.79 15.64
CA GLU C 257 18.39 -28.35 14.80
C GLU C 257 17.34 -27.28 14.52
N ASP C 258 17.01 -26.48 15.54
CA ASP C 258 15.84 -25.62 15.54
C ASP C 258 16.24 -24.19 15.86
N PRO C 259 16.76 -23.42 14.88
CA PRO C 259 17.29 -22.08 15.14
C PRO C 259 16.20 -21.03 15.38
N SER C 260 15.65 -21.05 16.59
CA SER C 260 14.67 -20.07 17.03
C SER C 260 15.30 -18.69 17.16
N LYS C 261 14.44 -17.68 17.37
CA LYS C 261 14.87 -16.33 17.71
C LYS C 261 15.78 -16.39 18.93
N SER C 262 15.38 -17.16 19.95
CA SER C 262 16.10 -17.15 21.20
C SER C 262 17.44 -17.88 21.08
N TYR C 263 17.49 -18.95 20.29
CA TYR C 263 18.74 -19.63 19.97
C TYR C 263 19.70 -18.66 19.29
N VAL C 264 19.22 -17.93 18.29
CA VAL C 264 20.07 -17.05 17.52
C VAL C 264 20.66 -15.97 18.43
N LYS C 265 19.83 -15.45 19.34
CA LYS C 265 20.27 -14.46 20.30
C LYS C 265 21.36 -15.04 21.20
N LEU C 266 21.10 -16.25 21.69
CA LEU C 266 22.06 -16.93 22.55
C LEU C 266 23.35 -17.21 21.80
N ARG C 267 23.22 -17.72 20.58
CA ARG C 267 24.36 -18.04 19.74
C ARG C 267 25.21 -16.80 19.50
N ASP C 268 24.57 -15.71 19.09
CA ASP C 268 25.28 -14.49 18.74
C ASP C 268 26.04 -13.97 19.97
N PHE C 269 25.47 -14.19 21.16
CA PHE C 269 26.11 -13.75 22.39
C PHE C 269 27.43 -14.52 22.59
N VAL C 270 27.33 -15.85 22.47
CA VAL C 270 28.43 -16.73 22.80
C VAL C 270 29.54 -16.63 21.76
N LEU C 271 29.18 -16.59 20.48
CA LEU C 271 30.17 -16.58 19.44
C LEU C 271 30.94 -15.26 19.43
N VAL C 272 30.27 -14.17 19.82
CA VAL C 272 30.93 -12.88 19.96
C VAL C 272 31.91 -12.93 21.14
N LYS C 273 31.48 -13.56 22.24
CA LYS C 273 32.31 -13.71 23.42
C LYS C 273 33.58 -14.46 23.04
N LEU C 274 33.43 -15.52 22.23
CA LEU C 274 34.53 -16.42 21.91
C LEU C 274 35.46 -15.82 20.87
N CYS C 275 34.96 -14.89 20.03
CA CYS C 275 35.67 -14.51 18.83
C CYS C 275 36.29 -13.12 18.92
N GLN C 276 35.86 -12.29 19.88
CA GLN C 276 36.25 -10.89 19.86
C GLN C 276 37.75 -10.74 20.09
N ASP C 277 38.34 -11.66 20.87
CA ASP C 277 39.74 -11.56 21.25
C ASP C 277 40.63 -12.37 20.28
N LEU C 278 40.08 -12.85 19.16
CA LEU C 278 40.86 -13.62 18.21
C LEU C 278 41.62 -12.67 17.28
N PRO C 279 42.85 -13.04 16.86
CA PRO C 279 43.62 -12.19 15.93
C PRO C 279 42.88 -11.84 14.65
N CYS C 280 42.20 -12.82 14.06
CA CYS C 280 41.58 -12.67 12.76
C CYS C 280 40.40 -11.69 12.80
N PHE C 281 39.91 -11.37 14.02
CA PHE C 281 38.79 -10.46 14.21
C PHE C 281 39.24 -9.16 14.90
N SER C 282 40.48 -8.73 14.67
CA SER C 282 41.00 -7.50 15.25
C SER C 282 40.45 -6.30 14.48
N ARG C 283 40.50 -5.12 15.13
CA ARG C 283 40.03 -3.88 14.52
C ARG C 283 40.56 -3.77 13.09
N GLU C 284 41.86 -4.01 12.91
CA GLU C 284 42.51 -3.77 11.62
C GLU C 284 42.07 -4.82 10.58
N LYS C 285 41.87 -6.07 11.02
CA LYS C 285 41.52 -7.15 10.10
C LYS C 285 40.04 -7.07 9.72
N LEU C 286 39.20 -6.53 10.63
CA LEU C 286 37.76 -6.38 10.38
C LEU C 286 37.50 -5.36 9.29
N MET C 287 38.30 -4.28 9.28
CA MET C 287 38.08 -3.15 8.40
C MET C 287 38.45 -3.48 6.95
N GLN C 288 39.27 -4.53 6.76
CA GLN C 288 39.67 -4.92 5.42
C GLN C 288 38.57 -5.74 4.74
N GLY C 289 37.53 -6.11 5.49
CA GLY C 289 36.41 -6.87 4.95
C GLY C 289 36.39 -8.29 5.51
N PHE C 290 35.33 -9.04 5.20
CA PHE C 290 35.24 -10.44 5.61
C PHE C 290 36.23 -11.26 4.78
N ASN C 291 36.96 -12.15 5.46
CA ASN C 291 37.96 -13.00 4.82
C ASN C 291 37.69 -14.45 5.22
N GLU C 292 37.97 -15.39 4.31
CA GLU C 292 37.77 -16.80 4.58
C GLU C 292 38.61 -17.21 5.79
N ASP C 293 39.77 -16.57 5.98
CA ASP C 293 40.65 -16.80 7.13
C ASP C 293 39.87 -16.78 8.44
N MET C 294 38.85 -15.92 8.54
CA MET C 294 38.08 -15.76 9.77
C MET C 294 37.26 -17.01 10.06
N ALA C 295 36.66 -17.60 9.02
CA ALA C 295 35.87 -18.81 9.16
C ALA C 295 36.79 -19.99 9.53
N ILE C 296 37.99 -20.02 8.94
CA ILE C 296 38.98 -21.05 9.22
C ILE C 296 39.33 -21.02 10.70
N GLU C 297 39.76 -19.84 11.19
CA GLU C 297 40.23 -19.70 12.56
C GLU C 297 39.09 -20.00 13.54
N ALA C 298 37.87 -19.54 13.21
CA ALA C 298 36.72 -19.74 14.08
C ALA C 298 36.36 -21.23 14.17
N GLN C 299 36.53 -21.96 13.05
CA GLN C 299 36.28 -23.40 13.00
C GLN C 299 37.34 -24.13 13.81
N GLN C 300 38.62 -23.76 13.64
CA GLN C 300 39.70 -24.45 14.31
C GLN C 300 39.62 -24.24 15.81
N LYS C 301 39.41 -22.98 16.24
CA LYS C 301 39.51 -22.61 17.63
C LYS C 301 38.25 -23.00 18.41
N PHE C 302 37.05 -22.91 17.80
CA PHE C 302 35.82 -23.14 18.55
C PHE C 302 34.73 -23.87 17.76
N LYS C 303 35.07 -24.48 16.61
CA LYS C 303 34.12 -25.28 15.86
C LYS C 303 32.90 -24.45 15.45
N ILE C 304 33.16 -23.23 14.99
CA ILE C 304 32.10 -22.32 14.59
C ILE C 304 31.86 -22.48 13.10
N ASN C 305 30.59 -22.75 12.78
CA ASN C 305 30.06 -22.91 11.43
C ASN C 305 30.49 -21.76 10.53
N LYS C 306 30.77 -22.05 9.26
CA LYS C 306 31.24 -21.06 8.30
C LYS C 306 30.26 -19.89 8.25
N GLN C 307 28.95 -20.19 8.18
CA GLN C 307 27.92 -19.17 8.01
C GLN C 307 27.76 -18.37 9.31
N HIS C 308 27.94 -19.03 10.46
CA HIS C 308 27.87 -18.37 11.75
C HIS C 308 28.99 -17.35 11.91
N ALA C 309 30.17 -17.64 11.32
CA ALA C 309 31.31 -16.75 11.41
C ALA C 309 31.05 -15.46 10.65
N ARG C 310 30.24 -15.54 9.58
CA ARG C 310 29.81 -14.36 8.85
C ARG C 310 28.92 -13.50 9.73
N ARG C 311 28.08 -14.11 10.57
CA ARG C 311 27.24 -13.37 11.50
C ARG C 311 28.09 -12.65 12.55
N VAL C 312 29.04 -13.37 13.14
CA VAL C 312 29.96 -12.78 14.11
C VAL C 312 30.68 -11.59 13.50
N TYR C 313 31.12 -11.72 12.24
CA TYR C 313 31.89 -10.68 11.60
C TYR C 313 31.10 -9.37 11.59
N GLU C 314 29.83 -9.43 11.19
CA GLU C 314 28.99 -8.24 11.07
C GLU C 314 28.90 -7.52 12.43
N ILE C 315 28.66 -8.30 13.49
CA ILE C 315 28.42 -7.77 14.82
C ILE C 315 29.69 -7.07 15.31
N LEU C 316 30.83 -7.76 15.17
CA LEU C 316 32.11 -7.25 15.61
C LEU C 316 32.50 -6.02 14.80
N ARG C 317 32.19 -6.01 13.51
CA ARG C 317 32.60 -4.90 12.65
C ARG C 317 31.73 -3.68 12.92
N LEU C 318 30.52 -3.88 13.43
CA LEU C 318 29.67 -2.77 13.83
C LEU C 318 30.24 -2.15 15.11
N LEU C 319 30.69 -3.01 16.04
CA LEU C 319 31.23 -2.57 17.32
C LEU C 319 32.43 -1.66 17.11
N VAL C 320 33.23 -1.93 16.06
CA VAL C 320 34.38 -1.12 15.72
C VAL C 320 33.92 0.12 14.94
N THR C 321 33.23 -0.07 13.80
CA THR C 321 32.58 1.01 13.08
C THR C 321 31.81 1.86 14.07
N LEU D 3 -26.45 18.57 54.32
CA LEU D 3 -25.73 17.35 53.90
C LEU D 3 -24.37 17.73 53.31
N ALA D 4 -24.23 18.92 52.70
CA ALA D 4 -22.94 19.40 52.24
C ALA D 4 -22.09 19.93 53.40
N GLU D 5 -22.72 20.20 54.54
CA GLU D 5 -21.99 20.64 55.73
C GLU D 5 -21.20 19.49 56.34
N TYR D 6 -21.32 18.29 55.77
CA TYR D 6 -20.56 17.13 56.22
C TYR D 6 -19.50 16.74 55.18
N LYS D 7 -18.84 17.74 54.58
CA LYS D 7 -17.71 17.53 53.70
C LYS D 7 -16.45 18.06 54.37
N CYS D 8 -15.42 17.21 54.47
CA CYS D 8 -14.14 17.58 55.06
C CYS D 8 -13.01 17.22 54.11
N ASN D 9 -12.13 18.19 53.82
CA ASN D 9 -10.94 17.96 53.02
C ASN D 9 -10.04 17.00 53.78
N THR D 10 -9.58 15.93 53.13
CA THR D 10 -8.90 14.85 53.82
C THR D 10 -7.41 15.13 53.93
N ASN D 11 -6.84 15.91 53.01
CA ASN D 11 -5.45 16.30 53.10
C ASN D 11 -5.16 16.97 54.46
N THR D 12 -6.07 17.84 54.92
CA THR D 12 -5.83 18.58 56.14
C THR D 12 -6.36 17.80 57.35
N ALA D 13 -7.17 16.76 57.10
CA ALA D 13 -7.77 15.99 58.18
C ALA D 13 -6.85 14.86 58.64
N ILE D 14 -5.88 14.47 57.82
CA ILE D 14 -4.99 13.37 58.14
C ILE D 14 -3.72 13.94 58.76
N GLU D 15 -3.60 13.81 60.09
CA GLU D 15 -2.44 14.27 60.84
C GLU D 15 -1.42 13.14 60.95
N LEU D 16 -0.26 13.34 60.34
CA LEU D 16 0.87 12.43 60.45
C LEU D 16 1.84 12.93 61.51
N LYS D 17 2.45 12.02 62.27
CA LYS D 17 3.51 12.39 63.20
C LYS D 17 4.59 11.30 63.26
N LEU D 18 5.85 11.75 63.42
CA LEU D 18 6.98 10.91 63.75
C LEU D 18 7.39 11.24 65.19
N VAL D 19 7.22 10.29 66.11
CA VAL D 19 7.27 10.57 67.53
C VAL D 19 8.56 9.99 68.11
N ARG D 20 9.42 10.86 68.65
CA ARG D 20 10.63 10.47 69.34
C ARG D 20 10.44 10.56 70.86
N PHE D 21 9.79 11.64 71.31
CA PHE D 21 9.56 11.89 72.72
C PHE D 21 8.06 12.05 72.99
N PRO D 22 7.58 11.73 74.22
CA PRO D 22 6.16 11.85 74.55
C PRO D 22 5.53 13.20 74.20
N GLU D 23 6.32 14.27 74.35
CA GLU D 23 5.86 15.63 74.14
C GLU D 23 5.48 15.86 72.66
N ASP D 24 6.03 15.03 71.76
CA ASP D 24 5.79 15.20 70.34
C ASP D 24 4.30 15.01 70.03
N LEU D 25 3.58 14.24 70.86
CA LEU D 25 2.14 14.06 70.68
C LEU D 25 1.40 15.38 70.81
N GLU D 26 1.86 16.27 71.69
CA GLU D 26 1.16 17.51 72.01
C GLU D 26 1.69 18.68 71.16
N ASN D 27 2.72 18.45 70.35
CA ASN D 27 3.42 19.54 69.66
C ASN D 27 3.03 19.56 68.18
N ASP D 28 2.21 20.57 67.81
CA ASP D 28 1.65 20.68 66.48
C ASP D 28 2.75 20.91 65.43
N ILE D 29 3.92 21.39 65.84
CA ILE D 29 5.02 21.58 64.89
C ILE D 29 5.46 20.23 64.33
N ARG D 30 5.29 19.14 65.09
CA ARG D 30 5.73 17.82 64.64
C ARG D 30 4.76 17.18 63.66
N THR D 31 3.55 17.74 63.54
CA THR D 31 2.53 17.19 62.65
C THR D 31 2.81 17.64 61.22
N PHE D 32 2.70 16.72 60.26
CA PHE D 32 2.68 17.08 58.85
C PHE D 32 1.51 16.37 58.17
N PHE D 33 1.27 16.73 56.90
CA PHE D 33 0.00 16.43 56.24
C PHE D 33 0.25 15.87 54.85
N PRO D 34 -0.61 14.94 54.37
CA PRO D 34 -0.52 14.42 53.02
C PRO D 34 -0.53 15.52 51.96
N GLU D 35 0.27 15.33 50.91
CA GLU D 35 0.16 16.12 49.71
C GLU D 35 -0.93 15.53 48.80
N TYR D 36 -1.25 14.24 48.97
CA TYR D 36 -2.23 13.57 48.13
C TYR D 36 -3.04 12.59 48.96
N THR D 37 -4.36 12.55 48.73
CA THR D 37 -5.24 11.56 49.33
C THR D 37 -6.28 11.09 48.31
N HIS D 38 -5.97 11.28 47.01
CA HIS D 38 -6.94 11.10 45.95
C HIS D 38 -7.24 9.62 45.70
N GLN D 39 -6.25 8.76 45.99
CA GLN D 39 -6.40 7.33 45.78
C GLN D 39 -7.41 6.75 46.78
N LEU D 40 -7.71 7.46 47.88
CA LEU D 40 -8.73 7.01 48.80
C LEU D 40 -10.02 7.83 48.66
N PHE D 41 -9.93 9.10 48.28
CA PHE D 41 -11.07 10.01 48.45
C PHE D 41 -11.42 10.77 47.16
N GLY D 42 -10.80 10.41 46.03
CA GLY D 42 -11.11 10.99 44.74
C GLY D 42 -10.34 12.28 44.47
N ASP D 43 -10.51 12.79 43.25
CA ASP D 43 -9.82 13.99 42.79
C ASP D 43 -10.11 15.16 43.74
N ASP D 44 -11.35 15.21 44.25
CA ASP D 44 -11.78 16.27 45.14
C ASP D 44 -11.08 16.20 46.50
N GLU D 45 -10.56 15.03 46.89
CA GLU D 45 -9.86 14.89 48.15
C GLU D 45 -10.74 15.38 49.31
N THR D 46 -11.97 14.87 49.32
CA THR D 46 -12.96 15.18 50.34
C THR D 46 -13.59 13.89 50.83
N ALA D 47 -14.10 13.92 52.05
CA ALA D 47 -14.80 12.79 52.65
C ALA D 47 -16.15 13.27 53.15
N PHE D 48 -17.22 12.54 52.81
CA PHE D 48 -18.57 12.88 53.24
C PHE D 48 -18.91 12.10 54.50
N GLY D 49 -19.61 12.75 55.42
CA GLY D 49 -20.27 12.06 56.51
C GLY D 49 -19.89 12.58 57.89
N TYR D 50 -18.83 13.40 57.98
CA TYR D 50 -18.27 13.81 59.26
C TYR D 50 -18.25 15.33 59.40
N LYS D 51 -18.46 15.80 60.63
CA LYS D 51 -18.14 17.16 61.02
C LYS D 51 -16.91 17.10 61.93
N GLY D 52 -15.86 17.85 61.60
CA GLY D 52 -14.66 17.91 62.42
C GLY D 52 -13.85 16.62 62.35
N LEU D 53 -13.63 16.12 61.14
CA LEU D 53 -12.93 14.86 60.91
C LEU D 53 -11.46 15.03 61.25
N LYS D 54 -10.93 14.10 62.05
CA LYS D 54 -9.52 14.05 62.39
C LYS D 54 -9.06 12.60 62.27
N ILE D 55 -8.13 12.34 61.36
CA ILE D 55 -7.55 11.02 61.15
C ILE D 55 -6.11 11.04 61.67
N LEU D 56 -5.85 10.25 62.71
CA LEU D 56 -4.53 10.26 63.35
C LEU D 56 -3.74 9.03 62.90
N LEU D 57 -2.61 9.28 62.25
CA LEU D 57 -1.62 8.26 61.95
C LEU D 57 -0.30 8.64 62.60
N TYR D 58 -0.12 8.26 63.86
CA TYR D 58 1.13 8.53 64.56
C TYR D 58 2.05 7.32 64.42
N TYR D 59 3.33 7.62 64.11
CA TYR D 59 4.34 6.59 63.96
C TYR D 59 5.48 6.88 64.94
N ILE D 60 5.96 5.84 65.65
CA ILE D 60 7.16 5.97 66.46
C ILE D 60 8.34 6.09 65.51
N ALA D 61 9.25 7.01 65.81
CA ALA D 61 10.10 7.64 64.79
C ALA D 61 10.95 6.62 64.02
N GLY D 62 11.41 5.57 64.70
CA GLY D 62 12.32 4.61 64.11
C GLY D 62 11.57 3.41 63.52
N SER D 63 10.96 2.62 64.42
CA SER D 63 10.31 1.37 64.11
C SER D 63 9.06 1.56 63.26
N LEU D 64 8.45 2.75 63.36
CA LEU D 64 7.21 3.10 62.67
C LEU D 64 6.02 2.34 63.26
N SER D 65 6.12 1.81 64.48
CA SER D 65 4.96 1.25 65.14
C SER D 65 3.86 2.31 65.18
N THR D 66 2.62 1.92 64.87
CA THR D 66 1.61 2.84 64.40
C THR D 66 0.45 2.96 65.39
N MET D 67 0.00 4.20 65.60
CA MET D 67 -1.33 4.44 66.13
C MET D 67 -2.23 4.95 65.01
N PHE D 68 -3.43 4.36 64.91
CA PHE D 68 -4.43 4.80 63.96
C PHE D 68 -5.76 4.99 64.67
N ARG D 69 -6.27 6.23 64.61
CA ARG D 69 -7.55 6.61 65.20
C ARG D 69 -8.30 7.53 64.25
N VAL D 70 -9.62 7.32 64.19
CA VAL D 70 -10.51 8.25 63.53
C VAL D 70 -11.30 8.97 64.61
N GLU D 71 -11.31 10.31 64.57
CA GLU D 71 -12.06 11.12 65.52
C GLU D 71 -12.97 12.07 64.77
N TYR D 72 -14.08 12.48 65.39
CA TYR D 72 -15.01 13.41 64.78
C TYR D 72 -15.93 14.03 65.82
N ALA D 73 -16.43 15.24 65.51
CA ALA D 73 -17.45 15.89 66.31
C ALA D 73 -18.78 15.14 66.17
N SER D 74 -19.17 14.89 64.92
CA SER D 74 -20.36 14.08 64.63
C SER D 74 -20.18 13.35 63.31
N LYS D 75 -20.98 12.31 63.10
CA LYS D 75 -21.10 11.67 61.79
C LYS D 75 -22.59 11.50 61.49
N VAL D 76 -22.90 11.15 60.23
CA VAL D 76 -24.27 11.15 59.75
C VAL D 76 -24.95 9.86 60.23
N ASP D 77 -24.17 8.75 60.20
CA ASP D 77 -24.63 7.41 60.58
C ASP D 77 -25.12 7.38 62.01
N GLU D 78 -24.58 8.26 62.87
CA GLU D 78 -24.92 8.30 64.28
C GLU D 78 -25.96 9.40 64.57
N ASN D 79 -26.35 10.17 63.55
CA ASN D 79 -27.34 11.24 63.74
C ASN D 79 -28.58 11.03 62.86
N PHE D 80 -28.43 10.38 61.69
CA PHE D 80 -29.56 10.13 60.79
C PHE D 80 -29.61 8.65 60.41
N ASP D 81 -30.79 8.17 59.99
CA ASP D 81 -31.01 6.76 59.73
C ASP D 81 -30.33 6.33 58.44
N CYS D 82 -30.69 6.99 57.33
CA CYS D 82 -30.40 6.41 56.03
C CYS D 82 -29.40 7.24 55.24
N VAL D 83 -28.43 7.90 55.90
CA VAL D 83 -27.26 8.45 55.23
C VAL D 83 -26.04 7.67 55.72
N GLU D 84 -25.09 7.42 54.81
CA GLU D 84 -23.94 6.58 55.12
C GLU D 84 -22.65 7.34 54.85
N ALA D 85 -21.84 7.50 55.92
CA ALA D 85 -20.58 8.19 55.81
C ALA D 85 -19.62 7.35 54.98
N ASP D 86 -18.66 8.03 54.33
CA ASP D 86 -17.58 7.34 53.66
C ASP D 86 -16.82 6.51 54.68
N ASP D 87 -16.37 5.32 54.25
CA ASP D 87 -15.75 4.36 55.15
C ASP D 87 -14.27 4.70 55.30
N VAL D 88 -13.99 5.78 56.04
CA VAL D 88 -12.64 6.30 56.23
C VAL D 88 -11.75 5.21 56.81
N GLU D 89 -12.24 4.57 57.86
CA GLU D 89 -11.52 3.52 58.55
C GLU D 89 -11.12 2.44 57.57
N GLY D 90 -12.12 1.96 56.80
CA GLY D 90 -11.92 0.88 55.85
C GLY D 90 -10.84 1.21 54.81
N LYS D 91 -10.92 2.44 54.27
CA LYS D 91 -10.00 2.88 53.24
C LYS D 91 -8.56 2.95 53.76
N ILE D 92 -8.38 3.45 54.98
CA ILE D 92 -7.05 3.58 55.56
C ILE D 92 -6.51 2.18 55.87
N ARG D 93 -7.38 1.27 56.31
CA ARG D 93 -6.95 -0.06 56.66
C ARG D 93 -6.46 -0.85 55.44
N GLN D 94 -6.88 -0.44 54.23
CA GLN D 94 -6.39 -1.09 53.02
C GLN D 94 -4.88 -0.86 52.85
N ILE D 95 -4.35 0.25 53.36
CA ILE D 95 -3.02 0.69 52.98
C ILE D 95 -2.04 0.64 54.16
N ILE D 96 -2.51 0.26 55.36
CA ILE D 96 -1.61 0.08 56.49
C ILE D 96 -1.75 -1.35 57.00
N PRO D 97 -0.68 -1.97 57.52
CA PRO D 97 -0.75 -3.32 58.06
C PRO D 97 -1.65 -3.41 59.29
N PRO D 98 -2.13 -4.60 59.67
CA PRO D 98 -2.82 -4.78 60.95
C PRO D 98 -1.82 -4.68 62.10
N GLY D 99 -2.34 -4.52 63.31
CA GLY D 99 -1.54 -4.56 64.52
C GLY D 99 -1.34 -3.17 65.13
N PHE D 100 -1.83 -2.14 64.46
CA PHE D 100 -1.79 -0.78 65.00
C PHE D 100 -2.54 -0.72 66.32
N CYS D 101 -2.09 0.17 67.22
CA CYS D 101 -2.84 0.47 68.43
C CYS D 101 -3.74 1.66 68.15
N THR D 102 -4.67 1.95 69.09
CA THR D 102 -5.78 2.84 68.78
C THR D 102 -5.97 3.93 69.84
N ASN D 103 -4.98 4.13 70.73
CA ASN D 103 -5.03 5.19 71.72
C ASN D 103 -3.61 5.61 72.07
N THR D 104 -3.47 6.81 72.65
CA THR D 104 -2.16 7.41 72.86
C THR D 104 -1.40 6.68 73.97
N ASN D 105 -2.13 6.11 74.96
CA ASN D 105 -1.49 5.40 76.05
C ASN D 105 -0.72 4.20 75.53
N ASP D 106 -1.38 3.35 74.73
CA ASP D 106 -0.74 2.18 74.16
C ASP D 106 0.42 2.57 73.26
N PHE D 107 0.28 3.72 72.57
CA PHE D 107 1.31 4.21 71.67
C PHE D 107 2.55 4.60 72.47
N LEU D 108 2.36 5.31 73.59
CA LEU D 108 3.45 5.72 74.46
C LEU D 108 4.14 4.51 75.08
N SER D 109 3.40 3.41 75.28
CA SER D 109 4.00 2.19 75.79
C SER D 109 5.07 1.69 74.82
N LEU D 110 4.76 1.77 73.51
CA LEU D 110 5.68 1.30 72.48
C LEU D 110 6.94 2.15 72.48
N LEU D 111 6.79 3.42 72.89
CA LEU D 111 7.90 4.37 72.90
C LEU D 111 9.01 3.91 73.84
N GLU D 112 8.66 3.22 74.93
CA GLU D 112 9.64 2.76 75.91
C GLU D 112 10.55 1.69 75.30
N LYS D 113 10.01 0.86 74.39
CA LYS D 113 10.73 -0.27 73.81
C LYS D 113 11.56 0.17 72.60
N GLU D 114 11.42 1.43 72.19
CA GLU D 114 12.02 1.94 70.95
C GLU D 114 13.54 1.97 71.04
N VAL D 115 14.08 2.02 72.27
CA VAL D 115 15.52 1.99 72.51
C VAL D 115 16.15 0.81 71.76
N ASP D 116 15.41 -0.29 71.61
CA ASP D 116 15.93 -1.52 71.04
C ASP D 116 15.82 -1.54 69.52
N PHE D 117 15.10 -0.57 68.93
CA PHE D 117 14.93 -0.55 67.48
C PHE D 117 16.30 -0.28 66.83
N LYS D 118 16.65 -1.16 65.87
CA LYS D 118 17.92 -1.06 65.17
C LYS D 118 17.65 -1.05 63.67
N PRO D 119 18.46 -0.32 62.86
CA PRO D 119 18.28 -0.29 61.42
C PRO D 119 18.51 -1.68 60.83
N PHE D 120 17.90 -1.93 59.66
CA PHE D 120 17.98 -3.21 58.98
C PHE D 120 19.10 -3.15 57.95
N GLY D 121 19.89 -4.23 57.87
CA GLY D 121 20.77 -4.46 56.75
C GLY D 121 22.19 -3.97 56.99
N THR D 122 22.83 -3.51 55.90
CA THR D 122 24.26 -3.24 55.84
C THR D 122 24.45 -1.73 55.84
N LEU D 123 25.28 -1.22 56.75
CA LEU D 123 25.65 0.18 56.75
C LEU D 123 26.57 0.44 55.56
N LEU D 124 26.23 1.47 54.78
CA LEU D 124 26.98 1.82 53.58
C LEU D 124 27.67 3.18 53.70
N HIS D 125 27.07 4.10 54.47
CA HIS D 125 27.55 5.47 54.51
C HIS D 125 27.00 6.20 55.73
N THR D 126 27.83 7.09 56.29
CA THR D 126 27.49 7.93 57.42
C THR D 126 27.87 9.35 57.04
N TYR D 127 26.99 10.31 57.35
CA TYR D 127 27.24 11.68 56.97
C TYR D 127 26.61 12.61 58.00
N SER D 128 27.04 13.88 57.95
CA SER D 128 26.51 14.91 58.81
C SER D 128 25.82 15.96 57.95
N VAL D 129 24.72 16.51 58.46
CA VAL D 129 24.12 17.69 57.87
C VAL D 129 24.13 18.79 58.93
N LEU D 130 24.54 19.99 58.50
CA LEU D 130 24.61 21.14 59.37
C LEU D 130 23.20 21.63 59.65
N SER D 131 22.97 22.10 60.89
CA SER D 131 21.67 22.60 61.29
C SER D 131 21.41 23.94 60.58
N PRO D 132 20.14 24.35 60.38
CA PRO D 132 19.82 25.70 59.91
C PRO D 132 20.45 26.83 60.74
N THR D 133 20.40 26.68 62.08
CA THR D 133 20.99 27.65 62.99
C THR D 133 22.50 27.71 62.77
N GLY D 134 23.10 26.56 62.46
CA GLY D 134 24.51 26.49 62.14
C GLY D 134 25.34 26.03 63.33
N GLY D 135 26.26 25.08 63.09
CA GLY D 135 27.24 24.64 64.07
C GLY D 135 26.97 23.19 64.50
N GLU D 136 25.74 22.96 64.96
CA GLU D 136 25.27 21.63 65.34
C GLU D 136 25.16 20.76 64.08
N ASN D 137 25.69 19.53 64.17
CA ASN D 137 25.58 18.55 63.10
C ASN D 137 24.57 17.47 63.52
N PHE D 138 23.64 17.17 62.61
CA PHE D 138 22.86 15.93 62.71
C PHE D 138 23.65 14.80 62.04
N THR D 139 23.47 13.56 62.51
CA THR D 139 24.19 12.43 61.96
C THR D 139 23.21 11.47 61.28
N PHE D 140 23.54 11.03 60.06
CA PHE D 140 22.64 10.18 59.30
C PHE D 140 23.40 8.97 58.77
N GLN D 141 22.65 7.91 58.45
CA GLN D 141 23.21 6.68 57.94
C GLN D 141 22.30 6.09 56.85
N ILE D 142 22.92 5.53 55.82
CA ILE D 142 22.23 4.82 54.76
C ILE D 142 22.56 3.34 54.88
N TYR D 143 21.49 2.51 54.89
CA TYR D 143 21.62 1.08 54.98
C TYR D 143 21.01 0.45 53.73
N LYS D 144 21.53 -0.71 53.34
CA LYS D 144 20.92 -1.55 52.32
C LYS D 144 20.28 -2.75 53.00
N ALA D 145 18.97 -2.90 52.83
CA ALA D 145 18.24 -4.01 53.43
C ALA D 145 17.54 -4.84 52.36
N ASP D 146 16.96 -5.96 52.79
CA ASP D 146 16.18 -6.86 51.96
C ASP D 146 15.29 -7.68 52.89
N MET D 147 14.44 -8.52 52.32
CA MET D 147 13.39 -9.19 53.08
C MET D 147 13.97 -10.35 53.90
N THR D 148 15.25 -10.68 53.73
CA THR D 148 15.88 -11.70 54.55
C THR D 148 16.22 -11.11 55.92
N CYS D 149 16.40 -9.78 56.02
CA CYS D 149 16.62 -9.12 57.30
C CYS D 149 15.37 -9.24 58.17
N ARG D 150 15.51 -9.84 59.36
CA ARG D 150 14.37 -10.09 60.24
C ARG D 150 13.67 -8.78 60.57
N GLY D 151 12.35 -8.74 60.39
CA GLY D 151 11.53 -7.61 60.80
C GLY D 151 11.32 -6.56 59.71
N PHE D 152 12.12 -6.63 58.64
CA PHE D 152 12.14 -5.59 57.64
C PHE D 152 10.82 -5.58 56.86
N ARG D 153 10.26 -6.77 56.59
CA ARG D 153 9.06 -6.89 55.78
C ARG D 153 7.90 -6.17 56.44
N GLU D 154 7.76 -6.35 57.76
CA GLU D 154 6.73 -5.69 58.55
C GLU D 154 6.98 -4.18 58.54
N TYR D 155 8.26 -3.82 58.67
CA TYR D 155 8.66 -2.41 58.72
C TYR D 155 8.36 -1.73 57.38
N HIS D 156 8.62 -2.43 56.28
CA HIS D 156 8.39 -1.88 54.96
C HIS D 156 6.89 -1.68 54.70
N GLU D 157 6.05 -2.55 55.28
CA GLU D 157 4.61 -2.39 55.15
C GLU D 157 4.16 -1.13 55.89
N ARG D 158 4.79 -0.84 57.04
CA ARG D 158 4.45 0.34 57.81
C ARG D 158 4.94 1.58 57.08
N LEU D 159 6.10 1.47 56.42
CA LEU D 159 6.74 2.61 55.79
C LEU D 159 6.02 3.00 54.50
N GLN D 160 5.59 2.02 53.70
CA GLN D 160 5.21 2.28 52.31
C GLN D 160 3.92 3.09 52.20
N THR D 161 3.05 3.04 53.22
CA THR D 161 1.86 3.86 53.26
C THR D 161 2.19 5.31 52.87
N PHE D 162 3.36 5.81 53.32
CA PHE D 162 3.75 7.19 53.08
C PHE D 162 3.80 7.49 51.58
N LEU D 163 4.08 6.48 50.74
CA LEU D 163 4.07 6.67 49.30
C LEU D 163 2.72 7.22 48.84
N MET D 164 1.64 6.73 49.47
CA MET D 164 0.29 7.13 49.12
C MET D 164 0.07 8.62 49.40
N TRP D 165 0.64 9.12 50.50
CA TRP D 165 0.39 10.49 50.92
C TRP D 165 1.26 11.50 50.17
N PHE D 166 2.41 11.06 49.64
CA PHE D 166 3.42 12.03 49.18
C PHE D 166 3.90 11.79 47.76
N ILE D 167 3.50 10.68 47.12
CA ILE D 167 3.83 10.47 45.73
C ILE D 167 2.54 10.24 44.94
N GLU D 168 2.36 11.04 43.89
CA GLU D 168 1.05 11.21 43.28
C GLU D 168 0.61 9.88 42.66
N THR D 169 1.50 9.23 41.92
CA THR D 169 1.14 8.04 41.15
C THR D 169 1.61 6.78 41.87
N ALA D 170 1.69 6.85 43.21
CA ALA D 170 2.35 5.83 44.01
C ALA D 170 1.57 4.53 43.98
N SER D 171 2.30 3.41 43.94
CA SER D 171 1.68 2.11 44.14
C SER D 171 2.68 1.14 44.77
N PHE D 172 2.14 0.23 45.57
CA PHE D 172 2.95 -0.71 46.34
C PHE D 172 3.60 -1.71 45.39
N ILE D 173 4.79 -2.17 45.80
CA ILE D 173 5.59 -3.10 45.02
C ILE D 173 5.32 -4.50 45.55
N ASP D 174 5.72 -5.49 44.74
CA ASP D 174 5.66 -6.89 45.12
C ASP D 174 6.95 -7.27 45.86
N VAL D 175 6.87 -7.41 47.18
CA VAL D 175 8.09 -7.55 47.99
C VAL D 175 8.67 -8.96 47.83
N ASP D 176 7.90 -9.89 47.26
CA ASP D 176 8.35 -11.25 47.04
C ASP D 176 9.32 -11.34 45.86
N ASP D 177 9.41 -10.28 45.05
CA ASP D 177 10.36 -10.20 43.96
C ASP D 177 11.72 -9.79 44.54
N GLU D 178 12.68 -10.71 44.42
CA GLU D 178 13.97 -10.56 45.04
C GLU D 178 14.83 -9.54 44.31
N ARG D 179 14.39 -9.09 43.14
CA ARG D 179 15.15 -8.11 42.38
C ARG D 179 15.01 -6.72 42.99
N TRP D 180 14.13 -6.56 43.98
CA TRP D 180 14.03 -5.29 44.68
C TRP D 180 15.21 -5.14 45.65
N HIS D 181 15.87 -3.98 45.59
CA HIS D 181 16.84 -3.58 46.59
C HIS D 181 16.27 -2.39 47.35
N TYR D 182 16.54 -2.33 48.65
CA TYR D 182 16.02 -1.29 49.53
C TYR D 182 17.20 -0.53 50.13
N PHE D 183 17.12 0.81 50.07
CA PHE D 183 18.13 1.66 50.68
C PHE D 183 17.42 2.59 51.65
N LEU D 184 17.81 2.51 52.93
CA LEU D 184 17.12 3.22 53.98
C LEU D 184 18.02 4.32 54.53
N VAL D 185 17.40 5.45 54.88
CA VAL D 185 18.09 6.52 55.56
C VAL D 185 17.56 6.58 57.00
N PHE D 186 18.50 6.71 57.96
CA PHE D 186 18.15 6.87 59.37
C PHE D 186 18.93 8.05 59.94
N GLU D 187 18.33 8.72 60.91
CA GLU D 187 19.04 9.72 61.70
C GLU D 187 19.30 9.14 63.08
N LYS D 188 20.53 9.36 63.59
CA LYS D 188 20.87 8.97 64.95
C LYS D 188 20.54 10.14 65.85
N TYR D 189 19.89 9.86 66.99
CA TYR D 189 19.53 10.92 67.91
C TYR D 189 19.70 10.40 69.33
N ASN D 190 19.92 11.36 70.25
CA ASN D 190 20.16 11.02 71.63
C ASN D 190 18.86 11.02 72.40
N LYS D 191 18.72 10.08 73.33
CA LYS D 191 17.64 10.11 74.30
C LYS D 191 18.13 9.45 75.58
N ASP D 192 18.29 10.30 76.61
CA ASP D 192 18.68 9.86 77.93
C ASP D 192 19.95 9.03 77.83
N GLY D 193 20.95 9.51 77.07
CA GLY D 193 22.27 8.90 77.04
C GLY D 193 22.43 7.78 76.01
N ALA D 194 21.32 7.31 75.43
CA ALA D 194 21.36 6.25 74.42
C ALA D 194 21.21 6.83 73.02
N THR D 195 21.76 6.11 72.03
CA THR D 195 21.67 6.52 70.64
C THR D 195 20.53 5.72 70.01
N LEU D 196 19.53 6.43 69.48
CA LEU D 196 18.41 5.79 68.82
C LEU D 196 18.41 6.15 67.35
N PHE D 197 17.59 5.45 66.57
CA PHE D 197 17.51 5.68 65.14
C PHE D 197 16.10 6.13 64.77
N ALA D 198 16.03 7.14 63.89
CA ALA D 198 14.77 7.65 63.38
C ALA D 198 14.70 7.44 61.87
N THR D 199 13.54 7.02 61.37
CA THR D 199 13.36 6.82 59.94
C THR D 199 13.24 8.18 59.27
N VAL D 200 14.03 8.36 58.21
CA VAL D 200 14.11 9.59 57.44
C VAL D 200 13.53 9.39 56.03
N GLY D 201 13.86 8.27 55.39
CA GLY D 201 13.54 8.12 53.98
C GLY D 201 13.98 6.75 53.47
N TYR D 202 13.65 6.45 52.22
CA TYR D 202 14.13 5.25 51.58
C TYR D 202 13.97 5.35 50.06
N MET D 203 14.60 4.40 49.38
CA MET D 203 14.64 4.31 47.94
C MET D 203 14.54 2.84 47.57
N THR D 204 13.66 2.49 46.63
CA THR D 204 13.62 1.15 46.07
C THR D 204 14.29 1.16 44.71
N VAL D 205 15.09 0.14 44.44
CA VAL D 205 15.86 0.04 43.21
C VAL D 205 15.64 -1.36 42.64
N TYR D 206 15.23 -1.43 41.37
CA TYR D 206 14.91 -2.69 40.74
C TYR D 206 16.10 -3.14 39.90
N ASN D 207 16.51 -4.39 40.10
CA ASN D 207 17.73 -4.93 39.54
C ASN D 207 17.37 -5.68 38.27
N TYR D 208 17.10 -4.91 37.19
CA TYR D 208 16.64 -5.46 35.94
C TYR D 208 17.71 -6.38 35.38
N TYR D 209 17.24 -7.53 34.89
CA TYR D 209 18.08 -8.49 34.22
C TYR D 209 18.46 -7.96 32.84
N VAL D 210 19.73 -8.17 32.48
CA VAL D 210 20.23 -7.86 31.16
C VAL D 210 20.96 -9.10 30.63
N TYR D 211 20.59 -9.49 29.41
CA TYR D 211 21.01 -10.77 28.89
C TYR D 211 22.51 -10.74 28.64
N PRO D 212 23.28 -11.79 29.01
CA PRO D 212 22.83 -12.86 29.89
C PRO D 212 23.27 -12.87 31.36
N ASP D 213 24.28 -12.07 31.74
CA ASP D 213 24.91 -12.21 33.04
C ASP D 213 25.02 -10.89 33.80
N LYS D 214 24.23 -9.89 33.43
CA LYS D 214 24.43 -8.51 33.85
C LYS D 214 23.13 -8.01 34.44
N THR D 215 23.20 -6.90 35.19
CA THR D 215 22.00 -6.24 35.68
C THR D 215 22.11 -4.75 35.38
N ARG D 216 20.95 -4.09 35.40
CA ARG D 216 20.85 -2.65 35.20
C ARG D 216 19.89 -2.12 36.27
N PRO D 217 20.40 -1.76 37.46
CA PRO D 217 19.57 -1.18 38.52
C PRO D 217 18.85 0.08 38.04
N ARG D 218 17.56 0.18 38.37
CA ARG D 218 16.74 1.34 38.05
C ARG D 218 16.03 1.81 39.31
N VAL D 219 16.18 3.09 39.65
CA VAL D 219 15.52 3.69 40.80
C VAL D 219 14.02 3.77 40.49
N SER D 220 13.20 3.23 41.39
CA SER D 220 11.76 3.12 41.23
C SER D 220 11.05 4.21 42.01
N GLN D 221 11.25 4.21 43.33
CA GLN D 221 10.71 5.20 44.25
C GLN D 221 11.86 5.79 45.05
N MET D 222 11.72 7.06 45.44
CA MET D 222 12.52 7.63 46.52
C MET D 222 11.63 8.54 47.34
N LEU D 223 11.57 8.29 48.64
CA LEU D 223 10.78 9.10 49.55
C LEU D 223 11.65 9.63 50.67
N ILE D 224 11.70 10.96 50.80
CA ILE D 224 12.25 11.63 51.97
C ILE D 224 11.08 12.21 52.75
N LEU D 225 10.91 11.81 54.00
CA LEU D 225 9.77 12.24 54.78
C LEU D 225 9.86 13.75 55.04
N THR D 226 8.67 14.39 55.10
CA THR D 226 8.56 15.85 55.05
C THR D 226 9.52 16.53 56.02
N PRO D 227 9.60 16.16 57.31
CA PRO D 227 10.46 16.87 58.26
C PRO D 227 11.94 16.94 57.88
N PHE D 228 12.40 16.06 56.96
CA PHE D 228 13.81 15.96 56.62
C PHE D 228 14.09 16.49 55.22
N GLN D 229 13.13 17.19 54.62
CA GLN D 229 13.33 17.69 53.27
C GLN D 229 14.16 18.97 53.33
N GLY D 230 15.01 19.15 52.31
CA GLY D 230 15.83 20.33 52.15
C GLY D 230 17.11 20.24 52.98
N GLN D 231 17.64 19.03 53.12
CA GLN D 231 18.83 18.76 53.90
C GLN D 231 19.90 18.05 53.06
N GLY D 232 19.52 17.56 51.87
CA GLY D 232 20.45 16.94 50.93
C GLY D 232 20.44 15.42 51.01
N HIS D 233 19.37 14.83 51.56
CA HIS D 233 19.33 13.38 51.75
C HIS D 233 19.28 12.64 50.41
N GLY D 234 18.53 13.17 49.44
CA GLY D 234 18.43 12.52 48.15
C GLY D 234 19.79 12.45 47.45
N ALA D 235 20.57 13.53 47.56
CA ALA D 235 21.90 13.59 46.96
C ALA D 235 22.81 12.51 47.57
N GLN D 236 22.73 12.35 48.89
CA GLN D 236 23.54 11.35 49.57
C GLN D 236 23.08 9.94 49.19
N LEU D 237 21.76 9.77 49.13
CA LEU D 237 21.18 8.46 48.86
C LEU D 237 21.60 7.99 47.47
N LEU D 238 21.51 8.87 46.47
CA LEU D 238 21.84 8.50 45.11
C LEU D 238 23.35 8.28 44.96
N GLU D 239 24.16 9.16 45.57
CA GLU D 239 25.60 9.00 45.55
C GLU D 239 25.98 7.64 46.15
N THR D 240 25.36 7.31 47.29
CA THR D 240 25.66 6.07 48.00
C THR D 240 25.33 4.86 47.14
N VAL D 241 24.20 4.91 46.43
CA VAL D 241 23.74 3.81 45.59
C VAL D 241 24.71 3.60 44.42
N HIS D 242 25.12 4.70 43.77
CA HIS D 242 26.13 4.63 42.72
C HIS D 242 27.41 3.97 43.23
N ARG D 243 27.90 4.42 44.40
CA ARG D 243 29.14 3.93 44.96
C ARG D 243 29.00 2.47 45.37
N TYR D 244 27.80 2.06 45.77
CA TYR D 244 27.55 0.69 46.19
C TYR D 244 27.68 -0.25 44.98
N TYR D 245 26.95 0.07 43.90
CA TYR D 245 26.86 -0.83 42.76
C TYR D 245 28.15 -0.82 41.94
N THR D 246 29.04 0.16 42.18
CA THR D 246 30.32 0.23 41.50
C THR D 246 31.15 -1.01 41.79
N GLU D 247 30.96 -1.59 42.98
CA GLU D 247 31.78 -2.71 43.42
C GLU D 247 31.41 -3.99 42.67
N PHE D 248 30.32 -3.98 41.88
CA PHE D 248 29.88 -5.16 41.14
C PHE D 248 30.22 -4.99 39.66
N PRO D 249 31.16 -5.79 39.08
CA PRO D 249 31.47 -5.71 37.65
C PRO D 249 30.27 -6.03 36.77
N THR D 250 29.31 -6.78 37.33
CA THR D 250 28.19 -7.34 36.60
C THR D 250 27.07 -6.31 36.42
N VAL D 251 27.23 -5.12 37.01
CA VAL D 251 26.25 -4.04 36.87
C VAL D 251 26.68 -3.14 35.71
N LEU D 252 25.76 -2.87 34.77
CA LEU D 252 26.06 -2.00 33.65
C LEU D 252 26.02 -0.53 34.06
N ASP D 253 24.84 -0.06 34.49
CA ASP D 253 24.66 1.35 34.80
C ASP D 253 23.47 1.54 35.74
N ILE D 254 23.28 2.77 36.22
CA ILE D 254 22.15 3.12 37.06
C ILE D 254 21.35 4.25 36.41
N THR D 255 20.02 4.05 36.40
CA THR D 255 19.04 4.90 35.75
C THR D 255 17.84 5.07 36.68
N ALA D 256 16.88 5.89 36.27
CA ALA D 256 15.59 6.00 36.96
C ALA D 256 14.48 5.51 36.04
N GLU D 257 13.49 4.81 36.59
CA GLU D 257 12.28 4.45 35.86
C GLU D 257 11.59 5.71 35.37
N ASP D 258 11.52 6.74 36.23
CA ASP D 258 10.63 7.87 36.06
C ASP D 258 11.44 9.16 36.17
N PRO D 259 12.15 9.57 35.10
CA PRO D 259 12.99 10.76 35.13
C PRO D 259 12.22 12.08 35.16
N SER D 260 11.72 12.42 36.35
CA SER D 260 11.05 13.69 36.60
C SER D 260 12.04 14.85 36.47
N LYS D 261 11.49 16.08 36.47
CA LYS D 261 12.30 17.28 36.52
C LYS D 261 13.19 17.22 37.76
N SER D 262 12.63 16.80 38.88
CA SER D 262 13.36 16.85 40.14
C SER D 262 14.45 15.77 40.18
N TYR D 263 14.16 14.59 39.62
CA TYR D 263 15.16 13.54 39.47
C TYR D 263 16.33 14.05 38.63
N VAL D 264 16.04 14.67 37.48
CA VAL D 264 17.07 15.11 36.57
C VAL D 264 17.97 16.13 37.26
N LYS D 265 17.36 17.04 38.03
CA LYS D 265 18.10 18.04 38.78
C LYS D 265 19.02 17.35 39.80
N LEU D 266 18.45 16.39 40.52
CA LEU D 266 19.20 15.65 41.53
C LEU D 266 20.32 14.87 40.86
N ARG D 267 20.01 14.19 39.76
CA ARG D 267 20.98 13.38 39.03
C ARG D 267 22.13 14.24 38.56
N ASP D 268 21.82 15.38 37.93
CA ASP D 268 22.84 16.23 37.36
C ASP D 268 23.76 16.73 38.47
N PHE D 269 23.21 16.95 39.67
CA PHE D 269 23.98 17.41 40.81
C PHE D 269 25.01 16.34 41.20
N VAL D 270 24.53 15.11 41.34
CA VAL D 270 25.33 14.01 41.88
C VAL D 270 26.39 13.59 40.88
N LEU D 271 26.02 13.48 39.60
CA LEU D 271 26.95 12.98 38.60
C LEU D 271 28.06 14.00 38.37
N VAL D 272 27.75 15.29 38.51
CA VAL D 272 28.76 16.35 38.44
C VAL D 272 29.71 16.22 39.62
N LYS D 273 29.15 15.97 40.82
CA LYS D 273 29.93 15.80 42.03
C LYS D 273 30.92 14.66 41.83
N LEU D 274 30.44 13.55 41.24
CA LEU D 274 31.23 12.33 41.11
C LEU D 274 32.26 12.43 40.00
N CYS D 275 32.03 13.29 39.00
CA CYS D 275 32.79 13.21 37.76
C CYS D 275 33.78 14.37 37.62
N GLN D 276 33.63 15.45 38.38
CA GLN D 276 34.41 16.65 38.11
C GLN D 276 35.89 16.41 38.37
N ASP D 277 36.21 15.54 39.34
CA ASP D 277 37.59 15.30 39.73
C ASP D 277 38.17 14.09 39.00
N LEU D 278 37.47 13.57 37.97
CA LEU D 278 37.99 12.46 37.19
C LEU D 278 38.97 12.98 36.13
N PRO D 279 40.04 12.23 35.81
CA PRO D 279 41.01 12.64 34.80
C PRO D 279 40.38 12.97 33.44
N CYS D 280 39.44 12.12 33.01
CA CYS D 280 38.86 12.22 31.67
C CYS D 280 38.00 13.47 31.51
N PHE D 281 37.64 14.13 32.63
CA PHE D 281 36.83 15.34 32.63
C PHE D 281 37.61 16.56 33.10
N SER D 282 38.93 16.58 32.85
CA SER D 282 39.78 17.71 33.22
C SER D 282 39.57 18.86 32.24
N ARG D 283 39.93 20.09 32.67
CA ARG D 283 39.82 21.27 31.84
C ARG D 283 40.34 20.97 30.43
N GLU D 284 41.53 20.36 30.34
CA GLU D 284 42.21 20.18 29.06
C GLU D 284 41.49 19.12 28.22
N LYS D 285 40.95 18.07 28.85
CA LYS D 285 40.31 16.98 28.13
C LYS D 285 38.90 17.38 27.69
N LEU D 286 38.25 18.30 28.44
CA LEU D 286 36.92 18.78 28.12
C LEU D 286 36.95 19.63 26.84
N MET D 287 38.01 20.42 26.67
CA MET D 287 38.12 21.38 25.59
C MET D 287 38.38 20.69 24.25
N GLN D 288 38.86 19.44 24.28
CA GLN D 288 39.13 18.69 23.06
C GLN D 288 37.83 18.11 22.50
N GLY D 289 36.73 18.20 23.25
CA GLY D 289 35.43 17.70 22.82
C GLY D 289 35.02 16.47 23.63
N PHE D 290 33.79 16.00 23.42
CA PHE D 290 33.31 14.79 24.06
C PHE D 290 34.01 13.59 23.44
N ASN D 291 34.47 12.66 24.28
CA ASN D 291 35.20 11.48 23.86
C ASN D 291 34.53 10.25 24.49
N GLU D 292 34.55 9.12 23.77
CA GLU D 292 33.97 7.88 24.26
C GLU D 292 34.65 7.49 25.58
N ASP D 293 35.96 7.82 25.70
CA ASP D 293 36.73 7.57 26.91
C ASP D 293 35.99 8.03 28.16
N MET D 294 35.24 9.14 28.06
CA MET D 294 34.55 9.72 29.21
C MET D 294 33.42 8.82 29.67
N ALA D 295 32.69 8.24 28.73
CA ALA D 295 31.59 7.33 29.06
C ALA D 295 32.14 6.04 29.66
N ILE D 296 33.29 5.58 29.14
CA ILE D 296 33.95 4.38 29.63
C ILE D 296 34.31 4.59 31.10
N GLU D 297 35.04 5.66 31.38
CA GLU D 297 35.57 5.91 32.73
C GLU D 297 34.40 6.13 33.70
N ALA D 298 33.36 6.84 33.26
CA ALA D 298 32.21 7.12 34.10
C ALA D 298 31.46 5.83 34.45
N GLN D 299 31.39 4.91 33.48
CA GLN D 299 30.77 3.61 33.68
C GLN D 299 31.60 2.76 34.64
N GLN D 300 32.92 2.72 34.43
CA GLN D 300 33.80 1.89 35.27
C GLN D 300 33.80 2.40 36.71
N LYS D 301 33.95 3.72 36.89
CA LYS D 301 34.19 4.29 38.20
C LYS D 301 32.89 4.41 38.99
N PHE D 302 31.74 4.73 38.34
CA PHE D 302 30.51 4.97 39.09
C PHE D 302 29.25 4.43 38.40
N LYS D 303 29.38 3.55 37.40
CA LYS D 303 28.23 2.92 36.76
C LYS D 303 27.28 3.98 36.20
N ILE D 304 27.85 4.99 35.54
CA ILE D 304 27.09 6.07 34.97
C ILE D 304 26.77 5.73 33.52
N ASN D 305 25.46 5.77 33.23
CA ASN D 305 24.87 5.53 31.93
C ASN D 305 25.57 6.34 30.85
N LYS D 306 25.71 5.74 29.66
CA LYS D 306 26.41 6.37 28.55
C LYS D 306 25.81 7.74 28.25
N GLN D 307 24.47 7.82 28.22
CA GLN D 307 23.78 9.04 27.84
C GLN D 307 23.91 10.09 28.96
N HIS D 308 23.92 9.63 30.22
CA HIS D 308 24.11 10.51 31.36
C HIS D 308 25.48 11.17 31.34
N ALA D 309 26.50 10.45 30.86
CA ALA D 309 27.85 10.96 30.80
C ALA D 309 27.95 12.12 29.80
N ARG D 310 27.13 12.06 28.74
CA ARG D 310 27.03 13.16 27.79
C ARG D 310 26.44 14.39 28.47
N ARG D 311 25.48 14.21 29.38
CA ARG D 311 24.89 15.32 30.12
C ARG D 311 25.93 15.96 31.04
N VAL D 312 26.67 15.14 31.79
CA VAL D 312 27.72 15.63 32.66
C VAL D 312 28.73 16.44 31.85
N TYR D 313 29.10 15.95 30.67
CA TYR D 313 30.11 16.60 29.86
C TYR D 313 29.71 18.05 29.57
N GLU D 314 28.45 18.26 29.15
CA GLU D 314 27.98 19.59 28.79
C GLU D 314 28.10 20.55 29.97
N ILE D 315 27.68 20.08 31.16
CA ILE D 315 27.63 20.90 32.36
C ILE D 315 29.03 21.31 32.75
N LEU D 316 29.95 20.33 32.77
CA LEU D 316 31.33 20.55 33.17
C LEU D 316 32.02 21.46 32.16
N ARG D 317 31.69 21.31 30.87
CA ARG D 317 32.35 22.09 29.83
C ARG D 317 31.86 23.53 29.86
N LEU D 318 30.63 23.75 30.35
CA LEU D 318 30.11 25.10 30.52
C LEU D 318 30.85 25.77 31.67
N LEU D 319 31.07 25.02 32.76
CA LEU D 319 31.73 25.52 33.95
C LEU D 319 33.12 26.07 33.60
N VAL D 320 33.81 25.44 32.65
CA VAL D 320 35.10 25.88 32.19
C VAL D 320 34.91 27.03 31.17
N ALA E 4 -37.28 7.43 -37.54
CA ALA E 4 -37.51 6.93 -36.16
C ALA E 4 -36.19 6.52 -35.51
N GLU E 5 -35.14 6.31 -36.30
CA GLU E 5 -33.80 6.06 -35.74
C GLU E 5 -33.23 7.33 -35.12
N TYR E 6 -33.94 8.46 -35.26
CA TYR E 6 -33.53 9.74 -34.70
C TYR E 6 -34.47 10.14 -33.58
N LYS E 7 -34.87 9.17 -32.73
CA LYS E 7 -35.66 9.45 -31.53
C LYS E 7 -34.80 9.14 -30.31
N CYS E 8 -34.66 10.12 -29.40
CA CYS E 8 -33.87 9.98 -28.20
C CYS E 8 -34.71 10.40 -27.00
N ASN E 9 -34.76 9.55 -25.96
CA ASN E 9 -35.42 9.88 -24.71
C ASN E 9 -34.65 11.02 -24.06
N THR E 10 -35.36 12.08 -23.64
CA THR E 10 -34.72 13.31 -23.21
C THR E 10 -34.38 13.25 -21.72
N ASN E 11 -35.13 12.47 -20.93
CA ASN E 11 -34.81 12.29 -19.52
C ASN E 11 -33.37 11.80 -19.36
N THR E 12 -32.94 10.86 -20.21
CA THR E 12 -31.61 10.27 -20.06
C THR E 12 -30.57 11.08 -20.85
N ALA E 13 -31.04 11.98 -21.73
CA ALA E 13 -30.15 12.75 -22.59
C ALA E 13 -29.70 14.04 -21.90
N ILE E 14 -30.44 14.48 -20.88
CA ILE E 14 -30.12 15.72 -20.19
C ILE E 14 -29.27 15.40 -18.96
N GLU E 15 -27.97 15.67 -19.06
CA GLU E 15 -27.03 15.44 -17.97
C GLU E 15 -26.90 16.72 -17.15
N LEU E 16 -27.33 16.62 -15.88
CA LEU E 16 -27.18 17.70 -14.92
C LEU E 16 -25.95 17.43 -14.06
N LYS E 17 -25.21 18.49 -13.70
CA LYS E 17 -24.11 18.39 -12.76
C LYS E 17 -24.06 19.59 -11.83
N LEU E 18 -23.67 19.34 -10.56
CA LEU E 18 -23.28 20.35 -9.60
C LEU E 18 -21.78 20.21 -9.38
N VAL E 19 -21.02 21.23 -9.79
CA VAL E 19 -19.57 21.09 -9.91
C VAL E 19 -18.91 21.93 -8.82
N ARG E 20 -18.15 21.23 -7.93
CA ARG E 20 -17.35 21.87 -6.89
C ARG E 20 -15.88 21.88 -7.30
N PHE E 21 -15.40 20.78 -7.88
CA PHE E 21 -14.01 20.62 -8.28
C PHE E 21 -13.92 20.28 -9.77
N PRO E 22 -12.82 20.63 -10.46
CA PRO E 22 -12.66 20.32 -11.88
C PRO E 22 -12.92 18.86 -12.25
N GLU E 23 -12.57 17.94 -11.34
CA GLU E 23 -12.69 16.51 -11.58
C GLU E 23 -14.15 16.09 -11.69
N ASP E 24 -15.07 16.91 -11.15
CA ASP E 24 -16.48 16.60 -11.16
C ASP E 24 -17.00 16.52 -12.59
N LEU E 25 -16.36 17.22 -13.54
CA LEU E 25 -16.73 17.16 -14.95
C LEU E 25 -16.56 15.73 -15.48
N GLU E 26 -15.55 15.00 -15.01
CA GLU E 26 -15.19 13.70 -15.54
C GLU E 26 -15.83 12.57 -14.72
N ASN E 27 -16.53 12.90 -13.62
CA ASN E 27 -16.99 11.91 -12.66
C ASN E 27 -18.50 11.69 -12.84
N ASP E 28 -18.85 10.52 -13.41
CA ASP E 28 -20.23 10.20 -13.76
C ASP E 28 -21.12 10.10 -12.51
N ILE E 29 -20.52 9.85 -11.33
CA ILE E 29 -21.30 9.78 -10.11
C ILE E 29 -21.96 11.13 -9.82
N ARG E 30 -21.34 12.23 -10.26
CA ARG E 30 -21.86 13.56 -9.98
C ARG E 30 -23.01 13.94 -10.91
N THR E 31 -23.21 13.18 -11.99
CA THR E 31 -24.27 13.45 -12.94
C THR E 31 -25.60 12.92 -12.41
N PHE E 32 -26.66 13.72 -12.52
CA PHE E 32 -28.02 13.24 -12.29
C PHE E 32 -28.91 13.71 -13.43
N PHE E 33 -30.16 13.20 -13.45
CA PHE E 33 -31.00 13.26 -14.63
C PHE E 33 -32.41 13.70 -14.25
N PRO E 34 -33.09 14.44 -15.15
CA PRO E 34 -34.48 14.84 -14.93
C PRO E 34 -35.39 13.67 -14.64
N GLU E 35 -36.34 13.87 -13.72
CA GLU E 35 -37.46 12.97 -13.55
C GLU E 35 -38.56 13.30 -14.56
N TYR E 36 -38.58 14.53 -15.08
CA TYR E 36 -39.61 14.97 -16.01
C TYR E 36 -39.02 15.90 -17.05
N THR E 37 -39.41 15.72 -18.31
CA THR E 37 -39.05 16.64 -19.39
C THR E 37 -40.25 16.85 -20.32
N HIS E 38 -41.46 16.58 -19.80
CA HIS E 38 -42.66 16.51 -20.63
C HIS E 38 -43.12 17.89 -21.08
N GLN E 39 -42.81 18.91 -20.26
CA GLN E 39 -43.21 20.27 -20.56
C GLN E 39 -42.44 20.81 -21.77
N LEU E 40 -41.30 20.18 -22.13
CA LEU E 40 -40.57 20.59 -23.31
C LEU E 40 -40.76 19.58 -24.46
N PHE E 41 -40.98 18.30 -24.15
CA PHE E 41 -40.84 17.27 -25.17
C PHE E 41 -42.06 16.34 -25.23
N GLY E 42 -43.14 16.66 -24.51
CA GLY E 42 -44.37 15.89 -24.56
C GLY E 42 -44.38 14.70 -23.61
N ASP E 43 -45.54 14.05 -23.51
CA ASP E 43 -45.73 12.94 -22.59
C ASP E 43 -44.73 11.82 -22.87
N ASP E 44 -44.41 11.63 -24.15
CA ASP E 44 -43.45 10.63 -24.59
C ASP E 44 -42.03 10.94 -24.13
N GLU E 45 -41.72 12.21 -23.83
CA GLU E 45 -40.40 12.57 -23.34
C GLU E 45 -39.33 12.09 -24.31
N THR E 46 -39.53 12.43 -25.58
CA THR E 46 -38.63 12.08 -26.68
C THR E 46 -38.36 13.34 -27.50
N ALA E 47 -37.21 13.35 -28.18
CA ALA E 47 -36.83 14.42 -29.08
C ALA E 47 -36.44 13.82 -30.41
N PHE E 48 -37.02 14.35 -31.49
CA PHE E 48 -36.74 13.88 -32.84
C PHE E 48 -35.64 14.72 -33.46
N GLY E 49 -34.74 14.08 -34.21
CA GLY E 49 -33.85 14.77 -35.13
C GLY E 49 -32.38 14.46 -34.89
N TYR E 50 -32.05 13.83 -33.75
CA TYR E 50 -30.66 13.63 -33.35
C TYR E 50 -30.38 12.14 -33.11
N LYS E 51 -29.15 11.73 -33.44
CA LYS E 51 -28.59 10.45 -33.03
C LYS E 51 -27.52 10.74 -31.98
N GLY E 52 -27.63 10.11 -30.81
CA GLY E 52 -26.65 10.28 -29.75
C GLY E 52 -26.75 11.67 -29.10
N LEU E 53 -27.98 12.08 -28.77
CA LEU E 53 -28.24 13.40 -28.24
C LEU E 53 -27.72 13.46 -26.81
N LYS E 54 -26.96 14.53 -26.52
CA LYS E 54 -26.45 14.81 -25.19
C LYS E 54 -26.68 16.29 -24.91
N ILE E 55 -27.50 16.58 -23.88
CA ILE E 55 -27.77 17.94 -23.45
C ILE E 55 -27.06 18.18 -22.13
N LEU E 56 -26.08 19.09 -22.11
CA LEU E 56 -25.27 19.33 -20.93
C LEU E 56 -25.73 20.61 -20.25
N LEU E 57 -26.20 20.47 -19.00
CA LEU E 57 -26.49 21.60 -18.13
C LEU E 57 -25.64 21.46 -16.86
N TYR E 58 -24.40 21.97 -16.92
CA TYR E 58 -23.51 21.95 -15.78
C TYR E 58 -23.67 23.25 -14.99
N TYR E 59 -23.77 23.12 -13.67
CA TYR E 59 -23.90 24.26 -12.79
C TYR E 59 -22.75 24.23 -11.78
N ILE E 60 -22.11 25.39 -11.54
CA ILE E 60 -21.16 25.51 -10.45
C ILE E 60 -21.93 25.47 -9.14
N ALA E 61 -21.41 24.72 -8.17
CA ALA E 61 -22.24 24.14 -7.11
C ALA E 61 -22.99 25.19 -6.31
N GLY E 62 -22.38 26.36 -6.08
CA GLY E 62 -22.94 27.39 -5.23
C GLY E 62 -23.76 28.41 -6.04
N SER E 63 -23.03 29.17 -6.88
CA SER E 63 -23.58 30.29 -7.63
C SER E 63 -24.55 29.83 -8.72
N LEU E 64 -24.40 28.57 -9.16
CA LEU E 64 -25.19 27.99 -10.24
C LEU E 64 -24.85 28.60 -11.60
N SER E 65 -23.69 29.26 -11.74
CA SER E 65 -23.25 29.71 -13.05
C SER E 65 -23.23 28.51 -14.00
N THR E 66 -23.74 28.71 -15.22
CA THR E 66 -24.23 27.61 -16.03
C THR E 66 -23.39 27.42 -17.28
N MET E 67 -23.12 26.15 -17.60
CA MET E 67 -22.74 25.77 -18.95
C MET E 67 -23.92 25.04 -19.59
N PHE E 68 -24.25 25.45 -20.82
CA PHE E 68 -25.28 24.79 -21.61
C PHE E 68 -24.73 24.47 -23.00
N ARG E 69 -24.71 23.17 -23.33
CA ARG E 69 -24.26 22.68 -24.62
C ARG E 69 -25.19 21.58 -25.10
N VAL E 70 -25.45 21.60 -26.42
CA VAL E 70 -26.09 20.47 -27.08
C VAL E 70 -25.03 19.76 -27.91
N GLU E 71 -24.91 18.44 -27.73
CA GLU E 71 -23.99 17.62 -28.50
C GLU E 71 -24.77 16.50 -29.18
N TYR E 72 -24.25 16.00 -30.31
CA TYR E 72 -24.87 14.89 -31.00
C TYR E 72 -23.90 14.24 -31.97
N ALA E 73 -24.13 12.96 -32.26
CA ALA E 73 -23.39 12.24 -33.29
C ALA E 73 -23.80 12.76 -34.67
N SER E 74 -25.11 12.84 -34.91
CA SER E 74 -25.63 13.43 -36.14
C SER E 74 -27.00 14.06 -35.88
N LYS E 75 -27.41 14.95 -36.80
CA LYS E 75 -28.78 15.44 -36.81
C LYS E 75 -29.31 15.35 -38.24
N VAL E 76 -30.63 15.55 -38.41
CA VAL E 76 -31.29 15.32 -39.68
C VAL E 76 -30.99 16.49 -40.63
N ASP E 77 -30.99 17.72 -40.10
CA ASP E 77 -30.35 18.84 -40.76
C ASP E 77 -28.84 18.63 -40.57
N VAL E 83 -36.28 17.03 -43.46
CA VAL E 83 -36.79 16.86 -42.07
C VAL E 83 -36.20 18.00 -41.24
N GLU E 84 -36.96 18.42 -40.22
CA GLU E 84 -36.51 19.44 -39.27
C GLU E 84 -36.46 18.85 -37.85
N ALA E 85 -35.29 18.92 -37.23
CA ALA E 85 -35.11 18.43 -35.87
C ALA E 85 -35.88 19.32 -34.90
N ASP E 86 -36.29 18.74 -33.78
CA ASP E 86 -36.87 19.51 -32.70
C ASP E 86 -35.85 20.55 -32.25
N ASP E 87 -36.35 21.74 -31.89
CA ASP E 87 -35.48 22.85 -31.52
C ASP E 87 -35.10 22.72 -30.05
N VAL E 88 -34.22 21.75 -29.74
CA VAL E 88 -33.82 21.43 -28.38
C VAL E 88 -33.25 22.67 -27.72
N GLU E 89 -32.33 23.33 -28.43
CA GLU E 89 -31.66 24.51 -27.94
C GLU E 89 -32.70 25.57 -27.56
N GLY E 90 -33.63 25.84 -28.47
CA GLY E 90 -34.64 26.86 -28.27
C GLY E 90 -35.51 26.57 -27.05
N LYS E 91 -35.91 25.31 -26.88
CA LYS E 91 -36.78 24.91 -25.78
C LYS E 91 -36.08 25.10 -24.44
N ILE E 92 -34.79 24.72 -24.37
CA ILE E 92 -34.03 24.84 -23.14
C ILE E 92 -33.81 26.32 -22.82
N ARG E 93 -33.58 27.13 -23.86
CA ARG E 93 -33.32 28.55 -23.65
C ARG E 93 -34.54 29.27 -23.10
N GLN E 94 -35.74 28.72 -23.28
CA GLN E 94 -36.93 29.32 -22.70
C GLN E 94 -36.88 29.29 -21.18
N ILE E 95 -36.19 28.30 -20.58
CA ILE E 95 -36.34 28.03 -19.16
C ILE E 95 -35.05 28.30 -18.39
N ILE E 96 -33.97 28.73 -19.07
CA ILE E 96 -32.76 29.12 -18.38
C ILE E 96 -32.44 30.56 -18.77
N PRO E 97 -31.86 31.38 -17.87
CA PRO E 97 -31.48 32.75 -18.19
C PRO E 97 -30.40 32.81 -19.27
N PRO E 98 -30.22 33.96 -19.96
CA PRO E 98 -29.07 34.14 -20.84
C PRO E 98 -27.81 34.31 -20.01
N GLY E 99 -26.65 34.18 -20.67
CA GLY E 99 -25.36 34.46 -20.05
C GLY E 99 -24.57 33.18 -19.76
N PHE E 100 -25.17 32.02 -20.02
CA PHE E 100 -24.49 30.75 -19.88
C PHE E 100 -23.29 30.71 -20.81
N CYS E 101 -22.25 29.97 -20.41
CA CYS E 101 -21.12 29.68 -21.28
C CYS E 101 -21.39 28.34 -21.98
N THR E 102 -20.57 28.01 -22.98
CA THR E 102 -20.91 26.95 -23.92
C THR E 102 -19.77 25.95 -24.12
N ASN E 103 -18.75 25.99 -23.25
CA ASN E 103 -17.66 25.01 -23.31
C ASN E 103 -17.07 24.83 -21.91
N THR E 104 -16.35 23.73 -21.70
CA THR E 104 -15.91 23.34 -20.37
C THR E 104 -14.80 24.27 -19.88
N ASN E 105 -13.99 24.81 -20.80
CA ASN E 105 -12.89 25.70 -20.42
C ASN E 105 -13.44 26.96 -19.75
N ASP E 106 -14.41 27.61 -20.40
CA ASP E 106 -15.02 28.82 -19.85
C ASP E 106 -15.71 28.52 -18.52
N PHE E 107 -16.28 27.31 -18.41
CA PHE E 107 -16.98 26.89 -17.21
C PHE E 107 -15.98 26.75 -16.06
N LEU E 108 -14.83 26.13 -16.31
CA LEU E 108 -13.78 25.96 -15.32
C LEU E 108 -13.21 27.31 -14.90
N SER E 109 -13.23 28.31 -15.79
CA SER E 109 -12.79 29.64 -15.43
C SER E 109 -13.66 30.19 -14.31
N LEU E 110 -14.97 29.96 -14.41
CA LEU E 110 -15.91 30.45 -13.42
C LEU E 110 -15.66 29.79 -12.08
N LEU E 111 -15.13 28.56 -12.11
CA LEU E 111 -14.87 27.78 -10.91
C LEU E 111 -13.85 28.48 -10.01
N GLU E 112 -12.90 29.20 -10.61
CA GLU E 112 -11.86 29.89 -9.86
C GLU E 112 -12.46 31.02 -9.02
N LYS E 113 -13.51 31.67 -9.52
CA LYS E 113 -14.11 32.82 -8.87
C LYS E 113 -15.14 32.39 -7.82
N GLU E 114 -15.45 31.10 -7.74
CA GLU E 114 -16.52 30.57 -6.92
C GLU E 114 -16.21 30.75 -5.43
N VAL E 115 -14.92 30.87 -5.08
CA VAL E 115 -14.50 31.12 -3.71
C VAL E 115 -15.26 32.32 -3.12
N ASP E 116 -15.62 33.28 -3.97
CA ASP E 116 -16.23 34.52 -3.53
C ASP E 116 -17.74 34.40 -3.42
N PHE E 117 -18.34 33.29 -3.89
CA PHE E 117 -19.77 33.13 -3.83
C PHE E 117 -20.20 33.01 -2.38
N LYS E 118 -21.18 33.83 -1.99
CA LYS E 118 -21.70 33.84 -0.62
C LYS E 118 -23.22 33.68 -0.68
N PRO E 119 -23.85 32.98 0.30
CA PRO E 119 -25.29 32.80 0.31
C PRO E 119 -25.99 34.16 0.43
N PHE E 120 -27.25 34.20 -0.05
CA PHE E 120 -28.05 35.41 -0.04
C PHE E 120 -28.93 35.42 1.21
N GLY E 121 -29.02 36.60 1.84
CA GLY E 121 -30.04 36.83 2.84
C GLY E 121 -29.53 36.59 4.27
N THR E 122 -30.46 36.19 5.13
CA THR E 122 -30.27 36.15 6.56
C THR E 122 -30.14 34.68 6.96
N LEU E 123 -29.08 34.38 7.73
CA LEU E 123 -28.89 33.05 8.27
C LEU E 123 -29.94 32.82 9.38
N LEU E 124 -30.66 31.71 9.30
CA LEU E 124 -31.71 31.38 10.26
C LEU E 124 -31.35 30.17 11.11
N HIS E 125 -30.57 29.22 10.55
CA HIS E 125 -30.36 27.94 11.20
C HIS E 125 -29.15 27.24 10.59
N THR E 126 -28.40 26.53 11.44
CA THR E 126 -27.25 25.73 11.05
C THR E 126 -27.43 24.35 11.67
N TYR E 127 -27.14 23.30 10.90
CA TYR E 127 -27.35 21.95 11.38
C TYR E 127 -26.32 21.02 10.74
N SER E 128 -26.19 19.83 11.33
CA SER E 128 -25.30 18.80 10.80
C SER E 128 -26.12 17.59 10.38
N VAL E 129 -25.70 16.95 9.28
CA VAL E 129 -26.23 15.66 8.93
C VAL E 129 -25.07 14.68 8.91
N LEU E 130 -25.29 13.55 9.59
CA LEU E 130 -24.31 12.50 9.66
C LEU E 130 -24.32 11.74 8.33
N SER E 131 -23.15 11.27 7.91
CA SER E 131 -23.03 10.43 6.71
C SER E 131 -23.68 9.08 6.96
N PRO E 132 -24.15 8.37 5.89
CA PRO E 132 -24.64 7.00 6.04
C PRO E 132 -23.62 6.04 6.68
N GLY E 134 -20.87 5.83 8.23
CA GLY E 134 -19.64 6.09 9.02
C GLY E 134 -19.86 7.25 10.00
N GLY E 135 -18.90 8.18 10.02
CA GLY E 135 -18.83 9.19 11.07
C GLY E 135 -19.10 10.60 10.56
N GLU E 136 -18.56 10.95 9.39
CA GLU E 136 -18.39 12.35 9.00
C GLU E 136 -19.69 13.14 9.03
N ASN E 137 -19.66 14.36 9.58
CA ASN E 137 -20.82 15.23 9.66
C ASN E 137 -20.67 16.37 8.65
N PHE E 138 -21.67 16.53 7.78
CA PHE E 138 -21.74 17.64 6.86
C PHE E 138 -22.46 18.80 7.55
N THR E 139 -22.13 20.04 7.17
CA THR E 139 -22.73 21.22 7.78
C THR E 139 -23.62 21.94 6.77
N PHE E 140 -24.83 22.29 7.21
CA PHE E 140 -25.79 22.94 6.33
C PHE E 140 -26.34 24.19 7.00
N GLN E 141 -26.86 25.10 6.16
CA GLN E 141 -27.44 26.35 6.61
C GLN E 141 -28.69 26.70 5.81
N ILE E 142 -29.68 27.26 6.49
CA ILE E 142 -30.89 27.78 5.89
C ILE E 142 -30.86 29.31 5.97
N TYR E 143 -31.07 29.96 4.83
CA TYR E 143 -31.12 31.41 4.72
C TYR E 143 -32.50 31.84 4.24
N LYS E 144 -32.95 33.03 4.68
CA LYS E 144 -34.12 33.68 4.12
C LYS E 144 -33.66 34.84 3.23
N ALA E 145 -34.02 34.78 1.95
CA ALA E 145 -33.61 35.78 0.98
C ALA E 145 -34.81 36.45 0.33
N ASP E 146 -34.53 37.54 -0.41
CA ASP E 146 -35.53 38.26 -1.17
C ASP E 146 -34.82 39.01 -2.29
N MET E 147 -35.60 39.67 -3.15
CA MET E 147 -35.08 40.24 -4.38
C MET E 147 -34.30 41.53 -4.10
N THR E 148 -34.30 42.03 -2.86
CA THR E 148 -33.48 43.18 -2.51
C THR E 148 -32.02 42.75 -2.34
N CYS E 149 -31.77 41.48 -2.02
CA CYS E 149 -30.41 40.96 -1.89
C CYS E 149 -29.74 40.96 -3.28
N ARG E 150 -28.63 41.66 -3.42
CA ARG E 150 -27.94 41.80 -4.70
C ARG E 150 -27.59 40.42 -5.24
N GLY E 151 -27.95 40.16 -6.50
CA GLY E 151 -27.56 38.96 -7.22
C GLY E 151 -28.59 37.84 -7.11
N PHE E 152 -29.54 37.95 -6.18
CA PHE E 152 -30.43 36.84 -5.86
C PHE E 152 -31.36 36.56 -7.04
N ARG E 153 -31.84 37.62 -7.70
CA ARG E 153 -32.81 37.50 -8.77
C ARG E 153 -32.24 36.67 -9.92
N GLU E 154 -30.97 36.95 -10.27
CA GLU E 154 -30.28 36.20 -11.31
C GLU E 154 -30.09 34.76 -10.86
N TYR E 155 -29.74 34.59 -9.57
CA TYR E 155 -29.50 33.27 -9.01
C TYR E 155 -30.78 32.45 -9.00
N HIS E 156 -31.90 33.09 -8.67
CA HIS E 156 -33.18 32.40 -8.62
C HIS E 156 -33.62 31.94 -10.02
N GLU E 157 -33.27 32.72 -11.05
CA GLU E 157 -33.56 32.33 -12.42
C GLU E 157 -32.77 31.09 -12.80
N ARG E 158 -31.52 31.02 -12.31
CA ARG E 158 -30.66 29.87 -12.59
C ARG E 158 -31.18 28.66 -11.85
N LEU E 159 -31.69 28.88 -10.64
CA LEU E 159 -32.09 27.78 -9.77
C LEU E 159 -33.42 27.18 -10.22
N GLN E 160 -34.37 28.00 -10.65
CA GLN E 160 -35.75 27.57 -10.80
C GLN E 160 -35.94 26.58 -11.95
N THR E 161 -35.06 26.60 -12.94
CA THR E 161 -35.08 25.61 -14.02
C THR E 161 -35.26 24.21 -13.45
N PHE E 162 -34.60 23.92 -12.31
CA PHE E 162 -34.63 22.59 -11.72
C PHE E 162 -36.07 22.17 -11.41
N LEU E 163 -36.98 23.12 -11.14
CA LEU E 163 -38.38 22.80 -10.92
C LEU E 163 -38.94 22.02 -12.11
N MET E 164 -38.53 22.41 -13.32
CA MET E 164 -39.00 21.79 -14.54
C MET E 164 -38.59 20.31 -14.59
N TRP E 165 -37.36 20.00 -14.13
CA TRP E 165 -36.83 18.66 -14.27
C TRP E 165 -37.35 17.73 -13.16
N PHE E 166 -37.75 18.27 -12.00
CA PHE E 166 -37.97 17.43 -10.84
C PHE E 166 -39.34 17.60 -10.19
N ILE E 167 -40.14 18.57 -10.64
CA ILE E 167 -41.50 18.70 -10.13
C ILE E 167 -42.47 18.68 -11.30
N GLU E 168 -43.44 17.76 -11.22
CA GLU E 168 -44.20 17.35 -12.38
C GLU E 168 -45.01 18.52 -12.90
N THR E 169 -45.70 19.23 -12.00
CA THR E 169 -46.64 20.28 -12.38
C THR E 169 -46.00 21.65 -12.18
N ALA E 170 -44.67 21.73 -12.31
CA ALA E 170 -43.91 22.90 -11.92
C ALA E 170 -44.21 24.06 -12.86
N SER E 171 -44.29 25.29 -12.30
CA SER E 171 -44.29 26.49 -13.12
C SER E 171 -43.67 27.65 -12.36
N PHE E 172 -43.04 28.55 -13.11
CA PHE E 172 -42.28 29.65 -12.55
C PHE E 172 -43.20 30.67 -11.88
N ILE E 173 -42.68 31.32 -10.84
CA ILE E 173 -43.44 32.28 -10.05
C ILE E 173 -43.11 33.67 -10.55
N ASP E 174 -43.96 34.63 -10.18
CA ASP E 174 -43.76 36.04 -10.48
C ASP E 174 -42.93 36.68 -9.36
N VAL E 175 -41.65 36.93 -9.63
CA VAL E 175 -40.72 37.34 -8.58
C VAL E 175 -40.98 38.78 -8.17
N ASP E 176 -41.76 39.54 -8.96
CA ASP E 176 -42.07 40.92 -8.64
C ASP E 176 -43.12 41.02 -7.53
N ASP E 177 -43.78 39.91 -7.21
CA ASP E 177 -44.76 39.86 -6.14
C ASP E 177 -44.01 39.71 -4.82
N GLU E 178 -44.16 40.74 -3.97
CA GLU E 178 -43.44 40.87 -2.73
C GLU E 178 -43.92 39.87 -1.67
N ARG E 179 -45.06 39.21 -1.92
CA ARG E 179 -45.59 38.26 -0.96
C ARG E 179 -44.79 36.96 -1.00
N TRP E 180 -43.88 36.81 -1.97
CA TRP E 180 -43.03 35.62 -2.00
C TRP E 180 -41.91 35.76 -0.97
N HIS E 181 -41.74 34.70 -0.15
CA HIS E 181 -40.56 34.54 0.68
C HIS E 181 -39.75 33.38 0.13
N TYR E 182 -38.42 33.50 0.24
CA TYR E 182 -37.50 32.49 -0.26
C TYR E 182 -36.67 31.96 0.91
N PHE E 183 -36.57 30.64 1.02
CA PHE E 183 -35.74 29.99 2.01
C PHE E 183 -34.77 29.08 1.27
N LEU E 184 -33.47 29.32 1.45
CA LEU E 184 -32.43 28.61 0.75
C LEU E 184 -31.67 27.69 1.70
N VAL E 185 -31.28 26.51 1.20
CA VAL E 185 -30.42 25.60 1.92
C VAL E 185 -29.06 25.56 1.22
N PHE E 186 -27.99 25.65 2.02
CA PHE E 186 -26.62 25.57 1.50
C PHE E 186 -25.82 24.58 2.34
N GLU E 187 -24.85 23.91 1.68
CA GLU E 187 -23.89 23.08 2.38
C GLU E 187 -22.54 23.79 2.36
N LYS E 188 -21.83 23.76 3.50
CA LYS E 188 -20.48 24.29 3.57
C LYS E 188 -19.52 23.17 3.22
N TYR E 189 -18.51 23.47 2.41
CA TYR E 189 -17.50 22.48 2.05
C TYR E 189 -16.14 23.16 1.93
N ASN E 190 -15.07 22.36 2.08
CA ASN E 190 -13.70 22.87 2.03
C ASN E 190 -13.20 22.81 0.60
N LYS E 191 -12.41 23.82 0.20
CA LYS E 191 -11.79 23.84 -1.12
C LYS E 191 -10.63 24.83 -1.13
N ASP E 192 -9.41 24.29 -1.30
CA ASP E 192 -8.21 25.09 -1.39
C ASP E 192 -8.13 26.03 -0.19
N GLY E 193 -8.35 25.48 1.01
CA GLY E 193 -8.11 26.21 2.25
C GLY E 193 -9.34 26.96 2.75
N ALA E 194 -10.33 27.21 1.87
CA ALA E 194 -11.43 28.10 2.18
C ALA E 194 -12.70 27.28 2.41
N THR E 195 -13.69 27.91 3.05
CA THR E 195 -15.00 27.34 3.21
C THR E 195 -15.91 27.92 2.13
N LEU E 196 -16.48 27.05 1.29
CA LEU E 196 -17.35 27.47 0.21
C LEU E 196 -18.77 26.97 0.48
N PHE E 197 -19.72 27.49 -0.32
CA PHE E 197 -21.12 27.13 -0.16
C PHE E 197 -21.63 26.46 -1.42
N ALA E 198 -22.41 25.38 -1.23
CA ALA E 198 -23.02 24.65 -2.33
C ALA E 198 -24.53 24.72 -2.19
N THR E 199 -25.23 24.93 -3.32
CA THR E 199 -26.68 24.99 -3.31
C THR E 199 -27.21 23.58 -3.14
N VAL E 200 -28.13 23.43 -2.19
CA VAL E 200 -28.76 22.16 -1.84
C VAL E 200 -30.24 22.14 -2.25
N GLY E 201 -30.94 23.26 -2.00
CA GLY E 201 -32.34 23.32 -2.31
C GLY E 201 -32.96 24.63 -1.82
N TYR E 202 -34.27 24.74 -1.97
CA TYR E 202 -34.97 25.95 -1.58
C TYR E 202 -36.47 25.69 -1.50
N MET E 203 -37.16 26.67 -0.91
CA MET E 203 -38.58 26.60 -0.66
C MET E 203 -39.13 28.00 -0.90
N THR E 204 -40.22 28.10 -1.68
CA THR E 204 -40.92 29.37 -1.81
C THR E 204 -42.18 29.33 -0.95
N VAL E 205 -42.46 30.44 -0.26
CA VAL E 205 -43.58 30.51 0.65
C VAL E 205 -44.36 31.78 0.34
N TYR E 206 -45.67 31.62 0.09
CA TYR E 206 -46.52 32.74 -0.31
C TYR E 206 -47.28 33.24 0.90
N ASN E 207 -47.23 34.56 1.09
CA ASN E 207 -47.73 35.22 2.29
C ASN E 207 -49.16 35.72 2.02
N TYR E 208 -50.11 34.78 2.00
CA TYR E 208 -51.49 35.07 1.63
C TYR E 208 -52.08 36.03 2.66
N TYR E 209 -52.80 37.03 2.14
CA TYR E 209 -53.59 37.94 2.95
C TYR E 209 -54.82 37.20 3.49
N VAL E 210 -55.14 37.44 4.77
CA VAL E 210 -56.34 36.93 5.38
C VAL E 210 -57.07 38.08 6.08
N TYR E 211 -58.36 38.16 5.81
CA TYR E 211 -59.15 39.29 6.24
C TYR E 211 -59.24 39.33 7.77
N PRO E 212 -59.06 40.51 8.42
CA PRO E 212 -58.51 41.70 7.79
C PRO E 212 -57.06 42.09 8.06
N ASP E 213 -56.39 41.50 9.08
CA ASP E 213 -55.12 42.02 9.54
C ASP E 213 -54.05 40.92 9.67
N LYS E 214 -54.27 39.78 9.01
CA LYS E 214 -53.51 38.58 9.29
C LYS E 214 -52.94 38.07 7.96
N THR E 215 -51.93 37.20 8.06
CA THR E 215 -51.44 36.50 6.89
C THR E 215 -51.42 35.00 7.19
N ARG E 216 -51.41 34.21 6.12
CA ARG E 216 -51.35 32.77 6.22
C ARG E 216 -50.30 32.29 5.22
N PRO E 217 -49.01 32.17 5.65
CA PRO E 217 -47.96 31.66 4.76
C PRO E 217 -48.30 30.25 4.31
N ARG E 218 -48.11 30.01 3.00
CA ARG E 218 -48.38 28.71 2.40
C ARG E 218 -47.15 28.30 1.60
N VAL E 219 -46.65 27.08 1.87
CA VAL E 219 -45.55 26.52 1.12
C VAL E 219 -46.04 26.20 -0.29
N SER E 220 -45.31 26.73 -1.29
CA SER E 220 -45.69 26.64 -2.69
C SER E 220 -44.87 25.56 -3.38
N GLN E 221 -43.55 25.74 -3.37
CA GLN E 221 -42.60 24.77 -3.91
C GLN E 221 -41.61 24.44 -2.80
N MET E 222 -41.12 23.19 -2.80
CA MET E 222 -39.89 22.85 -2.10
C MET E 222 -39.09 21.90 -2.96
N LEU E 223 -37.85 22.29 -3.26
CA LEU E 223 -36.97 21.48 -4.07
C LEU E 223 -35.69 21.17 -3.32
N ILE E 224 -35.44 19.87 -3.11
CA ILE E 224 -34.16 19.38 -2.65
C ILE E 224 -33.48 18.71 -3.83
N LEU E 225 -32.29 19.18 -4.19
CA LEU E 225 -31.62 18.67 -5.38
C LEU E 225 -31.20 17.22 -5.14
N THR E 226 -31.21 16.42 -6.21
CA THR E 226 -31.13 14.97 -6.14
C THR E 226 -29.97 14.52 -5.23
N PRO E 227 -28.72 15.04 -5.39
CA PRO E 227 -27.61 14.53 -4.58
C PRO E 227 -27.80 14.64 -3.06
N PHE E 228 -28.74 15.48 -2.60
CA PHE E 228 -28.93 15.75 -1.18
C PHE E 228 -30.21 15.14 -0.65
N GLN E 229 -30.83 14.24 -1.42
CA GLN E 229 -32.09 13.67 -0.99
C GLN E 229 -31.83 12.55 0.00
N GLY E 230 -32.72 12.43 0.98
CA GLY E 230 -32.69 11.37 1.98
C GLY E 230 -31.73 11.72 3.13
N GLN E 231 -31.65 13.01 3.46
CA GLN E 231 -30.76 13.49 4.50
C GLN E 231 -31.49 14.26 5.59
N GLY E 232 -32.77 14.58 5.36
CA GLY E 232 -33.64 15.25 6.32
C GLY E 232 -33.69 16.76 6.12
N HIS E 233 -33.35 17.24 4.92
CA HIS E 233 -33.33 18.67 4.64
C HIS E 233 -34.75 19.25 4.70
N GLY E 234 -35.74 18.52 4.18
CA GLY E 234 -37.10 19.01 4.21
C GLY E 234 -37.63 19.23 5.61
N ALA E 235 -37.29 18.29 6.51
CA ALA E 235 -37.69 18.38 7.91
C ALA E 235 -37.09 19.62 8.57
N GLN E 236 -35.83 19.91 8.28
CA GLN E 236 -35.16 21.08 8.83
C GLN E 236 -35.76 22.35 8.26
N LEU E 237 -36.01 22.33 6.95
CA LEU E 237 -36.50 23.51 6.24
C LEU E 237 -37.85 23.90 6.79
N LEU E 238 -38.74 22.92 6.96
CA LEU E 238 -40.09 23.19 7.43
C LEU E 238 -40.07 23.59 8.90
N GLU E 239 -39.28 22.91 9.72
CA GLU E 239 -39.14 23.29 11.12
C GLU E 239 -38.65 24.74 11.23
N THR E 240 -37.64 25.10 10.42
CA THR E 240 -37.05 26.44 10.47
C THR E 240 -38.09 27.50 10.10
N VAL E 241 -38.91 27.19 9.08
CA VAL E 241 -39.93 28.12 8.60
C VAL E 241 -41.00 28.33 9.66
N HIS E 242 -41.47 27.24 10.29
CA HIS E 242 -42.40 27.34 11.41
C HIS E 242 -41.84 28.23 12.51
N ARG E 243 -40.58 27.98 12.90
CA ARG E 243 -39.96 28.71 14.00
C ARG E 243 -39.79 30.18 13.63
N TYR E 244 -39.55 30.44 12.34
CA TYR E 244 -39.36 31.81 11.86
C TYR E 244 -40.67 32.61 11.99
N TYR E 245 -41.76 32.06 11.45
CA TYR E 245 -43.03 32.79 11.37
C TYR E 245 -43.72 32.85 12.74
N THR E 246 -43.25 32.06 13.71
CA THR E 246 -43.78 32.10 15.06
C THR E 246 -43.58 33.48 15.68
N GLU E 247 -42.51 34.16 15.28
N GLU E 247 -42.50 34.17 15.28
CA GLU E 247 -42.14 35.45 15.86
CA GLU E 247 -42.12 35.45 15.86
C GLU E 247 -43.11 36.55 15.44
C GLU E 247 -43.11 36.54 15.44
N PHE E 248 -43.98 36.27 14.47
CA PHE E 248 -44.92 37.27 13.96
C PHE E 248 -46.33 37.00 14.49
N PRO E 249 -46.90 37.87 15.37
CA PRO E 249 -48.24 37.65 15.92
C PRO E 249 -49.33 37.66 14.85
N THR E 250 -49.05 38.32 13.73
CA THR E 250 -50.05 38.58 12.71
C THR E 250 -50.18 37.40 11.74
N VAL E 251 -49.36 36.35 11.95
CA VAL E 251 -49.43 35.13 11.16
C VAL E 251 -50.37 34.14 11.85
N LEU E 252 -51.34 33.61 11.11
CA LEU E 252 -52.30 32.66 11.66
C LEU E 252 -51.66 31.28 11.77
N ASP E 253 -51.29 30.70 10.62
CA ASP E 253 -50.81 29.34 10.57
C ASP E 253 -49.98 29.12 9.32
N ILE E 254 -49.34 27.94 9.24
CA ILE E 254 -48.53 27.56 8.10
C ILE E 254 -49.06 26.25 7.53
N THR E 255 -49.26 26.28 6.21
CA THR E 255 -49.89 25.22 5.45
C THR E 255 -49.13 25.03 4.14
N ALA E 256 -49.55 24.04 3.36
CA ALA E 256 -49.02 23.81 2.03
C ALA E 256 -50.14 24.03 1.02
N GLU E 257 -49.80 24.62 -0.13
CA GLU E 257 -50.74 24.77 -1.22
C GLU E 257 -51.20 23.40 -1.69
N ASP E 258 -50.26 22.44 -1.75
CA ASP E 258 -50.45 21.18 -2.46
C ASP E 258 -50.12 20.02 -1.53
N PRO E 259 -51.05 19.63 -0.63
CA PRO E 259 -50.76 18.61 0.40
C PRO E 259 -50.71 17.20 -0.15
N SER E 260 -49.56 16.87 -0.76
CA SER E 260 -49.26 15.54 -1.26
C SER E 260 -49.14 14.53 -0.12
N LYS E 261 -49.07 13.25 -0.48
CA LYS E 261 -48.76 12.18 0.46
C LYS E 261 -47.44 12.50 1.17
N SER E 262 -46.44 12.95 0.40
CA SER E 262 -45.11 13.12 0.94
C SER E 262 -45.06 14.35 1.85
N TYR E 263 -45.79 15.42 1.50
CA TYR E 263 -45.93 16.58 2.36
C TYR E 263 -46.56 16.18 3.69
N VAL E 264 -47.64 15.41 3.64
CA VAL E 264 -48.35 15.04 4.86
C VAL E 264 -47.43 14.23 5.77
N LYS E 265 -46.63 13.34 5.18
CA LYS E 265 -45.66 12.54 5.92
C LYS E 265 -44.63 13.46 6.58
N LEU E 266 -44.11 14.40 5.79
CA LEU E 266 -43.13 15.34 6.27
C LEU E 266 -43.74 16.21 7.38
N ARG E 267 -44.94 16.71 7.15
CA ARG E 267 -45.63 17.56 8.09
C ARG E 267 -45.83 16.84 9.41
N ASP E 268 -46.36 15.61 9.35
CA ASP E 268 -46.68 14.86 10.55
C ASP E 268 -45.40 14.61 11.35
N PHE E 269 -44.27 14.46 10.65
CA PHE E 269 -42.99 14.23 11.31
C PHE E 269 -42.62 15.47 12.13
N VAL E 270 -42.68 16.63 11.48
CA VAL E 270 -42.19 17.87 12.05
C VAL E 270 -43.10 18.33 13.19
N LEU E 271 -44.42 18.25 12.99
CA LEU E 271 -45.36 18.75 13.98
C LEU E 271 -45.32 17.88 15.23
N VAL E 272 -45.05 16.58 15.07
CA VAL E 272 -44.88 15.69 16.21
C VAL E 272 -43.61 16.07 16.96
N LYS E 273 -42.54 16.36 16.21
CA LYS E 273 -41.27 16.76 16.80
C LYS E 273 -41.48 18.02 17.64
N LEU E 274 -42.25 18.98 17.12
CA LEU E 274 -42.43 20.28 17.74
C LEU E 274 -43.40 20.21 18.93
N CYS E 275 -44.29 19.22 18.95
CA CYS E 275 -45.43 19.28 19.85
C CYS E 275 -45.31 18.28 21.00
N GLN E 276 -44.44 17.28 20.89
CA GLN E 276 -44.48 16.17 21.84
C GLN E 276 -44.09 16.64 23.25
N ASP E 277 -43.22 17.64 23.32
CA ASP E 277 -42.70 18.12 24.60
C ASP E 277 -43.51 19.32 25.11
N LEU E 278 -44.66 19.61 24.50
CA LEU E 278 -45.51 20.70 24.96
C LEU E 278 -46.38 20.22 26.12
N PRO E 279 -46.66 21.09 27.11
CA PRO E 279 -47.50 20.72 28.25
C PRO E 279 -48.87 20.18 27.85
N CYS E 280 -49.51 20.82 26.87
CA CYS E 280 -50.87 20.50 26.48
C CYS E 280 -50.97 19.12 25.83
N PHE E 281 -49.83 18.53 25.43
CA PHE E 281 -49.78 17.23 24.79
C PHE E 281 -49.08 16.19 25.68
N SER E 282 -49.18 16.35 27.00
CA SER E 282 -48.58 15.40 27.95
C SER E 282 -49.42 14.14 28.04
N ARG E 283 -48.82 13.04 28.53
CA ARG E 283 -49.51 11.77 28.71
C ARG E 283 -50.88 12.02 29.36
N GLU E 284 -50.92 12.81 30.44
CA GLU E 284 -52.12 12.98 31.24
C GLU E 284 -53.16 13.81 30.48
N LYS E 285 -52.71 14.81 29.72
CA LYS E 285 -53.63 15.71 29.02
C LYS E 285 -54.16 15.04 27.74
N LEU E 286 -53.39 14.12 27.16
CA LEU E 286 -53.80 13.38 25.96
C LEU E 286 -54.95 12.44 26.28
N MET E 287 -54.91 11.82 27.46
CA MET E 287 -55.86 10.77 27.83
C MET E 287 -57.22 11.37 28.18
N GLN E 288 -57.29 12.68 28.44
CA GLN E 288 -58.56 13.32 28.77
C GLN E 288 -59.35 13.61 27.48
N GLY E 289 -58.71 13.43 26.31
CA GLY E 289 -59.34 13.66 25.03
C GLY E 289 -58.73 14.88 24.34
N PHE E 290 -59.14 15.14 23.09
CA PHE E 290 -58.71 16.33 22.38
C PHE E 290 -59.40 17.54 22.99
N ASN E 291 -58.62 18.61 23.20
CA ASN E 291 -59.09 19.83 23.83
C ASN E 291 -58.70 21.01 22.93
N GLU E 292 -59.55 22.05 22.91
CA GLU E 292 -59.29 23.24 22.11
C GLU E 292 -57.96 23.86 22.57
N ASP E 293 -57.65 23.74 23.86
CA ASP E 293 -56.40 24.23 24.44
C ASP E 293 -55.18 23.81 23.60
N MET E 294 -55.24 22.60 23.03
CA MET E 294 -54.11 22.04 22.28
C MET E 294 -53.90 22.82 20.98
N ALA E 295 -54.99 23.18 20.30
CA ALA E 295 -54.91 23.94 19.06
C ALA E 295 -54.41 25.35 19.36
N ILE E 296 -54.84 25.92 20.50
CA ILE E 296 -54.44 27.25 20.91
C ILE E 296 -52.92 27.27 21.09
N GLU E 297 -52.41 26.36 21.92
CA GLU E 297 -51.00 26.33 22.27
C GLU E 297 -50.16 26.05 21.03
N ALA E 298 -50.63 25.15 20.16
CA ALA E 298 -49.91 24.79 18.95
C ALA E 298 -49.82 25.97 17.99
N GLN E 299 -50.89 26.78 17.94
CA GLN E 299 -50.93 27.98 17.10
C GLN E 299 -49.99 29.04 17.67
N GLN E 300 -50.05 29.26 18.99
CA GLN E 300 -49.22 30.28 19.63
C GLN E 300 -47.74 29.95 19.50
N LYS E 301 -47.38 28.69 19.79
CA LYS E 301 -45.98 28.30 19.91
C LYS E 301 -45.34 28.09 18.54
N PHE E 302 -46.09 27.53 17.56
CA PHE E 302 -45.48 27.18 16.28
C PHE E 302 -46.37 27.44 15.06
N LYS E 303 -47.46 28.22 15.21
CA LYS E 303 -48.31 28.59 14.09
C LYS E 303 -48.84 27.34 13.38
N ILE E 304 -49.30 26.37 14.18
CA ILE E 304 -49.83 25.13 13.66
C ILE E 304 -51.34 25.27 13.51
N ASN E 305 -51.78 25.00 12.27
CA ASN E 305 -53.15 25.01 11.83
C ASN E 305 -54.03 24.19 12.79
N LYS E 306 -55.26 24.66 13.01
CA LYS E 306 -56.18 24.04 13.94
C LYS E 306 -56.37 22.56 13.58
N GLN E 307 -56.56 22.27 12.28
CA GLN E 307 -56.85 20.93 11.81
C GLN E 307 -55.60 20.06 11.92
N HIS E 308 -54.42 20.64 11.69
CA HIS E 308 -53.16 19.93 11.82
C HIS E 308 -52.92 19.50 13.27
N ALA E 309 -53.38 20.29 14.24
CA ALA E 309 -53.20 19.98 15.65
C ALA E 309 -54.03 18.75 16.04
N ARG E 310 -55.17 18.57 15.36
CA ARG E 310 -55.98 17.37 15.54
C ARG E 310 -55.22 16.15 15.03
N ARG E 311 -54.46 16.28 13.95
CA ARG E 311 -53.67 15.18 13.41
C ARG E 311 -52.55 14.82 14.39
N VAL E 312 -51.84 15.82 14.91
CA VAL E 312 -50.78 15.59 15.89
C VAL E 312 -51.36 14.84 17.09
N TYR E 313 -52.54 15.26 17.54
CA TYR E 313 -53.14 14.68 18.73
C TYR E 313 -53.29 13.17 18.57
N GLU E 314 -53.83 12.74 17.42
CA GLU E 314 -54.08 11.32 17.18
C GLU E 314 -52.79 10.52 17.28
N ILE E 315 -51.72 11.04 16.65
CA ILE E 315 -50.44 10.35 16.55
C ILE E 315 -49.85 10.20 17.95
N LEU E 316 -49.85 11.30 18.71
CA LEU E 316 -49.27 11.33 20.04
C LEU E 316 -50.08 10.43 20.98
N ARG E 317 -51.40 10.40 20.81
CA ARG E 317 -52.26 9.63 21.70
C ARG E 317 -52.11 8.14 21.40
N LEU E 318 -51.75 7.80 20.16
CA LEU E 318 -51.50 6.40 19.80
C LEU E 318 -50.19 5.96 20.47
N LEU E 319 -49.18 6.85 20.45
CA LEU E 319 -47.87 6.57 21.01
C LEU E 319 -47.98 6.20 22.48
N VAL E 320 -48.92 6.84 23.20
CA VAL E 320 -49.17 6.54 24.60
C VAL E 320 -50.09 5.30 24.69
N LEU F 3 -37.03 -18.44 -59.29
CA LEU F 3 -37.47 -17.51 -58.22
C LEU F 3 -37.25 -18.17 -56.85
N ALA F 4 -37.33 -19.51 -56.80
CA ALA F 4 -37.28 -20.24 -55.55
C ALA F 4 -35.85 -20.39 -55.03
N GLU F 5 -34.86 -20.15 -55.91
CA GLU F 5 -33.47 -20.21 -55.52
C GLU F 5 -33.10 -19.02 -54.61
N TYR F 6 -34.05 -18.07 -54.44
CA TYR F 6 -33.80 -16.92 -53.59
C TYR F 6 -34.66 -16.99 -52.33
N LYS F 7 -34.82 -18.19 -51.76
CA LYS F 7 -35.47 -18.38 -50.47
C LYS F 7 -34.39 -18.86 -49.48
N CYS F 8 -34.28 -18.15 -48.36
CA CYS F 8 -33.33 -18.51 -47.31
C CYS F 8 -34.09 -18.59 -45.99
N ASN F 9 -33.92 -19.71 -45.29
N ASN F 9 -33.91 -19.71 -45.28
CA ASN F 9 -34.48 -19.89 -43.95
CA ASN F 9 -34.49 -19.89 -43.96
C ASN F 9 -33.80 -18.89 -43.03
C ASN F 9 -33.80 -18.89 -43.03
N THR F 10 -34.60 -18.14 -42.27
CA THR F 10 -34.09 -17.00 -41.53
C THR F 10 -33.58 -17.44 -40.15
N ASN F 11 -34.12 -18.52 -39.60
CA ASN F 11 -33.63 -19.06 -38.34
C ASN F 11 -32.13 -19.33 -38.44
N THR F 12 -31.66 -19.91 -39.57
CA THR F 12 -30.26 -20.28 -39.70
C THR F 12 -29.44 -19.13 -40.28
N ALA F 13 -30.11 -18.10 -40.80
CA ALA F 13 -29.44 -16.96 -41.42
C ALA F 13 -29.09 -15.89 -40.38
N ILE F 14 -29.75 -15.91 -39.22
CA ILE F 14 -29.53 -14.91 -38.20
C ILE F 14 -28.52 -15.45 -37.20
N GLU F 15 -27.28 -14.95 -37.30
CA GLU F 15 -26.20 -15.35 -36.40
C GLU F 15 -26.16 -14.39 -35.21
N LEU F 16 -26.44 -14.93 -34.02
CA LEU F 16 -26.33 -14.20 -32.77
C LEU F 16 -24.98 -14.51 -32.13
N LYS F 17 -24.37 -13.52 -31.48
CA LYS F 17 -23.16 -13.75 -30.68
C LYS F 17 -23.17 -12.89 -29.41
N LEU F 18 -22.62 -13.46 -28.33
CA LEU F 18 -22.28 -12.73 -27.12
C LEU F 18 -20.76 -12.68 -27.02
N VAL F 19 -20.18 -11.50 -27.16
CA VAL F 19 -18.74 -11.35 -27.39
C VAL F 19 -18.07 -10.79 -26.13
N ARG F 20 -17.14 -11.58 -25.57
CA ARG F 20 -16.31 -11.16 -24.44
C ARG F 20 -14.92 -10.79 -24.91
N PHE F 21 -14.35 -11.57 -25.83
CA PHE F 21 -13.02 -11.36 -26.36
C PHE F 21 -13.05 -11.22 -27.88
N PRO F 22 -12.08 -10.50 -28.49
CA PRO F 22 -12.04 -10.34 -29.94
C PRO F 22 -12.13 -11.65 -30.72
N GLU F 23 -11.57 -12.73 -30.16
CA GLU F 23 -11.51 -14.03 -30.84
C GLU F 23 -12.91 -14.61 -31.00
N ASP F 24 -13.87 -14.16 -30.18
CA ASP F 24 -15.22 -14.68 -30.21
C ASP F 24 -15.88 -14.39 -31.56
N LEU F 25 -15.44 -13.33 -32.25
CA LEU F 25 -15.94 -12.99 -33.57
C LEU F 25 -15.63 -14.12 -34.56
N GLU F 26 -14.48 -14.77 -34.42
CA GLU F 26 -14.01 -15.77 -35.38
C GLU F 26 -14.40 -17.18 -34.95
N ASN F 27 -15.04 -17.35 -33.79
CA ASN F 27 -15.27 -18.66 -33.21
C ASN F 27 -16.74 -19.04 -33.38
N ASP F 28 -16.99 -19.98 -34.29
CA ASP F 28 -18.35 -20.40 -34.65
C ASP F 28 -19.06 -21.06 -33.48
N ILE F 29 -18.31 -21.59 -32.49
CA ILE F 29 -18.94 -22.19 -31.32
C ILE F 29 -19.70 -21.13 -30.54
N ARG F 30 -19.29 -19.85 -30.61
CA ARG F 30 -19.95 -18.80 -29.84
C ARG F 30 -21.25 -18.34 -30.51
N THR F 31 -21.48 -18.72 -31.77
CA THR F 31 -22.66 -18.32 -32.49
C THR F 31 -23.84 -19.20 -32.08
N PHE F 32 -25.00 -18.59 -31.85
CA PHE F 32 -26.25 -19.32 -31.69
C PHE F 32 -27.33 -18.68 -32.55
N PHE F 33 -28.49 -19.35 -32.65
CA PHE F 33 -29.46 -19.08 -33.69
C PHE F 33 -30.86 -19.00 -33.09
N PRO F 34 -31.74 -18.14 -33.66
CA PRO F 34 -33.13 -18.08 -33.25
C PRO F 34 -33.84 -19.42 -33.30
N GLU F 35 -34.70 -19.68 -32.31
CA GLU F 35 -35.66 -20.76 -32.39
C GLU F 35 -36.91 -20.31 -33.14
N TYR F 36 -37.15 -18.99 -33.22
CA TYR F 36 -38.34 -18.47 -33.89
C TYR F 36 -37.99 -17.18 -34.62
N THR F 37 -38.52 -17.02 -35.84
CA THR F 37 -38.42 -15.78 -36.58
C THR F 37 -39.73 -15.49 -37.31
N HIS F 38 -40.82 -16.10 -36.84
CA HIS F 38 -42.07 -16.12 -37.58
C HIS F 38 -42.77 -14.77 -37.53
N GLN F 39 -42.52 -14.00 -36.46
CA GLN F 39 -43.13 -12.69 -36.29
C GLN F 39 -42.58 -11.70 -37.31
N LEU F 40 -41.42 -12.00 -37.91
CA LEU F 40 -40.89 -11.15 -38.97
C LEU F 40 -41.07 -11.78 -40.36
N PHE F 41 -41.07 -13.11 -40.45
CA PHE F 41 -40.91 -13.75 -41.75
C PHE F 41 -41.98 -14.81 -42.04
N GLY F 42 -43.01 -14.90 -41.19
CA GLY F 42 -44.12 -15.81 -41.40
C GLY F 42 -43.85 -17.21 -40.85
N ASP F 43 -44.89 -18.05 -40.85
CA ASP F 43 -44.82 -19.40 -40.33
C ASP F 43 -43.71 -20.18 -41.02
N ASP F 44 -43.53 -19.91 -42.32
CA ASP F 44 -42.49 -20.56 -43.12
C ASP F 44 -41.08 -20.17 -42.68
N GLU F 45 -40.92 -19.02 -42.03
CA GLU F 45 -39.62 -18.61 -41.51
C GLU F 45 -38.59 -18.59 -42.65
N THR F 46 -38.98 -17.95 -43.76
CA THR F 46 -38.12 -17.78 -44.92
C THR F 46 -38.15 -16.33 -45.34
N ALA F 47 -37.10 -15.91 -46.05
CA ALA F 47 -37.00 -14.57 -46.61
C ALA F 47 -36.69 -14.71 -48.09
N PHE F 48 -37.47 -14.00 -48.92
CA PHE F 48 -37.29 -14.03 -50.36
C PHE F 48 -36.41 -12.87 -50.80
N GLY F 49 -35.54 -13.13 -51.76
CA GLY F 49 -34.84 -12.06 -52.45
C GLY F 49 -33.31 -12.20 -52.43
N TYR F 50 -32.79 -13.08 -51.57
CA TYR F 50 -31.35 -13.14 -51.32
C TYR F 50 -30.81 -14.55 -51.57
N LYS F 51 -29.57 -14.60 -52.08
CA LYS F 51 -28.76 -15.81 -52.09
C LYS F 51 -27.65 -15.63 -51.07
N GLY F 52 -27.51 -16.59 -50.14
CA GLY F 52 -26.45 -16.55 -49.15
C GLY F 52 -26.69 -15.46 -48.11
N LEU F 53 -27.92 -15.40 -47.58
CA LEU F 53 -28.31 -14.34 -46.65
C LEU F 53 -27.62 -14.60 -45.31
N LYS F 54 -27.00 -13.55 -44.76
CA LYS F 54 -26.34 -13.63 -43.46
C LYS F 54 -26.72 -12.36 -42.68
N ILE F 55 -27.44 -12.54 -41.57
CA ILE F 55 -27.86 -11.44 -40.72
C ILE F 55 -27.07 -11.51 -39.42
N LEU F 56 -26.24 -10.50 -39.17
CA LEU F 56 -25.34 -10.50 -38.02
C LEU F 56 -25.92 -9.59 -36.93
N LEU F 57 -26.23 -10.20 -35.77
CA LEU F 57 -26.56 -9.47 -34.57
C LEU F 57 -25.55 -9.84 -33.47
N TYR F 58 -24.42 -9.13 -33.44
CA TYR F 58 -23.41 -9.37 -32.41
C TYR F 58 -23.66 -8.42 -31.25
N TYR F 59 -23.59 -8.98 -30.04
CA TYR F 59 -23.77 -8.21 -28.82
C TYR F 59 -22.53 -8.36 -27.96
N ILE F 60 -22.02 -7.25 -27.40
CA ILE F 60 -20.99 -7.32 -26.38
C ILE F 60 -21.61 -7.90 -25.11
N ALA F 61 -20.89 -8.82 -24.48
CA ALA F 61 -21.50 -9.83 -23.62
C ALA F 61 -22.30 -9.23 -22.46
N GLY F 62 -21.82 -8.10 -21.91
CA GLY F 62 -22.45 -7.51 -20.74
C GLY F 62 -23.48 -6.44 -21.11
N SER F 63 -22.97 -5.35 -21.69
CA SER F 63 -23.73 -4.14 -22.00
C SER F 63 -24.75 -4.39 -23.11
N LEU F 64 -24.47 -5.38 -23.96
CA LEU F 64 -25.30 -5.72 -25.11
C LEU F 64 -25.20 -4.65 -26.20
N SER F 65 -24.16 -3.81 -26.18
CA SER F 65 -23.92 -2.92 -27.31
C SER F 65 -23.84 -3.74 -28.59
N THR F 66 -24.50 -3.27 -29.65
CA THR F 66 -24.92 -4.13 -30.74
C THR F 66 -24.20 -3.78 -32.04
N MET F 67 -23.81 -4.81 -32.79
CA MET F 67 -23.54 -4.69 -34.21
C MET F 67 -24.68 -5.35 -34.98
N PHE F 68 -25.19 -4.65 -36.00
CA PHE F 68 -26.20 -5.19 -36.90
C PHE F 68 -25.77 -4.98 -38.35
N ARG F 69 -25.61 -6.08 -39.08
CA ARG F 69 -25.26 -6.06 -40.49
C ARG F 69 -26.08 -7.10 -41.25
N VAL F 70 -26.50 -6.75 -42.47
CA VAL F 70 -27.03 -7.71 -43.41
C VAL F 70 -25.99 -7.91 -44.50
N GLU F 71 -25.66 -9.18 -44.78
CA GLU F 71 -24.76 -9.55 -45.86
C GLU F 71 -25.47 -10.52 -46.81
N TYR F 72 -25.04 -10.56 -48.08
CA TYR F 72 -25.56 -11.53 -49.03
C TYR F 72 -24.62 -11.67 -50.23
N ALA F 73 -24.69 -12.84 -50.88
CA ALA F 73 -23.99 -13.09 -52.13
C ALA F 73 -24.62 -12.26 -53.24
N SER F 74 -25.94 -12.36 -53.37
CA SER F 74 -26.69 -11.55 -54.32
C SER F 74 -28.09 -11.29 -53.80
N LYS F 75 -28.75 -10.28 -54.38
CA LYS F 75 -30.17 -10.07 -54.19
C LYS F 75 -30.83 -9.88 -55.56
N VAL F 76 -32.17 -9.88 -55.57
CA VAL F 76 -32.93 -9.94 -56.82
C VAL F 76 -32.93 -8.58 -57.51
N ASP F 77 -33.04 -7.50 -56.72
CA ASP F 77 -33.15 -6.14 -57.24
C ASP F 77 -31.99 -5.81 -58.19
N CYS F 82 -38.25 -7.07 -62.32
CA CYS F 82 -39.10 -6.14 -61.51
C CYS F 82 -39.59 -6.84 -60.24
N VAL F 83 -38.68 -7.50 -59.51
CA VAL F 83 -39.00 -8.27 -58.31
C VAL F 83 -38.31 -7.62 -57.12
N GLU F 84 -38.93 -7.73 -55.93
CA GLU F 84 -38.53 -6.96 -54.76
C GLU F 84 -38.22 -7.88 -53.58
N ALA F 85 -37.00 -7.77 -53.06
CA ALA F 85 -36.58 -8.59 -51.92
C ALA F 85 -37.34 -8.14 -50.67
N ASP F 86 -37.55 -9.08 -49.74
CA ASP F 86 -38.12 -8.77 -48.45
C ASP F 86 -37.22 -7.76 -47.75
N ASP F 87 -37.81 -6.84 -47.00
CA ASP F 87 -37.09 -5.78 -46.31
C ASP F 87 -36.53 -6.30 -44.98
N VAL F 88 -35.50 -7.16 -45.07
CA VAL F 88 -34.90 -7.80 -43.91
C VAL F 88 -34.43 -6.74 -42.91
N GLU F 89 -33.70 -5.76 -43.45
CA GLU F 89 -33.13 -4.70 -42.65
C GLU F 89 -34.24 -4.00 -41.87
N GLY F 90 -35.30 -3.61 -42.59
CA GLY F 90 -36.41 -2.87 -42.01
C GLY F 90 -37.07 -3.65 -40.87
N LYS F 91 -37.30 -4.95 -41.09
CA LYS F 91 -37.97 -5.79 -40.12
C LYS F 91 -37.14 -5.92 -38.83
N ILE F 92 -35.81 -6.08 -38.96
CA ILE F 92 -34.94 -6.22 -37.81
C ILE F 92 -34.89 -4.88 -37.05
N ARG F 93 -34.89 -3.78 -37.80
CA ARG F 93 -34.80 -2.46 -37.18
C ARG F 93 -36.03 -2.13 -36.35
N GLN F 94 -37.16 -2.80 -36.62
CA GLN F 94 -38.37 -2.59 -35.83
C GLN F 94 -38.15 -3.06 -34.39
N ILE F 95 -37.28 -4.06 -34.17
CA ILE F 95 -37.24 -4.75 -32.88
C ILE F 95 -35.93 -4.52 -32.14
N ILE F 96 -35.00 -3.75 -32.72
CA ILE F 96 -33.79 -3.37 -32.01
C ILE F 96 -33.73 -1.84 -31.92
N PRO F 97 -33.19 -1.29 -30.82
CA PRO F 97 -33.04 0.16 -30.69
C PRO F 97 -32.10 0.74 -31.73
N PRO F 98 -32.12 2.07 -31.96
CA PRO F 98 -31.08 2.73 -32.75
C PRO F 98 -29.76 2.76 -31.98
N GLY F 99 -28.67 3.06 -32.70
CA GLY F 99 -27.38 3.29 -32.10
C GLY F 99 -26.41 2.14 -32.34
N PHE F 100 -26.88 1.06 -32.98
CA PHE F 100 -26.01 -0.06 -33.32
C PHE F 100 -24.92 0.42 -34.28
N CYS F 101 -23.77 -0.23 -34.23
CA CYS F 101 -22.73 -0.03 -35.24
C CYS F 101 -22.90 -1.10 -36.32
N THR F 102 -22.17 -0.97 -37.43
CA THR F 102 -22.46 -1.75 -38.63
C THR F 102 -21.21 -2.43 -39.20
N ASN F 103 -20.11 -2.49 -38.44
CA ASN F 103 -18.91 -3.21 -38.88
C ASN F 103 -18.15 -3.71 -37.66
N THR F 104 -17.27 -4.69 -37.86
CA THR F 104 -16.63 -5.39 -36.75
C THR F 104 -15.60 -4.49 -36.08
N ASN F 105 -14.98 -3.56 -36.82
CA ASN F 105 -13.99 -2.65 -36.25
C ASN F 105 -14.63 -1.78 -35.17
N ASP F 106 -15.75 -1.14 -35.50
CA ASP F 106 -16.45 -0.28 -34.55
C ASP F 106 -16.92 -1.10 -33.35
N PHE F 107 -17.31 -2.36 -33.60
CA PHE F 107 -17.80 -3.24 -32.56
C PHE F 107 -16.67 -3.56 -31.58
N LEU F 108 -15.49 -3.87 -32.10
CA LEU F 108 -14.32 -4.16 -31.28
C LEU F 108 -13.90 -2.93 -30.47
N SER F 109 -14.17 -1.72 -30.98
CA SER F 109 -13.89 -0.51 -30.24
C SER F 109 -14.70 -0.49 -28.95
N LEU F 110 -15.97 -0.90 -29.04
CA LEU F 110 -16.88 -0.90 -27.91
C LEU F 110 -16.38 -1.90 -26.86
N LEU F 111 -15.68 -2.94 -27.32
CA LEU F 111 -15.18 -3.99 -26.45
C LEU F 111 -14.19 -3.44 -25.42
N GLU F 112 -13.42 -2.42 -25.80
CA GLU F 112 -12.43 -1.83 -24.91
C GLU F 112 -13.10 -1.14 -23.72
N LYS F 113 -14.29 -0.54 -23.94
CA LYS F 113 -14.98 0.24 -22.93
C LYS F 113 -15.83 -0.65 -22.02
N GLU F 114 -15.92 -1.95 -22.35
CA GLU F 114 -16.81 -2.88 -21.66
C GLU F 114 -16.39 -3.08 -20.20
N VAL F 115 -15.11 -2.84 -19.90
CA VAL F 115 -14.58 -2.96 -18.55
C VAL F 115 -15.45 -2.16 -17.57
N ASP F 116 -16.05 -1.06 -18.05
CA ASP F 116 -16.80 -0.16 -17.19
C ASP F 116 -18.25 -0.61 -16.99
N PHE F 117 -18.70 -1.60 -17.78
CA PHE F 117 -20.09 -2.05 -17.69
C PHE F 117 -20.32 -2.70 -16.32
N LYS F 118 -21.37 -2.26 -15.63
CA LYS F 118 -21.73 -2.76 -14.31
C LYS F 118 -23.19 -3.20 -14.31
N PRO F 119 -23.58 -4.22 -13.51
CA PRO F 119 -24.97 -4.66 -13.45
C PRO F 119 -25.85 -3.56 -12.86
N PHE F 120 -27.14 -3.62 -13.22
CA PHE F 120 -28.13 -2.66 -12.75
C PHE F 120 -28.82 -3.22 -11.51
N GLY F 121 -29.03 -2.35 -10.52
CA GLY F 121 -29.96 -2.64 -9.44
C GLY F 121 -29.28 -3.22 -8.21
N THR F 122 -30.04 -4.05 -7.49
CA THR F 122 -29.70 -4.53 -6.16
C THR F 122 -29.31 -5.99 -6.28
N LEU F 123 -28.14 -6.33 -5.73
CA LEU F 123 -27.69 -7.72 -5.67
C LEU F 123 -28.57 -8.48 -4.67
N LEU F 124 -29.10 -9.63 -5.09
CA LEU F 124 -29.97 -10.44 -4.26
C LEU F 124 -29.34 -11.78 -3.91
N HIS F 125 -28.49 -12.32 -4.80
CA HIS F 125 -28.01 -13.70 -4.66
C HIS F 125 -26.77 -13.91 -5.52
N THR F 126 -25.82 -14.71 -5.00
CA THR F 126 -24.62 -15.11 -5.72
C THR F 126 -24.52 -16.63 -5.62
N TYR F 127 -24.17 -17.28 -6.73
CA TYR F 127 -24.07 -18.73 -6.75
C TYR F 127 -22.98 -19.16 -7.72
N SER F 128 -22.57 -20.42 -7.59
CA SER F 128 -21.56 -21.01 -8.44
C SER F 128 -22.18 -22.20 -9.18
N VAL F 129 -21.76 -22.39 -10.43
CA VAL F 129 -22.12 -23.57 -11.19
C VAL F 129 -20.82 -24.22 -11.64
N LEU F 130 -20.75 -25.55 -11.63
CA LEU F 130 -19.62 -26.29 -12.20
C LEU F 130 -19.66 -26.19 -13.73
N SER F 131 -18.49 -26.10 -14.36
CA SER F 131 -18.37 -26.03 -15.80
C SER F 131 -18.75 -27.38 -16.39
N PRO F 132 -19.20 -27.44 -17.67
CA PRO F 132 -19.37 -28.71 -18.38
C PRO F 132 -18.12 -29.60 -18.39
N THR F 133 -16.95 -28.98 -18.62
CA THR F 133 -15.67 -29.69 -18.60
C THR F 133 -15.43 -30.28 -17.22
N GLY F 134 -15.87 -29.57 -16.18
CA GLY F 134 -15.75 -30.01 -14.81
C GLY F 134 -14.52 -29.45 -14.10
N GLY F 135 -13.78 -28.56 -14.80
CA GLY F 135 -12.50 -28.10 -14.30
C GLY F 135 -12.50 -26.63 -13.91
N GLU F 136 -13.59 -26.16 -13.28
CA GLU F 136 -13.80 -24.73 -13.11
C GLU F 136 -15.20 -24.42 -12.57
N ASN F 137 -15.30 -23.48 -11.62
CA ASN F 137 -16.57 -22.95 -11.15
C ASN F 137 -16.83 -21.57 -11.70
N PHE F 138 -17.99 -21.40 -12.35
CA PHE F 138 -18.44 -20.10 -12.83
C PHE F 138 -19.21 -19.42 -11.70
N THR F 139 -19.17 -18.09 -11.67
CA THR F 139 -19.84 -17.32 -10.62
C THR F 139 -20.95 -16.48 -11.24
N PHE F 140 -22.14 -16.52 -10.64
CA PHE F 140 -23.30 -15.82 -11.19
C PHE F 140 -23.97 -15.00 -10.11
N GLN F 141 -24.73 -13.98 -10.55
CA GLN F 141 -25.41 -13.07 -9.65
C GLN F 141 -26.78 -12.69 -10.22
N ILE F 142 -27.76 -12.59 -9.33
CA ILE F 142 -29.10 -12.14 -9.67
C ILE F 142 -29.30 -10.76 -9.06
N TYR F 143 -29.74 -9.81 -9.89
CA TYR F 143 -30.00 -8.44 -9.46
C TYR F 143 -31.48 -8.13 -9.71
N LYS F 144 -32.05 -7.27 -8.86
CA LYS F 144 -33.37 -6.69 -9.11
C LYS F 144 -33.20 -5.24 -9.55
N ALA F 145 -33.68 -4.93 -10.76
CA ALA F 145 -33.51 -3.62 -11.35
C ALA F 145 -34.86 -2.99 -11.68
N ASP F 146 -34.81 -1.69 -12.03
CA ASP F 146 -35.99 -0.95 -12.43
C ASP F 146 -35.52 0.23 -13.27
N MET F 147 -36.48 0.99 -13.82
CA MET F 147 -36.17 2.00 -14.82
C MET F 147 -35.54 3.24 -14.17
N THR F 148 -35.50 3.31 -12.83
CA THR F 148 -34.83 4.42 -12.17
C THR F 148 -33.31 4.21 -12.20
N CYS F 149 -32.85 2.96 -12.33
N CYS F 149 -32.84 2.96 -12.33
CA CYS F 149 -31.42 2.67 -12.43
CA CYS F 149 -31.40 2.70 -12.38
C CYS F 149 -30.90 3.22 -13.76
C CYS F 149 -30.87 3.19 -13.73
N ARG F 150 -29.90 4.11 -13.69
CA ARG F 150 -29.36 4.77 -14.88
C ARG F 150 -28.92 3.74 -15.91
N GLY F 151 -29.37 3.90 -17.16
CA GLY F 151 -28.90 3.09 -18.28
C GLY F 151 -29.74 1.83 -18.53
N PHE F 152 -30.60 1.46 -17.57
CA PHE F 152 -31.28 0.17 -17.62
C PHE F 152 -32.27 0.15 -18.77
N ARG F 153 -32.96 1.27 -19.00
CA ARG F 153 -34.02 1.35 -20.01
C ARG F 153 -33.45 1.06 -21.40
N GLU F 154 -32.29 1.66 -21.69
CA GLU F 154 -31.60 1.43 -22.95
C GLU F 154 -31.15 -0.03 -23.04
N TYR F 155 -30.66 -0.55 -21.91
CA TYR F 155 -30.17 -1.91 -21.84
C TYR F 155 -31.29 -2.91 -22.05
N HIS F 156 -32.46 -2.61 -21.48
CA HIS F 156 -33.63 -3.48 -21.60
C HIS F 156 -34.14 -3.51 -23.04
N GLU F 157 -33.99 -2.40 -23.77
CA GLU F 157 -34.37 -2.35 -25.17
C GLU F 157 -33.46 -3.25 -26.00
N ARG F 158 -32.17 -3.27 -25.63
CA ARG F 158 -31.20 -4.10 -26.33
C ARG F 158 -31.45 -5.57 -26.01
N LEU F 159 -31.86 -5.84 -24.76
CA LEU F 159 -32.01 -7.21 -24.29
C LEU F 159 -33.28 -7.85 -24.85
N GLN F 160 -34.38 -7.10 -24.94
CA GLN F 160 -35.70 -7.68 -25.14
C GLN F 160 -35.85 -8.27 -26.54
N THR F 161 -35.09 -7.79 -27.53
CA THR F 161 -35.10 -8.38 -28.86
C THR F 161 -35.02 -9.91 -28.77
N PHE F 162 -34.23 -10.43 -27.83
CA PHE F 162 -34.02 -11.86 -27.69
C PHE F 162 -35.35 -12.59 -27.46
N LEU F 163 -36.33 -11.93 -26.86
CA LEU F 163 -37.64 -12.52 -26.65
C LEU F 163 -38.22 -12.97 -27.99
N MET F 164 -38.01 -12.17 -29.04
CA MET F 164 -38.52 -12.45 -30.36
C MET F 164 -37.91 -13.74 -30.90
N TRP F 165 -36.62 -13.98 -30.65
CA TRP F 165 -35.92 -15.11 -31.23
C TRP F 165 -36.18 -16.41 -30.47
N PHE F 166 -36.54 -16.33 -29.18
CA PHE F 166 -36.50 -17.53 -28.34
C PHE F 166 -37.82 -17.78 -27.58
N ILE F 167 -38.77 -16.87 -27.66
CA ILE F 167 -40.07 -17.11 -27.04
C ILE F 167 -41.15 -16.93 -28.10
N GLU F 168 -41.97 -17.99 -28.26
CA GLU F 168 -42.77 -18.13 -29.45
C GLU F 168 -43.80 -17.00 -29.51
N THR F 169 -44.48 -16.73 -28.39
CA THR F 169 -45.58 -15.79 -28.35
C THR F 169 -45.13 -14.46 -27.76
N ALA F 170 -43.84 -14.14 -27.94
CA ALA F 170 -43.23 -13.01 -27.24
C ALA F 170 -43.79 -11.69 -27.73
N SER F 171 -43.98 -10.74 -26.81
CA SER F 171 -44.24 -9.35 -27.20
C SER F 171 -43.71 -8.39 -26.14
N PHE F 172 -43.29 -7.21 -26.59
CA PHE F 172 -42.61 -6.25 -25.74
C PHE F 172 -43.59 -5.66 -24.73
N ILE F 173 -43.04 -5.32 -23.54
CA ILE F 173 -43.85 -4.84 -22.43
C ILE F 173 -43.79 -3.31 -22.43
N ASP F 174 -44.73 -2.71 -21.70
CA ASP F 174 -44.76 -1.27 -21.51
C ASP F 174 -43.93 -0.92 -20.28
N VAL F 175 -42.72 -0.35 -20.51
CA VAL F 175 -41.77 -0.19 -19.42
C VAL F 175 -42.18 0.97 -18.50
N ASP F 176 -43.13 1.80 -18.94
CA ASP F 176 -43.60 2.92 -18.14
C ASP F 176 -44.54 2.45 -17.02
N ASP F 177 -45.00 1.20 -17.08
CA ASP F 177 -45.81 0.63 -16.03
C ASP F 177 -44.89 0.18 -14.89
N GLU F 178 -45.05 0.84 -13.74
CA GLU F 178 -44.15 0.64 -12.61
C GLU F 178 -44.40 -0.70 -11.91
N ARG F 179 -45.48 -1.41 -12.28
CA ARG F 179 -45.77 -2.69 -11.67
C ARG F 179 -44.84 -3.77 -12.23
N TRP F 180 -44.04 -3.44 -13.26
CA TRP F 180 -43.05 -4.38 -13.75
C TRP F 180 -41.85 -4.43 -12.81
N HIS F 181 -41.46 -5.64 -12.42
CA HIS F 181 -40.20 -5.88 -11.73
C HIS F 181 -39.27 -6.63 -12.67
N TYR F 182 -37.97 -6.30 -12.61
CA TYR F 182 -36.97 -6.93 -13.46
C TYR F 182 -35.95 -7.66 -12.59
N PHE F 183 -35.65 -8.91 -12.96
CA PHE F 183 -34.63 -9.69 -12.28
C PHE F 183 -33.62 -10.12 -13.34
N LEU F 184 -32.36 -9.72 -13.15
CA LEU F 184 -31.32 -9.98 -14.13
C LEU F 184 -30.32 -10.99 -13.59
N VAL F 185 -29.82 -11.85 -14.49
CA VAL F 185 -28.75 -12.78 -14.16
C VAL F 185 -27.49 -12.34 -14.91
N PHE F 186 -26.36 -12.32 -14.18
CA PHE F 186 -25.07 -11.98 -14.78
C PHE F 186 -24.04 -13.02 -14.37
N GLU F 187 -23.07 -13.26 -15.26
CA GLU F 187 -21.91 -14.06 -14.93
C GLU F 187 -20.70 -13.15 -14.79
N LYS F 188 -19.87 -13.40 -13.76
CA LYS F 188 -18.62 -12.69 -13.57
C LYS F 188 -17.53 -13.45 -14.30
N TYR F 189 -16.67 -12.73 -15.04
CA TYR F 189 -15.58 -13.35 -15.76
C TYR F 189 -14.36 -12.43 -15.73
N ASN F 190 -13.16 -13.00 -15.90
CA ASN F 190 -11.92 -12.25 -15.85
C ASN F 190 -11.56 -11.78 -17.26
N LYS F 191 -11.01 -10.57 -17.36
CA LYS F 191 -10.55 -10.04 -18.63
C LYS F 191 -9.57 -8.90 -18.38
N ASP F 192 -8.31 -9.09 -18.80
CA ASP F 192 -7.28 -8.08 -18.69
C ASP F 192 -7.20 -7.57 -17.25
N GLY F 193 -7.18 -8.50 -16.29
CA GLY F 193 -6.91 -8.18 -14.90
C GLY F 193 -8.18 -7.88 -14.11
N ALA F 194 -9.29 -7.55 -14.79
CA ALA F 194 -10.47 -7.03 -14.14
C ALA F 194 -11.56 -8.10 -14.11
N THR F 195 -12.57 -7.88 -13.25
CA THR F 195 -13.76 -8.72 -13.22
C THR F 195 -14.86 -8.00 -14.01
N LEU F 196 -15.37 -8.66 -15.05
CA LEU F 196 -16.42 -8.10 -15.87
C LEU F 196 -17.69 -8.90 -15.69
N PHE F 197 -18.80 -8.36 -16.20
CA PHE F 197 -20.11 -8.99 -16.09
C PHE F 197 -20.64 -9.30 -17.49
N ALA F 198 -21.21 -10.50 -17.63
CA ALA F 198 -21.81 -10.96 -18.87
C ALA F 198 -23.30 -11.21 -18.65
N THR F 199 -24.14 -10.78 -19.60
CA THR F 199 -25.57 -10.98 -19.49
C THR F 199 -25.87 -12.45 -19.79
N VAL F 200 -26.65 -13.06 -18.89
CA VAL F 200 -27.03 -14.46 -18.95
C VAL F 200 -28.52 -14.61 -19.24
N GLY F 201 -29.35 -13.79 -18.60
CA GLY F 201 -30.78 -13.93 -18.74
C GLY F 201 -31.53 -12.96 -17.84
N TYR F 202 -32.86 -13.02 -17.89
CA TYR F 202 -33.69 -12.15 -17.06
C TYR F 202 -35.11 -12.67 -17.00
N MET F 203 -35.87 -12.08 -16.07
CA MET F 203 -37.24 -12.45 -15.81
C MET F 203 -38.00 -11.16 -15.53
N THR F 204 -39.16 -10.98 -16.17
CA THR F 204 -40.06 -9.88 -15.82
C THR F 204 -41.21 -10.43 -14.97
N VAL F 205 -41.58 -9.68 -13.92
CA VAL F 205 -42.62 -10.11 -13.00
C VAL F 205 -43.59 -8.95 -12.82
N TYR F 206 -44.89 -9.22 -13.03
CA TYR F 206 -45.90 -8.19 -12.96
C TYR F 206 -46.59 -8.24 -11.59
N ASN F 207 -46.67 -7.08 -10.94
CA ASN F 207 -47.12 -6.96 -9.57
C ASN F 207 -48.60 -6.62 -9.54
N TYR F 208 -49.44 -7.62 -9.82
CA TYR F 208 -50.88 -7.41 -9.95
C TYR F 208 -51.45 -6.95 -8.61
N TYR F 209 -52.31 -5.94 -8.63
CA TYR F 209 -53.04 -5.49 -7.46
C TYR F 209 -54.16 -6.50 -7.19
N VAL F 210 -54.36 -6.83 -5.91
CA VAL F 210 -55.44 -7.70 -5.48
C VAL F 210 -56.19 -7.05 -4.33
N TYR F 211 -57.52 -7.00 -4.46
CA TYR F 211 -58.35 -6.28 -3.53
C TYR F 211 -58.28 -6.96 -2.16
N PRO F 212 -58.12 -6.21 -1.04
CA PRO F 212 -57.82 -4.78 -1.06
C PRO F 212 -56.43 -4.24 -0.86
N ASP F 213 -55.56 -5.02 -0.23
CA ASP F 213 -54.28 -4.46 0.23
C ASP F 213 -53.11 -5.33 -0.10
N LYS F 214 -53.27 -6.17 -1.12
CA LYS F 214 -52.34 -7.25 -1.41
C LYS F 214 -51.90 -7.11 -2.86
N THR F 215 -50.81 -7.80 -3.20
CA THR F 215 -50.39 -7.96 -4.57
C THR F 215 -50.17 -9.44 -4.83
N ARG F 216 -50.18 -9.80 -6.12
CA ARG F 216 -49.94 -11.16 -6.56
C ARG F 216 -48.96 -11.08 -7.73
N PRO F 217 -47.63 -11.15 -7.46
CA PRO F 217 -46.64 -11.17 -8.53
C PRO F 217 -46.87 -12.37 -9.45
N ARG F 218 -46.79 -12.10 -10.77
CA ARG F 218 -46.93 -13.15 -11.77
C ARG F 218 -45.76 -13.05 -12.74
N VAL F 219 -45.06 -14.18 -12.91
CA VAL F 219 -43.94 -14.26 -13.84
C VAL F 219 -44.49 -14.19 -15.25
N SER F 220 -43.95 -13.25 -16.04
CA SER F 220 -44.45 -12.93 -17.37
C SER F 220 -43.56 -13.57 -18.42
N GLN F 221 -42.28 -13.16 -18.41
CA GLN F 221 -41.25 -13.71 -19.28
C GLN F 221 -40.11 -14.23 -18.40
N MET F 222 -39.45 -15.30 -18.86
CA MET F 222 -38.13 -15.65 -18.35
C MET F 222 -37.28 -16.14 -19.52
N LEU F 223 -36.13 -15.51 -19.71
CA LEU F 223 -35.22 -15.86 -20.79
C LEU F 223 -33.85 -16.18 -20.22
N ILE F 224 -33.37 -17.39 -20.49
CA ILE F 224 -31.97 -17.75 -20.30
C ILE F 224 -31.36 -17.88 -21.68
N LEU F 225 -30.31 -17.11 -21.95
CA LEU F 225 -29.71 -17.09 -23.28
C LEU F 225 -29.06 -18.44 -23.56
N THR F 226 -29.07 -18.84 -24.84
CA THR F 226 -28.80 -20.21 -25.26
C THR F 226 -27.49 -20.71 -24.66
N PRO F 227 -26.35 -19.99 -24.74
CA PRO F 227 -25.09 -20.52 -24.21
C PRO F 227 -25.09 -20.90 -22.73
N PHE F 228 -26.08 -20.43 -21.96
CA PHE F 228 -26.11 -20.67 -20.51
C PHE F 228 -27.20 -21.66 -20.13
N GLN F 229 -27.80 -22.34 -21.11
CA GLN F 229 -28.86 -23.29 -20.82
C GLN F 229 -28.25 -24.60 -20.34
N GLY F 230 -28.93 -25.25 -19.40
CA GLY F 230 -28.53 -26.53 -18.87
C GLY F 230 -27.51 -26.38 -17.74
N GLN F 231 -27.62 -25.30 -16.98
CA GLN F 231 -26.73 -24.97 -15.89
C GLN F 231 -27.50 -24.71 -14.60
N GLY F 232 -28.83 -24.56 -14.68
CA GLY F 232 -29.71 -24.45 -13.52
C GLY F 232 -30.09 -23.01 -13.17
N HIS F 233 -29.95 -22.11 -14.14
CA HIS F 233 -30.18 -20.68 -13.91
C HIS F 233 -31.65 -20.41 -13.60
N GLY F 234 -32.57 -21.08 -14.30
CA GLY F 234 -33.99 -20.83 -14.04
C GLY F 234 -34.39 -21.22 -12.63
N ALA F 235 -33.83 -22.32 -12.12
CA ALA F 235 -34.12 -22.76 -10.77
C ALA F 235 -33.63 -21.74 -9.75
N GLN F 236 -32.44 -21.16 -9.97
CA GLN F 236 -31.92 -20.14 -9.08
C GLN F 236 -32.77 -18.87 -9.15
N LEU F 237 -33.13 -18.50 -10.38
CA LEU F 237 -33.86 -17.27 -10.63
C LEU F 237 -35.22 -17.32 -9.91
N LEU F 238 -35.93 -18.44 -10.05
CA LEU F 238 -37.24 -18.58 -9.45
C LEU F 238 -37.13 -18.68 -7.93
N GLU F 239 -36.16 -19.45 -7.44
CA GLU F 239 -35.93 -19.53 -6.00
C GLU F 239 -35.67 -18.14 -5.43
N THR F 240 -34.82 -17.35 -6.11
CA THR F 240 -34.43 -16.03 -5.64
C THR F 240 -35.65 -15.11 -5.58
N VAL F 241 -36.52 -15.21 -6.57
CA VAL F 241 -37.71 -14.37 -6.66
C VAL F 241 -38.68 -14.70 -5.53
N HIS F 242 -38.92 -16.00 -5.29
CA HIS F 242 -39.73 -16.43 -4.16
C HIS F 242 -39.18 -15.89 -2.85
N ARG F 243 -37.87 -16.03 -2.65
CA ARG F 243 -37.23 -15.60 -1.41
C ARG F 243 -37.32 -14.08 -1.25
N TYR F 244 -37.28 -13.37 -2.38
CA TYR F 244 -37.33 -11.92 -2.36
C TYR F 244 -38.71 -11.45 -1.88
N TYR F 245 -39.78 -11.97 -2.50
CA TYR F 245 -41.13 -11.48 -2.24
C TYR F 245 -41.64 -12.00 -0.90
N THR F 246 -40.96 -12.98 -0.29
CA THR F 246 -41.33 -13.50 1.02
C THR F 246 -41.26 -12.39 2.06
N GLU F 247 -40.35 -11.42 1.85
CA GLU F 247 -40.10 -10.37 2.82
C GLU F 247 -41.25 -9.37 2.87
N PHE F 248 -42.19 -9.46 1.94
CA PHE F 248 -43.33 -8.54 1.90
C PHE F 248 -44.59 -9.24 2.39
N PRO F 249 -45.15 -8.87 3.57
CA PRO F 249 -46.39 -9.48 4.07
C PRO F 249 -47.59 -9.27 3.13
N THR F 250 -47.49 -8.23 2.30
CA THR F 250 -48.57 -7.76 1.46
C THR F 250 -48.67 -8.58 0.16
N VAL F 251 -47.74 -9.52 -0.05
CA VAL F 251 -47.75 -10.38 -1.22
C VAL F 251 -48.48 -11.68 -0.87
N LEU F 252 -49.46 -12.07 -1.70
CA LEU F 252 -50.21 -13.29 -1.46
C LEU F 252 -49.39 -14.50 -1.91
N ASP F 253 -49.09 -14.58 -3.21
CA ASP F 253 -48.42 -15.74 -3.75
C ASP F 253 -47.73 -15.37 -5.07
N ILE F 254 -46.95 -16.33 -5.59
CA ILE F 254 -46.25 -16.16 -6.85
C ILE F 254 -46.66 -17.28 -7.80
N THR F 255 -47.01 -16.86 -9.02
CA THR F 255 -47.56 -17.70 -10.07
C THR F 255 -46.93 -17.28 -11.39
N ALA F 256 -47.26 -18.03 -12.45
CA ALA F 256 -46.86 -17.69 -13.80
C ALA F 256 -48.10 -17.34 -14.62
N GLU F 257 -47.96 -16.33 -15.50
CA GLU F 257 -49.00 -16.00 -16.45
C GLU F 257 -49.30 -17.21 -17.34
N ASP F 258 -48.24 -17.91 -17.75
CA ASP F 258 -48.31 -18.88 -18.83
C ASP F 258 -47.72 -20.20 -18.35
N PRO F 259 -48.50 -21.01 -17.61
CA PRO F 259 -47.98 -22.26 -17.02
C PRO F 259 -47.77 -23.38 -18.03
N SER F 260 -46.66 -23.27 -18.77
CA SER F 260 -46.22 -24.29 -19.71
C SER F 260 -45.82 -25.57 -18.99
N LYS F 261 -45.60 -26.63 -19.77
CA LYS F 261 -45.03 -27.87 -19.28
C LYS F 261 -43.71 -27.57 -18.58
N SER F 262 -42.88 -26.72 -19.21
CA SER F 262 -41.54 -26.50 -18.72
C SER F 262 -41.56 -25.65 -17.44
N TYR F 263 -42.48 -24.68 -17.36
CA TYR F 263 -42.69 -23.92 -16.15
C TYR F 263 -43.08 -24.85 -14.99
N VAL F 264 -44.04 -25.74 -15.24
CA VAL F 264 -44.54 -26.62 -14.19
C VAL F 264 -43.40 -27.51 -13.68
N LYS F 265 -42.56 -27.99 -14.59
CA LYS F 265 -41.41 -28.80 -14.23
C LYS F 265 -40.45 -27.98 -13.37
N LEU F 266 -40.17 -26.76 -13.80
CA LEU F 266 -39.29 -25.87 -13.07
C LEU F 266 -39.87 -25.56 -11.70
N ARG F 267 -41.16 -25.23 -11.68
CA ARG F 267 -41.85 -24.88 -10.45
C ARG F 267 -41.79 -26.05 -9.46
N ASP F 268 -42.13 -27.25 -9.93
CA ASP F 268 -42.19 -28.41 -9.06
C ASP F 268 -40.82 -28.68 -8.47
N PHE F 269 -39.76 -28.39 -9.23
CA PHE F 269 -38.40 -28.59 -8.76
C PHE F 269 -38.13 -27.65 -7.58
N VAL F 270 -38.44 -26.37 -7.78
CA VAL F 270 -38.07 -25.32 -6.85
C VAL F 270 -38.90 -25.42 -5.57
N LEU F 271 -40.21 -25.67 -5.71
CA LEU F 271 -41.08 -25.69 -4.56
C LEU F 271 -40.78 -26.90 -3.68
N VAL F 272 -40.34 -28.02 -4.29
CA VAL F 272 -39.91 -29.18 -3.54
C VAL F 272 -38.62 -28.85 -2.79
N LYS F 273 -37.70 -28.15 -3.45
CA LYS F 273 -36.45 -27.74 -2.84
C LYS F 273 -36.74 -26.88 -1.61
N LEU F 274 -37.71 -25.97 -1.74
CA LEU F 274 -38.00 -25.00 -0.69
C LEU F 274 -38.79 -25.63 0.46
N CYS F 275 -39.53 -26.70 0.20
CA CYS F 275 -40.55 -27.14 1.12
C CYS F 275 -40.16 -28.42 1.86
N GLN F 276 -39.16 -29.17 1.36
CA GLN F 276 -38.89 -30.49 1.91
C GLN F 276 -38.41 -30.40 3.35
N ASP F 277 -37.72 -29.30 3.70
CA ASP F 277 -37.13 -29.14 5.02
C ASP F 277 -38.07 -28.39 5.97
N LEU F 278 -39.32 -28.16 5.57
CA LEU F 278 -40.28 -27.46 6.41
C LEU F 278 -40.91 -28.45 7.38
N PRO F 279 -41.23 -28.02 8.63
CA PRO F 279 -41.84 -28.91 9.62
C PRO F 279 -43.12 -29.57 9.15
N CYS F 280 -43.99 -28.79 8.49
CA CYS F 280 -45.31 -29.22 8.10
C CYS F 280 -45.27 -30.31 7.02
N PHE F 281 -44.09 -30.49 6.38
CA PHE F 281 -43.91 -31.48 5.33
C PHE F 281 -42.94 -32.58 5.76
N SER F 282 -42.91 -32.90 7.06
CA SER F 282 -42.07 -33.96 7.58
C SER F 282 -42.68 -35.33 7.28
N ARG F 283 -41.85 -36.38 7.31
CA ARG F 283 -42.29 -37.74 7.05
C ARG F 283 -43.60 -38.01 7.80
N GLU F 284 -43.63 -37.67 9.09
CA GLU F 284 -44.75 -38.03 9.97
C GLU F 284 -45.99 -37.21 9.61
N LYS F 285 -45.81 -35.93 9.24
CA LYS F 285 -46.93 -35.05 8.96
C LYS F 285 -47.51 -35.34 7.57
N LEU F 286 -46.66 -35.82 6.64
CA LEU F 286 -47.09 -36.16 5.29
C LEU F 286 -48.03 -37.37 5.30
N MET F 287 -47.73 -38.34 6.17
CA MET F 287 -48.45 -39.61 6.19
C MET F 287 -49.84 -39.46 6.78
N GLN F 288 -50.09 -38.37 7.52
CA GLN F 288 -51.39 -38.14 8.13
C GLN F 288 -52.36 -37.57 7.09
N GLY F 289 -51.85 -37.20 5.91
CA GLY F 289 -52.67 -36.66 4.84
C GLY F 289 -52.37 -35.17 4.61
N PHE F 290 -52.96 -34.60 3.56
CA PHE F 290 -52.82 -33.17 3.29
C PHE F 290 -53.60 -32.39 4.34
N ASN F 291 -52.97 -31.32 4.86
CA ASN F 291 -53.56 -30.47 5.89
C ASN F 291 -53.47 -29.02 5.44
N GLU F 292 -54.47 -28.20 5.81
CA GLU F 292 -54.48 -26.80 5.45
C GLU F 292 -53.23 -26.12 6.00
N ASP F 293 -52.74 -26.59 7.16
CA ASP F 293 -51.52 -26.08 7.78
C ASP F 293 -50.37 -25.98 6.77
N MET F 294 -50.30 -26.94 5.83
CA MET F 294 -49.20 -27.00 4.87
C MET F 294 -49.26 -25.82 3.90
N ALA F 295 -50.47 -25.47 3.46
CA ALA F 295 -50.66 -24.34 2.55
C ALA F 295 -50.34 -23.03 3.27
N ILE F 296 -50.73 -22.95 4.56
CA ILE F 296 -50.48 -21.78 5.38
C ILE F 296 -48.97 -21.55 5.47
N GLU F 297 -48.24 -22.58 5.90
CA GLU F 297 -46.80 -22.46 6.14
C GLU F 297 -46.08 -22.15 4.83
N ALA F 298 -46.50 -22.79 3.73
CA ALA F 298 -45.87 -22.60 2.43
C ALA F 298 -46.08 -21.16 1.93
N GLN F 299 -47.26 -20.59 2.22
CA GLN F 299 -47.57 -19.22 1.87
C GLN F 299 -46.74 -18.25 2.71
N GLN F 300 -46.68 -18.50 4.02
CA GLN F 300 -45.96 -17.61 4.92
C GLN F 300 -44.46 -17.62 4.61
N LYS F 301 -43.88 -18.82 4.44
CA LYS F 301 -42.44 -18.96 4.34
C LYS F 301 -41.94 -18.61 2.93
N PHE F 302 -42.70 -18.93 1.86
CA PHE F 302 -42.20 -18.72 0.52
C PHE F 302 -43.25 -18.22 -0.49
N LYS F 303 -44.40 -17.75 -0.02
CA LYS F 303 -45.43 -17.17 -0.89
C LYS F 303 -45.85 -18.17 -1.96
N ILE F 304 -46.07 -19.41 -1.52
CA ILE F 304 -46.46 -20.49 -2.42
C ILE F 304 -47.98 -20.57 -2.43
N ASN F 305 -48.52 -20.49 -3.65
CA ASN F 305 -49.93 -20.56 -3.96
C ASN F 305 -50.56 -21.80 -3.29
N LYS F 306 -51.81 -21.64 -2.84
CA LYS F 306 -52.51 -22.71 -2.12
C LYS F 306 -52.52 -23.99 -2.95
N GLN F 307 -52.83 -23.87 -4.26
CA GLN F 307 -52.98 -25.02 -5.13
C GLN F 307 -51.61 -25.64 -5.42
N HIS F 308 -50.57 -24.81 -5.51
CA HIS F 308 -49.21 -25.28 -5.72
C HIS F 308 -48.73 -26.13 -4.54
N ALA F 309 -49.17 -25.79 -3.32
CA ALA F 309 -48.77 -26.50 -2.12
C ALA F 309 -49.35 -27.92 -2.11
N ARG F 310 -50.54 -28.08 -2.73
CA ARG F 310 -51.13 -29.40 -2.93
C ARG F 310 -50.25 -30.23 -3.86
N ARG F 311 -49.66 -29.61 -4.89
CA ARG F 311 -48.78 -30.32 -5.81
C ARG F 311 -47.51 -30.78 -5.09
N VAL F 312 -46.90 -29.88 -4.33
CA VAL F 312 -45.71 -30.21 -3.55
C VAL F 312 -46.00 -31.39 -2.63
N TYR F 313 -47.18 -31.38 -1.99
CA TYR F 313 -47.52 -32.41 -1.04
C TYR F 313 -47.45 -33.78 -1.69
N GLU F 314 -48.06 -33.93 -2.88
CA GLU F 314 -48.11 -35.21 -3.57
C GLU F 314 -46.71 -35.74 -3.84
N ILE F 315 -45.82 -34.85 -4.32
CA ILE F 315 -44.48 -35.22 -4.73
C ILE F 315 -43.69 -35.70 -3.52
N LEU F 316 -43.75 -34.91 -2.43
CA LEU F 316 -43.03 -35.21 -1.21
C LEU F 316 -43.56 -36.49 -0.58
N ARG F 317 -44.89 -36.71 -0.66
CA ARG F 317 -45.50 -37.86 -0.01
C ARG F 317 -45.17 -39.13 -0.79
N LEU F 318 -44.91 -38.99 -2.09
CA LEU F 318 -44.50 -40.14 -2.90
C LEU F 318 -43.07 -40.51 -2.52
N LEU F 319 -42.22 -39.49 -2.32
CA LEU F 319 -40.81 -39.70 -1.98
C LEU F 319 -40.69 -40.51 -0.70
N VAL F 320 -41.60 -40.31 0.26
CA VAL F 320 -41.64 -41.08 1.49
C VAL F 320 -42.36 -42.41 1.22
N LEU G 3 42.19 -23.03 -12.44
CA LEU G 3 43.36 -22.13 -12.60
C LEU G 3 43.52 -21.77 -14.09
N ALA G 4 44.40 -22.50 -14.77
CA ALA G 4 44.62 -22.32 -16.20
C ALA G 4 43.52 -22.96 -17.04
N GLU G 5 42.73 -23.84 -16.41
CA GLU G 5 41.59 -24.48 -17.06
C GLU G 5 40.48 -23.46 -17.31
N TYR G 6 40.64 -22.21 -16.83
CA TYR G 6 39.65 -21.17 -17.05
C TYR G 6 40.16 -20.11 -18.03
N LYS G 7 40.92 -20.52 -19.05
CA LYS G 7 41.34 -19.65 -20.12
C LYS G 7 40.66 -20.10 -21.42
N CYS G 8 39.98 -19.17 -22.08
CA CYS G 8 39.29 -19.45 -23.34
C CYS G 8 39.69 -18.41 -24.39
N ASN G 9 40.11 -18.88 -25.57
CA ASN G 9 40.44 -17.99 -26.68
C ASN G 9 39.15 -17.33 -27.12
N THR G 10 39.17 -15.99 -27.27
CA THR G 10 37.95 -15.22 -27.46
C THR G 10 37.59 -15.14 -28.94
N ASN G 11 38.57 -15.21 -29.83
CA ASN G 11 38.30 -15.22 -31.26
C ASN G 11 37.33 -16.36 -31.60
N THR G 12 37.52 -17.54 -31.00
CA THR G 12 36.71 -18.69 -31.35
C THR G 12 35.46 -18.76 -30.47
N ALA G 13 35.43 -17.96 -29.40
CA ALA G 13 34.32 -17.97 -28.46
C ALA G 13 33.20 -17.02 -28.91
N ILE G 14 33.53 -16.06 -29.77
CA ILE G 14 32.57 -15.06 -30.22
C ILE G 14 31.96 -15.53 -31.54
N GLU G 15 30.71 -16.02 -31.47
CA GLU G 15 29.97 -16.47 -32.63
C GLU G 15 29.15 -15.32 -33.21
N LEU G 16 29.50 -14.91 -34.43
CA LEU G 16 28.76 -13.90 -35.17
C LEU G 16 27.81 -14.60 -36.14
N LYS G 17 26.61 -14.04 -36.32
CA LYS G 17 25.68 -14.52 -37.34
C LYS G 17 24.94 -13.36 -38.00
N LEU G 18 24.68 -13.51 -39.31
CA LEU G 18 23.76 -12.66 -40.05
C LEU G 18 22.54 -13.53 -40.40
N VAL G 19 21.38 -13.20 -39.82
CA VAL G 19 20.23 -14.10 -39.83
C VAL G 19 19.15 -13.56 -40.77
N ARG G 20 18.82 -14.36 -41.79
CA ARG G 20 17.74 -14.05 -42.71
C ARG G 20 16.51 -14.91 -42.40
N PHE G 21 16.73 -16.19 -42.10
CA PHE G 21 15.67 -17.14 -41.79
C PHE G 21 15.87 -17.76 -40.41
N PRO G 22 14.78 -18.20 -39.74
CA PRO G 22 14.89 -18.83 -38.41
C PRO G 22 15.91 -19.97 -38.35
N GLU G 23 16.05 -20.72 -39.45
CA GLU G 23 16.92 -21.89 -39.50
C GLU G 23 18.39 -21.48 -39.38
N ASP G 24 18.69 -20.22 -39.69
CA ASP G 24 20.06 -19.72 -39.65
C ASP G 24 20.62 -19.79 -38.23
N LEU G 25 19.74 -19.72 -37.22
CA LEU G 25 20.16 -19.83 -35.83
C LEU G 25 20.80 -21.19 -35.57
N GLU G 26 20.28 -22.25 -36.22
CA GLU G 26 20.71 -23.61 -35.93
C GLU G 26 21.81 -24.08 -36.90
N ASN G 27 22.18 -23.24 -37.87
CA ASN G 27 23.07 -23.66 -38.96
C ASN G 27 24.47 -23.08 -38.74
N ASP G 28 25.41 -23.95 -38.36
CA ASP G 28 26.77 -23.56 -38.00
C ASP G 28 27.51 -22.97 -39.21
N ILE G 29 27.07 -23.29 -40.44
CA ILE G 29 27.70 -22.73 -41.62
C ILE G 29 27.51 -21.21 -41.65
N ARG G 30 26.43 -20.70 -41.05
CA ARG G 30 26.15 -19.27 -41.08
C ARG G 30 26.99 -18.50 -40.05
N THR G 31 27.62 -19.21 -39.12
CA THR G 31 28.42 -18.57 -38.08
C THR G 31 29.79 -18.21 -38.64
N PHE G 32 30.29 -17.01 -38.32
CA PHE G 32 31.67 -16.66 -38.56
C PHE G 32 32.25 -16.01 -37.30
N PHE G 33 33.56 -15.76 -37.32
CA PHE G 33 34.31 -15.50 -36.10
C PHE G 33 35.23 -14.30 -36.29
N PRO G 34 35.47 -13.51 -35.23
CA PRO G 34 36.44 -12.41 -35.28
C PRO G 34 37.83 -12.86 -35.73
N GLU G 35 38.47 -12.01 -36.54
CA GLU G 35 39.90 -12.16 -36.80
C GLU G 35 40.70 -11.49 -35.69
N TYR G 36 40.11 -10.55 -34.95
CA TYR G 36 40.80 -9.82 -33.91
C TYR G 36 39.87 -9.57 -32.73
N THR G 37 40.38 -9.75 -31.50
CA THR G 37 39.67 -9.40 -30.29
C THR G 37 40.63 -8.79 -29.28
N HIS G 38 41.77 -8.28 -29.76
CA HIS G 38 42.86 -7.89 -28.89
C HIS G 38 42.56 -6.58 -28.15
N GLN G 39 41.73 -5.74 -28.75
CA GLN G 39 41.35 -4.46 -28.17
C GLN G 39 40.48 -4.68 -26.93
N LEU G 40 39.87 -5.87 -26.77
CA LEU G 40 39.12 -6.17 -25.56
C LEU G 40 39.89 -7.12 -24.64
N PHE G 41 40.74 -8.01 -25.20
CA PHE G 41 41.24 -9.14 -24.41
C PHE G 41 42.76 -9.28 -24.46
N GLY G 42 43.46 -8.28 -25.03
CA GLY G 42 44.90 -8.27 -25.07
C GLY G 42 45.46 -9.07 -26.26
N ASP G 43 46.78 -8.95 -26.46
CA ASP G 43 47.48 -9.60 -27.55
C ASP G 43 47.22 -11.10 -27.54
N ASP G 44 47.11 -11.68 -26.33
N ASP G 44 47.10 -11.65 -26.33
CA ASP G 44 46.87 -13.10 -26.16
CA ASP G 44 46.84 -13.06 -26.07
C ASP G 44 45.47 -13.51 -26.64
C ASP G 44 45.49 -13.50 -26.62
N GLU G 45 44.52 -12.57 -26.70
CA GLU G 45 43.19 -12.86 -27.19
C GLU G 45 42.59 -14.03 -26.40
N THR G 46 42.67 -13.92 -25.08
CA THR G 46 42.17 -14.92 -24.15
C THR G 46 41.35 -14.19 -23.08
N ALA G 47 40.42 -14.93 -22.48
CA ALA G 47 39.60 -14.42 -21.39
C ALA G 47 39.70 -15.40 -20.24
N PHE G 48 39.99 -14.88 -19.03
CA PHE G 48 40.08 -15.68 -17.83
C PHE G 48 38.75 -15.69 -17.10
N GLY G 49 38.38 -16.85 -16.55
CA GLY G 49 37.29 -16.93 -15.59
C GLY G 49 36.20 -17.92 -15.97
N TYR G 50 36.20 -18.39 -17.23
CA TYR G 50 35.09 -19.18 -17.74
C TYR G 50 35.58 -20.53 -18.28
N LYS G 51 34.74 -21.56 -18.12
CA LYS G 51 34.87 -22.83 -18.83
C LYS G 51 33.74 -22.89 -19.85
N GLY G 52 34.07 -23.13 -21.12
CA GLY G 52 33.07 -23.28 -22.17
C GLY G 52 32.40 -21.96 -22.51
N LEU G 53 33.22 -20.91 -22.70
CA LEU G 53 32.72 -19.56 -22.93
C LEU G 53 32.14 -19.50 -24.34
N LYS G 54 30.92 -18.95 -24.45
CA LYS G 54 30.24 -18.78 -25.72
C LYS G 54 29.61 -17.38 -25.71
N ILE G 55 30.08 -16.51 -26.62
CA ILE G 55 29.59 -15.15 -26.74
C ILE G 55 28.80 -15.04 -28.03
N LEU G 56 27.49 -14.79 -27.93
CA LEU G 56 26.60 -14.76 -29.09
C LEU G 56 26.32 -13.31 -29.47
N LEU G 57 26.73 -12.92 -30.69
CA LEU G 57 26.32 -11.68 -31.31
C LEU G 57 25.59 -11.99 -32.62
N TYR G 58 24.29 -12.22 -32.52
CA TYR G 58 23.48 -12.48 -33.71
C TYR G 58 22.88 -11.16 -34.20
N TYR G 59 22.96 -10.96 -35.51
CA TYR G 59 22.42 -9.77 -36.16
C TYR G 59 21.40 -10.19 -37.21
N ILE G 60 20.24 -9.54 -37.24
CA ILE G 60 19.31 -9.72 -38.35
C ILE G 60 19.91 -9.08 -39.59
N ALA G 61 19.82 -9.79 -40.72
CA ALA G 61 20.75 -9.62 -41.82
C ALA G 61 20.80 -8.20 -42.36
N GLY G 62 19.65 -7.51 -42.37
CA GLY G 62 19.55 -6.18 -42.98
C GLY G 62 19.75 -5.07 -41.95
N SER G 63 18.79 -4.98 -41.03
CA SER G 63 18.70 -3.91 -40.05
C SER G 63 19.82 -4.00 -39.01
N LEU G 64 20.37 -5.21 -38.82
CA LEU G 64 21.41 -5.47 -37.84
C LEU G 64 20.87 -5.40 -36.41
N SER G 65 19.56 -5.49 -36.22
CA SER G 65 19.02 -5.64 -34.87
C SER G 65 19.69 -6.83 -34.19
N THR G 66 20.09 -6.66 -32.93
CA THR G 66 21.14 -7.47 -32.32
C THR G 66 20.59 -8.31 -31.18
N MET G 67 21.04 -9.57 -31.12
CA MET G 67 21.00 -10.35 -29.90
C MET G 67 22.41 -10.48 -29.33
N PHE G 68 22.54 -10.22 -28.03
CA PHE G 68 23.81 -10.38 -27.33
C PHE G 68 23.60 -11.19 -26.07
N ARG G 69 24.28 -12.35 -26.01
CA ARG G 69 24.24 -13.24 -24.86
C ARG G 69 25.64 -13.76 -24.56
N VAL G 70 25.96 -13.86 -23.26
CA VAL G 70 27.14 -14.59 -22.82
C VAL G 70 26.65 -15.88 -22.17
N GLU G 71 27.21 -17.02 -22.60
CA GLU G 71 26.91 -18.31 -22.01
C GLU G 71 28.20 -18.97 -21.56
N TYR G 72 28.11 -19.88 -20.57
CA TYR G 72 29.26 -20.63 -20.10
C TYR G 72 28.84 -21.86 -19.32
N ALA G 73 29.72 -22.86 -19.28
CA ALA G 73 29.53 -24.04 -18.46
C ALA G 73 29.69 -23.67 -16.98
N SER G 74 30.78 -22.96 -16.66
CA SER G 74 30.99 -22.45 -15.32
C SER G 74 31.82 -21.18 -15.38
N LYS G 75 31.79 -20.40 -14.29
CA LYS G 75 32.72 -19.30 -14.10
C LYS G 75 33.31 -19.41 -12.69
N VAL G 76 34.33 -18.59 -12.41
CA VAL G 76 35.12 -18.72 -11.20
C VAL G 76 34.35 -18.12 -10.02
N ASP G 77 33.65 -17.01 -10.26
CA ASP G 77 32.86 -16.33 -9.24
C ASP G 77 31.88 -17.29 -8.52
N CYS G 82 37.43 -15.43 -4.11
CA CYS G 82 38.35 -14.29 -4.37
C CYS G 82 39.06 -14.46 -5.72
N VAL G 83 38.46 -15.10 -6.73
CA VAL G 83 38.91 -14.96 -8.11
C VAL G 83 37.83 -14.20 -8.88
N GLU G 84 38.24 -13.33 -9.82
CA GLU G 84 37.32 -12.49 -10.55
C GLU G 84 37.48 -12.72 -12.04
N ALA G 85 36.40 -13.15 -12.69
CA ALA G 85 36.41 -13.38 -14.13
C ALA G 85 36.54 -12.04 -14.85
N ASP G 86 37.12 -12.09 -16.05
CA ASP G 86 37.16 -10.93 -16.93
C ASP G 86 35.73 -10.51 -17.24
N ASP G 87 35.48 -9.20 -17.33
CA ASP G 87 34.15 -8.67 -17.52
C ASP G 87 33.80 -8.69 -19.00
N VAL G 88 33.55 -9.89 -19.55
CA VAL G 88 33.30 -10.09 -20.97
C VAL G 88 32.11 -9.24 -21.39
N GLU G 89 31.03 -9.34 -20.62
CA GLU G 89 29.80 -8.62 -20.88
C GLU G 89 30.09 -7.13 -21.00
N GLY G 90 30.79 -6.59 -19.99
CA GLY G 90 31.09 -5.17 -19.92
C GLY G 90 31.89 -4.69 -21.13
N LYS G 91 32.91 -5.48 -21.52
CA LYS G 91 33.77 -5.11 -22.62
C LYS G 91 33.01 -5.07 -23.95
N ILE G 92 32.11 -6.03 -24.16
CA ILE G 92 31.33 -6.10 -25.40
C ILE G 92 30.35 -4.93 -25.41
N ARG G 93 29.78 -4.60 -24.25
CA ARG G 93 28.78 -3.54 -24.16
C ARG G 93 29.40 -2.17 -24.49
N GLN G 94 30.73 -2.03 -24.35
CA GLN G 94 31.40 -0.79 -24.70
C GLN G 94 31.28 -0.51 -26.19
N ILE G 95 31.19 -1.55 -27.02
CA ILE G 95 31.37 -1.39 -28.47
C ILE G 95 30.09 -1.68 -29.25
N ILE G 96 29.00 -2.04 -28.56
CA ILE G 96 27.71 -2.20 -29.22
C ILE G 96 26.72 -1.24 -28.57
N PRO G 97 25.75 -0.68 -29.34
CA PRO G 97 24.74 0.20 -28.77
C PRO G 97 23.83 -0.54 -27.78
N PRO G 98 23.10 0.19 -26.91
CA PRO G 98 22.04 -0.43 -26.11
C PRO G 98 20.86 -0.81 -26.99
N GLY G 99 19.97 -1.65 -26.44
CA GLY G 99 18.72 -1.99 -27.10
C GLY G 99 18.72 -3.41 -27.65
N PHE G 100 19.85 -4.11 -27.55
CA PHE G 100 19.93 -5.50 -27.94
C PHE G 100 18.97 -6.33 -27.10
N CYS G 101 18.45 -7.42 -27.69
CA CYS G 101 17.70 -8.41 -26.94
C CYS G 101 18.67 -9.51 -26.50
N THR G 102 18.21 -10.41 -25.63
CA THR G 102 19.11 -11.30 -24.91
C THR G 102 18.67 -12.76 -24.97
N ASN G 103 17.72 -13.09 -25.87
CA ASN G 103 17.30 -14.48 -26.05
C ASN G 103 16.81 -14.65 -27.49
N THR G 104 16.76 -15.91 -27.94
CA THR G 104 16.51 -16.21 -29.35
C THR G 104 15.04 -15.93 -29.70
N ASN G 105 14.13 -16.07 -28.72
CA ASN G 105 12.71 -15.83 -28.98
C ASN G 105 12.49 -14.37 -29.38
N ASP G 106 13.01 -13.44 -28.58
CA ASP G 106 12.86 -12.02 -28.85
C ASP G 106 13.54 -11.67 -30.18
N PHE G 107 14.65 -12.36 -30.48
CA PHE G 107 15.40 -12.11 -31.71
C PHE G 107 14.57 -12.51 -32.92
N LEU G 108 13.93 -13.69 -32.84
CA LEU G 108 13.07 -14.18 -33.91
C LEU G 108 11.85 -13.27 -34.10
N SER G 109 11.39 -12.61 -33.04
CA SER G 109 10.31 -11.65 -33.15
C SER G 109 10.70 -10.51 -34.09
N LEU G 110 11.95 -10.05 -33.96
CA LEU G 110 12.45 -8.94 -34.77
C LEU G 110 12.50 -9.35 -36.23
N LEU G 111 12.69 -10.66 -36.47
CA LEU G 111 12.81 -11.21 -37.81
C LEU G 111 11.53 -10.97 -38.62
N GLU G 112 10.37 -10.99 -37.95
CA GLU G 112 9.09 -10.80 -38.62
C GLU G 112 8.97 -9.38 -39.18
N LYS G 113 9.54 -8.39 -38.48
CA LYS G 113 9.40 -6.98 -38.83
C LYS G 113 10.45 -6.57 -39.87
N GLU G 114 11.38 -7.48 -40.20
CA GLU G 114 12.51 -7.18 -41.06
C GLU G 114 12.06 -6.85 -42.49
N VAL G 115 10.88 -7.33 -42.89
CA VAL G 115 10.30 -7.06 -44.19
C VAL G 115 10.31 -5.56 -44.47
N ASP G 116 10.17 -4.74 -43.41
CA ASP G 116 10.06 -3.30 -43.57
C ASP G 116 11.41 -2.61 -43.67
N PHE G 117 12.51 -3.33 -43.39
CA PHE G 117 13.83 -2.73 -43.42
C PHE G 117 14.17 -2.33 -44.86
N LYS G 118 14.59 -1.06 -45.03
CA LYS G 118 14.94 -0.52 -46.34
C LYS G 118 16.33 0.11 -46.26
N PRO G 119 17.12 0.09 -47.36
CA PRO G 119 18.45 0.68 -47.35
C PRO G 119 18.37 2.19 -47.15
N PHE G 120 19.47 2.76 -46.64
CA PHE G 120 19.56 4.20 -46.37
C PHE G 120 20.21 4.88 -47.57
N GLY G 121 19.65 6.03 -47.95
CA GLY G 121 20.34 6.95 -48.84
C GLY G 121 19.97 6.76 -50.31
N THR G 122 20.93 7.06 -51.17
CA THR G 122 20.73 7.20 -52.60
C THR G 122 21.35 5.99 -53.28
N LEU G 123 20.56 5.33 -54.15
CA LEU G 123 21.05 4.23 -54.95
C LEU G 123 22.01 4.78 -56.01
N LEU G 124 23.20 4.18 -56.10
CA LEU G 124 24.22 4.62 -57.03
C LEU G 124 24.50 3.57 -58.10
N HIS G 125 24.35 2.28 -57.76
CA HIS G 125 24.78 1.21 -58.65
C HIS G 125 24.11 -0.10 -58.25
N THR G 126 23.78 -0.93 -59.26
CA THR G 126 23.24 -2.26 -59.07
C THR G 126 24.08 -3.22 -59.90
N TYR G 127 24.39 -4.39 -59.33
CA TYR G 127 25.20 -5.36 -60.06
C TYR G 127 24.79 -6.77 -59.64
N SER G 128 25.17 -7.75 -60.46
CA SER G 128 24.89 -9.15 -60.19
C SER G 128 26.20 -9.91 -60.07
N VAL G 129 26.23 -10.87 -59.15
CA VAL G 129 27.37 -11.76 -58.99
C VAL G 129 26.85 -13.18 -59.12
N LEU G 130 27.61 -14.06 -59.79
CA LEU G 130 27.27 -15.47 -59.90
C LEU G 130 27.51 -16.16 -58.55
N SER G 131 26.65 -17.11 -58.20
CA SER G 131 26.78 -17.85 -56.96
C SER G 131 28.00 -18.77 -57.06
N PRO G 132 28.61 -19.19 -55.92
CA PRO G 132 29.64 -20.24 -55.91
C PRO G 132 29.19 -21.55 -56.57
N THR G 133 27.94 -21.97 -56.28
CA THR G 133 27.36 -23.17 -56.87
C THR G 133 27.26 -23.00 -58.38
N GLY G 134 26.98 -21.78 -58.82
CA GLY G 134 26.93 -21.44 -60.23
C GLY G 134 25.51 -21.44 -60.77
N GLY G 135 24.51 -21.67 -59.90
CA GLY G 135 23.15 -21.91 -60.35
C GLY G 135 22.19 -20.79 -59.95
N GLU G 136 22.64 -19.53 -60.07
CA GLU G 136 21.93 -18.42 -59.45
C GLU G 136 22.78 -17.13 -59.52
N ASN G 137 22.11 -16.01 -59.83
CA ASN G 137 22.70 -14.68 -59.74
C ASN G 137 22.16 -13.95 -58.52
N PHE G 138 23.08 -13.44 -57.69
CA PHE G 138 22.72 -12.60 -56.56
C PHE G 138 22.71 -11.15 -57.05
N THR G 139 21.85 -10.32 -56.44
CA THR G 139 21.73 -8.93 -56.84
C THR G 139 22.21 -8.03 -55.69
N PHE G 140 23.05 -7.05 -56.00
CA PHE G 140 23.61 -6.19 -54.98
C PHE G 140 23.43 -4.73 -55.38
N GLN G 141 23.44 -3.85 -54.37
CA GLN G 141 23.28 -2.43 -54.57
C GLN G 141 24.21 -1.64 -53.64
N ILE G 142 24.75 -0.55 -54.18
CA ILE G 142 25.55 0.38 -53.41
C ILE G 142 24.75 1.66 -53.23
N TYR G 143 24.65 2.11 -51.97
CA TYR G 143 23.94 3.32 -51.61
C TYR G 143 24.92 4.31 -50.96
N LYS G 144 24.68 5.60 -51.16
CA LYS G 144 25.38 6.64 -50.42
C LYS G 144 24.44 7.24 -49.37
N ALA G 145 24.84 7.14 -48.10
CA ALA G 145 24.01 7.58 -46.99
C ALA G 145 24.73 8.65 -46.16
N ASP G 146 23.96 9.26 -45.25
CA ASP G 146 24.48 10.23 -44.31
C ASP G 146 23.54 10.26 -43.11
N MET G 147 23.91 11.05 -42.09
CA MET G 147 23.23 11.01 -40.81
C MET G 147 21.87 11.73 -40.88
N THR G 148 21.56 12.39 -42.00
CA THR G 148 20.26 13.00 -42.16
C THR G 148 19.22 11.94 -42.52
N CYS G 149 19.65 10.81 -43.10
N CYS G 149 19.64 10.81 -43.10
CA CYS G 149 18.75 9.71 -43.42
CA CYS G 149 18.69 9.76 -43.45
C CYS G 149 18.25 9.08 -42.12
C CYS G 149 18.24 9.07 -42.15
N ARG G 150 16.92 9.06 -41.93
CA ARG G 150 16.31 8.55 -40.71
C ARG G 150 16.78 7.12 -40.44
N GLY G 151 17.25 6.88 -39.21
CA GLY G 151 17.57 5.53 -38.74
C GLY G 151 19.04 5.14 -38.97
N PHE G 152 19.75 5.90 -39.80
CA PHE G 152 21.07 5.50 -40.25
C PHE G 152 22.06 5.52 -39.09
N ARG G 153 21.94 6.53 -38.21
CA ARG G 153 22.88 6.74 -37.11
C ARG G 153 22.86 5.53 -36.18
N GLU G 154 21.65 5.04 -35.87
CA GLU G 154 21.49 3.86 -35.02
C GLU G 154 22.07 2.64 -35.74
N TYR G 155 21.81 2.56 -37.05
CA TYR G 155 22.25 1.44 -37.86
C TYR G 155 23.77 1.42 -37.94
N HIS G 156 24.39 2.60 -38.08
CA HIS G 156 25.83 2.70 -38.17
C HIS G 156 26.50 2.29 -36.86
N GLU G 157 25.84 2.55 -35.74
CA GLU G 157 26.36 2.12 -34.44
C GLU G 157 26.35 0.59 -34.34
N ARG G 158 25.30 -0.02 -34.91
CA ARG G 158 25.19 -1.47 -34.89
C ARG G 158 26.23 -2.07 -35.83
N LEU G 159 26.48 -1.39 -36.95
CA LEU G 159 27.35 -1.92 -37.99
C LEU G 159 28.82 -1.84 -37.58
N GLN G 160 29.22 -0.73 -36.94
CA GLN G 160 30.63 -0.40 -36.80
C GLN G 160 31.37 -1.35 -35.86
N THR G 161 30.66 -1.99 -34.93
CA THR G 161 31.25 -3.01 -34.08
C THR G 161 32.13 -3.96 -34.89
N PHE G 162 31.66 -4.32 -36.09
CA PHE G 162 32.37 -5.28 -36.93
C PHE G 162 33.80 -4.83 -37.23
N LEU G 163 34.05 -3.51 -37.25
CA LEU G 163 35.38 -2.98 -37.46
C LEU G 163 36.34 -3.56 -36.41
N MET G 164 35.85 -3.69 -35.17
CA MET G 164 36.65 -4.20 -34.07
C MET G 164 37.07 -5.66 -34.33
N TRP G 165 36.17 -6.46 -34.90
CA TRP G 165 36.43 -7.89 -35.07
C TRP G 165 37.30 -8.17 -36.30
N PHE G 166 37.30 -7.28 -37.29
CA PHE G 166 37.87 -7.64 -38.59
C PHE G 166 38.91 -6.66 -39.11
N ILE G 167 39.10 -5.52 -38.43
CA ILE G 167 40.15 -4.59 -38.82
C ILE G 167 41.06 -4.35 -37.62
N GLU G 168 42.36 -4.59 -37.82
CA GLU G 168 43.26 -4.77 -36.70
C GLU G 168 43.37 -3.48 -35.91
N THR G 169 43.54 -2.34 -36.61
CA THR G 169 43.81 -1.08 -35.95
C THR G 169 42.55 -0.22 -35.94
N ALA G 170 41.39 -0.86 -35.90
CA ALA G 170 40.10 -0.20 -36.09
C ALA G 170 39.80 0.73 -34.93
N SER G 171 39.22 1.90 -35.22
CA SER G 171 38.60 2.72 -34.19
C SER G 171 37.44 3.52 -34.77
N PHE G 172 36.44 3.77 -33.92
CA PHE G 172 35.20 4.38 -34.31
C PHE G 172 35.41 5.85 -34.72
N ILE G 173 34.58 6.30 -35.67
CA ILE G 173 34.68 7.64 -36.22
C ILE G 173 33.70 8.53 -35.48
N ASP G 174 33.93 9.85 -35.60
CA ASP G 174 33.04 10.85 -35.05
C ASP G 174 31.94 11.17 -36.09
N VAL G 175 30.73 10.68 -35.85
CA VAL G 175 29.68 10.73 -36.86
C VAL G 175 29.13 12.15 -37.00
N ASP G 176 29.43 13.02 -36.03
CA ASP G 176 28.96 14.40 -36.06
C ASP G 176 29.76 15.25 -37.08
N ASP G 177 30.90 14.72 -37.56
CA ASP G 177 31.66 15.39 -38.59
C ASP G 177 31.03 15.10 -39.94
N GLU G 178 30.53 16.16 -40.57
CA GLU G 178 29.75 16.05 -41.80
C GLU G 178 30.64 15.74 -42.99
N ARG G 179 31.96 15.78 -42.83
CA ARG G 179 32.87 15.47 -43.92
C ARG G 179 32.92 13.96 -44.16
N TRP G 180 32.31 13.16 -43.28
CA TRP G 180 32.22 11.72 -43.50
C TRP G 180 31.15 11.43 -44.56
N HIS G 181 31.53 10.63 -45.56
CA HIS G 181 30.58 10.04 -46.49
C HIS G 181 30.52 8.55 -46.23
N TYR G 182 29.31 7.99 -46.39
CA TYR G 182 29.08 6.57 -46.15
C TYR G 182 28.59 5.93 -47.44
N PHE G 183 29.19 4.79 -47.78
CA PHE G 183 28.78 4.00 -48.94
C PHE G 183 28.45 2.61 -48.44
N LEU G 184 27.21 2.17 -48.65
CA LEU G 184 26.73 0.90 -48.14
C LEU G 184 26.52 -0.08 -49.29
N VAL G 185 26.81 -1.35 -49.04
CA VAL G 185 26.50 -2.43 -49.96
C VAL G 185 25.39 -3.27 -49.34
N PHE G 186 24.37 -3.61 -50.15
CA PHE G 186 23.27 -4.46 -49.73
C PHE G 186 23.03 -5.55 -50.77
N GLU G 187 22.58 -6.72 -50.31
CA GLU G 187 22.13 -7.76 -51.19
C GLU G 187 20.61 -7.86 -51.09
N LYS G 188 19.94 -8.02 -52.24
CA LYS G 188 18.51 -8.25 -52.30
C LYS G 188 18.26 -9.74 -52.24
N TYR G 189 17.29 -10.17 -51.43
CA TYR G 189 16.95 -11.58 -51.33
C TYR G 189 15.45 -11.74 -51.13
N ASN G 190 14.92 -12.91 -51.49
CA ASN G 190 13.50 -13.20 -51.40
C ASN G 190 13.18 -13.80 -50.05
N LYS G 191 12.02 -13.43 -49.49
CA LYS G 191 11.56 -14.01 -48.22
C LYS G 191 10.06 -13.77 -48.07
N ASP G 192 9.29 -14.86 -48.05
CA ASP G 192 7.85 -14.81 -47.86
C ASP G 192 7.23 -13.85 -48.87
N GLY G 193 7.65 -13.98 -50.14
CA GLY G 193 7.01 -13.26 -51.23
C GLY G 193 7.65 -11.90 -51.52
N ALA G 194 8.42 -11.36 -50.56
CA ALA G 194 8.88 -9.99 -50.62
C ALA G 194 10.37 -9.95 -50.95
N THR G 195 10.86 -8.79 -51.38
CA THR G 195 12.28 -8.56 -51.58
C THR G 195 12.82 -7.83 -50.35
N LEU G 196 13.80 -8.43 -49.69
CA LEU G 196 14.41 -7.84 -48.51
C LEU G 196 15.85 -7.48 -48.82
N PHE G 197 16.47 -6.72 -47.92
CA PHE G 197 17.85 -6.27 -48.08
C PHE G 197 18.70 -6.83 -46.95
N ALA G 198 19.90 -7.31 -47.30
CA ALA G 198 20.87 -7.83 -46.35
C ALA G 198 22.12 -6.95 -46.38
N THR G 199 22.67 -6.65 -45.20
CA THR G 199 23.88 -5.84 -45.13
C THR G 199 25.05 -6.72 -45.53
N VAL G 200 25.87 -6.18 -46.45
CA VAL G 200 27.04 -6.86 -47.00
C VAL G 200 28.33 -6.20 -46.55
N GLY G 201 28.35 -4.87 -46.54
CA GLY G 201 29.59 -4.14 -46.28
C GLY G 201 29.39 -2.64 -46.39
N TYR G 202 30.46 -1.89 -46.12
CA TYR G 202 30.41 -0.44 -46.23
C TYR G 202 31.83 0.15 -46.27
N MET G 203 31.88 1.42 -46.63
CA MET G 203 33.11 2.15 -46.80
C MET G 203 32.87 3.57 -46.27
N THR G 204 33.76 4.09 -45.42
CA THR G 204 33.70 5.48 -44.99
C THR G 204 34.77 6.25 -45.77
N VAL G 205 34.39 7.45 -46.23
CA VAL G 205 35.28 8.28 -47.03
C VAL G 205 35.27 9.69 -46.44
N TYR G 206 36.47 10.22 -46.15
CA TYR G 206 36.59 11.52 -45.50
C TYR G 206 36.91 12.57 -46.57
N ASN G 207 36.13 13.66 -46.53
CA ASN G 207 36.14 14.68 -47.56
C ASN G 207 37.05 15.82 -47.14
N TYR G 208 38.36 15.58 -47.21
CA TYR G 208 39.35 16.53 -46.73
C TYR G 208 39.25 17.82 -47.53
N TYR G 209 39.27 18.96 -46.83
CA TYR G 209 39.35 20.26 -47.46
C TYR G 209 40.77 20.47 -47.98
N VAL G 210 40.88 21.03 -49.19
CA VAL G 210 42.17 21.39 -49.76
C VAL G 210 42.07 22.82 -50.26
N TYR G 211 43.02 23.67 -49.87
CA TYR G 211 42.96 25.05 -50.32
C TYR G 211 43.37 25.05 -51.80
N PRO G 212 42.70 25.83 -52.69
CA PRO G 212 41.43 26.49 -52.39
C PRO G 212 40.16 25.88 -53.00
N ASP G 213 39.14 25.75 -52.16
CA ASP G 213 37.79 25.35 -52.57
C ASP G 213 37.80 24.09 -53.45
N LYS G 214 38.71 23.17 -53.07
CA LYS G 214 38.72 21.81 -53.58
C LYS G 214 38.59 20.85 -52.40
N THR G 215 38.25 19.60 -52.68
CA THR G 215 38.29 18.56 -51.66
C THR G 215 39.09 17.37 -52.21
N ARG G 216 39.57 16.54 -51.29
CA ARG G 216 40.31 15.33 -51.63
C ARG G 216 39.73 14.20 -50.80
N PRO G 217 38.70 13.47 -51.29
CA PRO G 217 38.18 12.32 -50.57
C PRO G 217 39.26 11.27 -50.34
N ARG G 218 39.29 10.73 -49.11
CA ARG G 218 40.23 9.68 -48.74
C ARG G 218 39.45 8.53 -48.10
N VAL G 219 39.64 7.32 -48.64
CA VAL G 219 39.00 6.13 -48.11
C VAL G 219 39.65 5.81 -46.76
N SER G 220 38.80 5.67 -45.73
CA SER G 220 39.24 5.54 -44.34
C SER G 220 39.14 4.07 -43.92
N GLN G 221 37.91 3.53 -43.97
CA GLN G 221 37.62 2.13 -43.69
C GLN G 221 36.89 1.55 -44.90
N MET G 222 37.11 0.25 -45.15
CA MET G 222 36.22 -0.53 -46.01
C MET G 222 36.08 -1.92 -45.40
N LEU G 223 34.84 -2.33 -45.15
CA LEU G 223 34.56 -3.62 -44.55
C LEU G 223 33.58 -4.39 -45.41
N ILE G 224 34.00 -5.56 -45.89
CA ILE G 224 33.10 -6.53 -46.50
C ILE G 224 32.95 -7.68 -45.51
N LEU G 225 31.71 -7.97 -45.10
CA LEU G 225 31.48 -8.97 -44.08
C LEU G 225 31.88 -10.36 -44.61
N THR G 226 32.37 -11.22 -43.71
CA THR G 226 33.06 -12.45 -44.07
C THR G 226 32.26 -13.27 -45.07
N PRO G 227 30.95 -13.55 -44.87
CA PRO G 227 30.20 -14.39 -45.82
C PRO G 227 30.19 -13.90 -47.26
N PHE G 228 30.53 -12.63 -47.51
CA PHE G 228 30.43 -12.05 -48.85
C PHE G 228 31.82 -11.80 -49.45
N GLN G 229 32.86 -12.35 -48.83
CA GLN G 229 34.21 -12.15 -49.34
C GLN G 229 34.45 -13.09 -50.53
N GLY G 230 35.19 -12.60 -51.51
CA GLY G 230 35.58 -13.36 -52.68
C GLY G 230 34.49 -13.33 -53.76
N GLN G 231 33.76 -12.22 -53.83
CA GLN G 231 32.67 -12.05 -54.77
C GLN G 231 32.83 -10.78 -55.62
N GLY G 232 33.81 -9.93 -55.26
CA GLY G 232 34.20 -8.77 -56.06
C GLY G 232 33.59 -7.47 -55.55
N HIS G 233 33.13 -7.45 -54.29
CA HIS G 233 32.39 -6.31 -53.77
C HIS G 233 33.30 -5.08 -53.63
N GLY G 234 34.54 -5.27 -53.21
CA GLY G 234 35.45 -4.14 -53.03
C GLY G 234 35.73 -3.44 -54.35
N ALA G 235 35.87 -4.22 -55.43
CA ALA G 235 36.12 -3.66 -56.75
C ALA G 235 34.93 -2.82 -57.20
N GLN G 236 33.70 -3.29 -56.93
CA GLN G 236 32.50 -2.55 -57.30
C GLN G 236 32.40 -1.27 -56.46
N LEU G 237 32.69 -1.42 -55.17
CA LEU G 237 32.54 -0.33 -54.22
C LEU G 237 33.48 0.81 -54.60
N LEU G 238 34.73 0.49 -54.91
CA LEU G 238 35.71 1.51 -55.23
C LEU G 238 35.41 2.13 -56.59
N GLU G 239 35.05 1.29 -57.58
CA GLU G 239 34.66 1.81 -58.88
C GLU G 239 33.50 2.79 -58.73
N THR G 240 32.48 2.41 -57.94
CA THR G 240 31.29 3.23 -57.76
C THR G 240 31.65 4.58 -57.14
N VAL G 241 32.56 4.57 -56.17
CA VAL G 241 32.96 5.77 -55.45
C VAL G 241 33.70 6.71 -56.39
N HIS G 242 34.64 6.18 -57.19
CA HIS G 242 35.32 6.97 -58.20
C HIS G 242 34.31 7.61 -59.16
N ARG G 243 33.36 6.82 -59.66
CA ARG G 243 32.39 7.30 -60.62
C ARG G 243 31.48 8.36 -60.00
N TYR G 244 31.22 8.23 -58.69
CA TYR G 244 30.36 9.15 -57.98
C TYR G 244 31.03 10.53 -57.90
N TYR G 245 32.29 10.56 -57.42
CA TYR G 245 32.97 11.82 -57.16
C TYR G 245 33.42 12.48 -58.46
N THR G 246 33.39 11.75 -59.58
CA THR G 246 33.75 12.31 -60.88
C THR G 246 32.81 13.46 -61.24
N GLU G 247 31.55 13.38 -60.77
CA GLU G 247 30.53 14.35 -61.11
C GLU G 247 30.79 15.70 -60.44
N PHE G 248 31.74 15.77 -59.50
CA PHE G 248 32.05 17.01 -58.82
C PHE G 248 33.36 17.60 -59.34
N PRO G 249 33.34 18.77 -60.04
CA PRO G 249 34.58 19.39 -60.53
C PRO G 249 35.52 19.80 -59.41
N THR G 250 34.96 19.98 -58.21
CA THR G 250 35.66 20.54 -57.07
C THR G 250 36.47 19.46 -56.34
N VAL G 251 36.37 18.20 -56.79
CA VAL G 251 37.13 17.10 -56.21
C VAL G 251 38.42 16.92 -57.00
N LEU G 252 39.57 16.87 -56.30
CA LEU G 252 40.86 16.72 -56.94
C LEU G 252 41.07 15.25 -57.32
N ASP G 253 41.12 14.37 -56.30
CA ASP G 253 41.43 12.97 -56.53
C ASP G 253 40.92 12.11 -55.38
N ILE G 254 41.01 10.79 -55.55
CA ILE G 254 40.61 9.84 -54.54
C ILE G 254 41.81 8.93 -54.20
N THR G 255 42.04 8.80 -52.90
CA THR G 255 43.17 8.09 -52.33
C THR G 255 42.69 7.30 -51.12
N ALA G 256 43.60 6.53 -50.53
CA ALA G 256 43.34 5.81 -49.29
C ALA G 256 44.23 6.39 -48.18
N GLU G 257 43.68 6.47 -46.97
CA GLU G 257 44.45 6.86 -45.81
C GLU G 257 45.58 5.86 -45.60
N ASP G 258 45.28 4.57 -45.78
CA ASP G 258 46.14 3.48 -45.36
C ASP G 258 46.38 2.54 -46.53
N PRO G 259 47.34 2.88 -47.42
CA PRO G 259 47.61 2.06 -48.61
C PRO G 259 48.32 0.73 -48.33
N SER G 260 47.52 -0.23 -47.85
CA SER G 260 47.98 -1.59 -47.62
C SER G 260 48.31 -2.28 -48.94
N LYS G 261 48.93 -3.47 -48.83
CA LYS G 261 49.17 -4.34 -49.97
C LYS G 261 47.83 -4.62 -50.66
N SER G 262 46.79 -4.90 -49.87
CA SER G 262 45.53 -5.33 -50.44
C SER G 262 44.80 -4.16 -51.12
N TYR G 263 44.91 -2.96 -50.52
CA TYR G 263 44.39 -1.75 -51.15
C TYR G 263 45.05 -1.53 -52.51
N VAL G 264 46.39 -1.63 -52.55
CA VAL G 264 47.12 -1.34 -53.77
C VAL G 264 46.69 -2.32 -54.86
N LYS G 265 46.50 -3.60 -54.49
CA LYS G 265 46.05 -4.62 -55.42
C LYS G 265 44.66 -4.25 -55.94
N LEU G 266 43.77 -3.88 -55.02
CA LEU G 266 42.41 -3.51 -55.37
C LEU G 266 42.43 -2.27 -56.28
N ARG G 267 43.22 -1.28 -55.88
CA ARG G 267 43.31 -0.03 -56.61
C ARG G 267 43.80 -0.29 -58.04
N ASP G 268 44.88 -1.06 -58.17
CA ASP G 268 45.49 -1.31 -59.46
C ASP G 268 44.48 -2.02 -60.36
N PHE G 269 43.64 -2.87 -59.77
CA PHE G 269 42.63 -3.59 -60.53
C PHE G 269 41.63 -2.61 -61.14
N VAL G 270 41.12 -1.71 -60.29
CA VAL G 270 40.02 -0.83 -60.64
C VAL G 270 40.50 0.24 -61.62
N LEU G 271 41.68 0.82 -61.36
CA LEU G 271 42.16 1.92 -62.16
C LEU G 271 42.52 1.42 -63.56
N VAL G 272 42.98 0.16 -63.67
CA VAL G 272 43.25 -0.45 -64.96
C VAL G 272 41.93 -0.65 -65.71
N LYS G 273 40.91 -1.12 -64.98
CA LYS G 273 39.59 -1.34 -65.57
C LYS G 273 39.07 -0.02 -66.13
N LEU G 274 39.25 1.07 -65.39
CA LEU G 274 38.68 2.36 -65.75
C LEU G 274 39.48 3.04 -66.86
N CYS G 275 40.77 2.70 -67.01
CA CYS G 275 41.66 3.53 -67.80
C CYS G 275 42.05 2.88 -69.12
N GLN G 276 41.84 1.56 -69.27
CA GLN G 276 42.39 0.86 -70.42
C GLN G 276 41.73 1.34 -71.71
N ASP G 277 40.45 1.73 -71.63
CA ASP G 277 39.70 2.11 -72.82
C ASP G 277 39.73 3.62 -73.04
N LEU G 278 40.58 4.35 -72.31
CA LEU G 278 40.71 5.78 -72.49
C LEU G 278 41.63 6.07 -73.68
N PRO G 279 41.35 7.14 -74.46
CA PRO G 279 42.21 7.51 -75.59
C PRO G 279 43.68 7.71 -75.24
N CYS G 280 43.93 8.37 -74.10
CA CYS G 280 45.28 8.75 -73.71
C CYS G 280 46.14 7.53 -73.34
N PHE G 281 45.49 6.37 -73.14
CA PHE G 281 46.18 5.14 -72.77
C PHE G 281 46.07 4.09 -73.89
N SER G 282 46.00 4.53 -75.14
CA SER G 282 45.93 3.63 -76.28
C SER G 282 47.31 3.05 -76.59
N ARG G 283 47.34 1.92 -77.31
CA ARG G 283 48.58 1.27 -77.71
C ARG G 283 49.58 2.32 -78.22
N GLU G 284 49.13 3.20 -79.11
CA GLU G 284 50.01 4.14 -79.79
C GLU G 284 50.52 5.22 -78.82
N LYS G 285 49.66 5.66 -77.90
CA LYS G 285 50.00 6.74 -76.98
C LYS G 285 50.89 6.21 -75.85
N LEU G 286 50.74 4.92 -75.50
CA LEU G 286 51.54 4.30 -74.46
C LEU G 286 53.00 4.17 -74.89
N MET G 287 53.22 3.87 -76.18
CA MET G 287 54.54 3.58 -76.70
C MET G 287 55.39 4.85 -76.82
N GLN G 288 54.74 6.03 -76.83
CA GLN G 288 55.47 7.28 -76.94
C GLN G 288 56.05 7.68 -75.58
N GLY G 289 55.66 6.96 -74.51
CA GLY G 289 56.16 7.23 -73.16
C GLY G 289 55.04 7.80 -72.29
N PHE G 290 55.32 7.98 -70.99
CA PHE G 290 54.38 8.60 -70.09
C PHE G 290 54.29 10.09 -70.40
N ASN G 291 53.06 10.61 -70.45
CA ASN G 291 52.80 12.01 -70.77
C ASN G 291 51.90 12.58 -69.67
N GLU G 292 52.08 13.88 -69.37
CA GLU G 292 51.27 14.56 -68.37
C GLU G 292 49.80 14.48 -68.78
N ASP G 293 49.53 14.49 -70.10
CA ASP G 293 48.18 14.36 -70.64
C ASP G 293 47.41 13.20 -69.99
N MET G 294 48.11 12.10 -69.69
CA MET G 294 47.49 10.90 -69.14
C MET G 294 46.96 11.17 -67.72
N ALA G 295 47.73 11.90 -66.91
CA ALA G 295 47.32 12.23 -65.56
C ALA G 295 46.14 13.20 -65.60
N ILE G 296 46.17 14.13 -66.56
CA ILE G 296 45.09 15.11 -66.72
C ILE G 296 43.79 14.37 -67.01
N GLU G 297 43.80 13.50 -68.04
CA GLU G 297 42.60 12.82 -68.49
C GLU G 297 42.08 11.88 -67.39
N ALA G 298 43.00 11.21 -66.69
CA ALA G 298 42.63 10.28 -65.62
C ALA G 298 41.98 11.02 -64.45
N GLN G 299 42.46 12.24 -64.18
CA GLN G 299 41.91 13.09 -63.13
C GLN G 299 40.52 13.58 -63.56
N GLN G 300 40.38 14.05 -64.80
CA GLN G 300 39.11 14.59 -65.27
C GLN G 300 38.05 13.51 -65.32
N LYS G 301 38.39 12.34 -65.87
CA LYS G 301 37.41 11.31 -66.15
C LYS G 301 37.06 10.51 -64.88
N PHE G 302 38.02 10.26 -63.98
CA PHE G 302 37.76 9.40 -62.83
C PHE G 302 38.43 9.85 -61.53
N LYS G 303 38.93 11.09 -61.46
CA LYS G 303 39.49 11.65 -60.24
C LYS G 303 40.65 10.77 -59.74
N ILE G 304 41.51 10.36 -60.67
CA ILE G 304 42.64 9.51 -60.36
C ILE G 304 43.85 10.39 -60.08
N ASN G 305 44.43 10.15 -58.90
CA ASN G 305 45.62 10.81 -58.39
C ASN G 305 46.74 10.80 -59.43
N LYS G 306 47.51 11.89 -59.47
CA LYS G 306 48.59 12.04 -60.45
C LYS G 306 49.54 10.84 -60.37
N GLN G 307 49.92 10.45 -59.13
CA GLN G 307 50.90 9.40 -58.92
C GLN G 307 50.30 8.04 -59.27
N HIS G 308 49.00 7.86 -59.00
CA HIS G 308 48.30 6.63 -59.35
C HIS G 308 48.27 6.42 -60.86
N ALA G 309 48.18 7.51 -61.63
CA ALA G 309 48.12 7.43 -63.08
C ALA G 309 49.45 6.94 -63.65
N ARG G 310 50.55 7.25 -62.95
CA ARG G 310 51.86 6.72 -63.31
C ARG G 310 51.89 5.20 -63.11
N ARG G 311 51.22 4.70 -62.05
CA ARG G 311 51.15 3.27 -61.81
C ARG G 311 50.34 2.58 -62.90
N VAL G 312 49.18 3.13 -63.25
CA VAL G 312 48.35 2.59 -64.32
C VAL G 312 49.16 2.51 -65.61
N TYR G 313 49.93 3.56 -65.90
CA TYR G 313 50.68 3.62 -67.13
C TYR G 313 51.59 2.40 -67.27
N GLU G 314 52.35 2.09 -66.20
CA GLU G 314 53.30 0.99 -66.23
C GLU G 314 52.61 -0.33 -66.55
N ILE G 315 51.46 -0.56 -65.89
CA ILE G 315 50.72 -1.82 -65.99
C ILE G 315 50.21 -1.98 -67.42
N LEU G 316 49.59 -0.92 -67.94
CA LEU G 316 49.02 -0.93 -69.28
C LEU G 316 50.11 -1.08 -70.32
N ARG G 317 51.28 -0.46 -70.09
CA ARG G 317 52.34 -0.49 -71.08
C ARG G 317 53.01 -1.85 -71.09
N LEU G 318 52.95 -2.57 -69.97
CA LEU G 318 53.46 -3.93 -69.92
C LEU G 318 52.52 -4.84 -70.70
N LEU G 319 51.21 -4.63 -70.55
CA LEU G 319 50.18 -5.44 -71.21
C LEU G 319 50.37 -5.39 -72.73
N VAL G 320 50.81 -4.24 -73.27
CA VAL G 320 51.10 -4.10 -74.68
C VAL G 320 52.50 -4.68 -74.96
N ALA H 4 26.21 34.45 28.77
CA ALA H 4 24.82 34.21 29.22
C ALA H 4 23.81 34.72 28.18
N GLU H 5 24.27 35.57 27.24
CA GLU H 5 23.40 36.04 26.17
C GLU H 5 23.10 34.91 25.18
N TYR H 6 23.74 33.73 25.36
CA TYR H 6 23.48 32.59 24.49
C TYR H 6 22.75 31.49 25.25
N LYS H 7 21.79 31.87 26.10
CA LYS H 7 20.93 30.91 26.78
C LYS H 7 19.51 31.10 26.27
N CYS H 8 18.89 30.02 25.78
CA CYS H 8 17.52 30.06 25.28
C CYS H 8 16.71 28.95 25.95
N ASN H 9 15.54 29.32 26.49
CA ASN H 9 14.60 28.37 27.07
C ASN H 9 14.08 27.48 25.94
N THR H 10 14.14 26.16 26.13
CA THR H 10 13.90 25.24 25.02
C THR H 10 12.41 24.93 24.89
N ASN H 11 11.67 25.00 26.00
CA ASN H 11 10.22 24.79 25.94
C ASN H 11 9.60 25.74 24.91
N THR H 12 10.03 27.01 24.91
CA THR H 12 9.42 28.01 24.05
C THR H 12 10.11 28.04 22.68
N ALA H 13 11.27 27.38 22.57
CA ALA H 13 12.03 27.38 21.32
C ALA H 13 11.59 26.25 20.40
N ILE H 14 10.92 25.23 20.95
CA ILE H 14 10.50 24.08 20.17
C ILE H 14 9.05 24.29 19.73
N GLU H 15 8.88 24.63 18.45
CA GLU H 15 7.57 24.86 17.86
C GLU H 15 7.07 23.55 17.25
N LEU H 16 5.96 23.04 17.80
CA LEU H 16 5.28 21.87 17.29
C LEU H 16 4.10 22.33 16.44
N LYS H 17 3.83 21.60 15.34
CA LYS H 17 2.63 21.84 14.55
C LYS H 17 2.06 20.52 14.02
N LEU H 18 0.72 20.47 13.95
CA LEU H 18 -0.02 19.43 13.26
C LEU H 18 -0.65 20.08 12.02
N VAL H 19 -0.20 19.68 10.83
CA VAL H 19 -0.48 20.43 9.62
C VAL H 19 -1.47 19.65 8.76
N ARG H 20 -2.64 20.27 8.51
CA ARG H 20 -3.66 19.73 7.63
C ARG H 20 -3.65 20.46 6.29
N PHE H 21 -3.49 21.79 6.34
CA PHE H 21 -3.49 22.63 5.15
C PHE H 21 -2.18 23.43 5.07
N PRO H 22 -1.74 23.81 3.85
CA PRO H 22 -0.51 24.60 3.71
C PRO H 22 -0.46 25.86 4.58
N GLU H 23 -1.63 26.49 4.81
CA GLU H 23 -1.72 27.74 5.56
C GLU H 23 -1.34 27.53 7.02
N ASP H 24 -1.42 26.28 7.50
CA ASP H 24 -1.13 25.97 8.89
C ASP H 24 0.34 26.30 9.22
N LEU H 25 1.22 26.24 8.21
CA LEU H 25 2.62 26.58 8.39
C LEU H 25 2.77 28.03 8.83
N GLU H 26 1.91 28.93 8.32
CA GLU H 26 2.06 30.36 8.54
C GLU H 26 1.20 30.83 9.72
N ASN H 27 0.41 29.93 10.33
CA ASN H 27 -0.58 30.32 11.34
C ASN H 27 -0.08 29.95 12.73
N ASP H 28 0.31 30.97 13.50
CA ASP H 28 0.90 30.81 14.83
C ASP H 28 -0.09 30.17 15.81
N ILE H 29 -1.40 30.28 15.55
CA ILE H 29 -2.40 29.67 16.41
C ILE H 29 -2.25 28.14 16.38
N ARG H 30 -1.74 27.58 15.26
CA ARG H 30 -1.63 26.14 15.14
C ARG H 30 -0.40 25.59 15.87
N THR H 31 0.52 26.48 16.27
CA THR H 31 1.73 26.07 16.96
C THR H 31 1.42 25.82 18.43
N PHE H 32 1.97 24.71 18.97
CA PHE H 32 1.97 24.48 20.40
C PHE H 32 3.38 24.08 20.84
N PHE H 33 3.57 24.00 22.16
CA PHE H 33 4.91 23.98 22.75
C PHE H 33 5.00 22.89 23.79
N PRO H 34 6.20 22.26 23.94
CA PRO H 34 6.42 21.29 25.01
C PRO H 34 6.10 21.84 26.39
N GLU H 35 5.52 20.98 27.24
CA GLU H 35 5.43 21.26 28.65
C GLU H 35 6.73 20.84 29.35
N TYR H 36 7.50 19.94 28.74
CA TYR H 36 8.73 19.44 29.35
C TYR H 36 9.79 19.23 28.27
N THR H 37 11.03 19.63 28.57
CA THR H 37 12.17 19.35 27.72
C THR H 37 13.38 18.98 28.58
N HIS H 38 13.12 18.56 29.83
CA HIS H 38 14.18 18.41 30.83
C HIS H 38 15.05 17.19 30.55
N GLN H 39 14.48 16.17 29.89
CA GLN H 39 15.20 14.95 29.58
C GLN H 39 16.27 15.22 28.53
N LEU H 40 16.17 16.33 27.78
CA LEU H 40 17.20 16.68 26.83
C LEU H 40 18.07 17.84 27.33
N PHE H 41 17.51 18.74 28.16
CA PHE H 41 18.19 20.01 28.42
C PHE H 41 18.33 20.32 29.91
N GLY H 42 17.98 19.37 30.78
CA GLY H 42 18.14 19.53 32.22
C GLY H 42 16.93 20.21 32.87
N ASP H 43 16.89 20.21 34.20
CA ASP H 43 15.80 20.82 34.96
C ASP H 43 15.59 22.27 34.56
N ASP H 44 16.69 22.95 34.25
CA ASP H 44 16.72 24.33 33.80
C ASP H 44 15.99 24.54 32.47
N GLU H 45 15.91 23.49 31.63
CA GLU H 45 15.22 23.56 30.36
C GLU H 45 15.74 24.74 29.55
N THR H 46 17.07 24.80 29.44
CA THR H 46 17.78 25.84 28.69
C THR H 46 18.81 25.16 27.80
N ALA H 47 19.17 25.84 26.72
CA ALA H 47 20.19 25.38 25.80
C ALA H 47 21.20 26.50 25.61
N PHE H 48 22.49 26.17 25.76
CA PHE H 48 23.56 27.13 25.60
C PHE H 48 24.10 27.07 24.17
N GLY H 49 24.42 28.24 23.62
CA GLY H 49 25.21 28.31 22.40
C GLY H 49 24.55 29.11 21.28
N TYR H 50 23.25 29.41 21.41
CA TYR H 50 22.48 30.01 20.32
C TYR H 50 21.82 31.31 20.76
N LYS H 51 21.73 32.26 19.82
CA LYS H 51 20.88 33.43 19.93
C LYS H 51 19.72 33.25 18.96
N GLY H 52 18.48 33.36 19.46
CA GLY H 52 17.29 33.27 18.63
C GLY H 52 17.06 31.83 18.14
N LEU H 53 17.13 30.88 19.07
CA LEU H 53 17.02 29.46 18.75
C LEU H 53 15.58 29.14 18.40
N LYS H 54 15.38 28.46 17.27
CA LYS H 54 14.05 28.04 16.83
C LYS H 54 14.17 26.60 16.33
N ILE H 55 13.47 25.69 17.03
CA ILE H 55 13.48 24.27 16.69
C ILE H 55 12.12 23.91 16.12
N LEU H 56 12.08 23.51 14.85
CA LEU H 56 10.83 23.23 14.16
C LEU H 56 10.62 21.72 14.07
N LEU H 57 9.53 21.25 14.70
CA LEU H 57 9.05 19.89 14.53
C LEU H 57 7.62 19.93 13.99
N TYR H 58 7.50 20.00 12.65
CA TYR H 58 6.20 20.00 12.02
C TYR H 58 5.83 18.57 11.64
N TYR H 59 4.58 18.21 11.94
CA TYR H 59 4.05 16.90 11.63
C TYR H 59 2.81 17.06 10.75
N ILE H 60 2.71 16.26 9.68
CA ILE H 60 1.49 16.19 8.92
C ILE H 60 0.44 15.48 9.76
N ALA H 61 -0.79 16.02 9.77
CA ALA H 61 -1.71 15.84 10.88
C ALA H 61 -2.03 14.37 11.15
N GLY H 62 -2.11 13.55 10.10
CA GLY H 62 -2.53 12.16 10.22
C GLY H 62 -1.34 11.23 10.38
N SER H 63 -0.56 11.12 9.30
CA SER H 63 0.55 10.18 9.16
C SER H 63 1.71 10.53 10.11
N LEU H 64 1.80 11.81 10.50
CA LEU H 64 2.87 12.32 11.34
C LEU H 64 4.20 12.36 10.60
N SER H 65 4.20 12.32 9.26
CA SER H 65 5.43 12.56 8.52
C SER H 65 6.03 13.90 8.95
N THR H 66 7.34 13.93 9.18
CA THR H 66 7.96 14.95 10.02
C THR H 66 8.89 15.86 9.23
N MET H 67 8.82 17.16 9.53
CA MET H 67 9.89 18.08 9.22
C MET H 67 10.63 18.45 10.52
N PHE H 68 11.95 18.38 10.48
CA PHE H 68 12.80 18.78 11.60
C PHE H 68 13.89 19.73 11.11
N ARG H 69 13.88 20.95 11.65
CA ARG H 69 14.87 21.98 11.35
C ARG H 69 15.28 22.69 12.63
N VAL H 70 16.57 23.01 12.73
CA VAL H 70 17.08 23.92 13.74
C VAL H 70 17.46 25.21 13.03
N GLU H 71 16.95 26.34 13.54
CA GLU H 71 17.30 27.66 13.02
C GLU H 71 17.84 28.52 14.15
N TYR H 72 18.68 29.52 13.82
CA TYR H 72 19.18 30.44 14.81
C TYR H 72 19.72 31.71 14.16
N ALA H 73 19.73 32.81 14.93
CA ALA H 73 20.36 34.05 14.50
C ALA H 73 21.87 33.89 14.47
N SER H 74 22.43 33.37 15.57
CA SER H 74 23.85 33.06 15.63
C SER H 74 24.08 31.89 16.58
N LYS H 75 25.27 31.27 16.47
CA LYS H 75 25.74 30.32 17.45
C LYS H 75 27.18 30.67 17.81
N VAL H 76 27.71 30.04 18.86
CA VAL H 76 28.97 30.46 19.47
C VAL H 76 30.17 30.00 18.63
N CYS H 82 36.58 29.52 21.71
CA CYS H 82 36.76 28.06 21.94
C CYS H 82 35.64 27.51 22.82
N VAL H 83 34.38 27.89 22.51
CA VAL H 83 33.20 27.46 23.25
C VAL H 83 32.33 26.60 22.34
N GLU H 84 31.58 25.66 22.91
CA GLU H 84 30.85 24.65 22.14
C GLU H 84 29.37 24.69 22.49
N ALA H 85 28.53 24.88 21.47
CA ALA H 85 27.09 24.93 21.67
C ALA H 85 26.58 23.54 22.03
N ASP H 86 25.48 23.49 22.79
CA ASP H 86 24.79 22.23 23.06
C ASP H 86 24.36 21.63 21.73
N ASP H 87 24.43 20.29 21.63
CA ASP H 87 24.11 19.58 20.41
C ASP H 87 22.60 19.37 20.31
N VAL H 88 21.88 20.46 20.02
CA VAL H 88 20.41 20.45 19.97
C VAL H 88 19.95 19.40 18.97
N GLU H 89 20.54 19.45 17.78
CA GLU H 89 20.21 18.54 16.69
C GLU H 89 20.35 17.10 17.17
N GLY H 90 21.50 16.79 17.77
CA GLY H 90 21.80 15.44 18.21
C GLY H 90 20.80 14.93 19.24
N LYS H 91 20.44 15.79 20.20
CA LYS H 91 19.52 15.43 21.26
C LYS H 91 18.11 15.11 20.70
N ILE H 92 17.65 15.92 19.74
CA ILE H 92 16.34 15.72 19.15
C ILE H 92 16.35 14.45 18.31
N ARG H 93 17.47 14.18 17.63
CA ARG H 93 17.56 13.01 16.78
C ARG H 93 17.53 11.71 17.59
N GLN H 94 17.84 11.77 18.89
CA GLN H 94 17.75 10.60 19.74
C GLN H 94 16.30 10.13 19.87
N ILE H 95 15.33 11.04 19.76
CA ILE H 95 13.97 10.72 20.15
C ILE H 95 13.00 10.75 18.97
N ILE H 96 13.49 11.05 17.76
CA ILE H 96 12.65 10.97 16.57
C ILE H 96 13.29 9.98 15.60
N PRO H 97 12.48 9.22 14.82
CA PRO H 97 13.03 8.30 13.84
C PRO H 97 13.78 9.04 12.72
N PRO H 98 14.65 8.35 11.95
CA PRO H 98 15.23 8.95 10.75
C PRO H 98 14.17 9.06 9.65
N GLY H 99 14.48 9.86 8.62
CA GLY H 99 13.64 9.94 7.43
C GLY H 99 12.85 11.25 7.37
N PHE H 100 12.98 12.10 8.39
CA PHE H 100 12.38 13.42 8.38
C PHE H 100 12.95 14.24 7.22
N CYS H 101 12.14 15.16 6.68
CA CYS H 101 12.63 16.14 5.73
C CYS H 101 13.02 17.40 6.50
N THR H 102 13.70 18.34 5.82
CA THR H 102 14.39 19.42 6.50
C THR H 102 14.05 20.80 5.93
N ASN H 103 12.99 20.90 5.10
CA ASN H 103 12.56 22.18 4.57
C ASN H 103 11.06 22.13 4.31
N THR H 104 10.42 23.30 4.20
CA THR H 104 8.97 23.38 4.14
C THR H 104 8.47 22.88 2.79
N ASN H 105 9.26 23.04 1.71
CA ASN H 105 8.86 22.60 0.39
C ASN H 105 8.64 21.09 0.38
N ASP H 106 9.64 20.34 0.85
CA ASP H 106 9.55 18.89 0.89
C ASP H 106 8.40 18.45 1.80
N PHE H 107 8.16 19.22 2.87
CA PHE H 107 7.10 18.91 3.82
C PHE H 107 5.74 19.05 3.15
N LEU H 108 5.56 20.14 2.38
CA LEU H 108 4.32 20.38 1.67
C LEU H 108 4.10 19.31 0.60
N SER H 109 5.18 18.74 0.04
CA SER H 109 5.05 17.66 -0.91
C SER H 109 4.35 16.46 -0.26
N LEU H 110 4.72 16.17 1.00
CA LEU H 110 4.16 15.04 1.71
C LEU H 110 2.67 15.28 1.95
N LEU H 111 2.27 16.54 2.05
CA LEU H 111 0.88 16.93 2.31
C LEU H 111 -0.04 16.44 1.19
N GLU H 112 0.46 16.39 -0.05
CA GLU H 112 -0.33 15.96 -1.19
C GLU H 112 -0.68 14.47 -1.09
N LYS H 113 0.21 13.67 -0.51
CA LYS H 113 0.03 12.22 -0.43
C LYS H 113 -0.81 11.83 0.79
N GLU H 114 -1.13 12.80 1.65
CA GLU H 114 -1.79 12.55 2.93
C GLU H 114 -3.21 12.01 2.73
N VAL H 115 -3.81 12.31 1.58
CA VAL H 115 -5.14 11.82 1.23
C VAL H 115 -5.22 10.31 1.44
N ASP H 116 -4.10 9.61 1.23
CA ASP H 116 -4.08 8.16 1.27
C ASP H 116 -3.87 7.62 2.69
N PHE H 117 -3.53 8.50 3.65
CA PHE H 117 -3.27 8.04 5.00
C PHE H 117 -4.57 7.51 5.61
N LYS H 118 -4.51 6.28 6.16
CA LYS H 118 -5.65 5.62 6.75
C LYS H 118 -5.31 5.19 8.18
N PRO H 119 -6.28 5.16 9.10
CA PRO H 119 -6.02 4.72 10.47
C PRO H 119 -5.63 3.26 10.49
N PHE H 120 -4.91 2.87 11.56
CA PHE H 120 -4.44 1.50 11.74
C PHE H 120 -5.44 0.77 12.61
N GLY H 121 -5.75 -0.47 12.24
CA GLY H 121 -6.42 -1.40 13.13
C GLY H 121 -7.94 -1.42 12.97
N THR H 122 -8.62 -1.71 14.08
CA THR H 122 -10.04 -2.03 14.11
C THR H 122 -10.79 -0.85 14.71
N LEU H 123 -11.82 -0.39 13.99
CA LEU H 123 -12.69 0.66 14.50
C LEU H 123 -13.54 0.11 15.64
N LEU H 124 -13.54 0.83 16.77
CA LEU H 124 -14.26 0.40 17.96
C LEU H 124 -15.41 1.34 18.29
N HIS H 125 -15.28 2.63 17.97
CA HIS H 125 -16.26 3.63 18.40
C HIS H 125 -16.11 4.91 17.57
N THR H 126 -17.25 5.55 17.31
CA THR H 126 -17.31 6.83 16.60
C THR H 126 -18.16 7.78 17.43
N TYR H 127 -17.72 9.03 17.55
CA TYR H 127 -18.45 10.00 18.35
C TYR H 127 -18.29 11.39 17.76
N SER H 128 -19.15 12.31 18.19
CA SER H 128 -19.14 13.67 17.70
C SER H 128 -18.95 14.60 18.87
N VAL H 129 -18.20 15.68 18.67
CA VAL H 129 -18.06 16.73 19.67
C VAL H 129 -18.48 18.04 18.98
N LEU H 130 -19.21 18.87 19.72
CA LEU H 130 -19.65 20.17 19.24
C LEU H 130 -18.48 21.14 19.21
N SER H 131 -18.45 22.01 18.21
CA SER H 131 -17.43 23.03 18.08
C SER H 131 -17.62 24.08 19.16
N PRO H 132 -16.57 24.85 19.53
CA PRO H 132 -16.72 26.02 20.40
C PRO H 132 -17.76 27.04 19.94
N THR H 133 -17.76 27.33 18.63
CA THR H 133 -18.71 28.26 18.03
C THR H 133 -20.13 27.72 18.20
N GLY H 134 -20.25 26.39 18.10
CA GLY H 134 -21.53 25.72 18.27
C GLY H 134 -22.23 25.46 16.93
N GLY H 135 -21.55 25.76 15.81
CA GLY H 135 -22.16 25.66 14.50
C GLY H 135 -21.55 24.54 13.64
N GLU H 136 -21.26 23.38 14.27
CA GLU H 136 -20.49 22.35 13.61
C GLU H 136 -20.13 21.22 14.57
N ASN H 137 -20.26 19.98 14.08
CA ASN H 137 -19.86 18.78 14.81
C ASN H 137 -18.60 18.21 14.20
N PHE H 138 -17.60 17.97 15.04
CA PHE H 138 -16.39 17.25 14.64
C PHE H 138 -16.64 15.77 14.87
N THR H 139 -16.03 14.91 14.05
CA THR H 139 -16.23 13.47 14.14
C THR H 139 -14.91 12.81 14.55
N PHE H 140 -14.98 11.91 15.52
CA PHE H 140 -13.77 11.23 16.01
C PHE H 140 -14.01 9.73 16.02
N GLN H 141 -12.89 9.00 15.99
CA GLN H 141 -12.92 7.54 15.99
C GLN H 141 -11.77 6.99 16.85
N ILE H 142 -12.08 5.90 17.56
CA ILE H 142 -11.09 5.16 18.32
C ILE H 142 -10.85 3.83 17.63
N TYR H 143 -9.57 3.52 17.39
CA TYR H 143 -9.15 2.27 16.77
C TYR H 143 -8.27 1.49 17.74
N LYS H 144 -8.29 0.16 17.64
CA LYS H 144 -7.32 -0.70 18.32
C LYS H 144 -6.34 -1.24 17.28
N ALA H 145 -5.05 -0.93 17.48
CA ALA H 145 -4.02 -1.33 16.54
C ALA H 145 -2.96 -2.20 17.22
N ASP H 146 -2.09 -2.79 16.38
CA ASP H 146 -0.96 -3.56 16.85
C ASP H 146 0.11 -3.56 15.76
N MET H 147 1.26 -4.18 16.08
CA MET H 147 2.42 -4.06 15.21
C MET H 147 2.29 -4.94 13.97
N THR H 148 1.25 -5.76 13.89
CA THR H 148 1.00 -6.55 12.68
C THR H 148 0.37 -5.66 11.59
N CYS H 149 -0.31 -4.56 11.99
CA CYS H 149 -0.86 -3.63 11.03
C CYS H 149 0.27 -2.91 10.30
N ARG H 150 0.28 -3.03 8.97
CA ARG H 150 1.32 -2.44 8.12
C ARG H 150 1.44 -0.95 8.40
N GLY H 151 2.68 -0.51 8.65
CA GLY H 151 3.00 0.91 8.78
C GLY H 151 2.90 1.45 10.21
N PHE H 152 2.29 0.68 11.11
CA PHE H 152 1.97 1.18 12.44
C PHE H 152 3.23 1.43 13.25
N ARG H 153 4.21 0.52 13.10
CA ARG H 153 5.44 0.57 13.89
C ARG H 153 6.18 1.87 13.61
N GLU H 154 6.27 2.24 12.33
CA GLU H 154 6.92 3.48 11.92
C GLU H 154 6.12 4.67 12.46
N TYR H 155 4.79 4.56 12.40
CA TYR H 155 3.90 5.62 12.84
C TYR H 155 4.02 5.82 14.35
N HIS H 156 4.13 4.73 15.09
CA HIS H 156 4.25 4.80 16.54
C HIS H 156 5.58 5.43 16.95
N GLU H 157 6.64 5.23 16.17
CA GLU H 157 7.92 5.87 16.44
C GLU H 157 7.81 7.37 16.25
N ARG H 158 7.02 7.79 15.24
CA ARG H 158 6.83 9.21 14.98
C ARG H 158 5.97 9.82 16.08
N LEU H 159 5.00 9.04 16.57
CA LEU H 159 4.02 9.53 17.53
C LEU H 159 4.64 9.68 18.93
N GLN H 160 5.47 8.72 19.33
CA GLN H 160 5.84 8.57 20.74
C GLN H 160 6.73 9.72 21.23
N THR H 161 7.46 10.38 20.32
CA THR H 161 8.24 11.56 20.68
C THR H 161 7.41 12.50 21.57
N PHE H 162 6.11 12.65 21.26
CA PHE H 162 5.25 13.58 21.98
C PHE H 162 5.22 13.25 23.47
N LEU H 163 5.42 11.98 23.85
CA LEU H 163 5.49 11.60 25.26
C LEU H 163 6.57 12.42 25.97
N MET H 164 7.69 12.64 25.29
CA MET H 164 8.81 13.38 25.86
C MET H 164 8.41 14.83 26.16
N TRP H 165 7.59 15.45 25.27
CA TRP H 165 7.26 16.85 25.41
C TRP H 165 6.14 17.09 26.42
N PHE H 166 5.29 16.08 26.68
CA PHE H 166 4.04 16.35 27.39
C PHE H 166 3.81 15.43 28.58
N ILE H 167 4.67 14.42 28.78
CA ILE H 167 4.55 13.60 29.97
C ILE H 167 5.89 13.61 30.71
N GLU H 168 5.83 13.97 32.01
CA GLU H 168 7.02 14.39 32.72
C GLU H 168 7.99 13.23 32.83
N THR H 169 7.49 12.04 33.22
CA THR H 169 8.35 10.91 33.49
C THR H 169 8.35 9.92 32.33
N ALA H 170 8.13 10.45 31.11
CA ALA H 170 7.85 9.61 29.96
C ALA H 170 9.08 8.82 29.55
N SER H 171 8.88 7.57 29.13
CA SER H 171 9.92 6.80 28.46
C SER H 171 9.30 5.81 27.49
N PHE H 172 10.04 5.52 26.42
CA PHE H 172 9.56 4.72 25.31
C PHE H 172 9.37 3.27 25.74
N ILE H 173 8.40 2.60 25.11
CA ILE H 173 8.07 1.22 25.42
C ILE H 173 8.78 0.30 24.43
N ASP H 174 8.88 -0.97 24.80
CA ASP H 174 9.44 -2.00 23.93
C ASP H 174 8.32 -2.59 23.07
N VAL H 175 8.29 -2.21 21.79
CA VAL H 175 7.15 -2.52 20.93
C VAL H 175 7.15 -4.00 20.55
N ASP H 176 8.27 -4.71 20.77
CA ASP H 176 8.37 -6.12 20.47
C ASP H 176 7.62 -6.98 21.48
N ASP H 177 7.22 -6.38 22.62
CA ASP H 177 6.42 -7.08 23.62
C ASP H 177 4.96 -7.05 23.17
N GLU H 178 4.43 -8.25 22.90
CA GLU H 178 3.11 -8.40 22.33
C GLU H 178 2.02 -8.12 23.35
N ARG H 179 2.38 -7.96 24.63
CA ARG H 179 1.39 -7.66 25.64
C ARG H 179 0.95 -6.19 25.56
N TRP H 180 1.60 -5.39 24.73
CA TRP H 180 1.15 -4.02 24.52
C TRP H 180 -0.07 -3.99 23.60
N HIS H 181 -1.11 -3.28 24.04
CA HIS H 181 -2.25 -2.94 23.20
C HIS H 181 -2.22 -1.45 22.93
N TYR H 182 -2.61 -1.07 21.71
CA TYR H 182 -2.62 0.33 21.30
C TYR H 182 -4.05 0.76 20.96
N PHE H 183 -4.46 1.91 21.49
CA PHE H 183 -5.76 2.49 21.18
C PHE H 183 -5.50 3.89 20.64
N LEU H 184 -5.94 4.13 19.40
CA LEU H 184 -5.68 5.39 18.73
C LEU H 184 -6.97 6.19 18.59
N VAL H 185 -6.85 7.52 18.72
CA VAL H 185 -7.94 8.43 18.44
C VAL H 185 -7.59 9.21 17.17
N PHE H 186 -8.58 9.31 16.26
CA PHE H 186 -8.44 10.10 15.05
C PHE H 186 -9.63 11.03 14.89
N GLU H 187 -9.39 12.18 14.26
CA GLU H 187 -10.46 13.06 13.83
C GLU H 187 -10.59 12.96 12.31
N LYS H 188 -11.83 12.88 11.82
CA LYS H 188 -12.12 12.91 10.40
C LYS H 188 -12.32 14.36 10.01
N TYR H 189 -11.71 14.77 8.89
CA TYR H 189 -11.86 16.13 8.42
C TYR H 189 -11.91 16.13 6.88
N ASN H 190 -12.53 17.17 6.34
N ASN H 190 -12.50 17.18 6.31
CA ASN H 190 -12.68 17.29 4.90
CA ASN H 190 -12.74 17.26 4.88
C ASN H 190 -11.52 18.09 4.33
C ASN H 190 -11.72 18.17 4.21
N LYS H 191 -11.05 17.69 3.15
CA LYS H 191 -10.11 18.51 2.38
C LYS H 191 -10.29 18.22 0.91
N ASP H 192 -10.78 19.23 0.18
CA ASP H 192 -10.95 19.16 -1.26
C ASP H 192 -11.75 17.91 -1.64
N GLY H 193 -12.86 17.69 -0.92
CA GLY H 193 -13.82 16.66 -1.29
C GLY H 193 -13.53 15.30 -0.66
N ALA H 194 -12.33 15.11 -0.10
CA ALA H 194 -11.95 13.83 0.47
C ALA H 194 -12.03 13.88 1.99
N THR H 195 -12.23 12.71 2.61
CA THR H 195 -12.26 12.60 4.06
C THR H 195 -10.88 12.11 4.52
N LEU H 196 -10.20 12.89 5.35
CA LEU H 196 -8.89 12.53 5.83
C LEU H 196 -8.96 12.29 7.34
N PHE H 197 -7.89 11.71 7.88
CA PHE H 197 -7.78 11.41 9.30
C PHE H 197 -6.63 12.22 9.90
N ALA H 198 -6.89 12.78 11.08
CA ALA H 198 -5.89 13.52 11.84
C ALA H 198 -5.63 12.82 13.17
N THR H 199 -4.36 12.73 13.56
CA THR H 199 -4.01 12.08 14.81
C THR H 199 -4.37 13.03 15.95
N VAL H 200 -5.09 12.48 16.94
CA VAL H 200 -5.57 13.22 18.10
C VAL H 200 -4.85 12.76 19.37
N GLY H 201 -4.67 11.45 19.52
CA GLY H 201 -4.08 10.93 20.73
C GLY H 201 -4.04 9.41 20.71
N TYR H 202 -3.51 8.84 21.79
CA TYR H 202 -3.44 7.39 21.91
C TYR H 202 -3.22 6.98 23.36
N MET H 203 -3.40 5.69 23.59
CA MET H 203 -3.29 5.09 24.91
C MET H 203 -2.61 3.74 24.73
N THR H 204 -1.58 3.45 25.54
CA THR H 204 -1.00 2.12 25.57
C THR H 204 -1.51 1.39 26.81
N VAL H 205 -1.83 0.11 26.64
CA VAL H 205 -2.38 -0.70 27.69
C VAL H 205 -1.60 -2.01 27.75
N TYR H 206 -1.08 -2.35 28.94
CA TYR H 206 -0.24 -3.53 29.10
C TYR H 206 -1.09 -4.67 29.67
N ASN H 207 -1.02 -5.84 29.02
CA ASN H 207 -1.89 -6.96 29.28
C ASN H 207 -1.17 -7.93 30.23
N TYR H 208 -1.13 -7.56 31.50
CA TYR H 208 -0.38 -8.32 32.50
C TYR H 208 -1.02 -9.71 32.65
N TYR H 209 -0.19 -10.75 32.69
CA TYR H 209 -0.64 -12.09 33.03
C TYR H 209 -0.91 -12.15 34.53
N VAL H 210 -2.01 -12.80 34.92
CA VAL H 210 -2.34 -13.01 36.32
C VAL H 210 -2.69 -14.47 36.53
N TYR H 211 -2.08 -15.13 37.52
CA TYR H 211 -2.41 -16.52 37.77
C TYR H 211 -3.81 -16.56 38.38
N PRO H 212 -4.69 -17.51 37.99
CA PRO H 212 -4.49 -18.36 36.82
C PRO H 212 -5.32 -18.06 35.56
N ASP H 213 -4.61 -18.02 34.44
CA ASP H 213 -5.16 -17.93 33.09
C ASP H 213 -6.17 -16.79 32.98
N LYS H 214 -5.81 -15.70 33.66
CA LYS H 214 -6.51 -14.42 33.54
C LYS H 214 -5.48 -13.37 33.11
N THR H 215 -5.97 -12.21 32.65
CA THR H 215 -5.11 -11.06 32.41
C THR H 215 -5.70 -9.86 33.12
N ARG H 216 -4.85 -8.86 33.36
CA ARG H 216 -5.25 -7.63 34.00
C ARG H 216 -4.66 -6.48 33.19
N PRO H 217 -5.40 -5.95 32.18
CA PRO H 217 -4.92 -4.78 31.44
C PRO H 217 -4.70 -3.59 32.38
N ARG H 218 -3.58 -2.90 32.18
CA ARG H 218 -3.23 -1.71 32.95
C ARG H 218 -2.87 -0.60 31.97
N VAL H 219 -3.54 0.55 32.11
CA VAL H 219 -3.26 1.71 31.30
C VAL H 219 -1.90 2.28 31.71
N SER H 220 -1.02 2.43 30.71
CA SER H 220 0.37 2.80 30.92
C SER H 220 0.57 4.28 30.61
N GLN H 221 0.28 4.67 29.37
CA GLN H 221 0.32 6.04 28.90
C GLN H 221 -1.04 6.39 28.31
N MET H 222 -1.44 7.66 28.42
CA MET H 222 -2.49 8.22 27.59
C MET H 222 -2.09 9.63 27.22
N LEU H 223 -2.04 9.92 25.91
CA LEU H 223 -1.69 11.24 25.42
C LEU H 223 -2.81 11.76 24.52
N ILE H 224 -3.37 12.91 24.91
CA ILE H 224 -4.21 13.70 24.03
C ILE H 224 -3.41 14.92 23.61
N LEU H 225 -3.23 15.11 22.30
CA LEU H 225 -2.40 16.19 21.81
C LEU H 225 -3.06 17.53 22.13
N THR H 226 -2.22 18.56 22.38
CA THR H 226 -2.64 19.80 23.00
C THR H 226 -3.85 20.39 22.28
N PRO H 227 -3.88 20.53 20.94
CA PRO H 227 -5.03 21.16 20.28
C PRO H 227 -6.39 20.50 20.52
N PHE H 228 -6.40 19.26 21.01
CA PHE H 228 -7.65 18.51 21.19
C PHE H 228 -8.00 18.35 22.68
N GLN H 229 -7.32 19.09 23.55
CA GLN H 229 -7.60 18.98 24.98
C GLN H 229 -8.85 19.77 25.33
N GLY H 230 -9.64 19.23 26.27
CA GLY H 230 -10.83 19.89 26.78
C GLY H 230 -12.03 19.61 25.89
N GLN H 231 -12.08 18.42 25.28
CA GLN H 231 -13.14 18.05 24.36
C GLN H 231 -13.80 16.72 24.74
N GLY H 232 -13.22 16.03 25.73
CA GLY H 232 -13.82 14.82 26.31
C GLY H 232 -13.21 13.54 25.77
N HIS H 233 -12.03 13.61 25.13
CA HIS H 233 -11.46 12.48 24.43
C HIS H 233 -11.06 11.37 25.42
N GLY H 234 -10.49 11.75 26.56
CA GLY H 234 -10.06 10.76 27.54
C GLY H 234 -11.22 9.93 28.05
N ALA H 235 -12.37 10.58 28.29
CA ALA H 235 -13.56 9.90 28.78
C ALA H 235 -14.06 8.88 27.75
N GLN H 236 -14.03 9.26 26.47
CA GLN H 236 -14.44 8.35 25.41
C GLN H 236 -13.47 7.18 25.30
N LEU H 237 -12.18 7.51 25.37
CA LEU H 237 -11.12 6.53 25.19
C LEU H 237 -11.22 5.46 26.28
N LEU H 238 -11.39 5.89 27.52
CA LEU H 238 -11.41 4.95 28.64
C LEU H 238 -12.71 4.14 28.61
N GLU H 239 -13.84 4.80 28.32
CA GLU H 239 -15.10 4.08 28.18
C GLU H 239 -14.98 2.99 27.11
N THR H 240 -14.39 3.35 25.97
CA THR H 240 -14.25 2.44 24.84
C THR H 240 -13.40 1.23 25.22
N VAL H 241 -12.32 1.47 25.98
CA VAL H 241 -11.40 0.41 26.39
C VAL H 241 -12.08 -0.55 27.35
N HIS H 242 -12.82 -0.02 28.33
CA HIS H 242 -13.62 -0.85 29.23
C HIS H 242 -14.59 -1.73 28.44
N ARG H 243 -15.32 -1.12 27.50
CA ARG H 243 -16.32 -1.84 26.73
C ARG H 243 -15.67 -2.89 25.84
N TYR H 244 -14.44 -2.62 25.38
CA TYR H 244 -13.71 -3.55 24.52
C TYR H 244 -13.35 -4.81 25.31
N TYR H 245 -12.72 -4.65 26.48
CA TYR H 245 -12.17 -5.76 27.24
C TYR H 245 -13.29 -6.53 27.95
N THR H 246 -14.51 -5.97 28.00
CA THR H 246 -15.64 -6.65 28.60
C THR H 246 -15.95 -7.95 27.84
N GLU H 247 -15.65 -7.95 26.53
CA GLU H 247 -15.97 -9.08 25.68
C GLU H 247 -15.10 -10.29 25.96
N PHE H 248 -14.04 -10.12 26.77
CA PHE H 248 -13.14 -11.21 27.09
C PHE H 248 -13.38 -11.72 28.52
N PRO H 249 -13.90 -12.96 28.70
CA PRO H 249 -14.15 -13.49 30.05
C PRO H 249 -12.87 -13.63 30.88
N THR H 250 -11.74 -13.73 30.19
CA THR H 250 -10.46 -14.06 30.81
C THR H 250 -9.78 -12.79 31.35
N VAL H 251 -10.41 -11.63 31.18
CA VAL H 251 -9.92 -10.38 31.74
C VAL H 251 -10.55 -10.14 33.11
N LEU H 252 -9.72 -9.88 34.13
CA LEU H 252 -10.20 -9.62 35.47
C LEU H 252 -10.76 -8.20 35.55
N ASP H 253 -9.88 -7.21 35.37
CA ASP H 253 -10.26 -5.82 35.58
C ASP H 253 -9.32 -4.89 34.82
N ILE H 254 -9.67 -3.60 34.82
CA ILE H 254 -8.85 -2.57 34.18
C ILE H 254 -8.50 -1.51 35.21
N THR H 255 -7.20 -1.19 35.24
CA THR H 255 -6.59 -0.30 36.21
C THR H 255 -5.57 0.57 35.48
N ALA H 256 -4.98 1.52 36.21
CA ALA H 256 -3.91 2.35 35.69
C ALA H 256 -2.62 2.06 36.47
N GLU H 257 -1.49 2.06 35.75
CA GLU H 257 -0.19 1.94 36.40
C GLU H 257 0.02 3.12 37.34
N ASP H 258 -0.41 4.31 36.93
CA ASP H 258 -0.02 5.57 37.57
C ASP H 258 -1.26 6.38 37.92
N PRO H 259 -1.97 6.04 39.02
CA PRO H 259 -3.24 6.69 39.35
C PRO H 259 -3.08 8.11 39.89
N SER H 260 -2.87 9.04 38.95
CA SER H 260 -2.80 10.47 39.23
C SER H 260 -4.15 11.00 39.70
N LYS H 261 -4.14 12.26 40.16
CA LYS H 261 -5.37 12.98 40.47
C LYS H 261 -6.26 12.98 39.24
N SER H 262 -5.68 13.25 38.07
CA SER H 262 -6.47 13.44 36.87
C SER H 262 -7.04 12.10 36.37
N TYR H 263 -6.26 11.02 36.51
CA TYR H 263 -6.75 9.68 36.22
C TYR H 263 -7.95 9.35 37.10
N VAL H 264 -7.83 9.60 38.40
CA VAL H 264 -8.89 9.24 39.33
C VAL H 264 -10.17 10.00 38.98
N LYS H 265 -10.04 11.28 38.61
CA LYS H 265 -11.16 12.09 38.20
C LYS H 265 -11.80 11.51 36.95
N LEU H 266 -10.96 11.15 35.98
CA LEU H 266 -11.43 10.58 34.73
C LEU H 266 -12.12 9.24 35.01
N ARG H 267 -11.48 8.41 35.83
CA ARG H 267 -12.00 7.10 36.16
C ARG H 267 -13.37 7.22 36.82
N ASP H 268 -13.47 8.09 37.82
CA ASP H 268 -14.70 8.24 38.58
C ASP H 268 -15.82 8.69 37.66
N PHE H 269 -15.48 9.49 36.65
CA PHE H 269 -16.46 9.98 35.70
C PHE H 269 -17.05 8.79 34.91
N VAL H 270 -16.14 7.98 34.37
CA VAL H 270 -16.50 6.92 33.45
C VAL H 270 -17.23 5.79 34.16
N LEU H 271 -16.74 5.41 35.34
CA LEU H 271 -17.31 4.28 36.06
C LEU H 271 -18.71 4.63 36.57
N VAL H 272 -18.94 5.91 36.91
CA VAL H 272 -20.26 6.38 37.29
C VAL H 272 -21.19 6.31 36.08
N LYS H 273 -20.68 6.73 34.92
CA LYS H 273 -21.46 6.71 33.69
C LYS H 273 -21.90 5.28 33.40
N LEU H 274 -20.98 4.32 33.59
CA LEU H 274 -21.22 2.94 33.21
C LEU H 274 -22.11 2.23 34.23
N CYS H 275 -22.13 2.69 35.47
CA CYS H 275 -22.68 1.89 36.55
C CYS H 275 -24.04 2.40 37.03
N GLN H 276 -24.39 3.66 36.72
CA GLN H 276 -25.54 4.27 37.37
C GLN H 276 -26.84 3.56 36.97
N ASP H 277 -26.87 3.03 35.73
CA ASP H 277 -28.08 2.42 35.20
C ASP H 277 -28.09 0.91 35.43
N LEU H 278 -27.15 0.38 36.24
CA LEU H 278 -27.10 -1.04 36.52
C LEU H 278 -28.10 -1.38 37.64
N PRO H 279 -28.74 -2.57 37.59
CA PRO H 279 -29.68 -2.98 38.64
C PRO H 279 -29.10 -2.94 40.04
N CYS H 280 -27.86 -3.41 40.19
CA CYS H 280 -27.23 -3.58 41.49
C CYS H 280 -26.93 -2.23 42.16
N PHE H 281 -26.98 -1.13 41.38
CA PHE H 281 -26.72 0.21 41.87
C PHE H 281 -27.98 1.08 41.82
N SER H 282 -29.17 0.46 42.00
CA SER H 282 -30.42 1.20 41.99
C SER H 282 -30.62 1.92 43.33
N ARG H 283 -31.49 2.93 43.34
CA ARG H 283 -31.79 3.70 44.55
C ARG H 283 -32.00 2.73 45.72
N GLU H 284 -32.82 1.69 45.51
CA GLU H 284 -33.23 0.79 46.58
C GLU H 284 -32.06 -0.08 47.05
N LYS H 285 -31.20 -0.52 46.11
CA LYS H 285 -30.11 -1.42 46.43
C LYS H 285 -28.95 -0.64 47.08
N LEU H 286 -28.81 0.65 46.73
CA LEU H 286 -27.76 1.50 47.29
C LEU H 286 -28.00 1.76 48.77
N MET H 287 -29.29 1.92 49.15
CA MET H 287 -29.65 2.32 50.50
C MET H 287 -29.49 1.17 51.49
N GLN H 288 -29.41 -0.07 50.99
CA GLN H 288 -29.25 -1.23 51.85
C GLN H 288 -27.78 -1.39 52.26
N GLY H 289 -26.89 -0.60 51.64
CA GLY H 289 -25.47 -0.65 51.94
C GLY H 289 -24.68 -1.25 50.78
N PHE H 290 -23.34 -1.22 50.89
CA PHE H 290 -22.49 -1.83 49.89
C PHE H 290 -22.59 -3.35 50.00
N ASN H 291 -22.71 -4.02 48.85
CA ASN H 291 -22.87 -5.46 48.78
C ASN H 291 -21.83 -6.00 47.79
N GLU H 292 -21.33 -7.22 48.06
CA GLU H 292 -20.36 -7.85 47.18
C GLU H 292 -20.95 -8.01 45.78
N ASP H 293 -22.28 -8.21 45.71
CA ASP H 293 -23.01 -8.33 44.45
C ASP H 293 -22.63 -7.19 43.49
N MET H 294 -22.39 -5.98 44.03
CA MET H 294 -22.11 -4.82 43.21
C MET H 294 -20.76 -4.95 42.51
N ALA H 295 -19.76 -5.47 43.23
CA ALA H 295 -18.43 -5.68 42.66
C ALA H 295 -18.49 -6.77 41.60
N ILE H 296 -19.29 -7.81 41.85
CA ILE H 296 -19.46 -8.92 40.92
C ILE H 296 -20.01 -8.38 39.59
N GLU H 297 -21.15 -7.67 39.67
CA GLU H 297 -21.85 -7.18 38.49
C GLU H 297 -20.98 -6.19 37.73
N ALA H 298 -20.26 -5.33 38.46
CA ALA H 298 -19.41 -4.32 37.85
C ALA H 298 -18.24 -4.97 37.12
N GLN H 299 -17.72 -6.08 37.67
CA GLN H 299 -16.64 -6.83 37.05
C GLN H 299 -17.17 -7.53 35.79
N GLN H 300 -18.34 -8.18 35.88
N GLN H 300 -18.35 -8.14 35.89
CA GLN H 300 -18.88 -8.92 34.76
CA GLN H 300 -18.91 -8.94 34.80
C GLN H 300 -19.22 -7.99 33.61
C GLN H 300 -19.32 -8.04 33.63
N LYS H 301 -19.91 -6.88 33.92
CA LYS H 301 -20.46 -6.02 32.89
C LYS H 301 -19.39 -5.11 32.28
N PHE H 302 -18.42 -4.62 33.07
CA PHE H 302 -17.46 -3.64 32.56
C PHE H 302 -16.03 -3.82 33.07
N LYS H 303 -15.71 -4.97 33.67
CA LYS H 303 -14.36 -5.27 34.11
C LYS H 303 -13.83 -4.21 35.08
N ILE H 304 -14.70 -3.85 36.03
CA ILE H 304 -14.37 -2.84 37.02
C ILE H 304 -13.79 -3.53 38.26
N ASN H 305 -12.60 -3.07 38.62
CA ASN H 305 -11.84 -3.51 39.79
C ASN H 305 -12.71 -3.53 41.04
N LYS H 306 -12.49 -4.51 41.92
CA LYS H 306 -13.29 -4.66 43.13
C LYS H 306 -13.25 -3.36 43.94
N GLN H 307 -12.05 -2.77 44.09
CA GLN H 307 -11.87 -1.60 44.93
C GLN H 307 -12.49 -0.37 44.26
N HIS H 308 -12.42 -0.31 42.92
CA HIS H 308 -13.03 0.77 42.16
C HIS H 308 -14.54 0.77 42.32
N ALA H 309 -15.16 -0.41 42.45
CA ALA H 309 -16.60 -0.52 42.60
C ALA H 309 -17.05 0.06 43.94
N ARG H 310 -16.19 -0.02 44.96
CA ARG H 310 -16.44 0.61 46.24
C ARG H 310 -16.46 2.13 46.07
N ARG H 311 -15.57 2.68 45.22
CA ARG H 311 -15.55 4.11 44.96
C ARG H 311 -16.84 4.55 44.25
N VAL H 312 -17.25 3.82 43.21
CA VAL H 312 -18.48 4.10 42.50
C VAL H 312 -19.65 4.12 43.47
N TYR H 313 -19.68 3.14 44.38
CA TYR H 313 -20.80 3.01 45.30
C TYR H 313 -20.98 4.30 46.10
N GLU H 314 -19.88 4.83 46.65
CA GLU H 314 -19.95 6.03 47.49
C GLU H 314 -20.54 7.20 46.71
N ILE H 315 -20.08 7.37 45.46
CA ILE H 315 -20.47 8.51 44.64
C ILE H 315 -21.96 8.42 44.32
N LEU H 316 -22.40 7.23 43.90
CA LEU H 316 -23.78 7.00 43.54
C LEU H 316 -24.69 7.13 44.76
N ARG H 317 -24.21 6.69 45.93
CA ARG H 317 -25.03 6.73 47.14
C ARG H 317 -25.15 8.15 47.65
N LEU H 318 -24.17 9.01 47.33
CA LEU H 318 -24.24 10.41 47.69
C LEU H 318 -25.29 11.08 46.80
N LEU H 319 -25.30 10.73 45.50
CA LEU H 319 -26.22 11.30 44.54
C LEU H 319 -27.67 11.08 44.97
N VAL H 320 -27.94 9.92 45.60
CA VAL H 320 -29.25 9.58 46.10
C VAL H 320 -29.48 10.27 47.44
N THR H 321 -28.62 10.00 48.44
CA THR H 321 -28.88 10.28 49.86
C THR H 321 -30.16 11.10 50.04
C4 A1BLX I . -3.73 -20.21 9.28
C5 A1BLX I . -2.48 -20.48 9.83
C6 A1BLX I . -1.83 -21.69 9.61
C7 A1BLX I . -0.43 -21.84 10.19
C8 A1BLX I . 0.65 -21.10 9.38
C13 A1BLX I . 0.00 -23.24 10.54
C17 A1BLX I . 0.47 -25.97 10.93
C20 A1BLX I . 2.38 -29.11 12.01
C21 A1BLX I . 1.69 -30.04 11.26
C24 A1BLX I . 0.22 -28.39 10.45
C26 A1BLX I . -2.45 -22.66 8.83
C1 A1BLX I . -5.14 -17.08 10.52
C2 A1BLX I . -4.07 -18.15 10.51
O3 A1BLX I . -4.43 -19.06 9.48
C9 A1BLX I . 1.39 -21.99 8.42
O10 A1BLX I . 1.70 -21.64 7.28
N11 A1BLX I . 1.70 -23.23 8.88
C12 A1BLX I . 0.94 -23.89 9.81
C14 A1BLX I . -0.59 -23.88 11.70
O15 A1BLX I . -1.39 -23.29 12.40
C16 A1BLX I . -0.19 -25.29 12.04
C18 A1BLX I . 0.87 -27.41 11.18
C19 A1BLX I . 1.96 -27.79 11.97
F22 A1BLX I . 2.05 -31.34 11.32
C23 A1BLX I . 0.62 -29.71 10.48
C25 A1BLX I . 1.56 -25.12 10.38
C27 A1BLX I . -3.72 -22.39 8.26
N28 A1BLX I . -4.39 -23.48 7.51
O29 A1BLX I . -5.56 -23.32 7.18
O30 A1BLX I . -3.79 -24.51 7.31
C31 A1BLX I . -4.37 -21.16 8.48
O32 A1BLX I . -5.62 -20.90 8.02
C4 A1BLX J . 13.51 24.85 -46.95
C5 A1BLX J . 14.17 25.28 -45.80
C6 A1BLX J . 13.90 26.51 -45.22
C7 A1BLX J . 14.70 26.94 -43.98
C8 A1BLX J . 14.22 26.28 -42.67
C13 A1BLX J . 14.83 28.43 -43.78
C17 A1BLX J . 14.63 31.23 -43.85
C20 A1BLX J . 13.86 34.95 -44.00
C21 A1BLX J . 14.73 35.41 -43.04
C24 A1BLX J . 15.57 33.25 -42.64
C26 A1BLX J . 12.94 27.34 -45.80
C1 A1BLX J . 15.16 21.88 -48.27
C2 A1BLX J . 14.95 22.94 -47.24
O3 A1BLX J . 13.75 23.66 -47.59
C9 A1BLX J . 13.10 27.03 -42.01
O10 A1BLX J . 12.14 26.50 -41.46
N11 A1BLX J . 13.21 28.38 -42.06
C12 A1BLX J . 14.22 29.03 -42.73
C14 A1BLX J . 15.62 29.22 -44.69
O15 A1BLX J . 16.03 28.77 -45.75
C16 A1BLX J . 15.89 30.65 -44.32
C18 A1BLX J . 14.71 32.73 -43.60
C19 A1BLX J . 13.87 33.60 -44.28
F22 A1BLX J . 14.71 36.73 -42.73
C23 A1BLX J . 15.58 34.59 -42.36
C25 A1BLX J . 14.25 30.51 -42.59
C27 A1BLX J . 12.28 26.90 -46.95
N28 A1BLX J . 11.24 27.78 -47.52
O29 A1BLX J . 10.75 27.48 -48.61
O30 A1BLX J . 10.91 28.78 -46.89
C31 A1BLX J . 12.54 25.67 -47.55
O32 A1BLX J . 11.97 25.35 -48.71
C4 A1BLX K . 15.42 -18.17 29.89
C5 A1BLX K . 14.74 -18.90 28.94
C6 A1BLX K . 15.34 -19.96 28.28
C7 A1BLX K . 14.57 -20.66 27.17
C8 A1BLX K . 13.61 -21.71 27.73
C13 A1BLX K . 15.45 -21.25 26.09
C17 A1BLX K . 17.30 -22.31 24.24
C20 A1BLX K . 20.13 -23.89 22.28
C21 A1BLX K . 19.50 -24.20 21.11
C24 A1BLX K . 17.46 -23.26 21.88
C26 A1BLX K . 16.64 -20.29 28.59
C1 A1BLX K . 13.03 -16.03 31.47
C2 A1BLX K . 13.62 -16.57 30.21
O3 A1BLX K . 14.93 -17.06 30.52
C9 A1BLX K . 14.23 -23.05 27.92
O10 A1BLX K . 13.97 -23.78 28.86
N11 A1BLX K . 15.10 -23.45 26.93
C12 A1BLX K . 15.70 -22.60 26.05
C14 A1BLX K . 16.09 -20.37 25.10
O15 A1BLX K . 16.14 -19.14 25.26
C16 A1BLX K . 16.70 -21.02 23.89
C18 A1BLX K . 18.06 -22.93 23.08
C19 A1BLX K . 19.41 -23.25 23.27
F22 A1BLX K . 20.25 -24.70 20.10
C23 A1BLX K . 18.18 -23.91 20.88
C25 A1BLX K . 16.28 -23.23 24.82
C27 A1BLX K . 17.32 -19.55 29.54
N28 A1BLX K . 18.71 -19.86 29.72
O29 A1BLX K . 19.14 -20.02 30.86
O30 A1BLX K . 19.44 -19.84 28.73
C31 A1BLX K . 16.74 -18.49 30.21
O32 A1BLX K . 17.40 -17.73 31.11
C4 A1BLX L . 12.88 17.79 48.93
C5 A1BLX L . 11.96 17.15 48.12
C6 A1BLX L . 12.21 15.91 47.55
C7 A1BLX L . 11.10 15.24 46.74
C8 A1BLX L . 9.99 14.62 47.61
C13 A1BLX L . 11.58 14.26 45.69
C17 A1BLX L . 13.01 12.40 44.07
C20 A1BLX L . 13.20 9.90 41.18
C21 A1BLX L . 14.45 9.36 41.44
C24 A1BLX L . 14.74 10.79 43.29
C26 A1BLX L . 13.44 15.29 47.80
C1 A1BLX L . 11.52 20.87 50.31
C2 A1BLX L . 11.44 19.68 49.43
O3 A1BLX L . 12.70 19.03 49.50
C9 A1BLX L . 10.23 13.17 47.95
O10 A1BLX L . 9.99 12.67 49.06
N11 A1BLX L . 10.75 12.42 46.95
C12 A1BLX L . 11.27 12.94 45.78
C14 A1BLX L . 12.37 14.75 44.56
O15 A1BLX L . 12.69 15.93 44.49
C16 A1BLX L . 12.84 13.77 43.52
C18 A1BLX L . 13.51 11.36 43.08
C19 A1BLX L . 12.74 10.91 42.01
F22 A1BLX L . 14.96 8.46 40.58
C23 A1BLX L . 15.23 9.77 42.48
C25 A1BLX L . 11.77 11.94 44.78
C27 A1BLX L . 14.37 15.91 48.61
N28 A1BLX L . 15.68 15.26 48.79
O29 A1BLX L . 16.48 15.73 49.58
O30 A1BLX L . 15.92 14.28 48.10
C31 A1BLX L . 14.12 17.18 49.20
O32 A1BLX L . 14.95 17.81 50.08
C4 A1BLX M . -36.38 13.35 -0.54
C5 A1BLX M . -37.36 13.70 -1.47
C6 A1BLX M . -38.03 14.92 -1.38
C7 A1BLX M . -39.18 15.20 -2.35
C8 A1BLX M . -38.71 15.74 -3.72
C13 A1BLX M . -40.25 16.11 -1.78
C17 A1BLX M . -41.81 17.97 -0.33
C20 A1BLX M . -43.26 20.73 1.79
C21 A1BLX M . -44.37 21.05 1.06
C24 A1BLX M . -43.94 19.33 -0.50
C26 A1BLX M . -37.70 15.80 -0.37
C1 A1BLX M . -35.35 9.90 -1.10
C2 A1BLX M . -36.10 11.14 -1.45
O3 A1BLX M . -35.67 12.18 -0.57
C9 A1BLX M . -38.45 17.22 -3.70
O10 A1BLX M . -37.50 17.76 -4.27
N11 A1BLX M . -39.33 17.96 -2.97
C12 A1BLX M . -40.35 17.39 -2.23
C14 A1BLX M . -41.13 15.63 -0.72
O15 A1BLX M . -40.95 14.54 -0.17
C16 A1BLX M . -42.25 16.53 -0.26
C18 A1BLX M . -42.80 18.97 0.21
C19 A1BLX M . -42.47 19.68 1.35
F22 A1BLX M . -45.07 22.16 1.41
C23 A1BLX M . -44.74 20.38 -0.07
C25 A1BLX M . -41.40 18.33 -1.74
C27 A1BLX M . -36.73 15.45 0.56
N28 A1BLX M . -36.57 16.30 1.74
O29 A1BLX M . -35.47 16.35 2.28
O30 A1BLX M . -37.56 16.83 2.18
C31 A1BLX M . -36.04 14.23 0.50
O32 A1BLX M . -35.10 13.93 1.42
C4 A1BLX N . -33.18 -24.55 -20.60
C5 A1BLX N . -34.30 -24.07 -21.27
C6 A1BLX N . -35.06 -23.02 -20.73
C7 A1BLX N . -36.31 -22.47 -21.41
C8 A1BLX N . -35.97 -21.41 -22.46
C13 A1BLX N . -37.32 -21.94 -20.42
C17 A1BLX N . -39.15 -20.95 -18.42
C20 A1BLX N . -40.88 -19.45 -15.41
C21 A1BLX N . -42.12 -19.22 -15.91
C24 A1BLX N . -41.54 -20.17 -17.99
C26 A1BLX N . -34.67 -22.46 -19.53
C1 A1BLX N . -32.48 -27.58 -22.17
C2 A1BLX N . -32.39 -26.14 -22.28
O3 A1BLX N . -32.41 -25.63 -20.95
C9 A1BLX N . -35.86 -20.03 -21.89
O10 A1BLX N . -34.94 -19.26 -22.13
N11 A1BLX N . -36.86 -19.68 -21.01
C12 A1BLX N . -37.51 -20.59 -20.23
C14 A1BLX N . -38.06 -22.88 -19.60
O15 A1BLX N . -37.75 -24.06 -19.58
C16 A1BLX N . -39.26 -22.40 -18.83
C18 A1BLX N . -40.25 -20.42 -17.53
C19 A1BLX N . -39.94 -20.06 -16.22
F22 A1BLX N . -43.01 -18.53 -15.15
C23 A1BLX N . -42.48 -19.56 -17.18
C25 A1BLX N . -38.80 -20.12 -19.63
C27 A1BLX N . -33.56 -22.94 -18.88
N28 A1BLX N . -33.26 -22.36 -17.60
O29 A1BLX N . -32.13 -21.92 -17.41
O30 A1BLX N . -34.17 -22.31 -16.79
C31 A1BLX N . -32.79 -23.97 -19.38
O32 A1BLX N . -31.67 -24.39 -18.77
C4 A1BLX O . 38.21 -9.97 -49.45
C5 A1BLX O . 38.94 -9.32 -48.50
C6 A1BLX O . 38.79 -7.95 -48.28
C7 A1BLX O . 39.60 -7.23 -47.23
C8 A1BLX O . 38.92 -7.34 -45.85
C13 A1BLX O . 39.84 -5.78 -47.58
C17 A1BLX O . 40.24 -3.14 -48.51
C20 A1BLX O . 40.13 0.34 -49.94
C21 A1BLX O . 41.05 0.98 -49.15
C24 A1BLX O . 41.54 -1.02 -47.98
C26 A1BLX O . 37.87 -7.26 -49.07
C1 A1BLX O . 39.37 -13.37 -49.58
C2 A1BLX O . 39.12 -12.13 -48.86
O3 A1BLX O . 38.26 -11.32 -49.68
C9 A1BLX O . 37.85 -6.31 -45.62
O10 A1BLX O . 36.78 -6.57 -45.07
N11 A1BLX O . 38.11 -5.07 -46.10
C12 A1BLX O . 39.03 -4.79 -47.09
C14 A1BLX O . 40.90 -5.45 -48.52
O15 A1BLX O . 41.43 -6.30 -49.18
C16 A1BLX O . 41.35 -4.03 -48.63
C18 A1BLX O . 40.61 -1.71 -48.75
C19 A1BLX O . 39.92 -1.00 -49.74
F22 A1BLX O . 41.28 2.30 -49.37
C23 A1BLX O . 41.75 0.33 -48.17
C25 A1BLX O . 39.46 -3.37 -47.22
C27 A1BLX O . 37.16 -7.92 -50.01
N28 A1BLX O . 36.31 -7.10 -50.84
O29 A1BLX O . 36.84 -6.34 -51.63
O30 A1BLX O . 35.09 -7.20 -50.72
C31 A1BLX O . 37.29 -9.28 -50.25
O32 A1BLX O . 36.63 -9.92 -51.22
C4 A1BLX P . -6.85 17.52 29.17
C5 A1BLX P . -5.69 17.01 29.75
C6 A1BLX P . -5.37 15.65 29.68
C7 A1BLX P . -4.15 15.11 30.42
C8 A1BLX P . -2.88 15.24 29.57
C13 A1BLX P . -4.30 13.67 30.89
C17 A1BLX P . -4.69 10.98 31.68
C20 A1BLX P . -5.75 7.37 32.01
C21 A1BLX P . -4.74 6.87 32.77
C24 A1BLX P . -3.73 9.00 32.98
C26 A1BLX P . -6.23 14.80 28.99
C1 A1BLX P . -6.58 21.14 29.02
C2 A1BLX P . -6.32 19.80 29.71
O3 A1BLX P . -7.25 18.82 29.24
C9 A1BLX P . -2.71 14.12 28.58
O10 A1BLX P . -2.40 14.28 27.40
N11 A1BLX P . -2.98 12.87 29.07
C12 A1BLX P . -3.70 12.65 30.21
C14 A1BLX P . -5.15 13.37 32.07
O15 A1BLX P . -5.95 14.18 32.53
C16 A1BLX P . -4.99 12.01 32.70
C18 A1BLX P . -4.74 9.55 32.20
C19 A1BLX P . -5.75 8.72 31.73
F22 A1BLX P . -4.72 5.52 33.00
C23 A1BLX P . -3.72 7.65 33.27
C25 A1BLX P . -3.44 11.33 30.90
C27 A1BLX P . -7.37 15.30 28.41
N28 A1BLX P . -8.29 14.31 27.85
O29 A1BLX P . -8.80 14.55 26.76
O30 A1BLX P . -8.52 13.30 28.50
C31 A1BLX P . -7.71 16.67 28.47
O32 A1BLX P . -8.79 17.22 27.88
#